data_8WDE
#
_entry.id   8WDE
#
_cell.length_a   1.00
_cell.length_b   1.00
_cell.length_c   1.00
_cell.angle_alpha   90.00
_cell.angle_beta   90.00
_cell.angle_gamma   90.00
#
_symmetry.space_group_name_H-M   'P 1'
#
loop_
_entity.id
_entity.type
_entity.pdbx_description
1 polymer 'Spike glycoprotein'
2 polymer 'Aminopeptidase N'
3 branched beta-D-mannopyranose-(1-4)-2-acetamido-2-deoxy-beta-D-glucopyranose-(1-4)-2-acetamido-2-deoxy-beta-D-glucopyranose
4 branched 2-acetamido-2-deoxy-beta-D-glucopyranose-(1-4)-2-acetamido-2-deoxy-beta-D-glucopyranose
5 non-polymer 2-acetamido-2-deoxy-beta-D-glucopyranose
#
loop_
_entity_poly.entity_id
_entity_poly.type
_entity_poly.pdbx_seq_one_letter_code
_entity_poly.pdbx_strand_id
1 'polypeptide(L)'
;GTQTTNGLNTSYSVCNGCVGYSENVFAVESGGYIPSDFAFNNWFLLTNTSSVVDGVVRSFQPLLLNCLWSVSGLRFTTGF
VYFNGTGRGDCKGFSSDVLSDVIRYNLNFEENLRRGTILFKTSYGVVVFYCTNNTLVSGDAHIPFGTVLGNFYCFVNTTI
GTETTSAFVGALPKTVREFVISRTGHFYINGYRYFTLGNVEAVNFNVTTAETTDFFTVALASYADVLVNVSQTSIANIIY
CNSVINRLRCDQLSFYVPDGFYSTSPIQSVELPVSIVSLPVYHKHMFIVLYVDFKPQSGGGKCFNCYPAGVNITLANFNE
TKGPLCVDTSHFTTKYVAVYANVGRWSASINTGNCPFSFGKVNNFVKFGSVCFSLKDIPGGCAMPIVANWAYSKYYTIGT
LYVSWSDGDGITGVPQPVEGVSSFMNVTLDKCTKYNIYDVSGVGVIRVSNDTFLNGITYTSTSGNLLGFKDVTKGTIYSI
TPCNPPDQLVVYQQAVVGAMLSENFTSYGFSNVVELPKFFYASNGTYNCTDAVLTYSSFGVCADGSIIAVQPRNVSYDSV
SAIVTANLSIPSNWTISVQVEYLQITSTPIVVDCSTYVCNGNVRCVELLKQYTSACKTIEDALRNSARLESADVSEMLTF
DKKAFTLANVSSFGDYNLSSVIPSLPTSGSRVAGRSAIEDILFSKIVTSGLGTVDADYKNCTKGLSIADLACAQYYNGIM
VLPGVADAERMAMYTGSLIGGIALGGLTSAVSIPFSLAIQARLNYVALQTDVLQENQKILAASFNKAMTNIVDAFTGVND
AITQTSQALQTVATALNKIQDVVNQQGNSLNHLTSQLRQNFQAISSSIQAIYDRLDPPQADQQVDRLITGRLAALNVFVS
HTLTKYTEVRASRQLAQQKVNECVKSQSKRYGFCGNGTHIFSIVNAAPEGLVFLHTVLLPTQYKDVEAWSGLCVDGTNGY
VLRQPNLALYKEGNYYRITSRIMFEPRIPTMADFVQIENCNVTFVNISRSELQTIVPEYIDVNKTLQELSYKLPNYTVPD
LVVEQYNQTILNLTSEISTLENKSAELNYTVQKLQTLIDNINSTLVDLKWLNRVETYIKGSGRENLYFQGGGGSGYIPEA
PRDGQAYVRKDGEWVLLSTFLGHHHHHHHHGLNDIFEAQKIEWHE
;
A,B,C
2 'polypeptide(L)'
;DQSKAWNRYRLPNTLKPDSYRVTLRPYLTPNDRGLYVFKGSSTVRFTCKEATDVIIIHSKKLNYTLSQGHRVVLRGVGGS
QPPDIDKTELVEPTEYLVVHLKGSLVKDSQYEMDSEFEGELADDLAGFYRSEYMEGNVRKVVATTQMQAADARKSFPCFD
EPAMKAEFNITLIHPKDLTALSNMLPKGPSTPLPEDPNWNVTEFHTTPKMSTYLLAFIVSEFDYVEKQASNGVLIRIWAR
PSAIAAGHGDYALNVTGPILNFFAGHYDTPYPLPKSDQIGLPDFNAGAMENWGLVTYRENSLLFDPLSSSSSNKERVVTV
IAHELAHQWFGNLVTIEWWNDLWLNEGFASYVEYLGADYAEPTWNLKDLMVLNDVYRVMAVDALASSHPLSTPASEINTP
AQISELFDAISYSKGASVLRMLSSFLSEDVFKQGLASYLHTFAYQNTIYLNLWDHLQEAVNNRSIQLPTTVRDIMNRWTL
QMGFPVITVDTSTGTLSQEHFLLDPDSNVTRPSEFNYVWIVPITSIRDGRQQQDYWLIDVRAQNDLFSTSGNEWVLLNLN
VTGYYRVNYDEENWRKIQTQLQRDHSAIPVINRAQIINDAFNLASAHKVPVTLALNNTLFLIEERQYMPWEAALSSLSYF
KLMFDRSEVYGPMKNYLKKQVTPLFIHFRNNTNNWREIPENLMDQYSEVNAISTACSNGVPECEEMVSGLFKQWMENPNN
NPIHPNLRSTVYCNAIAQGGEEEWDFAWEQFRNATLVNEADKLRAALACSKELWILNRYLSYTLNPDLIRKQDATSTIIS
ITNNVIGQGLVWDFVQSNWKKLFNDYGGGSFSFSNLIQAVTRRFSTEYELQQLEQFKKDNEETGFGSGTRALEQALEKTK
ANIKWVKENKEVVLQWFTENSKQDNSADIQHSGRPLESRGPFEQKLISEEDLNMHTGHHHHHH
;
D,E
#
loop_
_chem_comp.id
_chem_comp.type
_chem_comp.name
_chem_comp.formula
BMA D-saccharide, beta linking beta-D-mannopyranose 'C6 H12 O6'
NAG D-saccharide, beta linking 2-acetamido-2-deoxy-beta-D-glucopyranose 'C8 H15 N O6'
#
# COMPACT_ATOMS: atom_id res chain seq x y z
N GLU A 23 39.56 -44.40 44.84
CA GLU A 23 38.47 -43.61 44.29
C GLU A 23 37.61 -44.45 43.37
N ASN A 24 36.39 -43.97 43.09
CA ASN A 24 35.45 -44.69 42.25
C ASN A 24 34.80 -43.67 41.30
N VAL A 25 35.54 -43.32 40.25
CA VAL A 25 35.08 -42.40 39.21
C VAL A 25 35.72 -42.86 37.91
N PHE A 26 35.10 -42.49 36.81
CA PHE A 26 35.50 -42.93 35.48
C PHE A 26 36.27 -41.84 34.76
N ALA A 27 36.66 -42.13 33.53
CA ALA A 27 37.11 -41.12 32.59
C ALA A 27 36.07 -40.98 31.49
N VAL A 28 35.67 -39.74 31.20
CA VAL A 28 34.58 -39.52 30.26
C VAL A 28 34.99 -40.01 28.88
N GLU A 29 34.20 -40.92 28.32
CA GLU A 29 34.50 -41.49 27.02
C GLU A 29 34.20 -40.50 25.90
N SER A 30 34.83 -40.75 24.75
CA SER A 30 34.75 -39.84 23.61
C SER A 30 33.31 -39.58 23.20
N GLY A 31 32.96 -38.30 23.10
CA GLY A 31 31.61 -37.85 22.83
C GLY A 31 30.87 -37.38 24.06
N GLY A 32 31.40 -37.65 25.24
CA GLY A 32 30.78 -37.22 26.48
C GLY A 32 30.00 -38.30 27.18
N TYR A 33 30.14 -39.55 26.74
CA TYR A 33 29.31 -40.63 27.22
C TYR A 33 29.85 -41.21 28.52
N ILE A 34 28.96 -41.49 29.44
CA ILE A 34 29.32 -42.30 30.60
C ILE A 34 29.64 -43.71 30.15
N PRO A 35 30.73 -44.32 30.58
CA PRO A 35 31.03 -45.68 30.15
C PRO A 35 30.06 -46.67 30.76
N SER A 36 29.85 -47.77 30.04
CA SER A 36 28.83 -48.74 30.41
C SER A 36 29.14 -49.47 31.69
N ASP A 37 30.35 -49.36 32.22
CA ASP A 37 30.72 -50.06 33.44
C ASP A 37 30.39 -49.29 34.71
N PHE A 38 29.92 -48.05 34.61
CA PHE A 38 29.80 -47.18 35.76
C PHE A 38 28.76 -47.70 36.73
N ALA A 39 28.91 -47.33 38.00
CA ALA A 39 28.07 -47.87 39.05
C ALA A 39 26.95 -46.94 39.50
N PHE A 40 27.00 -45.67 39.12
CA PHE A 40 25.89 -44.75 39.37
C PHE A 40 25.52 -44.64 40.84
N ASN A 41 26.51 -44.78 41.73
CA ASN A 41 26.24 -44.97 43.15
C ASN A 41 25.34 -43.89 43.72
N ASN A 42 25.75 -42.63 43.60
CA ASN A 42 24.94 -41.53 44.07
C ASN A 42 24.01 -40.98 42.99
N TRP A 43 24.10 -41.48 41.78
CA TRP A 43 23.44 -40.82 40.66
C TRP A 43 21.97 -41.17 40.66
N PHE A 44 21.13 -40.17 40.40
CA PHE A 44 19.70 -40.38 40.50
C PHE A 44 19.01 -39.84 39.25
N LEU A 45 17.95 -40.52 38.87
CA LEU A 45 17.01 -39.97 37.90
C LEU A 45 16.27 -38.81 38.54
N LEU A 46 16.25 -37.67 37.87
CA LEU A 46 15.66 -36.47 38.42
C LEU A 46 14.19 -36.37 38.06
N THR A 47 13.37 -35.96 39.02
CA THR A 47 11.93 -35.90 38.86
C THR A 47 11.40 -34.64 39.52
N ASN A 48 10.41 -34.01 38.88
CA ASN A 48 9.66 -32.98 39.58
C ASN A 48 8.65 -33.59 40.53
N THR A 49 8.22 -34.82 40.27
CA THR A 49 7.41 -35.56 41.22
C THR A 49 7.51 -37.05 40.93
N SER A 50 7.14 -37.85 41.93
CA SER A 50 6.90 -39.27 41.76
C SER A 50 8.04 -40.02 41.09
N SER A 51 9.09 -40.34 41.84
CA SER A 51 10.04 -41.37 41.45
C SER A 51 9.34 -42.70 41.20
N VAL A 52 10.04 -43.60 40.50
CA VAL A 52 9.47 -44.86 40.04
C VAL A 52 10.37 -45.99 40.48
N VAL A 53 9.77 -47.10 40.90
CA VAL A 53 10.48 -48.12 41.64
C VAL A 53 11.31 -48.98 40.69
N ASP A 54 10.66 -49.86 39.94
CA ASP A 54 11.33 -50.69 38.95
C ASP A 54 10.72 -50.44 37.58
N GLY A 55 11.56 -50.39 36.56
CA GLY A 55 11.02 -50.28 35.23
C GLY A 55 12.06 -49.88 34.21
N VAL A 56 11.59 -49.71 32.99
CA VAL A 56 12.34 -49.03 31.94
C VAL A 56 11.65 -47.70 31.69
N VAL A 57 12.42 -46.63 31.61
CA VAL A 57 11.84 -45.32 31.35
C VAL A 57 12.69 -44.58 30.35
N ARG A 58 12.04 -43.74 29.55
CA ARG A 58 12.74 -42.88 28.62
C ARG A 58 12.63 -41.44 29.10
N SER A 59 13.77 -40.78 29.25
CA SER A 59 13.72 -39.42 29.78
C SER A 59 14.83 -38.57 29.19
N PHE A 60 14.58 -37.28 29.13
CA PHE A 60 15.69 -36.32 29.10
C PHE A 60 16.33 -36.26 30.47
N GLN A 61 17.66 -36.31 30.51
CA GLN A 61 18.36 -36.25 31.79
C GLN A 61 19.67 -35.50 31.63
N PRO A 62 20.16 -34.89 32.69
CA PRO A 62 21.47 -34.23 32.63
C PRO A 62 22.57 -35.28 32.71
N LEU A 63 22.64 -36.10 31.66
CA LEU A 63 23.57 -37.21 31.66
C LEU A 63 24.49 -37.24 30.45
N LEU A 64 24.59 -36.13 29.72
CA LEU A 64 25.68 -35.95 28.78
C LEU A 64 26.65 -34.96 29.40
N LEU A 65 27.92 -35.36 29.49
CA LEU A 65 28.86 -34.70 30.38
C LEU A 65 29.80 -33.82 29.58
N ASN A 66 29.83 -32.54 29.95
CA ASN A 66 30.76 -31.61 29.32
C ASN A 66 32.06 -31.55 30.08
N CYS A 67 32.01 -31.62 31.40
CA CYS A 67 33.25 -31.71 32.16
C CYS A 67 32.98 -32.33 33.51
N LEU A 68 33.95 -33.08 34.00
CA LEU A 68 33.83 -33.70 35.31
C LEU A 68 35.18 -33.73 35.98
N TRP A 69 35.23 -33.36 37.25
CA TRP A 69 36.41 -33.67 38.03
C TRP A 69 35.99 -34.14 39.42
N SER A 70 36.74 -35.08 39.97
CA SER A 70 36.76 -35.23 41.41
C SER A 70 37.57 -34.10 42.00
N VAL A 71 37.14 -33.63 43.16
CA VAL A 71 37.91 -32.71 43.96
C VAL A 71 38.40 -33.46 45.18
N SER A 72 39.70 -33.39 45.42
CA SER A 72 40.33 -33.96 46.58
C SER A 72 39.69 -33.43 47.85
N GLY A 73 39.67 -34.26 48.89
CA GLY A 73 39.11 -33.85 50.15
C GLY A 73 39.81 -32.65 50.75
N LEU A 74 40.99 -32.30 50.24
CA LEU A 74 41.62 -31.02 50.52
C LEU A 74 40.82 -29.86 49.92
N ARG A 75 39.52 -30.06 49.70
CA ARG A 75 38.64 -29.02 49.19
C ARG A 75 38.39 -27.99 50.30
N PHE A 76 39.47 -27.42 50.81
CA PHE A 76 39.40 -26.24 51.65
C PHE A 76 39.59 -24.95 50.88
N THR A 77 39.76 -25.02 49.56
CA THR A 77 39.73 -23.84 48.70
C THR A 77 38.58 -23.98 47.71
N THR A 78 37.74 -22.94 47.62
CA THR A 78 36.48 -23.04 46.89
C THR A 78 36.16 -21.73 46.19
N GLY A 79 35.40 -21.82 45.10
CA GLY A 79 35.08 -20.65 44.31
C GLY A 79 33.97 -20.92 43.33
N PHE A 80 33.45 -19.83 42.75
CA PHE A 80 32.34 -19.92 41.81
C PHE A 80 32.77 -20.50 40.48
N VAL A 81 32.01 -21.46 39.99
CA VAL A 81 32.14 -21.97 38.63
C VAL A 81 30.93 -21.49 37.84
N TYR A 82 31.18 -20.71 36.79
CA TYR A 82 30.13 -20.37 35.86
C TYR A 82 29.74 -21.59 35.04
N PHE A 83 28.51 -21.57 34.49
CA PHE A 83 28.11 -22.66 33.60
C PHE A 83 28.98 -22.80 32.38
N ASN A 84 29.85 -21.83 32.10
CA ASN A 84 30.85 -21.96 31.04
C ASN A 84 32.13 -22.62 31.51
N GLY A 85 32.17 -23.15 32.73
CA GLY A 85 33.33 -23.87 33.20
C GLY A 85 34.42 -23.04 33.82
N THR A 86 34.13 -21.80 34.20
CA THR A 86 35.09 -20.97 34.91
C THR A 86 35.68 -21.70 36.10
N GLY A 87 36.99 -21.75 36.17
CA GLY A 87 37.65 -22.35 37.32
C GLY A 87 37.53 -23.84 37.40
N ARG A 88 37.10 -24.50 36.31
CA ARG A 88 36.88 -25.94 36.34
C ARG A 88 38.14 -26.71 36.71
N GLY A 89 37.92 -27.87 37.32
CA GLY A 89 38.99 -28.78 37.64
C GLY A 89 39.49 -29.51 36.41
N ASP A 90 40.28 -30.54 36.67
CA ASP A 90 40.87 -31.37 35.61
C ASP A 90 39.82 -32.29 34.99
N CYS A 91 39.17 -31.82 33.94
CA CYS A 91 38.14 -32.61 33.28
C CYS A 91 38.74 -33.91 32.78
N LYS A 92 38.25 -35.03 33.29
CA LYS A 92 38.73 -36.35 32.87
C LYS A 92 38.11 -36.74 31.53
N GLY A 93 38.95 -36.85 30.51
CA GLY A 93 38.46 -37.12 29.17
C GLY A 93 38.14 -35.84 28.42
N PHE A 94 36.94 -35.75 27.87
CA PHE A 94 36.53 -34.54 27.16
C PHE A 94 36.53 -33.31 28.04
N SER A 95 36.64 -32.15 27.37
CA SER A 95 36.54 -30.85 27.98
C SER A 95 35.78 -29.95 27.00
N SER A 96 34.51 -30.28 26.78
CA SER A 96 33.68 -29.49 25.87
C SER A 96 33.27 -28.18 26.51
N ASP A 97 33.12 -27.16 25.66
CA ASP A 97 32.79 -25.82 26.13
C ASP A 97 31.58 -25.24 25.40
N VAL A 98 30.67 -26.09 24.95
CA VAL A 98 29.30 -25.64 24.77
C VAL A 98 28.74 -25.30 26.14
N LEU A 99 27.75 -24.40 26.15
CA LEU A 99 27.11 -24.04 27.41
C LEU A 99 26.47 -25.26 28.06
N SER A 100 27.02 -25.68 29.19
CA SER A 100 26.39 -26.74 29.97
C SER A 100 25.12 -26.22 30.61
N ASP A 101 24.15 -27.12 30.80
CA ASP A 101 22.87 -26.71 31.35
C ASP A 101 22.69 -27.08 32.82
N VAL A 102 23.40 -28.07 33.34
CA VAL A 102 23.25 -28.46 34.73
C VAL A 102 24.62 -28.53 35.38
N ILE A 103 24.69 -28.16 36.66
CA ILE A 103 25.84 -28.52 37.49
C ILE A 103 25.38 -29.49 38.56
N ARG A 104 26.16 -30.53 38.78
CA ARG A 104 25.79 -31.55 39.76
C ARG A 104 26.97 -31.88 40.65
N TYR A 105 26.68 -32.05 41.94
CA TYR A 105 27.65 -32.27 43.00
C TYR A 105 27.32 -33.57 43.69
N ASN A 106 28.35 -34.37 43.97
CA ASN A 106 28.15 -35.79 44.21
C ASN A 106 29.21 -36.25 45.19
N LEU A 107 28.79 -36.62 46.40
CA LEU A 107 29.64 -36.54 47.58
C LEU A 107 30.03 -37.92 48.08
N ASN A 108 31.20 -37.98 48.69
CA ASN A 108 31.76 -39.23 49.22
C ASN A 108 32.03 -39.13 50.71
N PHE A 109 31.18 -38.41 51.44
CA PHE A 109 31.32 -38.30 52.88
C PHE A 109 29.94 -38.11 53.48
N GLU A 110 29.87 -38.23 54.80
CA GLU A 110 28.61 -38.08 55.52
C GLU A 110 28.46 -36.76 56.25
N GLU A 111 29.50 -35.93 56.31
CA GLU A 111 29.34 -34.63 56.96
C GLU A 111 28.32 -33.78 56.23
N ASN A 112 28.18 -34.00 54.92
CA ASN A 112 27.06 -33.49 54.12
C ASN A 112 26.87 -31.99 54.23
N LEU A 113 25.74 -31.50 53.72
CA LEU A 113 25.41 -30.08 53.77
C LEU A 113 24.98 -29.61 55.16
N ARG A 114 25.00 -30.51 56.14
CA ARG A 114 24.71 -30.13 57.51
C ARG A 114 25.65 -29.05 58.02
N ARG A 115 26.72 -28.77 57.30
CA ARG A 115 27.62 -27.68 57.64
C ARG A 115 28.11 -27.04 56.34
N GLY A 116 28.61 -25.82 56.46
CA GLY A 116 28.89 -25.00 55.30
C GLY A 116 27.63 -24.45 54.65
N THR A 117 27.82 -23.79 53.52
CA THR A 117 26.72 -23.14 52.81
C THR A 117 26.99 -23.13 51.31
N ILE A 118 25.90 -23.04 50.55
CA ILE A 118 25.99 -22.97 49.10
C ILE A 118 25.75 -21.53 48.66
N LEU A 119 26.59 -21.04 47.73
CA LEU A 119 26.54 -19.68 47.24
C LEU A 119 26.24 -19.70 45.75
N PHE A 120 25.24 -18.91 45.35
CA PHE A 120 24.78 -18.83 43.97
C PHE A 120 25.04 -17.44 43.44
N LYS A 121 25.75 -17.35 42.32
CA LYS A 121 25.91 -16.08 41.65
C LYS A 121 24.63 -15.80 40.89
N THR A 122 24.06 -14.63 41.11
CA THR A 122 22.73 -14.31 40.63
C THR A 122 22.77 -13.21 39.59
N SER A 123 21.57 -12.79 39.15
CA SER A 123 21.47 -11.61 38.31
C SER A 123 22.00 -10.38 39.02
N TYR A 124 21.85 -10.30 40.34
CA TYR A 124 22.29 -9.12 41.07
C TYR A 124 23.57 -9.34 41.85
N GLY A 125 23.88 -10.58 42.19
CA GLY A 125 24.99 -10.85 43.08
C GLY A 125 25.02 -12.29 43.54
N VAL A 126 24.76 -12.53 44.82
CA VAL A 126 24.76 -13.89 45.37
C VAL A 126 23.51 -14.11 46.21
N VAL A 127 22.96 -15.31 46.09
CA VAL A 127 22.02 -15.90 47.02
C VAL A 127 22.78 -16.90 47.86
N VAL A 128 22.52 -16.94 49.16
CA VAL A 128 23.09 -17.98 50.00
C VAL A 128 21.97 -18.91 50.44
N PHE A 129 22.18 -20.21 50.25
CA PHE A 129 21.32 -21.21 50.88
C PHE A 129 22.08 -21.84 52.03
N TYR A 130 21.42 -21.89 53.19
CA TYR A 130 22.01 -22.35 54.43
C TYR A 130 21.02 -23.16 55.25
N CYS A 131 21.45 -24.30 55.77
CA CYS A 131 20.66 -25.11 56.68
C CYS A 131 21.12 -24.86 58.10
N THR A 132 20.19 -24.55 58.98
CA THR A 132 20.54 -24.17 60.33
C THR A 132 19.34 -24.41 61.25
N ASN A 133 19.44 -25.46 62.08
CA ASN A 133 18.44 -25.68 63.12
C ASN A 133 18.51 -24.63 64.22
N ASN A 134 19.58 -23.83 64.25
CA ASN A 134 19.82 -22.82 65.27
C ASN A 134 19.81 -23.40 66.68
N THR A 135 20.00 -24.71 66.82
CA THR A 135 19.74 -25.40 68.08
C THR A 135 20.67 -26.59 68.29
N ASN A 151 15.50 -29.90 64.38
CA ASN A 151 16.14 -30.45 63.19
C ASN A 151 16.54 -29.34 62.23
N PHE A 152 17.42 -29.68 61.29
CA PHE A 152 17.92 -28.69 60.34
C PHE A 152 16.87 -28.31 59.30
N TYR A 153 16.12 -27.26 59.56
CA TYR A 153 15.46 -26.56 58.48
C TYR A 153 16.47 -25.71 57.72
N CYS A 154 16.12 -25.37 56.49
CA CYS A 154 17.01 -24.70 55.58
C CYS A 154 16.30 -23.52 54.95
N PHE A 155 17.10 -22.50 54.65
CA PHE A 155 16.61 -21.16 54.37
C PHE A 155 17.46 -20.55 53.29
N VAL A 156 16.96 -19.47 52.72
CA VAL A 156 17.70 -18.66 51.75
C VAL A 156 17.86 -17.27 52.33
N ASN A 157 19.04 -16.70 52.14
CA ASN A 157 19.23 -15.26 52.23
C ASN A 157 19.43 -14.69 50.84
N THR A 158 18.64 -13.66 50.53
CA THR A 158 18.86 -12.78 49.39
C THR A 158 19.37 -11.45 49.90
N THR A 159 20.49 -10.98 49.34
CA THR A 159 21.02 -9.66 49.66
C THR A 159 20.88 -8.75 48.45
N ILE A 160 20.13 -7.67 48.61
CA ILE A 160 19.93 -6.70 47.55
C ILE A 160 19.91 -5.29 48.12
N THR A 164 19.22 -6.77 53.13
CA THR A 164 19.10 -8.13 52.62
C THR A 164 17.76 -8.70 53.02
N THR A 165 17.44 -9.89 52.49
CA THR A 165 16.24 -10.61 52.88
C THR A 165 16.57 -12.08 53.10
N SER A 166 16.07 -12.63 54.20
CA SER A 166 16.17 -14.05 54.47
C SER A 166 14.76 -14.64 54.47
N ALA A 167 14.65 -15.89 54.05
CA ALA A 167 13.34 -16.53 53.93
C ALA A 167 13.44 -18.01 54.25
N PHE A 168 12.34 -18.56 54.74
CA PHE A 168 12.21 -20.00 54.91
C PHE A 168 12.06 -20.69 53.57
N VAL A 169 12.62 -21.90 53.48
CA VAL A 169 12.57 -22.62 52.21
C VAL A 169 12.10 -24.05 52.40
N GLY A 170 12.66 -24.77 53.36
CA GLY A 170 12.22 -26.16 53.47
C GLY A 170 12.97 -26.93 54.53
N ALA A 171 12.70 -28.24 54.56
CA ALA A 171 13.41 -29.19 55.40
C ALA A 171 14.67 -29.71 54.73
N LEU A 172 15.66 -30.02 55.56
CA LEU A 172 16.76 -30.86 55.11
C LEU A 172 16.28 -32.30 54.93
N PRO A 173 16.32 -32.86 53.74
CA PRO A 173 16.07 -34.30 53.61
C PRO A 173 17.12 -35.07 54.39
N LYS A 174 16.69 -36.17 55.00
CA LYS A 174 17.39 -36.72 56.15
C LYS A 174 18.85 -37.07 55.84
N THR A 175 19.16 -37.46 54.60
CA THR A 175 20.53 -37.80 54.25
C THR A 175 20.77 -37.39 52.79
N VAL A 176 21.38 -36.23 52.60
CA VAL A 176 21.81 -35.85 51.25
C VAL A 176 23.02 -36.66 50.84
N ARG A 177 22.99 -37.17 49.61
CA ARG A 177 24.19 -37.65 48.95
C ARG A 177 24.61 -36.81 47.76
N GLU A 178 23.66 -36.19 47.06
CA GLU A 178 23.91 -35.57 45.78
C GLU A 178 22.94 -34.43 45.60
N PHE A 179 23.39 -33.37 44.93
CA PHE A 179 22.45 -32.32 44.60
C PHE A 179 22.79 -31.70 43.26
N VAL A 180 21.79 -31.07 42.67
CA VAL A 180 21.79 -30.64 41.28
C VAL A 180 21.22 -29.24 41.20
N ILE A 181 21.80 -28.42 40.32
CA ILE A 181 21.32 -27.06 40.12
C ILE A 181 21.27 -26.76 38.63
N SER A 182 20.17 -26.16 38.18
CA SER A 182 20.02 -25.85 36.77
C SER A 182 20.26 -24.37 36.50
N ARG A 183 20.50 -24.06 35.23
CA ARG A 183 20.65 -22.68 34.79
C ARG A 183 19.48 -21.80 35.21
N THR A 184 18.27 -22.29 35.02
CA THR A 184 17.09 -21.55 35.41
C THR A 184 16.84 -21.64 36.90
N GLY A 185 17.72 -22.33 37.63
CA GLY A 185 17.70 -22.27 39.07
C GLY A 185 16.75 -23.22 39.73
N HIS A 186 16.41 -24.32 39.08
CA HIS A 186 15.76 -25.41 39.78
C HIS A 186 16.80 -26.12 40.63
N PHE A 187 16.42 -26.50 41.85
CA PHE A 187 17.31 -27.16 42.77
C PHE A 187 16.77 -28.55 43.05
N TYR A 188 17.54 -29.57 42.67
CA TYR A 188 17.15 -30.96 42.90
C TYR A 188 18.03 -31.59 43.96
N ILE A 189 17.41 -32.27 44.91
CA ILE A 189 18.14 -33.03 45.91
C ILE A 189 17.72 -34.49 45.79
N ASN A 190 18.72 -35.38 45.74
CA ASN A 190 18.48 -36.81 45.65
C ASN A 190 17.46 -37.16 44.57
N GLY A 191 17.42 -36.38 43.50
CA GLY A 191 16.49 -36.63 42.42
C GLY A 191 15.12 -35.97 42.54
N TYR A 192 14.89 -35.15 43.55
CA TYR A 192 13.61 -34.45 43.68
C TYR A 192 13.84 -32.95 43.61
N ARG A 193 13.00 -32.24 42.86
CA ARG A 193 12.99 -30.79 42.90
C ARG A 193 12.31 -30.32 44.17
N TYR A 194 13.10 -29.98 45.18
CA TYR A 194 12.52 -29.40 46.39
C TYR A 194 12.03 -27.98 46.18
N PHE A 195 12.70 -27.20 45.35
CA PHE A 195 12.31 -25.81 45.14
C PHE A 195 13.02 -25.25 43.91
N THR A 196 12.59 -24.06 43.51
CA THR A 196 13.24 -23.29 42.47
C THR A 196 13.80 -22.01 43.06
N LEU A 197 15.01 -21.62 42.61
CA LEU A 197 15.65 -20.41 43.08
C LEU A 197 15.65 -19.26 42.09
N GLY A 198 15.40 -19.52 40.81
CA GLY A 198 15.61 -18.53 39.79
C GLY A 198 17.06 -18.48 39.35
N ASN A 199 17.28 -17.82 38.21
CA ASN A 199 18.50 -18.00 37.41
C ASN A 199 19.76 -17.87 38.26
N VAL A 200 20.78 -18.64 37.88
CA VAL A 200 22.06 -18.66 38.59
C VAL A 200 23.17 -18.50 37.56
N GLU A 201 24.17 -17.69 37.90
CA GLU A 201 25.32 -17.46 37.05
C GLU A 201 26.45 -18.45 37.31
N ALA A 202 26.71 -18.75 38.58
CA ALA A 202 27.84 -19.57 38.98
C ALA A 202 27.53 -20.15 40.34
N VAL A 203 28.26 -21.19 40.72
CA VAL A 203 27.97 -21.88 41.98
C VAL A 203 29.26 -22.10 42.75
N ASN A 204 29.20 -21.89 44.06
CA ASN A 204 30.30 -22.12 44.97
C ASN A 204 29.76 -22.95 46.12
N PHE A 205 29.96 -24.26 46.04
CA PHE A 205 29.61 -25.20 47.10
C PHE A 205 30.68 -25.13 48.16
N ASN A 206 30.43 -24.41 49.26
CA ASN A 206 31.47 -24.18 50.24
C ASN A 206 31.20 -25.03 51.47
N VAL A 207 32.12 -25.94 51.79
CA VAL A 207 31.95 -26.90 52.87
C VAL A 207 33.30 -27.18 53.50
N THR A 208 33.26 -27.60 54.78
CA THR A 208 34.44 -27.79 55.61
C THR A 208 35.24 -29.04 55.28
N THR A 209 35.12 -29.53 54.05
CA THR A 209 35.91 -30.68 53.61
C THR A 209 37.40 -30.40 53.74
N ALA A 210 38.11 -31.26 54.48
CA ALA A 210 39.54 -31.06 54.65
C ALA A 210 40.33 -32.36 54.73
N GLU A 211 39.71 -33.44 55.23
CA GLU A 211 40.36 -34.73 55.20
C GLU A 211 40.30 -35.34 53.80
N THR A 212 41.21 -36.27 53.54
CA THR A 212 41.27 -36.93 52.24
C THR A 212 39.93 -37.54 51.87
N THR A 213 39.35 -38.31 52.79
CA THR A 213 38.05 -38.95 52.58
C THR A 213 36.90 -37.96 52.58
N ASP A 214 37.16 -36.65 52.66
CA ASP A 214 36.16 -35.64 52.38
C ASP A 214 36.06 -35.33 50.90
N PHE A 215 36.68 -36.12 50.03
CA PHE A 215 36.65 -35.82 48.60
C PHE A 215 35.23 -35.97 48.05
N PHE A 216 35.02 -35.37 46.90
CA PHE A 216 33.75 -35.56 46.20
C PHE A 216 33.99 -35.32 44.71
N THR A 217 32.91 -35.16 43.96
CA THR A 217 32.98 -35.04 42.52
C THR A 217 31.97 -34.01 42.04
N VAL A 218 32.31 -33.35 40.94
CA VAL A 218 31.48 -32.31 40.37
C VAL A 218 31.44 -32.52 38.87
N ALA A 219 30.29 -32.26 38.25
CA ALA A 219 30.23 -32.26 36.81
C ALA A 219 29.37 -31.13 36.29
N LEU A 220 29.73 -30.66 35.11
CA LEU A 220 28.90 -29.79 34.30
C LEU A 220 28.38 -30.65 33.17
N ALA A 221 27.06 -30.69 33.03
CA ALA A 221 26.39 -31.72 32.27
C ALA A 221 25.27 -31.12 31.43
N SER A 222 24.78 -31.94 30.50
CA SER A 222 23.78 -31.52 29.53
C SER A 222 22.70 -32.58 29.38
N TYR A 223 21.50 -32.12 29.05
CA TYR A 223 20.37 -33.01 28.91
C TYR A 223 20.47 -33.82 27.64
N ALA A 224 20.35 -35.13 27.78
CA ALA A 224 20.39 -36.07 26.69
C ALA A 224 19.21 -37.02 26.82
N ASP A 225 18.67 -37.41 25.68
CA ASP A 225 17.60 -38.40 25.62
C ASP A 225 18.19 -39.77 25.89
N VAL A 226 17.89 -40.35 27.05
CA VAL A 226 18.43 -41.64 27.41
C VAL A 226 17.29 -42.56 27.82
N LEU A 227 17.48 -43.85 27.50
CA LEU A 227 16.61 -44.89 28.01
C LEU A 227 17.31 -45.57 29.17
N VAL A 228 16.59 -45.75 30.27
CA VAL A 228 17.17 -46.05 31.57
C VAL A 228 16.50 -47.28 32.15
N ASN A 229 17.30 -48.19 32.68
CA ASN A 229 16.82 -49.38 33.38
C ASN A 229 16.97 -49.13 34.88
N VAL A 230 15.85 -49.12 35.60
CA VAL A 230 15.87 -48.76 37.01
C VAL A 230 15.32 -49.89 37.86
N SER A 231 15.87 -50.02 39.06
CA SER A 231 15.39 -50.98 40.03
C SER A 231 15.53 -50.37 41.42
N GLN A 232 14.57 -50.67 42.29
CA GLN A 232 14.59 -50.16 43.66
C GLN A 232 14.80 -48.66 43.68
N THR A 233 14.14 -47.98 42.75
CA THR A 233 14.26 -46.54 42.53
C THR A 233 15.72 -46.13 42.43
N SER A 234 16.51 -46.94 41.74
CA SER A 234 17.91 -46.62 41.50
C SER A 234 18.25 -47.00 40.07
N ILE A 235 19.28 -46.36 39.54
CA ILE A 235 19.72 -46.61 38.18
C ILE A 235 20.57 -47.88 38.14
N ALA A 236 20.26 -48.77 37.21
CA ALA A 236 21.14 -49.90 36.91
C ALA A 236 22.06 -49.61 35.74
N ASN A 237 21.51 -49.18 34.60
CA ASN A 237 22.30 -48.86 33.43
C ASN A 237 21.44 -48.04 32.48
N ILE A 238 22.09 -47.38 31.52
CA ILE A 238 21.42 -46.48 30.59
C ILE A 238 22.02 -46.64 29.20
N ILE A 239 21.25 -46.17 28.21
CA ILE A 239 21.72 -46.08 26.83
C ILE A 239 21.34 -44.71 26.26
N TYR A 240 22.28 -44.11 25.54
CA TYR A 240 22.02 -42.87 24.81
C TYR A 240 21.27 -43.15 23.53
N CYS A 241 20.21 -42.39 23.27
CA CYS A 241 19.45 -42.53 22.05
C CYS A 241 20.11 -41.79 20.89
N ASN A 242 21.42 -41.99 20.72
CA ASN A 242 22.17 -41.24 19.72
C ASN A 242 22.08 -41.89 18.33
N SER A 243 22.76 -43.02 18.15
CA SER A 243 22.86 -43.65 16.85
C SER A 243 21.52 -44.24 16.39
N VAL A 244 21.50 -44.65 15.12
CA VAL A 244 20.31 -45.22 14.50
C VAL A 244 19.74 -46.35 15.34
N ILE A 245 20.52 -47.41 15.55
CA ILE A 245 19.96 -48.56 16.24
C ILE A 245 19.61 -48.20 17.67
N ASN A 246 20.38 -47.32 18.31
CA ASN A 246 20.00 -46.92 19.65
C ASN A 246 18.72 -46.12 19.64
N ARG A 247 18.49 -45.33 18.59
CA ARG A 247 17.22 -44.64 18.46
C ARG A 247 16.08 -45.64 18.36
N LEU A 248 16.28 -46.67 17.53
CA LEU A 248 15.27 -47.71 17.41
C LEU A 248 15.02 -48.38 18.75
N ARG A 249 16.09 -48.75 19.44
CA ARG A 249 15.95 -49.41 20.74
C ARG A 249 15.18 -48.54 21.72
N CYS A 250 15.50 -47.25 21.77
CA CYS A 250 14.77 -46.33 22.64
C CYS A 250 13.29 -46.32 22.30
N ASP A 251 12.96 -46.33 21.02
CA ASP A 251 11.55 -46.40 20.66
C ASP A 251 10.92 -47.73 21.04
N GLN A 252 11.70 -48.81 21.05
CA GLN A 252 11.15 -50.10 21.41
C GLN A 252 11.01 -50.29 22.91
N LEU A 253 11.55 -49.37 23.72
CA LEU A 253 11.76 -49.63 25.14
C LEU A 253 12.49 -50.95 25.38
N SER A 254 13.36 -51.34 24.45
CA SER A 254 13.97 -52.65 24.50
C SER A 254 15.47 -52.53 24.26
N PHE A 255 16.26 -53.14 25.12
CA PHE A 255 17.70 -53.13 24.93
C PHE A 255 18.13 -54.11 23.86
N TYR A 256 17.42 -55.23 23.72
CA TYR A 256 17.68 -56.23 22.70
C TYR A 256 16.64 -56.10 21.61
N VAL A 257 17.10 -56.07 20.37
CA VAL A 257 16.21 -56.01 19.21
C VAL A 257 16.26 -57.34 18.50
N PRO A 258 15.15 -58.06 18.41
CA PRO A 258 15.12 -59.25 17.55
C PRO A 258 15.40 -58.84 16.12
N ASP A 259 16.20 -59.65 15.44
CA ASP A 259 16.47 -59.42 14.03
C ASP A 259 15.18 -59.40 13.22
N GLY A 260 15.16 -58.59 12.18
CA GLY A 260 13.94 -58.39 11.42
C GLY A 260 13.95 -57.06 10.70
N PHE A 261 12.88 -56.85 9.93
CA PHE A 261 12.79 -55.73 9.00
C PHE A 261 11.96 -54.61 9.62
N TYR A 262 12.61 -53.80 10.44
CA TYR A 262 11.89 -52.75 11.16
C TYR A 262 11.67 -51.53 10.29
N SER A 263 10.47 -50.99 10.32
CA SER A 263 10.22 -49.74 9.64
C SER A 263 10.65 -48.55 10.48
N THR A 264 11.09 -47.49 9.81
CA THR A 264 11.49 -46.27 10.51
C THR A 264 11.43 -45.11 9.53
N SER A 265 11.49 -43.90 10.06
CA SER A 265 11.75 -42.75 9.20
C SER A 265 12.87 -41.88 9.77
N PRO A 266 13.74 -41.37 8.91
CA PRO A 266 14.73 -40.39 9.36
C PRO A 266 14.07 -39.09 9.79
N ILE A 267 14.80 -38.31 10.57
CA ILE A 267 14.31 -36.99 10.97
C ILE A 267 14.47 -36.01 9.79
N GLN A 268 13.65 -34.97 9.81
CA GLN A 268 13.81 -33.85 8.89
C GLN A 268 14.69 -32.76 9.48
N SER A 269 15.18 -31.90 8.60
CA SER A 269 16.10 -30.84 8.97
C SER A 269 15.48 -29.91 10.02
N VAL A 270 16.35 -29.34 10.85
CA VAL A 270 15.93 -28.73 12.11
C VAL A 270 15.08 -27.49 11.90
N GLU A 271 15.34 -26.70 10.86
CA GLU A 271 14.57 -25.49 10.65
C GLU A 271 14.24 -25.31 9.19
N LEU A 272 12.99 -24.94 8.91
CA LEU A 272 12.54 -24.95 7.54
C LEU A 272 12.30 -23.53 7.03
N PRO A 273 12.63 -23.28 5.77
CA PRO A 273 12.08 -22.11 5.07
C PRO A 273 10.57 -22.08 5.11
N VAL A 274 9.98 -20.95 4.73
CA VAL A 274 8.54 -20.80 4.66
C VAL A 274 8.16 -20.44 3.23
N SER A 275 6.95 -20.84 2.81
CA SER A 275 6.44 -20.42 1.53
C SER A 275 4.97 -20.07 1.66
N ILE A 276 4.52 -19.11 0.86
CA ILE A 276 3.12 -18.68 0.85
C ILE A 276 2.67 -18.55 -0.59
N VAL A 277 1.49 -19.09 -0.89
CA VAL A 277 0.80 -18.82 -2.14
C VAL A 277 -0.65 -18.49 -1.81
N SER A 278 -1.18 -17.44 -2.43
CA SER A 278 -2.57 -17.08 -2.19
C SER A 278 -3.19 -16.48 -3.44
N LEU A 279 -4.53 -16.47 -3.45
CA LEU A 279 -5.28 -15.97 -4.59
C LEU A 279 -4.96 -14.50 -4.87
N PRO A 280 -5.04 -14.08 -6.12
CA PRO A 280 -4.90 -12.65 -6.44
C PRO A 280 -5.95 -11.83 -5.71
N VAL A 281 -5.53 -10.67 -5.21
CA VAL A 281 -6.44 -9.66 -4.70
C VAL A 281 -6.23 -8.37 -5.48
N TYR A 282 -7.29 -7.91 -6.15
CA TYR A 282 -7.32 -6.57 -6.71
C TYR A 282 -7.58 -5.56 -5.61
N HIS A 283 -6.70 -4.57 -5.50
CA HIS A 283 -6.67 -3.68 -4.33
C HIS A 283 -6.64 -2.23 -4.79
N LYS A 284 -7.39 -1.39 -4.08
CA LYS A 284 -7.74 -0.05 -4.54
C LYS A 284 -6.86 1.03 -3.92
N HIS A 285 -7.06 2.25 -4.42
CA HIS A 285 -6.40 3.46 -3.95
C HIS A 285 -7.44 4.56 -3.76
N MET A 286 -7.14 5.49 -2.84
CA MET A 286 -7.89 6.74 -2.77
C MET A 286 -6.97 7.92 -2.48
N PHE A 287 -7.50 9.11 -2.74
CA PHE A 287 -6.86 10.38 -2.42
C PHE A 287 -7.40 10.99 -1.15
N ILE A 288 -6.49 11.51 -0.32
CA ILE A 288 -6.80 12.33 0.84
C ILE A 288 -6.28 13.73 0.54
N VAL A 289 -7.16 14.72 0.59
CA VAL A 289 -6.87 16.05 0.06
C VAL A 289 -7.20 17.12 1.08
N LEU A 290 -6.30 18.09 1.21
CA LEU A 290 -6.45 19.23 2.10
C LEU A 290 -6.58 20.51 1.30
N TYR A 291 -7.53 21.38 1.68
CA TYR A 291 -7.67 22.70 1.09
C TYR A 291 -7.45 23.75 2.17
N VAL A 292 -6.72 24.82 1.83
CA VAL A 292 -6.44 25.91 2.76
C VAL A 292 -6.59 27.26 2.06
N ASP A 293 -7.47 28.11 2.58
CA ASP A 293 -7.69 29.48 2.11
C ASP A 293 -7.59 30.45 3.28
N PHE A 294 -6.99 31.61 3.03
CA PHE A 294 -7.15 32.76 3.91
C PHE A 294 -6.80 34.01 3.13
N LYS A 295 -7.12 35.16 3.72
CA LYS A 295 -6.82 36.45 3.13
C LYS A 295 -6.24 37.38 4.18
N PRO A 296 -5.51 38.42 3.76
CA PRO A 296 -5.25 39.55 4.64
C PRO A 296 -6.53 40.27 5.01
N GLN A 297 -6.53 40.88 6.20
CA GLN A 297 -7.51 41.91 6.48
C GLN A 297 -7.26 43.09 5.56
N SER A 298 -8.33 43.73 5.10
CA SER A 298 -8.18 44.75 4.08
C SER A 298 -9.34 45.73 4.16
N GLY A 299 -9.19 46.86 3.46
CA GLY A 299 -10.27 47.81 3.34
C GLY A 299 -10.10 49.09 4.10
N GLY A 300 -8.87 49.51 4.32
CA GLY A 300 -8.64 50.86 4.83
C GLY A 300 -8.99 51.04 6.28
N GLY A 301 -8.37 50.26 7.15
CA GLY A 301 -8.52 50.48 8.58
C GLY A 301 -7.97 49.32 9.37
N LYS A 302 -7.17 48.48 8.73
CA LYS A 302 -6.88 47.16 9.26
C LYS A 302 -5.41 46.84 9.02
N CYS A 303 -4.90 45.90 9.80
CA CYS A 303 -3.57 45.38 9.53
C CYS A 303 -3.59 44.60 8.24
N PHE A 304 -2.65 44.90 7.36
CA PHE A 304 -2.41 43.95 6.29
C PHE A 304 -1.86 42.64 6.84
N ASN A 305 -1.20 42.67 7.99
CA ASN A 305 -0.42 41.52 8.42
C ASN A 305 -0.80 40.91 9.77
N CYS A 306 -1.60 41.58 10.61
CA CYS A 306 -1.63 41.16 12.01
C CYS A 306 -2.30 39.80 12.20
N TYR A 307 -3.24 39.45 11.34
CA TYR A 307 -3.78 38.10 11.37
C TYR A 307 -4.63 37.87 10.13
N PRO A 308 -4.60 36.67 9.56
CA PRO A 308 -5.36 36.40 8.34
C PRO A 308 -6.86 36.66 8.51
N ALA A 309 -7.50 36.91 7.38
CA ALA A 309 -8.94 37.12 7.32
C ALA A 309 -9.55 36.08 6.38
N GLY A 310 -10.79 35.71 6.68
CA GLY A 310 -11.53 34.78 5.84
C GLY A 310 -10.88 33.41 5.75
N VAL A 311 -10.51 32.85 6.90
CA VAL A 311 -9.96 31.50 6.94
C VAL A 311 -11.00 30.50 6.47
N ASN A 312 -10.56 29.49 5.71
CA ASN A 312 -11.39 28.35 5.36
C ASN A 312 -10.49 27.17 5.08
N ILE A 313 -10.65 26.09 5.85
CA ILE A 313 -9.78 24.93 5.76
C ILE A 313 -10.66 23.70 5.71
N THR A 314 -10.37 22.79 4.79
CA THR A 314 -11.23 21.63 4.62
C THR A 314 -10.43 20.37 4.35
N LEU A 315 -10.98 19.25 4.78
CA LEU A 315 -10.44 17.92 4.55
C LEU A 315 -11.41 17.14 3.69
N ALA A 316 -10.94 16.66 2.54
CA ALA A 316 -11.83 16.18 1.50
C ALA A 316 -12.70 15.02 1.97
N ASN A 317 -14.02 15.23 1.91
CA ASN A 317 -15.04 14.25 2.26
C ASN A 317 -14.92 13.73 3.68
N PHE A 318 -14.09 14.34 4.52
CA PHE A 318 -14.24 14.15 5.94
C PHE A 318 -15.60 14.66 6.37
N ASN A 319 -16.31 13.85 7.15
CA ASN A 319 -17.57 14.28 7.74
C ASN A 319 -17.47 14.15 9.25
N GLU A 320 -17.62 15.28 9.93
CA GLU A 320 -17.37 15.33 11.37
C GLU A 320 -18.33 14.41 12.10
N THR A 321 -19.59 14.37 11.64
CA THR A 321 -20.59 13.47 12.18
C THR A 321 -20.25 12.02 11.93
N LYS A 322 -19.18 11.75 11.17
CA LYS A 322 -18.76 10.40 10.85
C LYS A 322 -17.32 10.13 11.26
N GLY A 323 -16.68 11.07 11.96
CA GLY A 323 -15.41 10.84 12.59
C GLY A 323 -14.23 10.71 11.64
N PRO A 324 -13.11 10.21 12.16
CA PRO A 324 -11.88 10.13 11.36
C PRO A 324 -12.07 9.41 10.04
N LEU A 325 -11.67 10.06 8.97
CA LEU A 325 -11.66 9.54 7.61
C LEU A 325 -10.51 8.56 7.47
N CYS A 326 -10.78 7.26 7.53
CA CYS A 326 -9.74 6.25 7.49
C CYS A 326 -9.36 5.87 6.07
N VAL A 327 -8.09 5.50 5.90
CA VAL A 327 -7.55 4.90 4.67
C VAL A 327 -7.88 3.42 4.68
N ASP A 328 -8.94 3.02 3.96
CA ASP A 328 -9.24 1.59 3.86
C ASP A 328 -8.51 0.91 2.72
N THR A 329 -8.51 1.50 1.52
CA THR A 329 -7.96 0.82 0.37
C THR A 329 -6.44 0.70 0.48
N SER A 330 -5.91 -0.34 -0.18
CA SER A 330 -4.50 -0.67 -0.10
C SER A 330 -3.58 0.52 -0.36
N HIS A 331 -4.03 1.50 -1.12
CA HIS A 331 -3.14 2.61 -1.45
C HIS A 331 -3.85 3.95 -1.29
N PHE A 332 -3.05 4.98 -1.05
CA PHE A 332 -3.57 6.32 -0.89
C PHE A 332 -2.53 7.34 -1.28
N THR A 333 -3.01 8.53 -1.60
CA THR A 333 -2.16 9.65 -1.96
C THR A 333 -2.61 10.89 -1.20
N THR A 334 -1.65 11.69 -0.74
CA THR A 334 -1.95 12.88 0.05
C THR A 334 -1.65 14.13 -0.77
N LYS A 335 -2.64 15.00 -0.89
CA LYS A 335 -2.58 16.12 -1.82
C LYS A 335 -2.97 17.41 -1.12
N TYR A 336 -2.23 18.48 -1.39
CA TYR A 336 -2.43 19.78 -0.76
C TYR A 336 -2.88 20.82 -1.78
N VAL A 337 -3.82 21.68 -1.37
CA VAL A 337 -4.42 22.68 -2.23
C VAL A 337 -4.41 24.02 -1.49
N ALA A 338 -3.46 24.88 -1.83
CA ALA A 338 -3.52 26.26 -1.38
C ALA A 338 -4.63 27.00 -2.10
N VAL A 339 -5.27 27.94 -1.40
CA VAL A 339 -6.33 28.73 -2.04
C VAL A 339 -6.03 30.22 -1.92
N TYR A 340 -5.27 30.62 -0.91
CA TYR A 340 -4.86 32.01 -0.79
C TYR A 340 -4.02 32.45 -1.98
N VAL A 343 -2.60 36.60 -0.07
CA VAL A 343 -1.94 37.26 -1.19
C VAL A 343 -0.81 38.16 -0.70
N GLY A 344 -0.04 38.69 -1.64
CA GLY A 344 1.18 39.38 -1.29
C GLY A 344 2.20 38.42 -0.70
N ARG A 345 2.91 38.90 0.33
CA ARG A 345 3.93 38.10 0.99
C ARG A 345 3.35 37.15 2.03
N TRP A 346 2.03 37.04 2.09
CA TRP A 346 1.41 35.96 2.86
C TRP A 346 1.74 34.61 2.24
N SER A 347 1.76 33.60 3.11
CA SER A 347 2.07 32.24 2.71
C SER A 347 1.53 31.32 3.79
N ALA A 348 1.49 30.03 3.50
CA ALA A 348 1.17 29.07 4.54
C ALA A 348 1.81 27.73 4.22
N SER A 349 1.87 26.87 5.22
CA SER A 349 2.44 25.54 5.10
C SER A 349 1.85 24.67 6.20
N ILE A 350 2.08 23.37 6.09
CA ILE A 350 1.67 22.40 7.09
C ILE A 350 2.89 22.03 7.92
N ASN A 351 2.74 22.06 9.24
CA ASN A 351 3.80 21.60 10.12
C ASN A 351 3.69 20.09 10.34
N THR A 352 4.82 19.49 10.74
CA THR A 352 4.81 18.09 11.14
C THR A 352 3.92 17.84 12.34
N GLY A 353 3.71 18.85 13.16
CA GLY A 353 3.28 18.62 14.53
C GLY A 353 4.13 17.57 15.22
N ASN A 354 3.47 16.67 15.93
CA ASN A 354 4.15 15.59 16.62
C ASN A 354 4.29 14.33 15.79
N CYS A 355 3.71 14.29 14.60
CA CYS A 355 3.72 13.07 13.81
C CYS A 355 5.14 12.73 13.35
N PRO A 356 5.47 11.44 13.26
CA PRO A 356 6.78 11.03 12.74
C PRO A 356 6.89 11.20 11.24
N PHE A 357 5.85 11.70 10.59
CA PHE A 357 5.79 11.85 9.14
C PHE A 357 4.95 13.07 8.82
N SER A 358 5.05 13.52 7.58
CA SER A 358 4.40 14.75 7.14
C SER A 358 3.45 14.48 5.99
N PHE A 359 2.40 15.30 5.92
CA PHE A 359 1.51 15.29 4.77
C PHE A 359 2.30 15.52 3.49
N GLY A 360 1.92 14.81 2.43
CA GLY A 360 2.74 14.76 1.24
C GLY A 360 3.86 13.73 1.30
N LYS A 361 4.79 13.90 2.23
CA LYS A 361 5.93 12.98 2.34
C LYS A 361 5.50 11.53 2.44
N VAL A 362 4.38 11.25 3.11
CA VAL A 362 3.86 9.90 3.21
C VAL A 362 3.64 9.24 1.86
N ASN A 363 3.52 10.02 0.79
CA ASN A 363 3.34 9.42 -0.53
C ASN A 363 4.60 8.76 -1.06
N ASN A 364 5.74 8.94 -0.40
CA ASN A 364 6.97 8.25 -0.79
C ASN A 364 7.04 6.84 -0.19
N PHE A 365 6.05 6.03 -0.57
CA PHE A 365 6.07 4.58 -0.39
C PHE A 365 6.27 4.16 1.06
N VAL A 366 5.78 4.93 2.00
CA VAL A 366 5.78 4.49 3.39
C VAL A 366 4.65 3.50 3.55
N LYS A 367 4.93 2.36 4.17
CA LYS A 367 3.92 1.34 4.41
C LYS A 367 3.49 1.34 5.87
N PHE A 368 2.20 1.09 6.09
CA PHE A 368 1.62 1.10 7.42
C PHE A 368 0.62 -0.03 7.53
N GLY A 369 0.32 -0.43 8.77
CA GLY A 369 -0.83 -1.29 8.98
C GLY A 369 -2.14 -0.55 8.78
N SER A 370 -2.23 0.69 9.26
CA SER A 370 -3.44 1.46 9.07
C SER A 370 -3.13 2.93 9.25
N VAL A 371 -3.97 3.79 8.67
CA VAL A 371 -3.89 5.23 8.86
C VAL A 371 -5.30 5.80 8.78
N CYS A 372 -5.55 6.87 9.52
CA CYS A 372 -6.76 7.65 9.40
C CYS A 372 -6.43 9.12 9.60
N PHE A 373 -7.19 9.99 8.92
CA PHE A 373 -6.97 11.42 8.88
C PHE A 373 -8.21 12.12 9.43
N SER A 374 -8.02 13.26 10.08
CA SER A 374 -9.16 13.97 10.65
C SER A 374 -8.76 15.39 10.98
N LEU A 375 -9.64 16.35 10.70
CA LEU A 375 -9.41 17.71 11.16
C LEU A 375 -9.73 17.88 12.64
N LYS A 376 -10.13 16.81 13.32
CA LYS A 376 -10.38 16.81 14.74
C LYS A 376 -9.63 15.64 15.38
N ASP A 377 -9.11 15.87 16.58
CA ASP A 377 -8.17 14.94 17.19
C ASP A 377 -8.84 13.61 17.55
N GLY A 381 -4.38 9.91 18.14
CA GLY A 381 -3.64 10.24 16.92
C GLY A 381 -2.53 11.24 17.17
N CYS A 382 -1.86 11.68 16.11
CA CYS A 382 -0.84 12.70 16.19
C CYS A 382 -1.27 13.93 15.41
N ALA A 383 -0.93 15.11 15.94
CA ALA A 383 -1.30 16.38 15.35
C ALA A 383 -0.28 16.89 14.35
N MET A 384 -0.76 17.71 13.42
CA MET A 384 0.10 18.47 12.50
C MET A 384 -0.60 19.79 12.18
N PRO A 385 -0.22 20.87 12.87
CA PRO A 385 -0.85 22.17 12.63
C PRO A 385 -0.39 22.81 11.34
N ILE A 386 -1.33 23.44 10.64
CA ILE A 386 -0.99 24.36 9.57
C ILE A 386 -0.66 25.73 10.14
N VAL A 387 0.40 26.35 9.61
CA VAL A 387 0.83 27.69 9.98
C VAL A 387 0.80 28.58 8.75
N ALA A 388 0.15 29.74 8.88
CA ALA A 388 0.33 30.84 7.96
C ALA A 388 1.48 31.72 8.44
N ASN A 389 2.19 32.33 7.49
CA ASN A 389 3.22 33.29 7.83
C ASN A 389 3.12 34.50 6.91
N TRP A 390 3.45 35.65 7.47
CA TRP A 390 3.64 36.88 6.74
C TRP A 390 5.13 37.12 6.54
N ALA A 391 5.54 37.22 5.28
CA ALA A 391 6.90 37.63 4.90
C ALA A 391 7.96 36.86 5.67
N TYR A 392 7.68 35.61 6.02
CA TYR A 392 8.57 34.81 6.87
C TYR A 392 8.87 35.54 8.17
N SER A 393 7.95 36.38 8.61
CA SER A 393 8.22 37.35 9.66
C SER A 393 7.15 37.41 10.73
N LYS A 394 5.92 36.98 10.44
CA LYS A 394 4.98 36.65 11.49
C LYS A 394 4.45 35.26 11.23
N TYR A 395 4.21 34.51 12.29
CA TYR A 395 3.77 33.14 12.15
C TYR A 395 2.58 32.89 13.06
N TYR A 396 1.55 32.24 12.52
CA TYR A 396 0.35 31.92 13.28
C TYR A 396 -0.11 30.55 12.82
N THR A 397 -0.35 29.64 13.77
CA THR A 397 -1.07 28.44 13.40
C THR A 397 -2.54 28.81 13.18
N ILE A 398 -3.11 28.30 12.10
CA ILE A 398 -4.49 28.60 11.75
C ILE A 398 -5.34 27.35 11.66
N GLY A 399 -4.81 26.20 12.07
CA GLY A 399 -5.55 24.97 12.03
C GLY A 399 -4.64 23.80 12.32
N THR A 400 -5.27 22.64 12.51
CA THR A 400 -4.54 21.41 12.81
C THR A 400 -5.20 20.26 12.09
N LEU A 401 -4.39 19.46 11.40
CA LEU A 401 -4.75 18.09 11.10
C LEU A 401 -4.34 17.18 12.25
N TYR A 402 -4.98 16.01 12.29
CA TYR A 402 -4.57 14.94 13.17
C TYR A 402 -4.65 13.66 12.38
N VAL A 403 -3.79 12.70 12.71
CA VAL A 403 -3.80 11.41 12.05
C VAL A 403 -3.49 10.35 13.10
N SER A 404 -4.05 9.16 12.88
CA SER A 404 -3.71 7.99 13.67
C SER A 404 -3.19 6.92 12.72
N TRP A 405 -2.34 6.04 13.25
CA TRP A 405 -1.72 5.06 12.37
C TRP A 405 -1.30 3.85 13.19
N SER A 406 -1.12 2.74 12.48
CA SER A 406 -0.66 1.50 13.06
C SER A 406 0.37 0.88 12.12
N ASP A 407 1.41 0.30 12.73
CA ASP A 407 2.61 -0.13 12.05
C ASP A 407 2.35 -1.33 11.15
N GLY A 408 3.39 -1.71 10.41
CA GLY A 408 3.36 -2.83 9.47
C GLY A 408 3.04 -2.43 8.05
N ASP A 409 2.30 -3.27 7.33
CA ASP A 409 1.94 -3.00 5.95
C ASP A 409 0.50 -3.39 5.72
N GLY A 410 -0.02 -2.96 4.58
CA GLY A 410 -1.43 -3.14 4.26
C GLY A 410 -1.98 -1.97 3.49
N ILE A 411 -1.55 -0.77 3.86
CA ILE A 411 -1.81 0.41 3.06
C ILE A 411 -0.50 1.11 2.79
N THR A 412 -0.40 1.74 1.62
CA THR A 412 0.80 2.44 1.19
C THR A 412 0.47 3.85 0.71
N GLY A 413 1.23 4.83 1.20
CA GLY A 413 1.19 6.16 0.63
C GLY A 413 2.02 6.21 -0.64
N VAL A 414 1.42 6.70 -1.72
CA VAL A 414 2.05 6.60 -3.04
C VAL A 414 1.88 7.92 -3.77
N PRO A 415 2.78 8.20 -4.72
CA PRO A 415 2.73 9.49 -5.40
C PRO A 415 1.52 9.65 -6.28
N GLN A 416 0.90 8.55 -6.69
CA GLN A 416 -0.03 8.54 -7.80
C GLN A 416 -1.15 7.57 -7.50
N PRO A 417 -2.29 7.70 -8.17
CA PRO A 417 -3.35 6.71 -8.00
C PRO A 417 -2.94 5.37 -8.59
N VAL A 418 -3.01 4.32 -7.78
CA VAL A 418 -2.64 3.00 -8.25
C VAL A 418 -3.44 1.92 -7.54
N GLU A 419 -4.55 1.52 -8.15
CA GLU A 419 -5.05 0.18 -7.93
C GLU A 419 -4.17 -0.82 -8.67
N GLY A 420 -4.27 -2.08 -8.28
CA GLY A 420 -3.48 -3.10 -8.92
C GLY A 420 -3.95 -4.47 -8.48
N VAL A 421 -3.32 -5.48 -9.07
CA VAL A 421 -3.65 -6.87 -8.73
C VAL A 421 -2.34 -7.64 -8.67
N SER A 422 -1.22 -6.94 -8.86
CA SER A 422 0.09 -7.57 -8.77
C SER A 422 0.35 -8.05 -7.35
N SER A 423 -0.32 -9.16 -6.97
CA SER A 423 -0.51 -9.55 -5.57
C SER A 423 -0.23 -11.05 -5.42
N PHE A 424 1.03 -11.44 -5.62
CA PHE A 424 1.47 -12.82 -5.56
C PHE A 424 2.75 -12.92 -4.74
N MET A 425 3.09 -14.13 -4.30
CA MET A 425 4.11 -14.30 -3.28
C MET A 425 5.04 -15.46 -3.61
N ASN A 426 6.16 -15.48 -2.88
CA ASN A 426 7.27 -16.38 -3.13
C ASN A 426 6.91 -17.83 -2.85
N VAL A 427 7.56 -18.74 -3.59
CA VAL A 427 7.15 -20.13 -3.60
C VAL A 427 8.17 -21.07 -2.97
N THR A 428 9.48 -20.80 -3.11
CA THR A 428 10.55 -21.75 -2.78
C THR A 428 10.41 -23.01 -3.62
N LEU A 429 11.48 -23.80 -3.75
CA LEU A 429 11.36 -25.10 -4.37
C LEU A 429 12.36 -26.09 -3.77
N ASP A 430 12.02 -27.37 -3.92
CA ASP A 430 12.96 -28.50 -3.77
C ASP A 430 13.61 -28.58 -2.39
N LYS A 431 12.92 -28.16 -1.35
CA LYS A 431 13.39 -28.35 0.01
C LYS A 431 12.20 -28.61 0.92
N CYS A 432 12.43 -29.34 2.00
CA CYS A 432 11.34 -29.57 2.93
C CYS A 432 10.99 -28.25 3.59
N THR A 433 9.81 -27.74 3.27
CA THR A 433 9.45 -26.36 3.49
C THR A 433 8.09 -26.32 4.15
N LYS A 434 7.99 -25.58 5.25
CA LYS A 434 6.69 -25.31 5.81
C LYS A 434 5.96 -24.36 4.88
N TYR A 435 4.67 -24.60 4.67
CA TYR A 435 3.94 -23.77 3.73
C TYR A 435 2.55 -23.48 4.23
N ASN A 436 1.98 -22.43 3.65
CA ASN A 436 0.54 -22.25 3.51
C ASN A 436 0.26 -22.13 2.02
N ILE A 437 -0.48 -23.09 1.47
CA ILE A 437 -0.95 -23.02 0.10
C ILE A 437 -2.46 -22.90 0.17
N TYR A 438 -2.99 -21.74 -0.20
CA TYR A 438 -4.42 -21.48 -0.21
C TYR A 438 -5.10 -21.96 1.07
N ASP A 439 -4.63 -21.43 2.19
CA ASP A 439 -5.08 -21.79 3.54
C ASP A 439 -4.67 -23.18 4.01
N VAL A 440 -4.24 -24.04 3.10
CA VAL A 440 -3.82 -25.39 3.47
C VAL A 440 -2.40 -25.32 4.00
N SER A 441 -2.25 -25.34 5.31
CA SER A 441 -0.92 -25.36 5.89
C SER A 441 -0.37 -26.76 5.89
N GLY A 442 0.94 -26.88 5.87
CA GLY A 442 1.55 -28.18 5.83
C GLY A 442 3.05 -28.09 5.74
N VAL A 443 3.68 -29.25 5.59
CA VAL A 443 5.12 -29.33 5.39
C VAL A 443 5.39 -30.25 4.22
N GLY A 444 6.31 -29.86 3.36
CA GLY A 444 6.69 -30.80 2.31
C GLY A 444 7.69 -30.18 1.37
N VAL A 445 8.21 -31.02 0.49
CA VAL A 445 8.94 -30.53 -0.67
C VAL A 445 7.93 -30.09 -1.70
N ILE A 446 7.95 -28.81 -2.03
CA ILE A 446 7.28 -28.33 -3.23
C ILE A 446 8.15 -28.62 -4.43
N ARG A 447 7.55 -29.11 -5.50
CA ARG A 447 8.28 -29.29 -6.74
C ARG A 447 7.40 -28.94 -7.92
N VAL A 448 8.00 -28.37 -8.95
CA VAL A 448 7.27 -28.15 -10.19
C VAL A 448 7.10 -29.48 -10.92
N SER A 449 5.93 -29.70 -11.50
CA SER A 449 5.51 -31.03 -11.92
C SER A 449 5.02 -31.00 -13.36
N ASN A 450 5.07 -32.17 -13.99
CA ASN A 450 4.92 -32.30 -15.43
C ASN A 450 3.48 -32.41 -15.90
N ASP A 451 2.55 -32.79 -15.03
CA ASP A 451 1.18 -33.03 -15.44
C ASP A 451 0.47 -31.73 -15.83
N THR A 452 -0.67 -31.89 -16.51
CA THR A 452 -1.51 -30.78 -16.96
C THR A 452 -2.98 -31.12 -16.66
N PHE A 453 -3.53 -30.50 -15.62
CA PHE A 453 -4.92 -30.73 -15.23
C PHE A 453 -5.73 -29.50 -15.54
N LEU A 454 -6.81 -29.68 -16.29
CA LEU A 454 -7.70 -28.56 -16.55
C LEU A 454 -8.56 -28.25 -15.33
N ASN A 455 -9.02 -29.28 -14.65
CA ASN A 455 -10.00 -29.11 -13.58
C ASN A 455 -9.35 -28.53 -12.33
N GLY A 456 -10.04 -27.60 -11.71
CA GLY A 456 -9.77 -27.23 -10.34
C GLY A 456 -8.55 -26.35 -10.18
N ILE A 457 -8.22 -26.10 -8.92
CA ILE A 457 -7.03 -25.34 -8.56
C ILE A 457 -6.18 -26.09 -7.56
N THR A 458 -6.73 -27.13 -6.94
CA THR A 458 -6.00 -27.90 -5.95
C THR A 458 -6.40 -29.37 -6.01
N TYR A 459 -5.47 -30.22 -5.61
CA TYR A 459 -5.63 -31.67 -5.70
C TYR A 459 -5.39 -32.27 -4.32
N THR A 460 -6.35 -33.05 -3.83
CA THR A 460 -6.25 -33.65 -2.52
C THR A 460 -6.29 -35.16 -2.65
N SER A 461 -5.46 -35.82 -1.85
CA SER A 461 -5.46 -37.27 -1.77
C SER A 461 -6.77 -37.76 -1.18
N THR A 462 -6.96 -39.08 -1.25
CA THR A 462 -8.11 -39.68 -0.59
C THR A 462 -8.07 -39.42 0.90
N SER A 463 -6.87 -39.37 1.47
CA SER A 463 -6.76 -39.15 2.90
C SER A 463 -7.06 -37.72 3.29
N GLY A 464 -7.20 -36.82 2.33
CA GLY A 464 -7.40 -35.42 2.62
C GLY A 464 -6.14 -34.59 2.66
N ASN A 465 -4.97 -35.22 2.62
CA ASN A 465 -3.73 -34.48 2.46
C ASN A 465 -3.66 -33.88 1.07
N LEU A 466 -3.08 -32.69 0.99
CA LEU A 466 -2.82 -32.04 -0.29
C LEU A 466 -1.74 -32.78 -1.07
N LEU A 467 -1.94 -32.92 -2.38
CA LEU A 467 -0.94 -33.51 -3.24
C LEU A 467 -0.32 -32.54 -4.24
N GLY A 468 -1.09 -31.58 -4.74
CA GLY A 468 -0.53 -30.61 -5.66
C GLY A 468 -1.43 -29.41 -5.77
N PHE A 469 -0.87 -28.33 -6.29
CA PHE A 469 -1.62 -27.09 -6.42
C PHE A 469 -1.28 -26.41 -7.73
N LYS A 470 -2.22 -25.59 -8.18
CA LYS A 470 -2.12 -24.88 -9.45
C LYS A 470 -1.88 -23.40 -9.21
N ASP A 471 -0.83 -22.88 -9.85
CA ASP A 471 -0.43 -21.48 -9.71
C ASP A 471 -1.22 -20.67 -10.73
N VAL A 472 -2.41 -20.23 -10.31
CA VAL A 472 -3.46 -19.86 -11.25
C VAL A 472 -3.01 -18.78 -12.25
N THR A 473 -2.07 -17.93 -11.85
CA THR A 473 -1.59 -16.92 -12.79
C THR A 473 -0.80 -17.51 -13.94
N LYS A 474 -0.18 -18.68 -13.74
CA LYS A 474 0.58 -19.33 -14.80
C LYS A 474 -0.01 -20.65 -15.25
N GLY A 475 -0.86 -21.27 -14.43
CA GLY A 475 -1.28 -22.62 -14.72
C GLY A 475 -0.25 -23.67 -14.41
N THR A 476 0.82 -23.33 -13.71
CA THR A 476 1.83 -24.32 -13.36
C THR A 476 1.30 -25.24 -12.28
N ILE A 477 1.69 -26.50 -12.34
CA ILE A 477 1.25 -27.51 -11.38
C ILE A 477 2.43 -27.89 -10.50
N TYR A 478 2.20 -27.92 -9.20
CA TYR A 478 3.23 -28.27 -8.24
C TYR A 478 2.77 -29.48 -7.46
N SER A 479 3.72 -30.32 -7.08
CA SER A 479 3.50 -31.46 -6.22
C SER A 479 4.09 -31.19 -4.84
N ILE A 480 3.42 -31.67 -3.80
CA ILE A 480 3.93 -31.65 -2.44
C ILE A 480 4.29 -33.08 -2.06
N THR A 481 5.57 -33.34 -1.86
CA THR A 481 5.98 -34.65 -1.38
C THR A 481 6.42 -34.53 0.07
N PRO A 482 5.93 -35.36 0.99
CA PRO A 482 6.44 -35.28 2.36
C PRO A 482 7.91 -35.65 2.36
N CYS A 483 8.70 -34.87 3.09
CA CYS A 483 10.06 -35.31 3.30
C CYS A 483 10.10 -36.40 4.37
N ASN A 484 11.20 -37.15 4.37
CA ASN A 484 11.39 -38.33 5.19
C ASN A 484 10.20 -39.31 5.21
N PRO A 485 9.68 -39.70 4.06
CA PRO A 485 8.77 -40.84 4.04
C PRO A 485 9.49 -42.08 4.51
N PRO A 486 8.77 -43.05 5.05
CA PRO A 486 9.43 -44.13 5.79
C PRO A 486 10.20 -45.10 4.92
N ASP A 487 11.20 -45.71 5.55
CA ASP A 487 12.17 -46.64 4.96
C ASP A 487 12.19 -47.89 5.82
N GLN A 488 12.76 -48.98 5.31
CA GLN A 488 12.91 -50.19 6.12
C GLN A 488 14.38 -50.42 6.47
N LEU A 489 14.68 -50.56 7.74
CA LEU A 489 15.98 -51.04 8.15
C LEU A 489 15.93 -52.55 8.28
N VAL A 490 17.05 -53.19 8.01
CA VAL A 490 17.23 -54.60 8.33
C VAL A 490 18.14 -54.71 9.54
N VAL A 491 17.64 -55.27 10.63
CA VAL A 491 18.44 -55.47 11.83
C VAL A 491 18.82 -56.93 11.90
N TYR A 492 20.11 -57.20 12.05
CA TYR A 492 20.59 -58.55 12.27
C TYR A 492 21.76 -58.50 13.23
N GLN A 493 21.76 -59.43 14.18
CA GLN A 493 22.73 -59.42 15.27
C GLN A 493 22.86 -58.03 15.88
N GLN A 494 21.72 -57.37 16.00
CA GLN A 494 21.61 -56.05 16.62
C GLN A 494 22.53 -55.02 15.96
N ALA A 495 22.64 -55.11 14.64
CA ALA A 495 23.21 -54.03 13.85
C ALA A 495 22.39 -53.85 12.59
N VAL A 496 22.35 -52.62 12.06
CA VAL A 496 21.77 -52.41 10.74
C VAL A 496 22.74 -52.91 9.69
N VAL A 497 22.25 -53.80 8.83
CA VAL A 497 23.07 -54.35 7.76
C VAL A 497 22.54 -54.01 6.39
N GLY A 498 21.42 -53.33 6.30
CA GLY A 498 20.91 -52.88 5.01
C GLY A 498 19.71 -51.99 5.19
N ALA A 499 19.32 -51.34 4.10
CA ALA A 499 18.08 -50.60 4.14
C ALA A 499 17.32 -50.72 2.83
N MET A 500 16.01 -50.86 2.93
CA MET A 500 15.12 -50.62 1.82
C MET A 500 14.85 -49.12 1.74
N LEU A 501 15.24 -48.52 0.62
CA LEU A 501 15.09 -47.10 0.34
C LEU A 501 14.19 -46.91 -0.86
N SER A 502 13.57 -45.74 -0.92
CA SER A 502 12.73 -45.35 -2.04
C SER A 502 13.44 -44.55 -3.11
N GLU A 503 14.77 -44.37 -3.01
CA GLU A 503 15.48 -43.58 -4.00
C GLU A 503 16.94 -44.01 -4.07
N ASN A 504 17.55 -43.72 -5.22
CA ASN A 504 18.86 -44.26 -5.60
C ASN A 504 20.02 -43.39 -5.11
N PHE A 505 20.22 -43.38 -3.79
CA PHE A 505 21.51 -42.93 -3.29
C PHE A 505 21.76 -43.55 -1.92
N THR A 506 23.04 -43.83 -1.65
CA THR A 506 23.42 -44.49 -0.42
C THR A 506 23.14 -43.62 0.80
N SER A 507 22.86 -44.29 1.91
CA SER A 507 22.40 -43.65 3.14
C SER A 507 22.88 -44.51 4.30
N TYR A 508 22.79 -43.95 5.51
CA TYR A 508 23.18 -44.68 6.72
C TYR A 508 24.60 -45.21 6.65
N GLY A 509 25.48 -44.48 5.95
CA GLY A 509 26.86 -44.90 5.83
C GLY A 509 27.11 -46.15 5.03
N PHE A 510 26.12 -46.64 4.31
CA PHE A 510 26.32 -47.80 3.46
C PHE A 510 27.16 -47.42 2.25
N SER A 511 27.64 -48.42 1.53
CA SER A 511 28.65 -48.21 0.52
C SER A 511 28.27 -48.70 -0.87
N ASN A 512 27.16 -49.40 -1.03
CA ASN A 512 26.67 -49.62 -2.38
C ASN A 512 25.15 -49.64 -2.36
N VAL A 513 24.57 -49.43 -3.53
CA VAL A 513 23.13 -49.44 -3.73
C VAL A 513 22.81 -50.32 -4.93
N VAL A 514 21.73 -51.07 -4.84
CA VAL A 514 21.27 -51.93 -5.92
C VAL A 514 19.78 -51.71 -6.10
N GLU A 515 19.31 -52.00 -7.31
CA GLU A 515 17.93 -51.77 -7.68
C GLU A 515 17.19 -53.09 -7.77
N LEU A 516 16.08 -53.20 -7.08
CA LEU A 516 15.15 -54.29 -7.22
C LEU A 516 13.91 -53.82 -7.96
N PRO A 517 13.06 -54.74 -8.42
CA PRO A 517 11.89 -54.31 -9.18
C PRO A 517 10.99 -53.36 -8.42
N LYS A 518 10.98 -53.42 -7.10
CA LYS A 518 10.02 -52.65 -6.32
C LYS A 518 10.63 -51.59 -5.42
N PHE A 519 11.96 -51.55 -5.26
CA PHE A 519 12.57 -50.64 -4.30
C PHE A 519 14.08 -50.62 -4.53
N PHE A 520 14.73 -49.63 -3.94
CA PHE A 520 16.18 -49.65 -3.86
C PHE A 520 16.64 -50.30 -2.57
N TYR A 521 17.82 -50.91 -2.62
CA TYR A 521 18.43 -51.54 -1.46
C TYR A 521 19.82 -50.95 -1.26
N ALA A 522 20.11 -50.50 -0.05
CA ALA A 522 21.43 -50.01 0.31
C ALA A 522 22.11 -51.01 1.23
N SER A 523 23.42 -51.15 1.10
CA SER A 523 24.15 -52.13 1.90
C SER A 523 25.60 -51.71 2.02
N ASN A 524 26.30 -52.39 2.92
CA ASN A 524 27.75 -52.22 3.09
C ASN A 524 28.56 -53.45 2.73
N GLY A 525 27.97 -54.47 2.13
CA GLY A 525 28.68 -55.71 1.89
C GLY A 525 28.76 -56.03 0.41
N THR A 526 29.78 -56.80 0.05
CA THR A 526 29.92 -57.27 -1.31
C THR A 526 28.88 -58.34 -1.60
N TYR A 527 28.37 -58.33 -2.82
CA TYR A 527 27.45 -59.38 -3.26
C TYR A 527 28.26 -60.60 -3.67
N ASN A 528 28.84 -61.24 -2.67
CA ASN A 528 29.61 -62.47 -2.82
C ASN A 528 29.24 -63.40 -1.67
N CYS A 529 27.95 -63.72 -1.57
CA CYS A 529 27.44 -64.61 -0.54
C CYS A 529 26.37 -65.50 -1.15
N THR A 530 26.15 -66.66 -0.49
CA THR A 530 25.28 -67.70 -1.03
C THR A 530 24.35 -68.31 0.02
N ASP A 531 24.17 -67.66 1.17
CA ASP A 531 23.38 -68.25 2.25
C ASP A 531 22.72 -67.14 3.04
N ALA A 532 21.39 -67.02 2.93
CA ALA A 532 20.65 -65.90 3.48
C ALA A 532 20.25 -66.19 4.92
N VAL A 533 20.67 -65.32 5.85
CA VAL A 533 20.29 -65.52 7.24
C VAL A 533 18.87 -65.04 7.50
N LEU A 534 18.41 -63.99 6.83
CA LEU A 534 17.03 -63.54 6.91
C LEU A 534 16.37 -63.75 5.57
N THR A 535 15.08 -64.04 5.56
CA THR A 535 14.45 -64.36 4.28
C THR A 535 13.01 -63.92 4.27
N TYR A 536 12.61 -63.24 3.21
CA TYR A 536 11.23 -62.87 3.03
C TYR A 536 10.90 -62.94 1.56
N SER A 537 9.72 -63.46 1.25
CA SER A 537 9.24 -63.56 -0.12
C SER A 537 10.27 -64.23 -1.03
N SER A 538 10.68 -63.54 -2.09
CA SER A 538 11.69 -64.06 -2.99
C SER A 538 13.11 -63.68 -2.62
N PHE A 539 13.30 -62.97 -1.53
CA PHE A 539 14.57 -62.35 -1.22
C PHE A 539 15.18 -62.99 0.02
N GLY A 540 16.50 -63.08 -0.01
CA GLY A 540 17.26 -63.45 1.17
C GLY A 540 18.31 -62.39 1.45
N VAL A 541 18.59 -62.19 2.72
CA VAL A 541 19.69 -61.36 3.15
C VAL A 541 20.68 -62.23 3.89
N CYS A 542 21.91 -62.26 3.40
CA CYS A 542 23.01 -62.94 4.08
C CYS A 542 23.65 -61.99 5.10
N ALA A 543 24.55 -62.54 5.90
CA ALA A 543 25.15 -61.79 6.99
C ALA A 543 25.89 -60.55 6.51
N ASP A 544 26.37 -60.55 5.27
CA ASP A 544 26.96 -59.33 4.73
C ASP A 544 25.95 -58.27 4.40
N GLY A 545 24.66 -58.57 4.53
CA GLY A 545 23.67 -57.63 4.04
C GLY A 545 23.57 -57.58 2.55
N SER A 546 24.28 -58.44 1.84
CA SER A 546 24.06 -58.61 0.41
C SER A 546 22.68 -59.20 0.19
N ILE A 547 21.80 -58.41 -0.41
CA ILE A 547 20.52 -58.95 -0.85
C ILE A 547 20.74 -59.89 -2.02
N ILE A 548 20.08 -61.05 -1.97
CA ILE A 548 20.18 -62.05 -3.02
C ILE A 548 18.80 -62.59 -3.31
N ALA A 549 18.62 -63.07 -4.54
CA ALA A 549 17.40 -63.76 -4.89
C ALA A 549 17.40 -65.17 -4.31
N VAL A 550 16.20 -65.69 -4.06
CA VAL A 550 16.02 -67.02 -3.46
C VAL A 550 15.01 -67.78 -4.29
N GLN A 551 15.33 -69.04 -4.61
CA GLN A 551 14.43 -69.86 -5.41
C GLN A 551 13.18 -70.20 -4.62
N LEU A 568 29.11 -89.57 -10.34
CA LEU A 568 28.46 -89.91 -9.07
C LEU A 568 29.50 -90.20 -8.00
N SER A 569 29.16 -89.94 -6.74
CA SER A 569 30.11 -90.11 -5.66
C SER A 569 29.38 -90.43 -4.37
N ILE A 570 30.09 -91.10 -3.47
CA ILE A 570 29.54 -91.59 -2.21
C ILE A 570 30.35 -90.97 -1.08
N PRO A 571 29.71 -90.43 -0.05
CA PRO A 571 30.46 -89.97 1.13
C PRO A 571 31.11 -91.14 1.84
N SER A 572 32.44 -91.15 1.87
CA SER A 572 33.18 -92.14 2.63
C SER A 572 33.28 -91.80 4.11
N ASN A 573 33.03 -90.56 4.49
CA ASN A 573 33.06 -90.12 5.88
C ASN A 573 31.71 -89.48 6.23
N TRP A 574 30.73 -90.33 6.48
CA TRP A 574 29.53 -89.90 7.16
C TRP A 574 29.84 -89.47 8.59
N THR A 575 29.39 -88.27 8.97
CA THR A 575 29.60 -87.77 10.32
C THR A 575 28.37 -87.01 10.77
N ILE A 576 28.03 -87.12 12.04
CA ILE A 576 26.80 -86.52 12.53
C ILE A 576 27.01 -85.07 12.90
N SER A 577 25.89 -84.34 12.91
CA SER A 577 25.75 -83.05 13.55
C SER A 577 24.43 -83.05 14.30
N VAL A 578 24.26 -82.04 15.16
CA VAL A 578 23.01 -81.84 15.89
C VAL A 578 22.52 -80.41 15.69
N GLN A 579 21.21 -80.26 15.60
CA GLN A 579 20.58 -78.98 15.34
C GLN A 579 19.45 -78.75 16.32
N VAL A 580 19.30 -77.54 16.80
CA VAL A 580 18.27 -77.22 17.77
C VAL A 580 17.15 -76.47 17.07
N GLU A 581 15.92 -76.79 17.43
CA GLU A 581 14.75 -76.14 16.85
C GLU A 581 13.78 -75.81 17.97
N TYR A 582 13.29 -74.58 18.01
CA TYR A 582 12.37 -74.16 19.07
C TYR A 582 10.95 -74.04 18.57
N LEU A 583 10.01 -74.61 19.32
CA LEU A 583 8.59 -74.40 19.06
C LEU A 583 7.89 -73.87 20.30
N GLN A 584 7.01 -72.89 20.12
CA GLN A 584 6.24 -72.35 21.23
C GLN A 584 5.07 -73.25 21.53
N ILE A 585 4.87 -73.57 22.80
CA ILE A 585 3.79 -74.45 23.21
C ILE A 585 2.65 -73.69 23.86
N THR A 586 2.93 -72.76 24.77
CA THR A 586 1.83 -72.12 25.48
C THR A 586 2.13 -70.68 25.84
N SER A 587 1.12 -69.84 25.74
CA SER A 587 1.12 -68.57 26.43
C SER A 587 0.86 -68.81 27.90
N THR A 588 0.90 -67.75 28.70
CA THR A 588 0.46 -67.80 30.08
C THR A 588 -0.90 -67.15 30.21
N PRO A 589 -1.94 -67.87 30.62
CA PRO A 589 -3.27 -67.28 30.63
C PRO A 589 -3.33 -66.06 31.52
N ILE A 590 -4.07 -65.06 31.09
CA ILE A 590 -4.28 -63.86 31.88
C ILE A 590 -5.75 -63.70 32.13
N VAL A 591 -6.10 -63.16 33.28
CA VAL A 591 -7.46 -62.77 33.57
C VAL A 591 -7.49 -61.34 34.03
N VAL A 592 -8.56 -60.63 33.70
CA VAL A 592 -8.78 -59.26 34.12
C VAL A 592 -10.07 -59.21 34.91
N ASP A 593 -10.16 -58.25 35.80
CA ASP A 593 -11.38 -57.95 36.54
C ASP A 593 -11.86 -56.57 36.13
N CYS A 594 -13.06 -56.50 35.57
CA CYS A 594 -13.52 -55.24 35.00
C CYS A 594 -13.54 -54.13 36.04
N SER A 595 -14.42 -54.27 37.04
CA SER A 595 -14.76 -53.15 37.90
C SER A 595 -13.54 -52.60 38.61
N THR A 596 -12.62 -53.46 39.03
CA THR A 596 -11.46 -52.98 39.74
C THR A 596 -10.54 -52.18 38.83
N TYR A 597 -10.40 -52.62 37.59
CA TYR A 597 -9.57 -51.89 36.65
C TYR A 597 -10.21 -50.55 36.34
N VAL A 598 -11.45 -50.58 35.86
CA VAL A 598 -12.07 -49.35 35.38
C VAL A 598 -12.27 -48.33 36.50
N CYS A 599 -12.94 -48.72 37.57
CA CYS A 599 -13.26 -47.74 38.60
C CYS A 599 -12.19 -47.55 39.65
N ASN A 600 -11.12 -48.34 39.64
CA ASN A 600 -10.05 -48.21 40.63
C ASN A 600 -10.58 -48.21 42.05
N GLY A 601 -11.74 -48.83 42.25
CA GLY A 601 -12.26 -49.02 43.59
C GLY A 601 -13.05 -47.88 44.18
N ASN A 602 -13.33 -46.83 43.42
CA ASN A 602 -14.24 -45.82 43.91
C ASN A 602 -15.66 -46.36 43.88
N VAL A 603 -16.32 -46.34 45.03
CA VAL A 603 -17.63 -46.98 45.13
C VAL A 603 -18.66 -46.27 44.24
N ARG A 604 -18.58 -44.95 44.13
CA ARG A 604 -19.54 -44.26 43.29
C ARG A 604 -19.33 -44.56 41.81
N CYS A 605 -18.08 -44.68 41.37
CA CYS A 605 -17.86 -45.08 39.99
C CYS A 605 -18.47 -46.45 39.71
N VAL A 606 -18.29 -47.40 40.63
CA VAL A 606 -18.88 -48.71 40.44
C VAL A 606 -20.39 -48.63 40.42
N GLU A 607 -20.97 -47.75 41.24
CA GLU A 607 -22.42 -47.58 41.16
C GLU A 607 -22.83 -47.00 39.82
N LEU A 608 -21.94 -46.27 39.17
CA LEU A 608 -22.26 -45.73 37.86
C LEU A 608 -22.01 -46.71 36.74
N LEU A 609 -21.12 -47.67 36.94
CA LEU A 609 -20.80 -48.61 35.89
C LEU A 609 -21.95 -49.56 35.61
N LYS A 610 -22.87 -49.73 36.55
CA LYS A 610 -24.04 -50.57 36.30
C LYS A 610 -24.81 -50.12 35.07
N GLN A 611 -24.70 -48.85 34.67
CA GLN A 611 -25.44 -48.39 33.52
C GLN A 611 -24.90 -48.92 32.20
N TYR A 612 -23.67 -49.42 32.19
CA TYR A 612 -23.13 -50.02 30.97
C TYR A 612 -23.45 -51.51 30.98
N THR A 613 -24.72 -51.80 30.74
CA THR A 613 -25.24 -53.15 30.82
C THR A 613 -24.39 -54.14 30.05
N SER A 614 -24.10 -55.27 30.68
CA SER A 614 -23.28 -56.33 30.12
C SER A 614 -21.92 -55.90 29.61
N ALA A 615 -21.51 -54.67 29.91
CA ALA A 615 -20.27 -54.21 29.33
C ALA A 615 -19.09 -54.91 29.96
N CYS A 616 -19.20 -55.31 31.22
CA CYS A 616 -18.13 -56.09 31.81
C CYS A 616 -18.22 -57.55 31.38
N LYS A 617 -19.38 -58.17 31.51
CA LYS A 617 -19.53 -59.59 31.23
C LYS A 617 -18.85 -60.06 29.96
N THR A 618 -19.07 -59.35 28.86
CA THR A 618 -18.59 -59.87 27.60
C THR A 618 -17.09 -59.79 27.47
N ILE A 619 -16.42 -58.96 28.25
CA ILE A 619 -14.97 -59.00 28.26
C ILE A 619 -14.47 -60.19 29.07
N GLU A 620 -14.76 -60.19 30.36
CA GLU A 620 -14.12 -61.18 31.20
C GLU A 620 -14.52 -62.59 30.78
N ASP A 621 -15.70 -62.76 30.21
CA ASP A 621 -16.03 -64.10 29.70
C ASP A 621 -15.13 -64.49 28.55
N ALA A 622 -14.81 -63.55 27.68
CA ALA A 622 -13.95 -63.88 26.56
C ALA A 622 -12.54 -64.13 27.02
N LEU A 623 -12.17 -63.69 28.20
CA LEU A 623 -10.89 -64.13 28.72
C LEU A 623 -10.96 -65.45 29.47
N ARG A 624 -11.95 -65.64 30.32
CA ARG A 624 -12.03 -66.88 31.07
C ARG A 624 -12.16 -68.08 30.16
N ASN A 625 -13.03 -68.01 29.16
CA ASN A 625 -13.22 -69.19 28.34
C ASN A 625 -11.95 -69.55 27.58
N SER A 626 -11.23 -68.56 27.09
CA SER A 626 -9.99 -68.90 26.40
C SER A 626 -8.96 -69.49 27.35
N ALA A 627 -8.85 -68.94 28.56
CA ALA A 627 -7.94 -69.53 29.53
C ALA A 627 -8.30 -70.98 29.81
N ARG A 628 -9.59 -71.26 29.96
CA ARG A 628 -10.02 -72.62 30.16
C ARG A 628 -9.58 -73.52 29.02
N LEU A 629 -9.77 -73.05 27.79
CA LEU A 629 -9.39 -73.88 26.66
C LEU A 629 -7.89 -74.13 26.64
N GLU A 630 -7.11 -73.12 26.95
CA GLU A 630 -5.66 -73.31 26.99
C GLU A 630 -5.25 -74.33 28.03
N SER A 631 -5.84 -74.25 29.23
CA SER A 631 -5.53 -75.22 30.26
C SER A 631 -5.87 -76.63 29.80
N ALA A 632 -7.09 -76.83 29.30
CA ALA A 632 -7.49 -78.18 28.96
C ALA A 632 -6.62 -78.73 27.84
N ASP A 633 -6.28 -77.87 26.89
CA ASP A 633 -5.54 -78.34 25.72
C ASP A 633 -4.13 -78.75 26.08
N VAL A 634 -3.38 -77.86 26.73
CA VAL A 634 -2.01 -78.23 27.05
C VAL A 634 -1.97 -79.37 28.04
N SER A 635 -2.75 -79.30 29.11
CA SER A 635 -2.61 -80.34 30.11
C SER A 635 -3.08 -81.68 29.61
N GLU A 636 -3.92 -81.73 28.60
CA GLU A 636 -4.22 -83.02 28.00
C GLU A 636 -3.13 -83.46 27.03
N MET A 637 -2.40 -82.52 26.43
CA MET A 637 -1.32 -82.93 25.55
C MET A 637 -0.19 -83.60 26.32
N LEU A 638 0.20 -83.01 27.45
CA LEU A 638 1.22 -83.59 28.31
C LEU A 638 0.88 -85.03 28.73
N THR A 639 1.88 -85.90 28.74
CA THR A 639 1.68 -87.32 28.89
C THR A 639 2.84 -87.92 29.70
N PHE A 640 2.56 -89.00 30.43
CA PHE A 640 3.58 -89.64 31.25
C PHE A 640 3.36 -91.15 31.33
N ASP A 641 4.48 -91.87 31.42
CA ASP A 641 4.47 -93.30 31.76
C ASP A 641 5.79 -93.62 32.45
N LYS A 642 5.70 -94.00 33.74
CA LYS A 642 6.90 -94.31 34.51
C LYS A 642 7.68 -95.47 33.94
N LYS A 643 6.99 -96.46 33.37
CA LYS A 643 7.69 -97.60 32.79
C LYS A 643 8.60 -97.19 31.65
N ALA A 644 8.32 -96.07 31.00
CA ALA A 644 9.29 -95.45 30.12
C ALA A 644 10.29 -94.63 30.92
N PHE A 645 9.78 -93.81 31.86
CA PHE A 645 10.62 -92.89 32.61
C PHE A 645 11.87 -93.58 33.15
N THR A 646 11.71 -94.81 33.64
CA THR A 646 12.79 -95.51 34.32
C THR A 646 14.00 -95.75 33.44
N LEU A 647 13.87 -95.68 32.12
CA LEU A 647 15.04 -95.85 31.27
C LEU A 647 15.83 -94.57 31.07
N ALA A 648 15.37 -93.44 31.58
CA ALA A 648 16.01 -92.17 31.30
C ALA A 648 17.31 -91.93 32.06
N ASN A 649 17.83 -92.92 32.78
CA ASN A 649 19.15 -92.76 33.38
C ASN A 649 20.24 -92.81 32.31
N VAL A 650 21.30 -92.02 32.52
CA VAL A 650 22.41 -91.98 31.57
C VAL A 650 23.02 -93.36 31.37
N SER A 651 22.90 -94.24 32.36
CA SER A 651 23.34 -95.63 32.20
C SER A 651 22.78 -96.24 30.93
N SER A 652 21.56 -95.90 30.59
CA SER A 652 20.96 -96.42 29.38
C SER A 652 21.62 -95.92 28.10
N PHE A 653 22.80 -95.31 28.02
CA PHE A 653 23.34 -94.93 26.72
C PHE A 653 24.83 -95.19 26.54
N GLY A 654 25.50 -95.72 27.55
CA GLY A 654 26.90 -96.07 27.40
C GLY A 654 27.78 -94.89 27.07
N ASP A 655 28.43 -94.94 25.91
CA ASP A 655 29.36 -93.89 25.49
C ASP A 655 28.67 -92.66 24.91
N TYR A 656 27.39 -92.75 24.55
CA TYR A 656 26.66 -91.55 24.16
C TYR A 656 26.32 -90.78 25.42
N ASN A 657 27.07 -89.69 25.66
CA ASN A 657 27.13 -89.02 26.95
C ASN A 657 26.04 -87.95 27.00
N LEU A 658 24.81 -88.42 27.18
CA LEU A 658 23.62 -87.59 27.33
C LEU A 658 23.52 -86.88 28.67
N SER A 659 24.65 -86.79 29.38
CA SER A 659 24.67 -86.22 30.73
C SER A 659 23.87 -84.93 30.85
N SER A 660 23.93 -84.09 29.83
CA SER A 660 23.31 -82.78 29.95
C SER A 660 21.80 -82.75 29.72
N VAL A 661 21.22 -83.77 29.10
CA VAL A 661 19.85 -83.67 28.63
C VAL A 661 18.85 -84.44 29.47
N ILE A 662 19.28 -85.39 30.29
CA ILE A 662 18.36 -86.12 31.15
C ILE A 662 17.74 -85.18 32.18
N PRO A 663 16.53 -85.46 32.66
CA PRO A 663 15.96 -84.69 33.78
C PRO A 663 16.72 -84.97 35.07
N SER A 664 17.35 -83.94 35.62
CA SER A 664 18.16 -84.11 36.81
C SER A 664 17.31 -84.38 38.04
N LEU A 665 17.98 -84.90 39.08
CA LEU A 665 17.33 -85.45 40.25
C LEU A 665 16.64 -84.34 41.05
N PRO A 666 15.53 -84.67 41.74
CA PRO A 666 14.87 -83.71 42.62
C PRO A 666 15.72 -83.34 43.83
N ARG A 671 9.44 -83.53 45.49
CA ARG A 671 9.61 -83.29 44.06
C ARG A 671 10.17 -84.51 43.35
N VAL A 672 9.98 -84.56 42.04
CA VAL A 672 10.35 -85.73 41.25
C VAL A 672 11.34 -85.41 40.14
N ALA A 673 11.48 -84.15 39.73
CA ALA A 673 12.43 -83.81 38.68
C ALA A 673 12.95 -82.40 38.92
N GLY A 674 14.10 -82.11 38.33
CA GLY A 674 14.78 -80.87 38.60
C GLY A 674 15.58 -80.32 37.46
N ARG A 675 15.03 -80.43 36.24
CA ARG A 675 15.54 -79.74 35.05
C ARG A 675 16.88 -80.29 34.58
N SER A 676 17.15 -80.19 33.28
CA SER A 676 18.48 -80.45 32.76
C SER A 676 19.31 -79.19 32.83
N ALA A 677 20.63 -79.37 32.74
CA ALA A 677 21.52 -78.23 32.72
C ALA A 677 21.27 -77.36 31.49
N ILE A 678 20.83 -77.97 30.39
CA ILE A 678 20.54 -77.20 29.18
C ILE A 678 19.40 -76.23 29.42
N GLU A 679 18.32 -76.72 30.02
CA GLU A 679 17.19 -75.84 30.27
C GLU A 679 17.52 -74.85 31.38
N ASP A 680 18.33 -75.25 32.34
CA ASP A 680 18.84 -74.28 33.30
C ASP A 680 19.57 -73.14 32.60
N ILE A 681 20.42 -73.47 31.64
CA ILE A 681 21.15 -72.43 30.91
C ILE A 681 20.17 -71.52 30.19
N LEU A 682 19.23 -72.11 29.46
CA LEU A 682 18.23 -71.31 28.76
C LEU A 682 17.52 -70.36 29.71
N PHE A 683 17.05 -70.88 30.83
CA PHE A 683 16.33 -70.06 31.79
C PHE A 683 17.20 -68.95 32.34
N SER A 684 18.51 -69.16 32.38
CA SER A 684 19.39 -68.08 32.80
C SER A 684 19.68 -67.08 31.69
N LYS A 685 19.74 -67.53 30.44
CA LYS A 685 20.14 -66.66 29.35
C LYS A 685 19.04 -65.71 28.92
N ILE A 686 17.79 -66.14 28.97
CA ILE A 686 16.68 -65.28 28.60
C ILE A 686 16.33 -64.37 29.76
N VAL A 687 16.28 -63.07 29.49
CA VAL A 687 16.08 -62.05 30.50
C VAL A 687 14.63 -61.59 30.49
N THR A 688 14.02 -61.56 31.67
CA THR A 688 12.66 -61.09 31.80
C THR A 688 12.58 -59.60 31.48
N SER A 689 11.38 -59.17 31.11
CA SER A 689 11.16 -57.83 30.58
C SER A 689 10.55 -56.95 31.65
N GLY A 690 11.19 -55.82 31.92
CA GLY A 690 10.66 -54.82 32.83
C GLY A 690 9.40 -54.14 32.39
N LEU A 691 8.90 -54.43 31.18
CA LEU A 691 7.62 -53.91 30.75
C LEU A 691 6.45 -54.61 31.44
N GLY A 692 6.65 -55.84 31.91
CA GLY A 692 5.62 -56.54 32.64
C GLY A 692 6.03 -57.95 32.99
N THR A 693 5.93 -58.31 34.25
CA THR A 693 6.26 -59.66 34.67
C THR A 693 5.18 -60.62 34.17
N VAL A 694 5.58 -61.86 33.92
CA VAL A 694 4.71 -62.86 33.32
C VAL A 694 4.53 -64.08 34.21
N ASP A 695 5.07 -64.06 35.42
CA ASP A 695 4.65 -64.99 36.46
C ASP A 695 4.71 -64.29 37.80
N ALA A 696 3.67 -64.46 38.61
CA ALA A 696 3.54 -63.69 39.82
C ALA A 696 3.20 -64.59 41.00
N ASP A 697 3.41 -64.07 42.20
CA ASP A 697 3.21 -64.81 43.44
C ASP A 697 2.48 -63.90 44.40
N TYR A 698 1.20 -64.16 44.61
CA TYR A 698 0.32 -63.17 45.22
C TYR A 698 0.31 -63.20 46.73
N LYS A 699 0.78 -64.28 47.36
CA LYS A 699 0.47 -64.49 48.77
C LYS A 699 1.07 -63.43 49.67
N ASN A 700 2.21 -62.85 49.32
CA ASN A 700 2.77 -61.76 50.10
C ASN A 700 2.19 -60.39 49.77
N CYS A 701 1.25 -60.31 48.84
CA CYS A 701 0.94 -59.02 48.21
C CYS A 701 0.38 -58.02 49.20
N THR A 702 -0.58 -58.44 50.02
CA THR A 702 -1.27 -57.51 50.91
C THR A 702 -0.58 -57.32 52.25
N LYS A 703 0.63 -57.85 52.43
CA LYS A 703 1.24 -57.78 53.74
C LYS A 703 1.84 -56.40 54.02
N GLY A 704 2.17 -55.65 52.98
CA GLY A 704 2.64 -54.28 53.13
C GLY A 704 4.06 -54.13 53.61
N LEU A 705 4.74 -55.22 53.97
CA LEU A 705 6.09 -55.11 54.52
C LEU A 705 7.01 -54.32 53.61
N SER A 706 6.81 -54.38 52.30
CA SER A 706 7.64 -53.66 51.35
C SER A 706 6.77 -52.94 50.34
N ILE A 707 7.39 -51.98 49.64
CA ILE A 707 6.77 -51.48 48.42
C ILE A 707 6.64 -52.62 47.42
N ALA A 708 5.52 -52.64 46.71
CA ALA A 708 5.22 -53.73 45.79
C ALA A 708 6.22 -53.82 44.64
N ASP A 709 6.62 -55.05 44.33
CA ASP A 709 7.29 -55.32 43.06
C ASP A 709 6.26 -55.30 41.93
N LEU A 710 6.77 -55.41 40.70
CA LEU A 710 5.92 -55.20 39.54
C LEU A 710 4.72 -56.13 39.50
N ALA A 711 4.82 -57.32 40.09
CA ALA A 711 3.68 -58.22 40.06
C ALA A 711 2.53 -57.66 40.87
N CYS A 712 2.80 -57.06 42.01
CA CYS A 712 1.68 -56.52 42.76
C CYS A 712 1.24 -55.18 42.24
N ALA A 713 2.13 -54.44 41.59
CA ALA A 713 1.65 -53.25 40.88
C ALA A 713 0.60 -53.63 39.87
N GLN A 714 0.82 -54.69 39.10
CA GLN A 714 -0.25 -55.14 38.22
C GLN A 714 -1.46 -55.58 39.01
N TYR A 715 -1.25 -56.39 40.04
CA TYR A 715 -2.40 -56.96 40.73
C TYR A 715 -3.30 -55.90 41.34
N TYR A 716 -2.77 -54.74 41.70
CA TYR A 716 -3.67 -53.69 42.15
C TYR A 716 -4.52 -53.09 41.04
N ASN A 717 -4.31 -53.46 39.79
CA ASN A 717 -5.21 -53.07 38.73
C ASN A 717 -6.08 -54.21 38.24
N GLY A 718 -6.23 -55.26 39.05
CA GLY A 718 -7.07 -56.37 38.63
C GLY A 718 -6.50 -57.23 37.55
N ILE A 719 -5.36 -56.87 36.96
CA ILE A 719 -4.69 -57.78 36.03
C ILE A 719 -4.10 -58.90 36.86
N MET A 720 -4.60 -60.12 36.69
CA MET A 720 -4.24 -61.24 37.54
C MET A 720 -3.59 -62.33 36.71
N VAL A 721 -2.28 -62.25 36.52
CA VAL A 721 -1.57 -63.30 35.79
C VAL A 721 -1.78 -64.64 36.49
N LEU A 722 -2.33 -65.60 35.77
CA LEU A 722 -2.57 -66.90 36.37
C LEU A 722 -1.31 -67.75 36.32
N PRO A 723 -1.16 -68.71 37.23
CA PRO A 723 -0.06 -69.66 37.14
C PRO A 723 -0.05 -70.42 35.83
N GLY A 724 1.15 -70.56 35.25
CA GLY A 724 1.29 -71.25 33.99
C GLY A 724 0.79 -72.69 34.06
N VAL A 725 0.24 -73.16 32.94
CA VAL A 725 -0.32 -74.50 32.89
C VAL A 725 0.78 -75.55 32.98
N ALA A 726 1.81 -75.41 32.15
CA ALA A 726 2.91 -76.35 32.10
C ALA A 726 3.95 -75.95 33.14
N ASP A 727 3.83 -76.50 34.33
CA ASP A 727 4.85 -76.25 35.33
C ASP A 727 6.16 -76.90 34.92
N ALA A 728 7.26 -76.26 35.32
CA ALA A 728 8.59 -76.78 35.01
C ALA A 728 8.75 -78.23 35.45
N GLU A 729 8.13 -78.62 36.56
CA GLU A 729 8.21 -80.00 36.99
C GLU A 729 7.54 -80.93 36.00
N ARG A 730 6.33 -80.62 35.56
CA ARG A 730 5.67 -81.48 34.58
C ARG A 730 6.43 -81.51 33.26
N MET A 731 6.95 -80.36 32.83
CA MET A 731 7.72 -80.35 31.60
C MET A 731 8.92 -81.27 31.72
N ALA A 732 9.63 -81.21 32.85
CA ALA A 732 10.78 -82.07 33.05
C ALA A 732 10.37 -83.53 33.05
N MET A 733 9.31 -83.86 33.76
CA MET A 733 8.89 -85.25 33.87
C MET A 733 8.44 -85.81 32.52
N TYR A 734 7.68 -85.04 31.76
CA TYR A 734 7.29 -85.46 30.42
C TYR A 734 8.49 -85.65 29.51
N THR A 735 9.38 -84.66 29.45
CA THR A 735 10.58 -84.79 28.64
C THR A 735 11.40 -86.01 29.01
N GLY A 736 11.59 -86.22 30.31
CA GLY A 736 12.25 -87.43 30.77
C GLY A 736 11.55 -88.69 30.29
N SER A 737 10.23 -88.68 30.29
CA SER A 737 9.51 -89.85 29.80
C SER A 737 9.77 -90.07 28.32
N LEU A 738 9.90 -88.98 27.55
CA LEU A 738 10.18 -89.15 26.12
C LEU A 738 11.59 -89.70 25.89
N ILE A 739 12.57 -89.17 26.61
CA ILE A 739 13.92 -89.72 26.50
C ILE A 739 13.92 -91.20 26.87
N GLY A 740 13.28 -91.55 27.99
CA GLY A 740 13.20 -92.95 28.37
C GLY A 740 12.53 -93.80 27.31
N GLY A 741 11.54 -93.23 26.62
CA GLY A 741 10.97 -93.92 25.48
C GLY A 741 11.99 -94.13 24.39
N ILE A 742 12.92 -93.19 24.22
CA ILE A 742 13.96 -93.37 23.21
C ILE A 742 15.02 -94.35 23.64
N ALA A 743 15.13 -94.65 24.93
CA ALA A 743 16.15 -95.59 25.39
C ALA A 743 15.77 -97.04 25.11
N LEU A 744 14.94 -97.28 24.10
CA LEU A 744 14.42 -98.61 23.89
C LEU A 744 14.19 -98.88 22.41
N PRO A 754 21.71 -103.22 24.45
CA PRO A 754 20.76 -103.28 23.34
C PRO A 754 20.29 -101.91 22.92
N PHE A 755 20.18 -100.97 23.85
CA PHE A 755 19.90 -99.59 23.49
C PHE A 755 21.02 -99.01 22.65
N SER A 756 22.27 -99.18 23.11
CA SER A 756 23.41 -98.77 22.31
C SER A 756 23.46 -99.57 21.02
N LEU A 757 23.15 -100.86 21.10
CA LEU A 757 23.17 -101.70 19.91
C LEU A 757 22.04 -101.32 18.95
N ALA A 758 20.90 -100.91 19.49
CA ALA A 758 19.80 -100.48 18.62
C ALA A 758 20.12 -99.18 17.92
N ILE A 759 20.63 -98.18 18.65
CA ILE A 759 21.00 -96.94 17.99
C ILE A 759 22.15 -97.15 17.03
N GLN A 760 23.05 -98.09 17.34
CA GLN A 760 24.05 -98.51 16.36
C GLN A 760 23.41 -99.11 15.13
N ALA A 761 22.43 -99.98 15.31
CA ALA A 761 21.73 -100.57 14.17
C ALA A 761 21.10 -99.50 13.30
N ARG A 762 20.49 -98.50 13.94
CA ARG A 762 19.99 -97.35 13.19
C ARG A 762 21.10 -96.68 12.39
N LEU A 763 22.24 -96.44 13.04
CA LEU A 763 23.36 -95.80 12.37
C LEU A 763 23.89 -96.63 11.22
N ASN A 764 23.76 -97.95 11.33
CA ASN A 764 24.13 -98.84 10.23
C ASN A 764 23.12 -98.76 9.10
N TYR A 765 21.84 -98.72 9.44
CA TYR A 765 20.77 -98.97 8.49
C TYR A 765 20.83 -98.03 7.30
N VAL A 766 21.28 -96.79 7.52
CA VAL A 766 21.38 -95.86 6.39
C VAL A 766 22.34 -96.37 5.32
N ALA A 767 23.39 -97.11 5.72
CA ALA A 767 24.23 -97.80 4.74
C ALA A 767 24.94 -98.97 5.42
N LEU A 768 24.32 -100.14 5.36
CA LEU A 768 24.95 -101.34 5.88
C LEU A 768 26.25 -101.64 5.14
N GLN A 769 27.18 -102.28 5.85
CA GLN A 769 28.56 -102.51 5.42
C GLN A 769 29.33 -101.21 5.23
N THR A 770 28.69 -100.18 4.67
CA THR A 770 29.34 -98.89 4.53
C THR A 770 29.39 -98.17 5.89
N ASP A 771 28.28 -98.20 6.63
CA ASP A 771 28.15 -97.47 7.88
C ASP A 771 28.09 -98.37 9.10
N VAL A 772 28.02 -99.69 8.93
CA VAL A 772 27.98 -100.62 10.05
C VAL A 772 29.30 -100.64 10.81
N LEU A 773 30.39 -100.18 10.20
CA LEU A 773 31.73 -100.38 10.74
C LEU A 773 31.84 -99.94 12.19
N GLN A 774 32.25 -100.89 13.05
CA GLN A 774 32.35 -100.61 14.48
C GLN A 774 33.38 -99.52 14.78
N GLU A 775 34.43 -99.42 13.98
CA GLU A 775 35.34 -98.29 14.11
C GLU A 775 34.60 -97.00 13.82
N ASN A 776 33.81 -97.00 12.75
CA ASN A 776 32.92 -95.87 12.49
C ASN A 776 31.96 -95.66 13.64
N GLN A 777 31.41 -96.75 14.18
CA GLN A 777 30.46 -96.62 15.29
C GLN A 777 31.07 -95.84 16.45
N LYS A 778 32.25 -96.26 16.90
CA LYS A 778 32.87 -95.57 18.04
C LYS A 778 33.31 -94.16 17.67
N ILE A 779 33.76 -93.95 16.44
CA ILE A 779 34.12 -92.60 16.02
C ILE A 779 32.90 -91.70 16.00
N LEU A 780 31.79 -92.20 15.49
CA LEU A 780 30.55 -91.45 15.47
C LEU A 780 30.09 -91.12 16.88
N ALA A 781 30.20 -92.07 17.82
CA ALA A 781 29.85 -91.79 19.20
C ALA A 781 30.70 -90.65 19.77
N ALA A 782 32.00 -90.71 19.52
CA ALA A 782 32.86 -89.60 19.94
C ALA A 782 32.39 -88.30 19.30
N SER A 783 32.02 -88.36 18.02
CA SER A 783 31.55 -87.17 17.34
C SER A 783 30.24 -86.66 17.93
N PHE A 784 29.40 -87.57 18.43
CA PHE A 784 28.20 -87.15 19.14
C PHE A 784 28.55 -86.36 20.38
N ASN A 785 29.48 -86.88 21.17
CA ASN A 785 29.86 -86.16 22.38
C ASN A 785 30.48 -84.81 22.05
N LYS A 786 31.34 -84.76 21.03
CA LYS A 786 31.91 -83.47 20.64
C LYS A 786 30.84 -82.50 20.14
N ALA A 787 29.85 -83.00 19.39
CA ALA A 787 28.74 -82.16 18.97
C ALA A 787 27.99 -81.58 20.16
N MET A 788 27.72 -82.40 21.16
CA MET A 788 27.07 -81.88 22.36
C MET A 788 27.93 -80.86 23.07
N THR A 789 29.25 -81.05 23.08
CA THR A 789 30.12 -80.02 23.61
C THR A 789 29.97 -78.74 22.84
N ASN A 790 29.89 -78.84 21.51
CA ASN A 790 29.78 -77.65 20.68
C ASN A 790 28.49 -76.91 20.94
N ILE A 791 27.37 -77.63 21.02
CA ILE A 791 26.11 -76.95 21.28
C ILE A 791 26.12 -76.30 22.65
N VAL A 792 26.65 -76.97 23.67
CA VAL A 792 26.66 -76.33 24.98
C VAL A 792 27.53 -75.08 24.94
N ASP A 793 28.66 -75.15 24.26
CA ASP A 793 29.47 -73.96 24.07
C ASP A 793 28.68 -72.86 23.38
N ALA A 794 27.89 -73.23 22.38
CA ALA A 794 27.12 -72.23 21.64
C ALA A 794 26.03 -71.62 22.49
N PHE A 795 25.45 -72.40 23.40
CA PHE A 795 24.46 -71.86 24.31
C PHE A 795 25.10 -70.94 25.33
N THR A 796 26.27 -71.30 25.81
CA THR A 796 26.92 -70.49 26.83
C THR A 796 27.52 -69.23 26.23
N GLY A 797 28.18 -69.38 25.09
CA GLY A 797 28.59 -68.22 24.32
C GLY A 797 27.39 -67.64 23.60
N THR A 805 30.56 -74.66 11.96
CA THR A 805 29.90 -74.26 13.20
C THR A 805 28.49 -73.77 12.90
N SER A 806 28.25 -73.48 11.62
CA SER A 806 27.02 -72.78 11.24
C SER A 806 25.79 -73.58 11.64
N GLN A 807 25.81 -74.90 11.40
CA GLN A 807 24.64 -75.71 11.70
C GLN A 807 24.42 -75.81 13.20
N ALA A 808 25.48 -75.65 13.99
CA ALA A 808 25.32 -75.39 15.42
C ALA A 808 24.95 -73.94 15.70
N LEU A 809 25.90 -73.03 15.46
CA LEU A 809 25.81 -71.68 16.01
C LEU A 809 24.64 -70.90 15.44
N GLN A 810 24.35 -71.06 14.15
CA GLN A 810 23.21 -70.36 13.60
C GLN A 810 21.91 -70.83 14.22
N THR A 811 21.78 -72.13 14.45
CA THR A 811 20.54 -72.61 15.05
C THR A 811 20.42 -72.16 16.49
N VAL A 812 21.53 -72.16 17.24
CA VAL A 812 21.47 -71.66 18.61
C VAL A 812 21.10 -70.20 18.63
N ALA A 813 21.71 -69.40 17.76
CA ALA A 813 21.38 -67.99 17.68
C ALA A 813 19.91 -67.80 17.34
N THR A 814 19.41 -68.53 16.36
CA THR A 814 18.00 -68.42 15.99
C THR A 814 17.09 -68.80 17.14
N ALA A 815 17.43 -69.84 17.87
CA ALA A 815 16.58 -70.25 18.99
C ALA A 815 16.54 -69.18 20.07
N LEU A 816 17.71 -68.75 20.55
CA LEU A 816 17.73 -67.73 21.59
C LEU A 816 17.02 -66.47 21.13
N ASN A 817 17.24 -66.05 19.89
CA ASN A 817 16.52 -64.92 19.34
C ASN A 817 15.02 -65.10 19.45
N LYS A 818 14.51 -66.22 18.95
CA LYS A 818 13.07 -66.42 18.95
C LYS A 818 12.50 -66.38 20.37
N ILE A 819 13.22 -66.98 21.32
CA ILE A 819 12.73 -66.98 22.70
C ILE A 819 12.66 -65.56 23.25
N GLN A 820 13.69 -64.76 22.98
CA GLN A 820 13.65 -63.41 23.49
C GLN A 820 12.57 -62.60 22.81
N ASP A 821 12.28 -62.92 21.56
CA ASP A 821 11.18 -62.23 20.88
C ASP A 821 9.86 -62.50 21.57
N VAL A 822 9.63 -63.76 21.95
CA VAL A 822 8.35 -64.11 22.56
C VAL A 822 8.16 -63.40 23.91
N VAL A 823 9.20 -63.41 24.75
CA VAL A 823 8.99 -62.72 26.03
C VAL A 823 8.86 -61.22 25.83
N ASN A 824 9.51 -60.65 24.82
CA ASN A 824 9.33 -59.22 24.59
C ASN A 824 7.90 -58.92 24.14
N GLN A 825 7.33 -59.80 23.32
CA GLN A 825 5.97 -59.58 22.87
C GLN A 825 5.00 -59.55 24.05
N GLN A 826 5.12 -60.52 24.94
CA GLN A 826 4.17 -60.55 26.05
C GLN A 826 4.33 -59.34 26.95
N GLY A 827 5.58 -58.98 27.25
CA GLY A 827 5.78 -57.76 28.02
C GLY A 827 5.15 -56.55 27.38
N ASN A 828 5.32 -56.40 26.07
CA ASN A 828 4.72 -55.26 25.40
C ASN A 828 3.21 -55.24 25.58
N SER A 829 2.57 -56.38 25.43
CA SER A 829 1.11 -56.39 25.52
C SER A 829 0.66 -55.93 26.90
N LEU A 830 1.28 -56.45 27.95
CA LEU A 830 0.84 -56.05 29.28
C LEU A 830 1.15 -54.60 29.58
N ASN A 831 2.29 -54.10 29.12
CA ASN A 831 2.61 -52.70 29.37
C ASN A 831 1.63 -51.76 28.70
N HIS A 832 1.30 -52.04 27.44
CA HIS A 832 0.30 -51.24 26.74
C HIS A 832 -0.99 -51.18 27.54
N LEU A 833 -1.53 -52.35 27.87
CA LEU A 833 -2.77 -52.34 28.65
C LEU A 833 -2.63 -51.53 29.93
N THR A 834 -1.62 -51.82 30.73
CA THR A 834 -1.59 -51.19 32.04
C THR A 834 -1.16 -49.75 31.98
N SER A 835 -0.86 -49.23 30.81
CA SER A 835 -0.48 -47.84 30.71
C SER A 835 -1.56 -46.97 30.11
N GLN A 836 -2.42 -47.54 29.27
CA GLN A 836 -3.64 -46.81 28.91
C GLN A 836 -4.32 -46.26 30.14
N LEU A 837 -4.22 -46.98 31.25
CA LEU A 837 -4.84 -46.58 32.50
C LEU A 837 -4.38 -45.23 33.01
N ARG A 838 -3.27 -44.71 32.50
CA ARG A 838 -2.74 -43.46 32.98
C ARG A 838 -3.28 -42.24 32.24
N GLN A 839 -3.74 -42.40 31.02
CA GLN A 839 -4.15 -41.28 30.19
C GLN A 839 -5.52 -40.75 30.64
N ASN A 840 -5.75 -39.47 30.41
CA ASN A 840 -6.92 -38.78 30.94
C ASN A 840 -8.15 -38.76 30.04
N PHE A 841 -8.06 -39.23 28.79
CA PHE A 841 -9.21 -39.31 27.88
C PHE A 841 -10.07 -38.07 27.91
N GLN A 842 -9.44 -36.91 27.86
CA GLN A 842 -10.12 -35.63 27.80
C GLN A 842 -10.92 -35.31 29.06
N ALA A 843 -10.76 -36.09 30.12
CA ALA A 843 -11.31 -35.69 31.40
C ALA A 843 -10.51 -34.54 31.98
N ILE A 844 -11.07 -33.93 33.02
CA ILE A 844 -10.34 -32.92 33.77
C ILE A 844 -9.06 -33.50 34.34
N SER A 845 -9.13 -34.74 34.81
CA SER A 845 -7.99 -35.38 35.45
C SER A 845 -8.10 -36.87 35.25
N SER A 846 -6.97 -37.55 35.25
CA SER A 846 -6.96 -38.99 35.13
C SER A 846 -7.20 -39.74 36.43
N SER A 847 -7.44 -39.05 37.55
CA SER A 847 -7.76 -39.73 38.80
C SER A 847 -9.22 -39.50 39.16
N ILE A 848 -9.96 -40.59 39.35
CA ILE A 848 -11.37 -40.49 39.68
C ILE A 848 -11.57 -39.78 41.02
N GLN A 849 -10.69 -40.04 41.98
CA GLN A 849 -10.84 -39.34 43.25
C GLN A 849 -10.65 -37.85 43.09
N ALA A 850 -9.78 -37.43 42.17
CA ALA A 850 -9.63 -36.00 41.94
C ALA A 850 -10.93 -35.39 41.42
N ILE A 851 -11.60 -36.08 40.51
CA ILE A 851 -12.84 -35.56 39.97
C ILE A 851 -13.87 -35.41 41.08
N TYR A 852 -14.15 -36.51 41.78
CA TYR A 852 -15.16 -36.38 42.83
C TYR A 852 -14.75 -35.42 43.94
N ASP A 853 -13.46 -35.11 44.09
CA ASP A 853 -13.09 -34.07 45.03
C ASP A 853 -13.41 -32.68 44.49
N ARG A 854 -13.12 -32.43 43.21
CA ARG A 854 -13.13 -31.05 42.75
C ARG A 854 -14.52 -30.53 42.42
N LEU A 855 -15.42 -31.36 41.92
CA LEU A 855 -16.68 -30.88 41.38
C LEU A 855 -17.85 -31.49 42.13
N ASP A 856 -19.03 -31.16 41.67
CA ASP A 856 -20.30 -31.59 42.24
C ASP A 856 -20.87 -32.74 41.43
N PRO A 857 -21.33 -33.80 42.10
CA PRO A 857 -21.61 -35.09 41.43
C PRO A 857 -22.32 -34.99 40.09
N PRO A 858 -23.35 -34.14 39.93
CA PRO A 858 -24.02 -34.11 38.63
C PRO A 858 -23.15 -33.72 37.46
N GLN A 859 -22.12 -32.91 37.67
CA GLN A 859 -21.18 -32.62 36.60
C GLN A 859 -19.98 -33.56 36.62
N ALA A 860 -19.59 -34.03 37.80
CA ALA A 860 -18.50 -34.98 37.87
C ALA A 860 -18.82 -36.26 37.14
N ASP A 861 -20.07 -36.70 37.20
CA ASP A 861 -20.47 -37.89 36.46
C ASP A 861 -20.24 -37.72 34.96
N GLN A 862 -20.80 -36.67 34.38
CA GLN A 862 -20.56 -36.48 32.95
C GLN A 862 -19.14 -36.04 32.67
N GLN A 863 -18.32 -35.91 33.69
CA GLN A 863 -16.88 -36.01 33.49
C GLN A 863 -16.44 -37.46 33.37
N VAL A 864 -16.66 -38.23 34.44
CA VAL A 864 -16.11 -39.57 34.59
C VAL A 864 -16.53 -40.51 33.48
N ASP A 865 -17.67 -40.26 32.85
CA ASP A 865 -18.06 -41.16 31.78
C ASP A 865 -17.07 -41.16 30.62
N ARG A 866 -16.22 -40.15 30.52
CA ARG A 866 -15.16 -40.21 29.53
C ARG A 866 -14.13 -41.25 29.91
N LEU A 867 -13.64 -41.19 31.14
CA LEU A 867 -12.70 -42.20 31.60
C LEU A 867 -13.29 -43.59 31.43
N ILE A 868 -14.50 -43.79 31.92
CA ILE A 868 -15.08 -45.12 31.82
C ILE A 868 -15.10 -45.61 30.39
N THR A 869 -15.46 -44.75 29.44
CA THR A 869 -15.48 -45.26 28.07
C THR A 869 -14.09 -45.54 27.55
N GLY A 870 -13.11 -44.73 27.93
CA GLY A 870 -11.76 -44.98 27.45
C GLY A 870 -11.15 -46.23 28.03
N ARG A 871 -11.39 -46.48 29.31
CA ARG A 871 -10.90 -47.70 29.93
C ARG A 871 -11.50 -48.90 29.24
N LEU A 872 -12.82 -48.91 29.08
CA LEU A 872 -13.45 -50.04 28.41
C LEU A 872 -12.86 -50.26 27.02
N ALA A 873 -12.61 -49.19 26.28
CA ALA A 873 -12.00 -49.37 24.96
C ALA A 873 -10.65 -50.06 25.05
N ALA A 874 -9.78 -49.59 25.95
CA ALA A 874 -8.45 -50.20 26.01
C ALA A 874 -8.54 -51.66 26.42
N LEU A 875 -9.39 -51.96 27.39
CA LEU A 875 -9.57 -53.33 27.82
C LEU A 875 -9.98 -54.19 26.65
N ASN A 876 -10.90 -53.69 25.83
CA ASN A 876 -11.39 -54.47 24.72
C ASN A 876 -10.40 -54.61 23.59
N VAL A 877 -9.37 -53.77 23.55
CA VAL A 877 -8.24 -54.06 22.68
C VAL A 877 -7.41 -55.21 23.25
N PHE A 878 -7.09 -55.12 24.53
CA PHE A 878 -6.25 -56.15 25.13
C PHE A 878 -6.86 -57.53 24.98
N VAL A 879 -8.17 -57.63 25.04
CA VAL A 879 -8.80 -58.91 24.76
C VAL A 879 -8.35 -59.44 23.41
N SER A 880 -8.40 -58.59 22.38
CA SER A 880 -8.02 -59.10 21.06
C SER A 880 -6.55 -59.46 20.99
N HIS A 881 -5.69 -58.81 21.75
CA HIS A 881 -4.32 -59.31 21.77
C HIS A 881 -4.29 -60.72 22.31
N THR A 882 -5.05 -60.98 23.35
CA THR A 882 -5.01 -62.32 23.93
C THR A 882 -5.55 -63.36 22.97
N LEU A 883 -6.69 -63.08 22.36
CA LEU A 883 -7.28 -64.10 21.49
C LEU A 883 -6.41 -64.37 20.27
N THR A 884 -5.79 -63.36 19.69
CA THR A 884 -4.90 -63.65 18.57
C THR A 884 -3.71 -64.48 19.02
N LYS A 885 -3.11 -64.12 20.15
CA LYS A 885 -1.98 -64.89 20.60
C LYS A 885 -2.34 -66.35 20.86
N TYR A 886 -3.55 -66.61 21.34
CA TYR A 886 -3.95 -68.00 21.55
C TYR A 886 -4.11 -68.71 20.23
N THR A 887 -4.79 -68.10 19.27
CA THR A 887 -5.02 -68.82 18.03
C THR A 887 -3.75 -68.99 17.22
N GLU A 888 -2.78 -68.10 17.34
CA GLU A 888 -1.50 -68.33 16.69
C GLU A 888 -0.72 -69.44 17.37
N VAL A 889 -0.74 -69.51 18.70
CA VAL A 889 0.03 -70.57 19.32
C VAL A 889 -0.61 -71.93 19.10
N ARG A 890 -1.93 -71.98 18.91
CA ARG A 890 -2.56 -73.29 18.74
C ARG A 890 -1.99 -74.05 17.55
N ALA A 891 -1.78 -73.36 16.43
CA ALA A 891 -1.18 -74.01 15.28
C ALA A 891 0.21 -74.54 15.59
N SER A 892 1.04 -73.70 16.21
CA SER A 892 2.39 -74.12 16.54
C SER A 892 2.38 -75.33 17.47
N ARG A 893 1.54 -75.31 18.48
CA ARG A 893 1.47 -76.45 19.38
C ARG A 893 1.11 -77.71 18.62
N GLN A 894 0.07 -77.64 17.79
CA GLN A 894 -0.32 -78.82 17.05
C GLN A 894 0.78 -79.31 16.12
N LEU A 895 1.56 -78.37 15.57
CA LEU A 895 2.71 -78.76 14.76
C LEU A 895 3.76 -79.44 15.60
N ALA A 896 4.10 -78.87 16.74
CA ALA A 896 5.12 -79.47 17.59
C ALA A 896 4.72 -80.86 18.00
N GLN A 897 3.47 -81.06 18.38
CA GLN A 897 3.03 -82.39 18.74
C GLN A 897 3.14 -83.33 17.55
N GLN A 898 2.98 -82.81 16.33
CA GLN A 898 3.21 -83.67 15.18
C GLN A 898 4.69 -83.99 15.00
N LYS A 899 5.55 -83.00 15.16
CA LYS A 899 6.96 -83.21 14.94
C LYS A 899 7.56 -84.15 15.98
N VAL A 900 7.11 -84.04 17.22
CA VAL A 900 7.54 -85.03 18.21
C VAL A 900 6.97 -86.40 17.90
N ASN A 901 5.70 -86.47 17.51
CA ASN A 901 5.11 -87.76 17.20
C ASN A 901 5.85 -88.44 16.06
N GLU A 902 6.47 -87.67 15.18
CA GLU A 902 7.42 -88.23 14.23
C GLU A 902 8.79 -88.53 14.81
N CYS A 903 9.59 -87.49 14.97
CA CYS A 903 11.03 -87.59 14.93
C CYS A 903 11.68 -88.04 16.24
N VAL A 904 10.92 -88.23 17.31
CA VAL A 904 11.46 -88.87 18.51
C VAL A 904 10.90 -90.26 18.71
N LYS A 905 9.60 -90.46 18.46
CA LYS A 905 9.01 -91.78 18.62
C LYS A 905 9.33 -92.69 17.45
N SER A 906 9.95 -92.17 16.40
CA SER A 906 10.34 -92.97 15.27
C SER A 906 11.56 -92.35 14.63
N GLN A 907 12.25 -93.14 13.81
CA GLN A 907 13.07 -92.56 12.76
C GLN A 907 12.19 -91.78 11.79
N SER A 908 12.72 -90.66 11.32
CA SER A 908 12.03 -89.93 10.26
C SER A 908 12.19 -90.65 8.92
N LYS A 909 11.23 -90.39 8.03
CA LYS A 909 11.24 -90.97 6.70
C LYS A 909 11.40 -89.95 5.59
N ARG A 910 11.89 -88.75 5.92
CA ARG A 910 12.16 -87.79 4.87
C ARG A 910 13.33 -86.90 5.25
N TYR A 911 13.97 -86.36 4.23
CA TYR A 911 14.98 -85.33 4.41
C TYR A 911 14.34 -84.00 4.74
N GLY A 912 15.09 -83.15 5.43
CA GLY A 912 14.71 -81.76 5.62
C GLY A 912 13.69 -81.48 6.71
N PHE A 913 12.67 -82.33 6.83
CA PHE A 913 11.59 -82.05 7.78
C PHE A 913 12.12 -81.94 9.20
N CYS A 914 12.99 -82.85 9.60
CA CYS A 914 13.64 -82.74 10.90
C CYS A 914 15.12 -82.45 10.77
N GLY A 915 15.45 -81.41 10.03
CA GLY A 915 16.80 -80.91 9.92
C GLY A 915 17.47 -81.26 8.61
N ASN A 916 18.40 -80.40 8.20
CA ASN A 916 19.23 -80.61 7.01
C ASN A 916 20.14 -81.80 7.23
N GLY A 917 19.86 -82.91 6.57
CA GLY A 917 20.63 -84.12 6.75
C GLY A 917 19.72 -85.32 6.84
N THR A 918 20.31 -86.44 7.24
CA THR A 918 19.59 -87.70 7.38
C THR A 918 19.32 -87.94 8.86
N HIS A 919 18.03 -87.96 9.22
CA HIS A 919 17.64 -88.06 10.62
C HIS A 919 18.00 -89.39 11.26
N ILE A 920 18.41 -89.34 12.52
CA ILE A 920 18.68 -90.52 13.33
C ILE A 920 17.75 -90.58 14.53
N PHE A 921 17.70 -89.53 15.32
CA PHE A 921 16.79 -89.38 16.46
C PHE A 921 16.83 -87.93 16.90
N SER A 922 15.83 -87.53 17.67
CA SER A 922 15.86 -86.20 18.26
C SER A 922 15.34 -86.23 19.69
N ILE A 923 15.95 -85.40 20.52
CA ILE A 923 15.63 -85.33 21.95
C ILE A 923 14.88 -84.05 22.22
N VAL A 924 13.83 -84.12 22.98
CA VAL A 924 13.13 -82.92 23.42
C VAL A 924 13.76 -82.40 24.70
N ASN A 925 13.64 -81.10 24.93
CA ASN A 925 13.94 -80.51 26.21
C ASN A 925 12.97 -79.36 26.48
N ALA A 926 12.75 -79.09 27.76
CA ALA A 926 11.97 -77.92 28.13
C ALA A 926 12.73 -76.64 27.83
N ALA A 927 11.97 -75.56 27.74
CA ALA A 927 12.51 -74.24 27.50
C ALA A 927 11.54 -73.24 28.12
N PRO A 928 11.79 -71.93 28.07
CA PRO A 928 10.73 -70.99 28.45
C PRO A 928 9.48 -71.21 27.65
N GLU A 929 8.43 -71.70 28.32
CA GLU A 929 7.11 -71.96 27.77
C GLU A 929 7.08 -72.63 26.39
N GLY A 930 8.20 -73.18 25.94
CA GLY A 930 8.18 -73.91 24.69
C GLY A 930 9.02 -75.16 24.76
N LEU A 931 9.38 -75.71 23.61
CA LEU A 931 10.22 -76.89 23.52
C LEU A 931 11.44 -76.58 22.68
N VAL A 932 12.58 -77.11 23.11
CA VAL A 932 13.79 -77.18 22.31
C VAL A 932 13.97 -78.60 21.84
N PHE A 933 14.04 -78.80 20.53
CA PHE A 933 14.45 -80.09 19.98
C PHE A 933 15.94 -80.08 19.68
N LEU A 934 16.57 -81.24 19.90
CA LEU A 934 17.90 -81.59 19.43
C LEU A 934 17.76 -82.68 18.38
N HIS A 935 17.68 -82.29 17.12
CA HIS A 935 17.74 -83.23 16.01
C HIS A 935 19.16 -83.73 15.80
N THR A 936 19.31 -85.03 15.55
CA THR A 936 20.57 -85.65 15.18
C THR A 936 20.52 -86.03 13.71
N VAL A 937 21.52 -85.61 12.95
CA VAL A 937 21.51 -85.81 11.50
C VAL A 937 22.86 -86.28 11.04
N LEU A 938 22.87 -87.25 10.11
CA LEU A 938 24.07 -87.57 9.37
C LEU A 938 24.33 -86.53 8.29
N LEU A 939 25.57 -86.08 8.17
CA LEU A 939 26.01 -85.24 7.08
C LEU A 939 27.21 -85.87 6.38
N PRO A 940 27.33 -85.68 5.07
CA PRO A 940 28.45 -86.24 4.32
C PRO A 940 29.72 -85.41 4.44
N THR A 941 30.86 -86.11 4.40
CA THR A 941 32.10 -85.51 3.96
C THR A 941 32.99 -86.63 3.43
N GLN A 942 34.04 -86.24 2.71
CA GLN A 942 34.95 -87.18 2.07
C GLN A 942 34.21 -88.04 1.04
N TYR A 943 33.66 -87.38 0.02
CA TYR A 943 33.03 -88.10 -1.08
C TYR A 943 33.98 -89.08 -1.73
N LYS A 944 33.43 -90.19 -2.19
CA LYS A 944 34.21 -91.29 -2.72
C LYS A 944 33.45 -91.87 -3.90
N ASP A 945 34.19 -92.45 -4.85
CA ASP A 945 33.57 -93.10 -5.98
C ASP A 945 34.42 -94.30 -6.42
N GLU B 23 -20.41 -33.76 -34.78
CA GLU B 23 -20.02 -33.19 -33.49
C GLU B 23 -19.97 -34.25 -32.40
N ASN B 24 -19.11 -34.00 -31.40
CA ASN B 24 -19.08 -34.84 -30.20
C ASN B 24 -20.28 -34.47 -29.33
N VAL B 25 -21.43 -34.98 -29.75
CA VAL B 25 -22.69 -34.72 -29.07
C VAL B 25 -23.58 -35.95 -29.31
N PHE B 26 -24.60 -36.08 -28.49
CA PHE B 26 -25.28 -37.36 -28.32
C PHE B 26 -26.75 -37.13 -28.05
N ALA B 27 -27.54 -38.17 -28.33
CA ALA B 27 -28.95 -38.14 -27.97
C ALA B 27 -29.11 -38.50 -26.50
N VAL B 28 -29.75 -37.61 -25.75
CA VAL B 28 -30.04 -37.88 -24.35
C VAL B 28 -31.15 -38.91 -24.24
N GLU B 29 -31.00 -39.82 -23.28
CA GLU B 29 -31.93 -40.92 -23.09
C GLU B 29 -33.18 -40.47 -22.36
N SER B 30 -34.19 -41.33 -22.38
CA SER B 30 -35.44 -41.09 -21.67
C SER B 30 -35.20 -40.67 -20.24
N GLY B 31 -35.90 -39.62 -19.81
CA GLY B 31 -35.75 -39.10 -18.47
C GLY B 31 -34.45 -38.38 -18.22
N GLY B 32 -33.60 -38.21 -19.24
CA GLY B 32 -32.44 -37.37 -19.11
C GLY B 32 -31.16 -38.08 -18.72
N TYR B 33 -31.16 -39.40 -18.73
CA TYR B 33 -29.93 -40.12 -18.44
C TYR B 33 -28.95 -39.96 -19.59
N ILE B 34 -27.69 -39.71 -19.25
CA ILE B 34 -26.63 -39.64 -20.26
C ILE B 34 -26.34 -41.05 -20.77
N PRO B 35 -26.20 -41.24 -22.08
CA PRO B 35 -25.82 -42.57 -22.57
C PRO B 35 -24.44 -42.96 -22.03
N SER B 36 -24.36 -44.19 -21.55
CA SER B 36 -23.26 -44.63 -20.70
C SER B 36 -21.92 -44.65 -21.41
N ASP B 37 -21.85 -44.38 -22.71
CA ASP B 37 -20.60 -44.43 -23.43
C ASP B 37 -19.97 -43.06 -23.72
N PHE B 38 -20.67 -41.97 -23.45
CA PHE B 38 -20.10 -40.66 -23.70
C PHE B 38 -18.82 -40.44 -22.89
N ALA B 39 -17.89 -39.70 -23.47
CA ALA B 39 -16.56 -39.53 -22.90
C ALA B 39 -16.45 -38.38 -21.90
N PHE B 40 -17.48 -37.54 -21.77
CA PHE B 40 -17.46 -36.43 -20.82
C PHE B 40 -16.27 -35.50 -21.05
N ASN B 41 -15.97 -35.25 -22.33
CA ASN B 41 -14.62 -34.83 -22.71
C ASN B 41 -14.18 -33.55 -22.00
N ASN B 42 -15.09 -32.58 -21.85
CA ASN B 42 -14.82 -31.44 -20.98
C ASN B 42 -15.78 -31.37 -19.80
N TRP B 43 -16.60 -32.39 -19.60
CA TRP B 43 -17.55 -32.37 -18.50
C TRP B 43 -16.80 -32.54 -17.20
N PHE B 44 -16.69 -31.47 -16.42
CA PHE B 44 -15.99 -31.55 -15.17
C PHE B 44 -16.92 -31.94 -14.03
N LEU B 45 -16.32 -32.52 -13.00
CA LEU B 45 -16.94 -32.66 -11.69
C LEU B 45 -16.86 -31.33 -10.96
N LEU B 46 -18.00 -30.68 -10.79
CA LEU B 46 -18.02 -29.42 -10.04
C LEU B 46 -17.54 -29.62 -8.62
N THR B 47 -16.82 -28.64 -8.11
CA THR B 47 -16.33 -28.67 -6.74
C THR B 47 -16.34 -27.25 -6.21
N ASN B 48 -16.73 -27.08 -4.95
CA ASN B 48 -16.44 -25.83 -4.28
C ASN B 48 -14.98 -25.75 -3.85
N THR B 49 -14.30 -26.88 -3.77
CA THR B 49 -12.90 -26.89 -3.39
C THR B 49 -12.27 -28.22 -3.78
N SER B 50 -10.94 -28.19 -3.90
CA SER B 50 -10.10 -29.40 -3.81
C SER B 50 -10.55 -30.50 -4.76
N SER B 51 -10.10 -30.44 -6.01
CA SER B 51 -10.47 -31.46 -6.96
C SER B 51 -9.80 -32.79 -6.62
N VAL B 52 -10.50 -33.88 -6.94
CA VAL B 52 -10.03 -35.22 -6.63
C VAL B 52 -9.17 -35.73 -7.78
N VAL B 53 -8.10 -36.43 -7.45
CA VAL B 53 -7.16 -36.91 -8.46
C VAL B 53 -7.63 -38.19 -9.12
N ASP B 54 -7.67 -39.27 -8.35
CA ASP B 54 -8.05 -40.57 -8.85
C ASP B 54 -8.92 -41.29 -7.84
N GLY B 55 -9.75 -42.20 -8.33
CA GLY B 55 -10.49 -43.08 -7.46
C GLY B 55 -11.98 -42.87 -7.54
N VAL B 56 -12.75 -43.93 -7.28
CA VAL B 56 -14.20 -43.85 -7.39
C VAL B 56 -14.72 -42.89 -6.34
N VAL B 57 -15.69 -42.08 -6.72
CA VAL B 57 -16.30 -41.14 -5.79
C VAL B 57 -17.81 -41.22 -5.96
N ARG B 58 -18.53 -41.11 -4.86
CA ARG B 58 -19.95 -40.84 -4.91
C ARG B 58 -20.17 -39.35 -4.74
N SER B 59 -21.02 -38.77 -5.58
CA SER B 59 -21.26 -37.34 -5.46
C SER B 59 -22.60 -37.00 -6.04
N PHE B 60 -23.10 -35.84 -5.64
CA PHE B 60 -24.39 -35.34 -6.08
C PHE B 60 -24.13 -34.27 -7.12
N GLN B 61 -24.42 -34.58 -8.38
CA GLN B 61 -23.93 -33.75 -9.46
C GLN B 61 -25.07 -33.32 -10.35
N PRO B 62 -24.97 -32.15 -10.95
CA PRO B 62 -25.92 -31.75 -11.99
C PRO B 62 -25.62 -32.47 -13.30
N LEU B 63 -26.07 -33.72 -13.38
CA LEU B 63 -25.85 -34.54 -14.55
C LEU B 63 -27.12 -35.22 -15.04
N LEU B 64 -28.26 -34.94 -14.45
CA LEU B 64 -29.52 -35.35 -15.06
C LEU B 64 -29.86 -34.30 -16.11
N LEU B 65 -29.55 -34.58 -17.36
CA LEU B 65 -29.67 -33.56 -18.40
C LEU B 65 -31.14 -33.40 -18.75
N ASN B 66 -31.68 -32.23 -18.45
CA ASN B 66 -33.11 -32.03 -18.67
C ASN B 66 -33.41 -31.92 -20.15
N CYS B 67 -32.60 -31.15 -20.88
CA CYS B 67 -32.39 -31.38 -22.30
C CYS B 67 -31.16 -30.62 -22.76
N LEU B 68 -30.62 -31.06 -23.90
CA LEU B 68 -29.35 -30.59 -24.43
C LEU B 68 -29.48 -30.26 -25.90
N TRP B 69 -28.89 -29.14 -26.32
CA TRP B 69 -28.69 -28.84 -27.73
C TRP B 69 -27.30 -28.25 -27.88
N SER B 70 -26.86 -28.10 -29.14
CA SER B 70 -25.63 -27.38 -29.44
C SER B 70 -25.91 -26.20 -30.35
N VAL B 71 -25.11 -25.16 -30.21
CA VAL B 71 -25.13 -24.02 -31.11
C VAL B 71 -23.82 -23.97 -31.88
N SER B 72 -23.92 -23.94 -33.20
CA SER B 72 -22.75 -23.78 -34.03
C SER B 72 -22.28 -22.32 -33.99
N GLY B 73 -20.97 -22.14 -34.08
CA GLY B 73 -20.36 -20.84 -33.89
C GLY B 73 -20.09 -20.05 -35.15
N LEU B 74 -20.39 -20.60 -36.33
CA LEU B 74 -20.21 -19.84 -37.56
C LEU B 74 -20.94 -18.51 -37.51
N ARG B 75 -22.14 -18.51 -36.97
CA ARG B 75 -22.76 -17.34 -36.37
C ARG B 75 -22.81 -17.54 -34.86
N PHE B 76 -22.33 -16.56 -34.12
CA PHE B 76 -22.64 -16.57 -32.69
C PHE B 76 -24.14 -16.41 -32.51
N THR B 77 -24.66 -17.01 -31.45
CA THR B 77 -26.10 -17.15 -31.24
C THR B 77 -26.41 -16.61 -29.85
N THR B 78 -26.74 -15.33 -29.79
CA THR B 78 -27.10 -14.67 -28.55
C THR B 78 -28.53 -15.01 -28.16
N GLY B 79 -28.78 -15.08 -26.86
CA GLY B 79 -30.15 -15.12 -26.37
C GLY B 79 -30.30 -15.38 -24.88
N PHE B 80 -31.23 -14.67 -24.25
CA PHE B 80 -31.63 -14.99 -22.88
C PHE B 80 -32.47 -16.25 -22.85
N VAL B 81 -32.02 -17.25 -22.09
CA VAL B 81 -32.81 -18.42 -21.77
C VAL B 81 -33.13 -18.41 -20.29
N TYR B 82 -34.41 -18.55 -19.96
CA TYR B 82 -34.87 -18.63 -18.59
C TYR B 82 -34.76 -20.04 -18.06
N PHE B 83 -34.53 -20.17 -16.75
CA PHE B 83 -34.21 -21.47 -16.20
C PHE B 83 -35.33 -22.49 -16.41
N ASN B 84 -36.56 -22.06 -16.60
CA ASN B 84 -37.60 -23.02 -16.91
C ASN B 84 -37.60 -23.42 -18.38
N GLY B 85 -36.57 -23.06 -19.13
CA GLY B 85 -36.37 -23.56 -20.46
C GLY B 85 -36.94 -22.71 -21.57
N THR B 86 -37.68 -21.66 -21.25
CA THR B 86 -38.13 -20.74 -22.27
C THR B 86 -36.95 -20.03 -22.91
N GLY B 87 -36.72 -20.27 -24.20
CA GLY B 87 -35.54 -19.78 -24.88
C GLY B 87 -34.55 -20.84 -25.31
N ARG B 88 -34.77 -22.10 -24.96
CA ARG B 88 -33.80 -23.14 -25.27
C ARG B 88 -33.75 -23.42 -26.77
N GLY B 89 -32.66 -24.08 -27.18
CA GLY B 89 -32.51 -24.57 -28.54
C GLY B 89 -33.13 -25.94 -28.73
N ASP B 90 -32.97 -26.46 -29.96
CA ASP B 90 -33.61 -27.70 -30.39
C ASP B 90 -32.85 -28.88 -29.79
N CYS B 91 -33.39 -29.44 -28.71
CA CYS B 91 -32.67 -30.43 -27.94
C CYS B 91 -32.67 -31.80 -28.61
N LYS B 92 -31.56 -32.51 -28.46
CA LYS B 92 -31.35 -33.81 -29.09
C LYS B 92 -32.14 -34.89 -28.39
N GLY B 93 -33.08 -35.49 -29.10
CA GLY B 93 -33.71 -36.72 -28.61
C GLY B 93 -34.73 -36.63 -27.52
N PHE B 94 -34.44 -35.90 -26.46
CA PHE B 94 -35.36 -35.83 -25.33
C PHE B 94 -35.36 -34.43 -24.75
N SER B 95 -36.51 -34.05 -24.22
CA SER B 95 -36.61 -32.82 -23.44
C SER B 95 -37.68 -32.96 -22.39
N SER B 96 -37.54 -32.15 -21.35
CA SER B 96 -38.52 -32.04 -20.28
C SER B 96 -38.58 -30.57 -19.88
N ASP B 97 -39.70 -30.18 -19.30
CA ASP B 97 -40.01 -28.78 -19.10
C ASP B 97 -40.01 -28.39 -17.63
N VAL B 98 -39.72 -29.34 -16.74
CA VAL B 98 -39.58 -29.02 -15.34
C VAL B 98 -38.41 -28.05 -15.14
N LEU B 99 -38.49 -27.26 -14.08
CA LEU B 99 -37.45 -26.28 -13.78
C LEU B 99 -36.09 -26.95 -13.59
N SER B 100 -35.17 -26.69 -14.50
CA SER B 100 -33.82 -27.18 -14.34
C SER B 100 -33.08 -26.35 -13.30
N ASP B 101 -31.96 -26.90 -12.82
CA ASP B 101 -31.21 -26.22 -11.79
C ASP B 101 -29.90 -25.61 -12.26
N VAL B 102 -29.33 -26.11 -13.36
CA VAL B 102 -27.98 -25.72 -13.74
C VAL B 102 -27.90 -25.66 -15.25
N ILE B 103 -27.03 -24.79 -15.77
CA ILE B 103 -26.73 -24.75 -17.19
C ILE B 103 -25.23 -24.88 -17.39
N ARG B 104 -24.84 -25.70 -18.36
CA ARG B 104 -23.45 -26.03 -18.62
C ARG B 104 -23.13 -25.68 -20.07
N TYR B 105 -21.93 -25.15 -20.28
CA TYR B 105 -21.44 -24.81 -21.60
C TYR B 105 -20.08 -25.45 -21.79
N ASN B 106 -19.91 -26.17 -22.90
CA ASN B 106 -18.65 -26.81 -23.20
C ASN B 106 -18.18 -26.29 -24.56
N LEU B 107 -16.99 -25.69 -24.57
CA LEU B 107 -16.56 -24.77 -25.62
C LEU B 107 -15.54 -25.48 -26.51
N ASN B 108 -15.92 -25.70 -27.77
CA ASN B 108 -15.04 -26.37 -28.71
C ASN B 108 -14.05 -25.40 -29.37
N PHE B 109 -13.66 -24.33 -28.69
CA PHE B 109 -12.73 -23.40 -29.32
C PHE B 109 -11.89 -22.69 -28.27
N GLU B 110 -10.70 -22.28 -28.69
CA GLU B 110 -9.61 -21.91 -27.80
C GLU B 110 -9.51 -20.42 -27.55
N GLU B 111 -10.16 -19.57 -28.34
CA GLU B 111 -10.02 -18.14 -28.16
C GLU B 111 -10.62 -17.64 -26.86
N ASN B 112 -11.39 -18.49 -26.18
CA ASN B 112 -11.94 -18.23 -24.85
C ASN B 112 -12.88 -17.04 -24.79
N LEU B 113 -13.57 -16.92 -23.66
CA LEU B 113 -14.56 -15.87 -23.44
C LEU B 113 -13.94 -14.50 -23.25
N ARG B 114 -12.62 -14.42 -23.07
CA ARG B 114 -11.96 -13.14 -22.85
C ARG B 114 -12.43 -12.13 -23.89
N ARG B 115 -12.61 -12.59 -25.12
CA ARG B 115 -13.09 -11.78 -26.22
C ARG B 115 -14.48 -11.20 -26.02
N GLY B 116 -15.22 -11.59 -24.98
CA GLY B 116 -16.57 -11.12 -24.80
C GLY B 116 -17.05 -11.12 -23.37
N THR B 117 -18.37 -11.25 -23.20
CA THR B 117 -19.03 -11.04 -21.92
C THR B 117 -20.19 -12.00 -21.76
N ILE B 118 -20.62 -12.18 -20.52
CA ILE B 118 -21.86 -12.90 -20.24
C ILE B 118 -22.78 -12.04 -19.39
N LEU B 119 -24.09 -12.14 -19.66
CA LEU B 119 -25.08 -11.25 -19.09
C LEU B 119 -26.08 -12.05 -18.28
N PHE B 120 -26.37 -11.58 -17.09
CA PHE B 120 -27.17 -12.32 -16.13
C PHE B 120 -28.34 -11.46 -15.70
N LYS B 121 -29.53 -12.04 -15.72
CA LYS B 121 -30.73 -11.37 -15.27
C LYS B 121 -31.10 -11.89 -13.89
N THR B 122 -31.36 -10.99 -12.96
CA THR B 122 -31.45 -11.35 -11.56
C THR B 122 -32.55 -10.53 -10.92
N SER B 123 -33.05 -11.02 -9.78
CA SER B 123 -34.24 -10.44 -9.17
C SER B 123 -34.07 -8.95 -8.88
N TYR B 124 -32.86 -8.51 -8.58
CA TYR B 124 -32.60 -7.11 -8.27
C TYR B 124 -32.09 -6.32 -9.47
N GLY B 125 -31.96 -6.94 -10.63
CA GLY B 125 -31.53 -6.21 -11.81
C GLY B 125 -30.74 -7.01 -12.82
N VAL B 126 -29.62 -6.45 -13.27
CA VAL B 126 -28.83 -7.05 -14.34
C VAL B 126 -27.36 -7.01 -13.95
N VAL B 127 -26.63 -8.06 -14.32
CA VAL B 127 -25.23 -8.23 -13.96
C VAL B 127 -24.47 -8.56 -15.23
N VAL B 128 -23.22 -8.11 -15.32
CA VAL B 128 -22.38 -8.45 -16.46
C VAL B 128 -21.03 -8.96 -15.98
N PHE B 129 -20.58 -10.04 -16.60
CA PHE B 129 -19.24 -10.60 -16.41
C PHE B 129 -18.39 -10.34 -17.63
N TYR B 130 -17.15 -9.90 -17.41
CA TYR B 130 -16.27 -9.50 -18.50
C TYR B 130 -14.83 -9.61 -18.02
N CYS B 131 -13.90 -9.55 -18.98
CA CYS B 131 -12.50 -9.75 -18.68
C CYS B 131 -11.66 -8.74 -19.43
N THR B 132 -10.41 -8.60 -19.00
CA THR B 132 -9.46 -7.65 -19.55
C THR B 132 -8.13 -8.35 -19.78
N ASN B 133 -7.33 -7.76 -20.67
CA ASN B 133 -5.98 -8.21 -20.96
C ASN B 133 -4.92 -7.33 -20.31
N ASN B 134 -5.28 -6.58 -19.27
CA ASN B 134 -4.31 -5.70 -18.63
C ASN B 134 -4.73 -5.41 -17.21
N THR B 135 -3.74 -5.09 -16.38
CA THR B 135 -3.94 -4.41 -15.09
C THR B 135 -2.59 -4.06 -14.46
N ASN B 151 -1.38 -11.73 -19.21
CA ASN B 151 -2.34 -12.68 -18.66
C ASN B 151 -3.62 -11.98 -18.25
N PHE B 152 -4.75 -12.64 -18.50
CA PHE B 152 -6.04 -11.98 -18.42
C PHE B 152 -6.55 -11.95 -16.97
N TYR B 153 -7.46 -11.02 -16.73
CA TYR B 153 -8.13 -10.89 -15.45
C TYR B 153 -9.61 -10.66 -15.71
N CYS B 154 -10.45 -10.90 -14.71
CA CYS B 154 -11.88 -10.86 -14.96
C CYS B 154 -12.60 -10.19 -13.81
N PHE B 155 -13.77 -9.66 -14.13
CA PHE B 155 -14.49 -8.70 -13.32
C PHE B 155 -15.97 -8.87 -13.57
N VAL B 156 -16.75 -8.30 -12.66
CA VAL B 156 -18.19 -8.14 -12.82
C VAL B 156 -18.54 -6.68 -12.64
N ASN B 157 -19.47 -6.20 -13.46
CA ASN B 157 -20.14 -4.94 -13.21
C ASN B 157 -21.61 -5.19 -12.90
N THR B 158 -22.15 -4.32 -12.05
CA THR B 158 -23.53 -4.40 -11.60
C THR B 158 -24.23 -3.11 -11.95
N THR B 159 -25.51 -3.21 -12.30
CA THR B 159 -26.32 -2.04 -12.61
C THR B 159 -26.84 -1.45 -11.30
N ILE B 160 -25.89 -0.91 -10.54
CA ILE B 160 -26.20 -0.32 -9.24
C ILE B 160 -25.64 1.10 -9.15
N THR B 164 -23.51 2.29 -11.49
CA THR B 164 -22.86 1.05 -11.91
C THR B 164 -21.65 0.76 -11.04
N THR B 165 -21.63 -0.40 -10.41
CA THR B 165 -20.49 -0.82 -9.62
C THR B 165 -19.67 -1.87 -10.35
N SER B 166 -18.44 -2.04 -9.90
CA SER B 166 -17.49 -2.97 -10.52
C SER B 166 -16.78 -3.74 -9.43
N ALA B 167 -16.49 -5.01 -9.69
CA ALA B 167 -15.87 -5.86 -8.69
C ALA B 167 -14.96 -6.88 -9.37
N PHE B 168 -13.91 -7.28 -8.66
CA PHE B 168 -12.96 -8.24 -9.15
C PHE B 168 -13.40 -9.67 -8.82
N VAL B 169 -13.07 -10.60 -9.70
CA VAL B 169 -13.38 -12.00 -9.52
C VAL B 169 -12.12 -12.85 -9.38
N GLY B 170 -11.17 -12.66 -10.28
CA GLY B 170 -9.99 -13.51 -10.30
C GLY B 170 -9.27 -13.36 -11.61
N ALA B 171 -8.15 -14.07 -11.71
CA ALA B 171 -7.56 -14.36 -13.01
C ALA B 171 -8.45 -15.29 -13.82
N LEU B 172 -8.48 -15.08 -15.12
CA LEU B 172 -9.04 -16.09 -15.99
C LEU B 172 -8.14 -17.31 -15.96
N PRO B 173 -8.69 -18.51 -15.78
CA PRO B 173 -7.85 -19.71 -15.87
C PRO B 173 -7.28 -19.87 -17.26
N LYS B 174 -6.00 -20.24 -17.30
CA LYS B 174 -5.20 -20.03 -18.51
C LYS B 174 -5.87 -20.66 -19.74
N THR B 175 -6.62 -21.73 -19.53
CA THR B 175 -7.49 -22.28 -20.56
C THR B 175 -8.86 -22.54 -19.95
N VAL B 176 -9.91 -22.14 -20.65
CA VAL B 176 -11.28 -22.49 -20.30
C VAL B 176 -11.80 -23.46 -21.35
N ARG B 177 -12.42 -24.55 -20.90
CA ARG B 177 -13.01 -25.52 -21.81
C ARG B 177 -14.45 -25.84 -21.49
N GLU B 178 -14.89 -25.67 -20.25
CA GLU B 178 -16.29 -25.78 -19.87
C GLU B 178 -16.54 -24.82 -18.72
N PHE B 179 -17.74 -24.28 -18.65
CA PHE B 179 -18.14 -23.64 -17.40
C PHE B 179 -19.64 -23.79 -17.18
N VAL B 180 -20.03 -23.55 -15.93
CA VAL B 180 -21.31 -23.96 -15.38
C VAL B 180 -21.89 -22.87 -14.52
N ILE B 181 -23.20 -22.68 -14.61
CA ILE B 181 -23.90 -21.67 -13.83
C ILE B 181 -25.09 -22.35 -13.14
N SER B 182 -25.43 -21.87 -11.94
CA SER B 182 -26.48 -22.49 -11.15
C SER B 182 -27.62 -21.51 -10.93
N ARG B 183 -28.81 -22.06 -10.69
CA ARG B 183 -29.97 -21.20 -10.49
C ARG B 183 -29.82 -20.35 -9.24
N THR B 184 -29.09 -20.84 -8.25
CA THR B 184 -28.73 -20.00 -7.13
C THR B 184 -27.55 -19.09 -7.46
N GLY B 185 -27.00 -19.19 -8.65
CA GLY B 185 -26.02 -18.23 -9.09
C GLY B 185 -24.61 -18.51 -8.69
N HIS B 186 -24.32 -19.69 -8.15
CA HIS B 186 -22.95 -20.15 -8.10
C HIS B 186 -22.44 -20.35 -9.51
N PHE B 187 -21.23 -19.87 -9.76
CA PHE B 187 -20.65 -19.94 -11.09
C PHE B 187 -19.31 -20.65 -11.01
N TYR B 188 -19.08 -21.56 -11.95
CA TYR B 188 -17.95 -22.47 -11.89
C TYR B 188 -17.23 -22.48 -13.22
N ILE B 189 -15.94 -22.23 -13.18
CA ILE B 189 -15.08 -22.38 -14.34
C ILE B 189 -14.26 -23.64 -14.14
N ASN B 190 -14.25 -24.50 -15.15
CA ASN B 190 -13.62 -25.81 -15.03
C ASN B 190 -14.03 -26.52 -13.74
N GLY B 191 -15.30 -26.36 -13.36
CA GLY B 191 -15.81 -26.93 -12.15
C GLY B 191 -15.51 -26.18 -10.87
N TYR B 192 -14.52 -25.29 -10.86
CA TYR B 192 -14.23 -24.57 -9.63
C TYR B 192 -15.21 -23.40 -9.47
N ARG B 193 -15.85 -23.32 -8.32
CA ARG B 193 -16.80 -22.24 -8.07
C ARG B 193 -16.07 -20.94 -7.80
N TYR B 194 -16.31 -19.93 -8.64
CA TYR B 194 -15.63 -18.67 -8.42
C TYR B 194 -16.43 -17.65 -7.62
N PHE B 195 -17.74 -17.55 -7.82
CA PHE B 195 -18.52 -16.59 -7.07
C PHE B 195 -19.98 -17.02 -7.01
N THR B 196 -20.73 -16.37 -6.12
CA THR B 196 -22.17 -16.54 -6.01
C THR B 196 -22.88 -15.24 -6.36
N LEU B 197 -23.85 -15.33 -7.27
CA LEU B 197 -24.69 -14.17 -7.56
C LEU B 197 -25.86 -14.06 -6.59
N GLY B 198 -26.47 -15.17 -6.21
CA GLY B 198 -27.86 -15.15 -5.81
C GLY B 198 -28.74 -15.49 -6.99
N ASN B 199 -30.05 -15.36 -6.77
CA ASN B 199 -31.04 -15.85 -7.73
C ASN B 199 -30.74 -15.33 -9.12
N VAL B 200 -30.89 -16.20 -10.11
CA VAL B 200 -30.81 -15.80 -11.51
C VAL B 200 -32.06 -16.26 -12.23
N GLU B 201 -32.68 -15.36 -12.97
CA GLU B 201 -33.84 -15.73 -13.77
C GLU B 201 -33.40 -16.36 -15.09
N ALA B 202 -32.39 -15.77 -15.73
CA ALA B 202 -32.01 -16.14 -17.07
C ALA B 202 -30.59 -15.65 -17.31
N VAL B 203 -29.93 -16.24 -18.31
CA VAL B 203 -28.56 -15.87 -18.65
C VAL B 203 -28.42 -15.83 -20.16
N ASN B 204 -27.45 -15.05 -20.61
CA ASN B 204 -27.25 -14.82 -22.03
C ASN B 204 -25.76 -14.70 -22.31
N PHE B 205 -25.38 -15.14 -23.50
CA PHE B 205 -24.00 -15.27 -23.93
C PHE B 205 -23.72 -14.16 -24.94
N ASN B 206 -22.65 -13.39 -24.73
CA ASN B 206 -22.28 -12.31 -25.64
C ASN B 206 -20.78 -12.42 -25.95
N VAL B 207 -20.42 -13.54 -26.57
CA VAL B 207 -19.02 -13.86 -26.87
C VAL B 207 -18.99 -14.32 -28.33
N THR B 208 -18.78 -13.38 -29.24
CA THR B 208 -18.96 -13.63 -30.67
C THR B 208 -17.96 -14.67 -31.16
N THR B 209 -18.43 -15.89 -31.36
CA THR B 209 -17.71 -16.89 -32.14
C THR B 209 -17.55 -16.42 -33.58
N ALA B 210 -16.79 -17.18 -34.37
CA ALA B 210 -16.68 -16.82 -35.79
C ALA B 210 -16.45 -18.00 -36.73
N GLU B 211 -15.75 -19.03 -36.28
CA GLU B 211 -15.34 -20.10 -37.19
C GLU B 211 -16.41 -21.18 -37.28
N THR B 212 -16.36 -21.93 -38.39
CA THR B 212 -17.29 -23.04 -38.55
C THR B 212 -17.06 -24.14 -37.52
N THR B 213 -15.80 -24.41 -37.18
CA THR B 213 -15.51 -25.40 -36.16
C THR B 213 -15.57 -24.83 -34.75
N ASP B 214 -15.75 -23.53 -34.58
CA ASP B 214 -16.20 -23.02 -33.30
C ASP B 214 -17.62 -23.50 -33.05
N PHE B 215 -17.83 -24.13 -31.91
CA PHE B 215 -19.16 -24.36 -31.39
C PHE B 215 -19.03 -24.64 -29.91
N PHE B 216 -20.17 -24.61 -29.22
CA PHE B 216 -20.21 -25.17 -27.89
C PHE B 216 -21.53 -25.88 -27.66
N THR B 217 -21.46 -26.98 -26.92
CA THR B 217 -22.66 -27.61 -26.40
C THR B 217 -23.24 -26.80 -25.27
N VAL B 218 -24.54 -26.57 -25.32
CA VAL B 218 -25.31 -26.00 -24.21
C VAL B 218 -26.20 -27.10 -23.65
N ALA B 219 -25.96 -27.47 -22.40
CA ALA B 219 -26.82 -28.41 -21.70
C ALA B 219 -27.57 -27.68 -20.60
N LEU B 220 -28.87 -27.93 -20.51
CA LEU B 220 -29.69 -27.50 -19.38
C LEU B 220 -30.03 -28.72 -18.54
N ALA B 221 -29.73 -28.66 -17.24
CA ALA B 221 -29.48 -29.86 -16.47
C ALA B 221 -29.98 -29.68 -15.04
N SER B 222 -30.09 -30.80 -14.33
CA SER B 222 -30.63 -30.86 -12.99
C SER B 222 -29.82 -31.84 -12.18
N TYR B 223 -29.90 -31.72 -10.86
CA TYR B 223 -29.07 -32.53 -9.99
C TYR B 223 -29.58 -33.96 -9.91
N ALA B 224 -28.64 -34.91 -9.81
CA ALA B 224 -28.94 -36.30 -9.49
C ALA B 224 -27.77 -36.90 -8.73
N ASP B 225 -28.08 -37.91 -7.93
CA ASP B 225 -27.09 -38.64 -7.15
C ASP B 225 -26.39 -39.66 -8.04
N VAL B 226 -25.07 -39.62 -8.13
CA VAL B 226 -24.33 -40.47 -9.06
C VAL B 226 -23.06 -41.01 -8.43
N LEU B 227 -22.63 -42.15 -8.93
CA LEU B 227 -21.29 -42.66 -8.68
C LEU B 227 -20.43 -42.46 -9.91
N VAL B 228 -19.21 -41.95 -9.72
CA VAL B 228 -18.38 -41.48 -10.82
C VAL B 228 -16.99 -42.07 -10.70
N ASN B 229 -16.46 -42.52 -11.82
CA ASN B 229 -15.15 -43.14 -11.88
C ASN B 229 -14.12 -42.09 -12.26
N VAL B 230 -13.69 -41.32 -11.27
CA VAL B 230 -12.66 -40.32 -11.51
C VAL B 230 -11.34 -41.00 -11.79
N SER B 231 -10.70 -40.62 -12.89
CA SER B 231 -9.29 -40.91 -13.11
C SER B 231 -8.64 -39.74 -13.83
N GLN B 232 -7.37 -39.50 -13.52
CA GLN B 232 -6.62 -38.40 -14.12
C GLN B 232 -7.39 -37.09 -14.05
N THR B 233 -8.07 -36.89 -12.91
CA THR B 233 -8.96 -35.75 -12.67
C THR B 233 -9.92 -35.51 -13.84
N SER B 234 -10.34 -36.60 -14.46
CA SER B 234 -11.43 -36.56 -15.42
C SER B 234 -12.52 -37.54 -15.00
N ILE B 235 -13.74 -37.25 -15.39
CA ILE B 235 -14.83 -38.22 -15.27
C ILE B 235 -14.67 -39.26 -16.37
N ALA B 236 -14.47 -40.51 -15.96
CA ALA B 236 -14.41 -41.60 -16.94
C ALA B 236 -15.77 -42.19 -17.22
N ASN B 237 -16.56 -42.47 -16.20
CA ASN B 237 -17.91 -42.98 -16.41
C ASN B 237 -18.69 -42.87 -15.12
N ILE B 238 -20.01 -42.99 -15.23
CA ILE B 238 -20.92 -42.73 -14.12
C ILE B 238 -22.07 -43.73 -14.13
N ILE B 239 -22.69 -43.87 -12.97
CA ILE B 239 -23.95 -44.59 -12.84
C ILE B 239 -24.90 -43.76 -11.99
N TYR B 240 -26.18 -43.77 -12.38
CA TYR B 240 -27.21 -43.08 -11.62
C TYR B 240 -27.72 -43.99 -10.51
N CYS B 241 -27.91 -43.41 -9.32
CA CYS B 241 -28.47 -44.17 -8.21
C CYS B 241 -29.98 -44.23 -8.26
N ASN B 242 -30.55 -44.55 -9.42
CA ASN B 242 -32.00 -44.54 -9.58
C ASN B 242 -32.65 -45.86 -9.14
N SER B 243 -32.35 -46.96 -9.83
CA SER B 243 -32.99 -48.23 -9.53
C SER B 243 -32.51 -48.77 -8.20
N VAL B 244 -33.24 -49.77 -7.70
CA VAL B 244 -32.90 -50.37 -6.42
C VAL B 244 -31.51 -50.97 -6.45
N ILE B 245 -31.17 -51.69 -7.52
CA ILE B 245 -29.84 -52.30 -7.60
C ILE B 245 -28.77 -51.23 -7.76
N ASN B 246 -29.06 -50.19 -8.51
CA ASN B 246 -28.10 -49.10 -8.55
C ASN B 246 -28.03 -48.40 -7.21
N ARG B 247 -29.18 -48.23 -6.56
CA ARG B 247 -29.15 -47.64 -5.23
C ARG B 247 -28.27 -48.43 -4.29
N LEU B 248 -28.23 -49.75 -4.48
CA LEU B 248 -27.34 -50.60 -3.71
C LEU B 248 -25.88 -50.38 -4.10
N ARG B 249 -25.60 -50.42 -5.39
CA ARG B 249 -24.23 -50.20 -5.84
C ARG B 249 -23.66 -48.91 -5.28
N CYS B 250 -24.48 -47.86 -5.24
CA CYS B 250 -23.99 -46.59 -4.70
C CYS B 250 -23.58 -46.74 -3.25
N ASP B 251 -24.11 -47.72 -2.53
CA ASP B 251 -23.63 -47.98 -1.18
C ASP B 251 -22.42 -48.88 -1.19
N GLN B 252 -22.30 -49.78 -2.17
CA GLN B 252 -21.11 -50.61 -2.23
C GLN B 252 -19.88 -49.84 -2.68
N LEU B 253 -20.06 -48.69 -3.32
CA LEU B 253 -18.98 -48.05 -4.07
C LEU B 253 -18.29 -49.04 -4.99
N SER B 254 -19.09 -49.83 -5.68
CA SER B 254 -18.52 -50.72 -6.68
C SER B 254 -19.49 -50.88 -7.82
N PHE B 255 -18.95 -51.14 -8.99
CA PHE B 255 -19.75 -51.38 -10.18
C PHE B 255 -20.13 -52.83 -10.37
N TYR B 256 -19.50 -53.75 -9.65
CA TYR B 256 -19.90 -55.15 -9.64
C TYR B 256 -20.33 -55.53 -8.23
N VAL B 257 -21.40 -56.32 -8.14
CA VAL B 257 -21.97 -56.71 -6.85
C VAL B 257 -22.13 -58.22 -6.76
N PRO B 258 -21.24 -58.91 -6.06
CA PRO B 258 -21.23 -60.37 -6.11
C PRO B 258 -22.53 -60.98 -5.63
N ASP B 259 -22.88 -62.12 -6.21
CA ASP B 259 -24.13 -62.79 -5.89
C ASP B 259 -24.20 -63.14 -4.42
N GLY B 260 -25.38 -62.94 -3.84
CA GLY B 260 -25.54 -63.12 -2.42
C GLY B 260 -26.80 -62.45 -1.92
N PHE B 261 -26.98 -62.49 -0.62
CA PHE B 261 -28.09 -61.81 0.01
C PHE B 261 -27.57 -60.53 0.63
N TYR B 262 -28.19 -59.40 0.30
CA TYR B 262 -27.74 -58.11 0.84
C TYR B 262 -28.91 -57.45 1.56
N SER B 263 -28.63 -56.81 2.67
CA SER B 263 -29.68 -56.12 3.43
C SER B 263 -29.88 -54.72 2.90
N THR B 264 -31.13 -54.27 2.88
CA THR B 264 -31.43 -52.95 2.40
C THR B 264 -32.65 -52.43 3.12
N SER B 265 -32.87 -51.11 3.04
CA SER B 265 -34.08 -50.53 3.57
C SER B 265 -34.69 -49.54 2.59
N PRO B 266 -35.98 -49.61 2.32
CA PRO B 266 -36.63 -48.60 1.49
C PRO B 266 -36.60 -47.23 2.15
N ILE B 267 -37.00 -46.22 1.39
CA ILE B 267 -36.87 -44.83 1.79
C ILE B 267 -38.21 -44.26 2.26
N GLN B 268 -38.20 -43.65 3.45
CA GLN B 268 -39.39 -43.01 4.00
C GLN B 268 -39.81 -41.81 3.16
N SER B 269 -41.09 -41.47 3.25
CA SER B 269 -41.67 -40.40 2.45
C SER B 269 -41.08 -39.05 2.83
N VAL B 270 -41.19 -38.10 1.90
CA VAL B 270 -40.60 -36.77 2.06
C VAL B 270 -41.41 -35.83 2.96
N GLU B 271 -42.70 -36.06 3.13
CA GLU B 271 -43.48 -35.23 4.04
C GLU B 271 -44.22 -36.11 5.05
N LEU B 272 -44.33 -35.60 6.28
CA LEU B 272 -44.85 -36.41 7.35
C LEU B 272 -45.78 -35.57 8.21
N PRO B 273 -46.94 -36.09 8.58
CA PRO B 273 -47.78 -35.40 9.55
C PRO B 273 -47.04 -35.21 10.87
N VAL B 274 -47.16 -34.03 11.45
CA VAL B 274 -46.79 -33.87 12.85
C VAL B 274 -47.88 -34.47 13.71
N SER B 275 -47.48 -35.14 14.78
CA SER B 275 -48.42 -35.60 15.78
C SER B 275 -47.81 -35.38 17.14
N ILE B 276 -48.62 -34.97 18.11
CA ILE B 276 -48.14 -34.69 19.46
C ILE B 276 -49.16 -35.19 20.46
N VAL B 277 -48.67 -35.56 21.63
CA VAL B 277 -49.50 -35.93 22.77
C VAL B 277 -48.83 -35.41 24.03
N SER B 278 -49.63 -34.87 24.96
CA SER B 278 -49.07 -34.35 26.20
C SER B 278 -50.05 -34.56 27.34
N LEU B 279 -49.50 -34.64 28.56
CA LEU B 279 -50.34 -34.53 29.74
C LEU B 279 -51.03 -33.16 29.80
N PRO B 280 -52.23 -33.10 30.37
CA PRO B 280 -52.81 -31.82 30.78
C PRO B 280 -51.91 -31.01 31.70
N VAL B 281 -51.95 -29.69 31.49
CA VAL B 281 -51.18 -28.73 32.29
C VAL B 281 -51.95 -27.41 32.26
N TYR B 282 -51.73 -26.57 33.28
CA TYR B 282 -52.26 -25.22 33.27
C TYR B 282 -51.43 -24.34 32.34
N HIS B 283 -52.11 -23.56 31.51
CA HIS B 283 -51.47 -22.80 30.44
C HIS B 283 -51.36 -21.33 30.77
N LYS B 284 -50.18 -20.75 30.51
CA LYS B 284 -49.86 -19.37 30.77
C LYS B 284 -48.83 -18.93 29.71
N HIS B 285 -49.23 -19.00 28.45
CA HIS B 285 -48.31 -18.80 27.34
C HIS B 285 -47.70 -17.41 27.32
N MET B 286 -46.44 -17.34 26.91
CA MET B 286 -45.69 -16.10 26.79
C MET B 286 -45.07 -16.03 25.40
N PHE B 287 -45.00 -14.83 24.85
CA PHE B 287 -44.18 -14.60 23.66
C PHE B 287 -42.80 -14.09 24.02
N ILE B 288 -41.83 -14.49 23.21
CA ILE B 288 -40.56 -13.78 23.06
C ILE B 288 -40.46 -13.36 21.61
N VAL B 289 -40.34 -12.06 21.37
CA VAL B 289 -40.29 -11.50 20.01
C VAL B 289 -39.08 -10.59 19.90
N LEU B 290 -38.17 -10.93 19.00
CA LEU B 290 -36.97 -10.15 18.77
C LEU B 290 -37.13 -9.34 17.49
N TYR B 291 -36.80 -8.05 17.54
CA TYR B 291 -37.00 -7.14 16.42
C TYR B 291 -35.66 -6.65 15.88
N VAL B 292 -35.50 -6.78 14.57
CA VAL B 292 -34.30 -6.36 13.87
C VAL B 292 -34.69 -5.68 12.57
N PHE B 294 -31.51 -3.30 9.50
CA PHE B 294 -30.39 -2.39 9.27
C PHE B 294 -30.44 -1.77 7.87
N LYS B 295 -29.59 -0.77 7.66
CA LYS B 295 -29.33 -0.25 6.33
C LYS B 295 -27.82 -0.07 6.14
N PRO B 296 -27.30 -0.41 4.95
CA PRO B 296 -25.88 -0.19 4.62
C PRO B 296 -25.49 1.28 4.63
N ASN B 312 -29.66 -1.02 15.63
CA ASN B 312 -31.04 -1.20 15.19
C ASN B 312 -31.64 -2.45 15.83
N ILE B 313 -30.81 -3.18 16.57
CA ILE B 313 -31.28 -4.32 17.34
C ILE B 313 -32.19 -3.83 18.46
N THR B 314 -33.34 -4.46 18.64
CA THR B 314 -34.15 -4.18 19.81
C THR B 314 -34.96 -5.41 20.21
N LEU B 315 -35.13 -5.56 21.52
CA LEU B 315 -35.92 -6.64 22.10
C LEU B 315 -37.02 -6.03 22.95
N ALA B 316 -38.27 -6.30 22.59
CA ALA B 316 -39.39 -5.66 23.25
C ALA B 316 -39.50 -6.11 24.70
N ASN B 317 -39.95 -5.21 25.56
CA ASN B 317 -40.16 -5.45 26.98
C ASN B 317 -38.87 -5.82 27.71
N PHE B 318 -37.71 -5.52 27.13
CA PHE B 318 -36.45 -5.85 27.78
C PHE B 318 -36.25 -5.00 29.03
N SER B 330 -45.58 -21.08 31.64
CA SER B 330 -45.52 -22.53 31.51
C SER B 330 -45.09 -22.92 30.10
N HIS B 331 -45.39 -22.06 29.14
CA HIS B 331 -45.05 -22.31 27.75
C HIS B 331 -44.69 -20.97 27.11
N PHE B 332 -43.88 -21.02 26.06
CA PHE B 332 -43.49 -19.81 25.37
C PHE B 332 -43.24 -20.08 23.90
N THR B 333 -43.18 -19.00 23.12
CA THR B 333 -42.84 -19.05 21.71
C THR B 333 -41.78 -17.99 21.41
N THR B 334 -40.72 -18.40 20.72
CA THR B 334 -39.75 -17.44 20.21
C THR B 334 -40.21 -16.87 18.88
N LYS B 335 -40.02 -15.56 18.71
CA LYS B 335 -40.46 -14.87 17.52
C LYS B 335 -39.33 -13.97 17.04
N TYR B 336 -39.32 -13.71 15.74
CA TYR B 336 -38.25 -12.96 15.10
C TYR B 336 -38.82 -12.04 14.03
N VAL B 337 -38.18 -10.88 13.86
CA VAL B 337 -38.67 -9.88 12.93
C VAL B 337 -37.52 -9.34 12.07
N ARG B 345 -27.75 -6.78 -2.27
CA ARG B 345 -27.50 -8.20 -2.03
C ARG B 345 -27.03 -8.46 -0.60
N TRP B 346 -27.73 -7.89 0.37
CA TRP B 346 -27.42 -8.16 1.77
C TRP B 346 -28.19 -9.38 2.26
N ILE B 350 -28.04 -15.00 12.93
CA ILE B 350 -28.61 -15.66 14.10
C ILE B 350 -27.95 -17.01 14.27
N ASN B 351 -26.63 -17.02 14.13
CA ASN B 351 -25.87 -18.26 14.24
C ASN B 351 -25.97 -18.85 15.64
N THR B 352 -26.04 -20.18 15.70
CA THR B 352 -26.22 -20.87 16.97
C THR B 352 -25.03 -20.64 17.92
N GLY B 353 -23.87 -20.33 17.36
CA GLY B 353 -22.71 -20.02 18.18
C GLY B 353 -22.37 -21.15 19.14
N ASN B 354 -22.37 -20.83 20.43
CA ASN B 354 -22.02 -21.78 21.47
C ASN B 354 -23.21 -22.27 22.27
N CYS B 355 -24.42 -21.85 21.91
CA CYS B 355 -25.58 -22.21 22.69
C CYS B 355 -25.94 -23.68 22.46
N PRO B 356 -26.40 -24.39 23.49
CA PRO B 356 -26.74 -25.81 23.32
C PRO B 356 -28.09 -26.01 22.66
N PHE B 357 -28.60 -24.98 22.00
CA PHE B 357 -29.83 -25.06 21.24
C PHE B 357 -29.80 -23.97 20.20
N SER B 358 -30.58 -24.15 19.15
CA SER B 358 -30.61 -23.22 18.04
C SER B 358 -31.92 -22.44 18.07
N PHE B 359 -31.80 -21.13 17.90
CA PHE B 359 -32.96 -20.26 17.88
C PHE B 359 -33.90 -20.66 16.74
N GLY B 360 -35.19 -20.36 16.92
CA GLY B 360 -36.20 -20.94 16.07
C GLY B 360 -36.53 -22.37 16.46
N LYS B 361 -35.55 -23.27 16.27
CA LYS B 361 -35.78 -24.68 16.59
C LYS B 361 -36.22 -24.87 18.03
N VAL B 362 -35.83 -23.95 18.92
CA VAL B 362 -36.30 -23.97 20.31
C VAL B 362 -37.82 -24.07 20.41
N ASN B 363 -38.53 -23.61 19.38
CA ASN B 363 -39.97 -23.78 19.39
C ASN B 363 -40.42 -25.23 19.28
N ASN B 364 -39.51 -26.16 18.97
CA ASN B 364 -39.87 -27.57 18.83
C ASN B 364 -39.86 -28.35 20.14
N PHE B 365 -40.61 -27.85 21.13
CA PHE B 365 -40.86 -28.56 22.38
C PHE B 365 -39.60 -28.85 23.21
N VAL B 366 -38.57 -28.03 23.07
CA VAL B 366 -37.44 -28.13 23.99
C VAL B 366 -37.87 -27.60 25.36
N LYS B 367 -37.39 -28.24 26.42
CA LYS B 367 -37.76 -27.86 27.78
C LYS B 367 -36.54 -27.37 28.54
N PHE B 368 -36.78 -26.42 29.44
CA PHE B 368 -35.74 -25.88 30.32
C PHE B 368 -36.27 -25.79 31.73
N GLY B 369 -35.35 -25.74 32.68
CA GLY B 369 -35.69 -25.39 34.04
C GLY B 369 -35.88 -23.90 34.26
N SER B 370 -35.05 -23.10 33.62
CA SER B 370 -35.27 -21.67 33.52
C SER B 370 -34.48 -21.15 32.33
N VAL B 371 -34.88 -19.99 31.83
CA VAL B 371 -34.10 -19.27 30.82
C VAL B 371 -34.41 -17.79 30.90
N CYS B 372 -33.40 -16.96 30.67
CA CYS B 372 -33.57 -15.52 30.61
C CYS B 372 -32.70 -14.96 29.50
N PHE B 373 -33.10 -13.80 28.99
CA PHE B 373 -32.54 -13.19 27.78
C PHE B 373 -31.95 -11.83 28.11
N SER B 374 -30.89 -11.47 27.38
CA SER B 374 -30.26 -10.15 27.48
C SER B 374 -29.57 -9.84 26.16
N LEU B 375 -29.31 -8.56 25.93
CA LEU B 375 -28.74 -8.14 24.66
C LEU B 375 -27.28 -7.74 24.80
N CYS B 382 -24.93 -17.81 26.84
CA CYS B 382 -24.30 -18.26 25.62
C CYS B 382 -24.23 -17.12 24.62
N ALA B 383 -23.31 -17.21 23.68
CA ALA B 383 -23.17 -16.20 22.63
C ALA B 383 -24.05 -16.57 21.44
N MET B 384 -25.04 -15.72 21.14
CA MET B 384 -25.91 -15.89 19.98
C MET B 384 -25.65 -14.71 19.06
N PRO B 385 -24.55 -14.74 18.31
CA PRO B 385 -24.21 -13.60 17.44
C PRO B 385 -25.26 -13.43 16.36
N ILE B 386 -25.37 -12.19 15.87
CA ILE B 386 -26.15 -11.88 14.68
C ILE B 386 -25.20 -11.33 13.64
N VAL B 387 -25.41 -11.70 12.38
CA VAL B 387 -24.54 -11.29 11.29
C VAL B 387 -25.38 -10.86 10.10
N ALA B 388 -24.96 -9.79 9.44
CA ALA B 388 -25.45 -9.42 8.13
C ALA B 388 -24.39 -9.77 7.10
N ASN B 389 -24.82 -10.27 5.95
CA ASN B 389 -23.88 -10.74 4.95
C ASN B 389 -24.16 -10.10 3.60
N TRP B 390 -23.09 -9.69 2.93
CA TRP B 390 -23.13 -9.22 1.56
C TRP B 390 -22.86 -10.40 0.64
N ALA B 391 -23.92 -10.83 -0.07
CA ALA B 391 -23.87 -11.88 -1.08
C ALA B 391 -23.07 -13.09 -0.60
N TYR B 392 -23.21 -13.42 0.68
CA TYR B 392 -22.43 -14.47 1.33
C TYR B 392 -20.94 -14.22 1.20
N SER B 393 -20.57 -12.97 0.91
CA SER B 393 -19.23 -12.61 0.51
C SER B 393 -18.53 -11.74 1.54
N LYS B 394 -19.29 -11.02 2.37
CA LYS B 394 -18.72 -10.34 3.52
C LYS B 394 -19.69 -10.48 4.68
N TYR B 395 -19.15 -10.54 5.90
CA TYR B 395 -19.96 -10.83 7.07
C TYR B 395 -19.63 -9.84 8.17
N TYR B 396 -20.66 -9.24 8.77
CA TYR B 396 -20.49 -8.25 9.81
C TYR B 396 -21.45 -8.56 10.94
N THR B 397 -20.93 -8.73 12.14
CA THR B 397 -21.81 -8.89 13.30
C THR B 397 -22.34 -7.53 13.76
N ILE B 398 -23.53 -7.55 14.34
CA ILE B 398 -24.21 -6.31 14.67
C ILE B 398 -24.68 -6.36 16.11
N THR B 400 -25.34 -8.83 19.51
CA THR B 400 -25.25 -10.18 20.04
C THR B 400 -26.37 -10.42 21.04
N LEU B 401 -26.99 -11.59 20.96
CA LEU B 401 -27.94 -12.04 21.97
C LEU B 401 -27.24 -12.92 23.00
N TYR B 402 -27.69 -12.82 24.26
CA TYR B 402 -27.20 -13.66 25.34
C TYR B 402 -28.38 -14.27 26.05
N VAL B 403 -28.21 -15.50 26.53
CA VAL B 403 -29.20 -16.16 27.38
C VAL B 403 -28.49 -16.90 28.50
N SER B 404 -29.21 -17.09 29.59
CA SER B 404 -28.80 -18.00 30.65
C SER B 404 -29.92 -19.00 30.87
N TRP B 405 -29.54 -20.25 31.17
CA TRP B 405 -30.56 -21.28 31.33
C TRP B 405 -30.15 -22.25 32.43
N SER B 406 -31.15 -22.90 32.99
CA SER B 406 -30.99 -24.04 33.86
C SER B 406 -31.82 -25.18 33.29
N ASP B 407 -31.22 -26.37 33.23
CA ASP B 407 -31.93 -27.50 32.65
C ASP B 407 -33.01 -27.99 33.59
N GLY B 408 -33.91 -28.80 33.03
CA GLY B 408 -35.07 -29.28 33.76
C GLY B 408 -36.34 -29.10 32.97
N ASP B 409 -37.47 -28.95 33.65
CA ASP B 409 -38.75 -28.78 33.00
C ASP B 409 -39.54 -27.69 33.70
N GLY B 410 -40.58 -27.22 33.01
CA GLY B 410 -41.43 -26.19 33.55
C GLY B 410 -41.75 -25.11 32.53
N ILE B 411 -40.92 -24.99 31.51
CA ILE B 411 -41.13 -24.04 30.43
C ILE B 411 -40.72 -24.72 29.13
N THR B 412 -41.57 -24.61 28.11
CA THR B 412 -41.37 -25.33 26.87
C THR B 412 -41.60 -24.42 25.67
N GLY B 413 -40.71 -24.51 24.68
CA GLY B 413 -40.89 -23.77 23.44
C GLY B 413 -41.89 -24.47 22.54
N VAL B 414 -42.84 -23.70 22.02
CA VAL B 414 -43.93 -24.25 21.22
C VAL B 414 -44.00 -23.47 19.91
N PRO B 415 -44.43 -24.08 18.81
CA PRO B 415 -44.41 -23.34 17.55
C PRO B 415 -45.46 -22.24 17.49
N GLN B 416 -46.65 -22.50 18.03
CA GLN B 416 -47.72 -21.53 18.06
C GLN B 416 -48.55 -21.78 19.32
N PRO B 417 -49.21 -20.75 19.87
CA PRO B 417 -49.96 -20.87 21.11
C PRO B 417 -51.10 -21.90 21.04
N GLY B 420 -57.42 -23.33 29.50
CA GLY B 420 -56.18 -23.07 30.21
C GLY B 420 -55.78 -24.22 31.11
N VAL B 421 -56.54 -25.31 31.04
CA VAL B 421 -56.39 -26.41 32.00
C VAL B 421 -56.38 -27.73 31.24
N SER B 422 -57.09 -27.79 30.12
CA SER B 422 -57.21 -29.02 29.34
C SER B 422 -55.95 -29.24 28.50
N SER B 423 -55.85 -30.44 27.92
CA SER B 423 -54.84 -30.75 26.92
C SER B 423 -55.44 -31.47 25.72
N PHE B 424 -55.03 -31.04 24.53
CA PHE B 424 -55.41 -31.67 23.27
C PHE B 424 -54.49 -32.84 22.95
N MET B 425 -54.91 -33.64 21.96
CA MET B 425 -54.11 -34.76 21.45
C MET B 425 -54.20 -34.77 19.92
N ASN B 426 -53.31 -34.03 19.29
CA ASN B 426 -53.23 -34.00 17.83
C ASN B 426 -52.57 -35.29 17.35
N VAL B 427 -53.38 -36.26 16.91
CA VAL B 427 -52.91 -37.60 16.61
C VAL B 427 -53.30 -37.96 15.18
N THR B 428 -52.44 -38.74 14.52
CA THR B 428 -52.62 -39.09 13.11
C THR B 428 -52.11 -40.52 12.90
N LEU B 429 -53.04 -41.46 12.76
CA LEU B 429 -52.69 -42.88 12.75
C LEU B 429 -52.24 -43.36 11.38
N ASP B 430 -51.63 -44.55 11.40
CA ASP B 430 -51.34 -45.38 10.23
C ASP B 430 -50.55 -44.67 9.15
N LYS B 431 -49.89 -43.58 9.48
CA LYS B 431 -49.02 -42.90 8.54
C LYS B 431 -47.75 -42.51 9.25
N CYS B 432 -46.66 -42.42 8.49
CA CYS B 432 -45.40 -42.08 9.12
C CYS B 432 -45.50 -40.67 9.65
N THR B 433 -45.68 -40.54 10.96
CA THR B 433 -45.69 -39.25 11.61
C THR B 433 -44.31 -38.90 12.11
N LYS B 434 -44.11 -37.62 12.37
CA LYS B 434 -43.12 -37.14 13.32
C LYS B 434 -43.83 -36.88 14.64
N TYR B 435 -43.77 -37.83 15.54
CA TYR B 435 -44.44 -37.69 16.82
C TYR B 435 -43.58 -36.94 17.81
N ASN B 436 -44.23 -36.40 18.83
CA ASN B 436 -43.56 -35.83 20.00
C ASN B 436 -44.40 -36.17 21.23
N ILE B 437 -44.23 -37.39 21.71
CA ILE B 437 -45.11 -38.01 22.68
C ILE B 437 -44.50 -37.90 24.07
N TYR B 438 -45.17 -37.16 24.95
CA TYR B 438 -44.70 -36.97 26.33
C TYR B 438 -43.25 -36.51 26.37
N ASP B 439 -42.92 -35.61 25.45
CA ASP B 439 -41.57 -35.13 25.25
C ASP B 439 -40.58 -36.26 24.99
N VAL B 440 -40.98 -37.22 24.16
CA VAL B 440 -40.10 -38.09 23.40
C VAL B 440 -40.39 -37.84 21.93
N SER B 441 -39.40 -37.41 21.18
CA SER B 441 -39.64 -37.05 19.79
C SER B 441 -39.07 -38.10 18.86
N GLY B 442 -39.82 -38.43 17.81
CA GLY B 442 -39.39 -39.50 16.94
C GLY B 442 -40.19 -39.53 15.65
N VAL B 443 -39.96 -40.58 14.87
CA VAL B 443 -40.71 -40.84 13.64
C VAL B 443 -41.23 -42.26 13.68
N GLY B 444 -42.46 -42.46 13.24
CA GLY B 444 -43.02 -43.81 13.26
C GLY B 444 -44.43 -43.84 12.73
N VAL B 445 -44.86 -45.04 12.36
CA VAL B 445 -46.27 -45.36 12.23
C VAL B 445 -46.87 -45.56 13.61
N ILE B 446 -48.04 -44.98 13.84
CA ILE B 446 -48.79 -45.16 15.08
C ILE B 446 -50.01 -46.00 14.78
N ARG B 447 -50.21 -47.06 15.55
CA ARG B 447 -51.33 -47.94 15.31
C ARG B 447 -51.94 -48.38 16.64
N VAL B 448 -53.27 -48.27 16.77
CA VAL B 448 -53.93 -48.82 17.95
C VAL B 448 -53.61 -50.30 18.05
N SER B 449 -53.51 -50.80 19.28
CA SER B 449 -53.15 -52.19 19.45
C SER B 449 -53.95 -52.79 20.58
N ASN B 450 -54.29 -54.05 20.42
CA ASN B 450 -55.21 -54.74 21.32
C ASN B 450 -54.59 -55.16 22.63
N ASP B 451 -53.27 -55.12 22.73
CA ASP B 451 -52.62 -55.44 24.00
C ASP B 451 -52.94 -54.38 25.03
N THR B 452 -53.18 -54.80 26.27
CA THR B 452 -53.57 -53.92 27.35
C THR B 452 -52.76 -54.19 28.61
N PHE B 453 -52.41 -53.12 29.31
CA PHE B 453 -51.59 -53.17 30.51
C PHE B 453 -52.15 -52.18 31.50
N LEU B 454 -51.78 -52.36 32.76
CA LEU B 454 -52.03 -51.28 33.70
C LEU B 454 -50.84 -50.35 33.82
N ASN B 455 -49.65 -50.91 34.00
CA ASN B 455 -48.52 -50.12 34.46
C ASN B 455 -48.14 -49.03 33.47
N GLY B 456 -47.60 -47.95 34.01
CA GLY B 456 -46.78 -47.03 33.26
C GLY B 456 -47.53 -46.20 32.23
N ILE B 457 -46.74 -45.49 31.43
CA ILE B 457 -47.26 -44.69 30.33
C ILE B 457 -46.51 -44.95 29.04
N THR B 458 -45.23 -44.66 29.02
CA THR B 458 -44.42 -44.96 27.84
C THR B 458 -43.78 -46.34 27.98
N TYR B 459 -43.88 -47.14 26.93
CA TYR B 459 -43.31 -48.46 26.90
C TYR B 459 -42.08 -48.45 26.00
N THR B 460 -40.93 -48.85 26.52
CA THR B 460 -39.69 -48.68 25.78
C THR B 460 -38.85 -49.93 25.86
N SER B 461 -38.04 -50.12 24.83
CA SER B 461 -37.23 -51.32 24.73
C SER B 461 -35.92 -51.11 25.46
N THR B 462 -35.06 -52.13 25.43
CA THR B 462 -33.73 -51.99 25.98
C THR B 462 -32.94 -50.92 25.24
N SER B 463 -33.15 -50.79 23.94
CA SER B 463 -32.41 -49.78 23.21
C SER B 463 -32.86 -48.38 23.54
N GLY B 464 -33.95 -48.23 24.26
CA GLY B 464 -34.50 -46.92 24.57
C GLY B 464 -35.39 -46.35 23.50
N ASN B 465 -35.50 -47.00 22.35
CA ASN B 465 -36.57 -46.67 21.43
C ASN B 465 -37.91 -46.90 22.10
N LEU B 466 -38.84 -45.99 21.88
CA LEU B 466 -40.22 -46.20 22.25
C LEU B 466 -40.84 -47.31 21.40
N LEU B 467 -41.56 -48.23 22.05
CA LEU B 467 -42.32 -49.24 21.33
C LEU B 467 -43.82 -48.98 21.37
N GLY B 468 -44.31 -48.22 22.33
CA GLY B 468 -45.72 -47.89 22.38
C GLY B 468 -46.04 -46.99 23.54
N PHE B 469 -47.09 -46.19 23.40
CA PHE B 469 -47.50 -45.27 24.46
C PHE B 469 -48.97 -45.45 24.79
N LYS B 470 -49.30 -45.21 26.05
CA LYS B 470 -50.68 -45.25 26.50
C LYS B 470 -51.37 -43.91 26.34
N ASP B 471 -52.64 -43.96 25.96
CA ASP B 471 -53.54 -42.81 26.03
C ASP B 471 -54.13 -42.75 27.43
N VAL B 472 -53.73 -41.74 28.20
CA VAL B 472 -54.20 -41.61 29.57
C VAL B 472 -55.72 -41.52 29.67
N THR B 473 -56.37 -40.87 28.69
CA THR B 473 -57.79 -40.58 28.83
C THR B 473 -58.70 -41.70 28.36
N LYS B 474 -58.20 -42.60 27.52
CA LYS B 474 -59.04 -43.65 26.97
C LYS B 474 -58.50 -45.05 27.19
N GLY B 475 -57.25 -45.19 27.63
CA GLY B 475 -56.70 -46.47 27.96
C GLY B 475 -56.34 -47.35 26.79
N THR B 476 -56.74 -47.00 25.57
CA THR B 476 -56.16 -47.64 24.39
C THR B 476 -54.65 -47.46 24.42
N ILE B 477 -53.94 -48.48 23.96
CA ILE B 477 -52.50 -48.42 23.82
C ILE B 477 -52.19 -48.27 22.34
N TYR B 478 -51.47 -47.22 21.99
CA TYR B 478 -51.00 -47.04 20.62
C TYR B 478 -49.59 -47.62 20.53
N SER B 479 -49.44 -48.68 19.74
CA SER B 479 -48.13 -49.18 19.38
C SER B 479 -47.44 -48.25 18.39
N ILE B 480 -46.12 -48.16 18.50
CA ILE B 480 -45.28 -47.40 17.59
C ILE B 480 -44.42 -48.35 16.78
N THR B 481 -44.43 -48.20 15.47
CA THR B 481 -43.72 -49.10 14.57
C THR B 481 -42.88 -48.30 13.58
N PRO B 482 -41.61 -48.58 13.41
CA PRO B 482 -40.78 -47.73 12.56
C PRO B 482 -41.16 -47.93 11.12
N CYS B 483 -41.09 -46.85 10.36
CA CYS B 483 -41.25 -46.95 8.92
C CYS B 483 -40.04 -47.66 8.33
N ASN B 484 -40.26 -48.41 7.26
CA ASN B 484 -39.21 -49.06 6.48
C ASN B 484 -38.15 -49.84 7.28
N PRO B 485 -38.55 -50.82 8.09
CA PRO B 485 -37.56 -51.72 8.65
C PRO B 485 -36.88 -52.49 7.54
N PRO B 486 -35.66 -52.97 7.76
CA PRO B 486 -34.87 -53.53 6.65
C PRO B 486 -35.45 -54.81 6.08
N ASP B 487 -35.36 -54.94 4.76
CA ASP B 487 -35.64 -56.14 4.00
C ASP B 487 -34.35 -56.79 3.55
N GLN B 488 -34.44 -58.03 3.07
CA GLN B 488 -33.29 -58.69 2.49
C GLN B 488 -33.50 -58.89 1.00
N LEU B 489 -32.49 -58.64 0.20
CA LEU B 489 -32.55 -58.81 -1.24
C LEU B 489 -31.64 -59.94 -1.68
N VAL B 490 -32.04 -60.67 -2.72
CA VAL B 490 -31.18 -61.64 -3.39
C VAL B 490 -30.64 -61.02 -4.66
N VAL B 491 -29.31 -60.90 -4.76
CA VAL B 491 -28.66 -60.43 -5.96
C VAL B 491 -28.01 -61.60 -6.66
N TYR B 492 -28.33 -61.76 -7.95
CA TYR B 492 -27.76 -62.82 -8.77
C TYR B 492 -27.51 -62.29 -10.17
N GLN B 493 -26.29 -62.45 -10.64
CA GLN B 493 -25.85 -61.90 -11.92
C GLN B 493 -26.32 -60.47 -12.07
N GLN B 494 -26.19 -59.71 -11.00
CA GLN B 494 -26.52 -58.28 -10.99
C GLN B 494 -27.96 -57.99 -11.38
N ALA B 495 -28.88 -58.82 -10.91
CA ALA B 495 -30.29 -58.46 -10.89
C ALA B 495 -30.84 -58.77 -9.51
N VAL B 496 -31.82 -57.99 -9.07
CA VAL B 496 -32.49 -58.31 -7.81
C VAL B 496 -33.57 -59.32 -8.14
N VAL B 497 -33.27 -60.61 -7.98
CA VAL B 497 -34.19 -61.63 -8.45
C VAL B 497 -35.25 -62.01 -7.44
N GLY B 498 -35.10 -61.62 -6.19
CA GLY B 498 -36.10 -61.93 -5.20
C GLY B 498 -35.82 -61.15 -3.93
N ALA B 499 -36.86 -60.99 -3.13
CA ALA B 499 -36.69 -60.27 -1.87
C ALA B 499 -37.38 -61.00 -0.75
N MET B 500 -36.70 -61.12 0.38
CA MET B 500 -37.26 -61.68 1.59
C MET B 500 -37.75 -60.54 2.48
N LEU B 501 -39.06 -60.40 2.54
CA LEU B 501 -39.80 -59.29 3.11
C LEU B 501 -40.21 -59.59 4.56
N SER B 502 -41.22 -58.85 5.04
CA SER B 502 -41.93 -59.18 6.27
C SER B 502 -43.41 -58.82 6.19
N GLU B 503 -44.02 -58.91 5.01
CA GLU B 503 -45.44 -58.59 4.83
C GLU B 503 -46.06 -59.51 3.81
N ASN B 504 -47.37 -59.71 3.93
CA ASN B 504 -48.11 -60.58 3.02
C ASN B 504 -48.46 -59.90 1.71
N PHE B 505 -47.58 -59.04 1.19
CA PHE B 505 -47.84 -58.47 -0.13
C PHE B 505 -46.52 -58.09 -0.77
N THR B 506 -46.54 -58.05 -2.10
CA THR B 506 -45.34 -57.84 -2.89
C THR B 506 -44.85 -56.40 -2.82
N SER B 507 -43.55 -56.23 -3.00
CA SER B 507 -42.93 -54.93 -3.17
C SER B 507 -41.90 -55.07 -4.27
N TYR B 508 -41.48 -53.94 -4.82
CA TYR B 508 -40.61 -53.86 -5.98
C TYR B 508 -41.25 -54.47 -7.22
N GLY B 509 -42.55 -54.70 -7.21
CA GLY B 509 -43.25 -55.17 -8.39
C GLY B 509 -43.17 -56.66 -8.68
N PHE B 510 -42.72 -57.48 -7.76
CA PHE B 510 -42.64 -58.89 -8.13
C PHE B 510 -44.03 -59.50 -8.09
N SER B 511 -44.19 -60.59 -8.84
CA SER B 511 -45.51 -61.12 -9.08
C SER B 511 -46.05 -61.87 -7.88
N ASN B 512 -45.23 -62.70 -7.25
CA ASN B 512 -45.74 -63.71 -6.36
C ASN B 512 -45.09 -63.59 -4.99
N VAL B 513 -45.87 -63.86 -3.97
CA VAL B 513 -45.42 -63.90 -2.60
C VAL B 513 -45.77 -65.24 -2.01
N VAL B 514 -44.89 -65.77 -1.17
CA VAL B 514 -45.09 -67.05 -0.51
C VAL B 514 -44.78 -66.86 0.96
N GLU B 515 -45.46 -67.62 1.80
CA GLU B 515 -45.29 -67.53 3.25
C GLU B 515 -44.41 -68.67 3.72
N LEU B 516 -43.11 -68.46 3.64
CA LEU B 516 -42.17 -69.38 4.24
C LEU B 516 -42.30 -69.31 5.77
N PRO B 517 -41.68 -70.25 6.49
CA PRO B 517 -41.98 -70.36 7.92
C PRO B 517 -41.78 -69.10 8.71
N LYS B 518 -40.75 -68.31 8.41
CA LYS B 518 -40.46 -67.15 9.23
C LYS B 518 -40.52 -65.84 8.47
N PHE B 519 -40.73 -65.86 7.17
CA PHE B 519 -40.73 -64.61 6.42
C PHE B 519 -41.48 -64.81 5.13
N PHE B 520 -42.02 -63.72 4.61
CA PHE B 520 -42.60 -63.70 3.28
C PHE B 520 -41.49 -63.58 2.26
N TYR B 521 -41.69 -64.21 1.12
CA TYR B 521 -40.73 -64.08 0.02
C TYR B 521 -41.46 -63.68 -1.24
N ALA B 522 -40.96 -62.64 -1.91
CA ALA B 522 -41.56 -62.13 -3.12
C ALA B 522 -40.58 -62.32 -4.27
N SER B 523 -41.06 -62.87 -5.38
CA SER B 523 -40.23 -63.05 -6.56
C SER B 523 -41.13 -63.12 -7.78
N ASN B 524 -40.53 -63.47 -8.92
CA ASN B 524 -41.23 -63.57 -10.19
C ASN B 524 -41.38 -64.99 -10.70
N GLY B 525 -40.29 -65.74 -10.69
CA GLY B 525 -40.25 -66.99 -11.42
C GLY B 525 -41.17 -68.03 -10.82
N THR B 526 -41.77 -68.82 -11.70
CA THR B 526 -42.57 -69.95 -11.23
C THR B 526 -41.64 -70.98 -10.62
N TYR B 527 -42.00 -71.45 -9.44
CA TYR B 527 -41.33 -72.55 -8.79
C TYR B 527 -41.41 -73.82 -9.62
N ASN B 528 -40.56 -73.89 -10.65
CA ASN B 528 -40.45 -75.08 -11.48
C ASN B 528 -39.00 -75.51 -11.68
N CYS B 529 -38.05 -74.74 -11.19
CA CYS B 529 -36.64 -75.11 -11.24
C CYS B 529 -36.37 -76.24 -10.25
N THR B 530 -35.20 -76.84 -10.39
CA THR B 530 -34.72 -77.83 -9.42
C THR B 530 -33.23 -77.69 -9.18
N ASP B 531 -32.69 -76.49 -9.32
CA ASP B 531 -31.24 -76.30 -9.36
C ASP B 531 -30.89 -75.04 -8.57
N ALA B 532 -30.74 -75.20 -7.26
CA ALA B 532 -30.44 -74.06 -6.39
C ALA B 532 -29.02 -73.55 -6.62
N VAL B 533 -28.87 -72.24 -6.74
CA VAL B 533 -27.56 -71.61 -6.87
C VAL B 533 -27.17 -70.78 -5.66
N LEU B 534 -28.10 -70.49 -4.76
CA LEU B 534 -27.74 -69.86 -3.48
C LEU B 534 -28.44 -70.59 -2.36
N THR B 535 -27.79 -70.64 -1.18
CA THR B 535 -28.26 -71.50 -0.10
C THR B 535 -28.31 -70.75 1.23
N TYR B 536 -29.46 -70.13 1.49
CA TYR B 536 -29.76 -69.45 2.75
C TYR B 536 -30.03 -70.58 3.73
N SER B 537 -28.94 -71.17 4.23
CA SER B 537 -29.04 -72.36 5.06
C SER B 537 -29.75 -73.50 4.34
N SER B 538 -31.01 -73.69 4.70
CA SER B 538 -31.86 -74.72 4.12
C SER B 538 -32.48 -74.35 2.78
N PHE B 539 -32.61 -73.06 2.46
CA PHE B 539 -33.40 -72.63 1.31
C PHE B 539 -32.50 -72.36 0.12
N GLY B 540 -32.79 -72.99 -1.01
CA GLY B 540 -32.02 -72.77 -2.22
C GLY B 540 -32.80 -71.88 -3.17
N VAL B 541 -32.15 -70.83 -3.65
CA VAL B 541 -32.70 -70.00 -4.71
C VAL B 541 -32.01 -70.33 -6.02
N CYS B 542 -32.81 -70.53 -7.06
CA CYS B 542 -32.34 -70.80 -8.41
C CYS B 542 -32.49 -69.56 -9.28
N ALA B 543 -31.92 -69.63 -10.48
CA ALA B 543 -31.66 -68.43 -11.26
C ALA B 543 -32.91 -67.70 -11.71
N ASP B 544 -34.07 -68.35 -11.68
CA ASP B 544 -35.30 -67.60 -11.89
C ASP B 544 -35.80 -66.92 -10.64
N GLY B 545 -35.20 -67.22 -9.50
CA GLY B 545 -35.55 -66.58 -8.25
C GLY B 545 -36.66 -67.25 -7.48
N SER B 546 -37.17 -68.38 -7.95
CA SER B 546 -38.06 -69.19 -7.13
C SER B 546 -37.27 -69.93 -6.06
N ILE B 547 -37.96 -70.33 -5.00
CA ILE B 547 -37.35 -70.79 -3.76
C ILE B 547 -37.73 -72.25 -3.52
N ILE B 548 -36.73 -73.07 -3.17
CA ILE B 548 -36.90 -74.51 -3.11
C ILE B 548 -36.18 -75.09 -1.90
N ALA B 549 -36.69 -76.21 -1.42
CA ALA B 549 -36.02 -76.92 -0.33
C ALA B 549 -34.75 -77.57 -0.85
N VAL B 550 -33.75 -77.66 0.02
CA VAL B 550 -32.47 -78.25 -0.33
C VAL B 550 -32.33 -79.59 0.39
N GLN B 551 -32.26 -80.66 -0.39
CA GLN B 551 -31.60 -81.88 0.04
C GLN B 551 -31.39 -82.82 -1.14
N ALA B 566 -32.83 -108.55 -13.81
CA ALA B 566 -33.32 -107.34 -14.43
C ALA B 566 -32.22 -106.66 -15.24
N ASN B 567 -32.60 -105.75 -16.13
CA ASN B 567 -31.68 -105.07 -17.03
C ASN B 567 -31.52 -103.63 -16.57
N LEU B 568 -30.27 -103.23 -16.32
CA LEU B 568 -29.96 -101.99 -15.63
C LEU B 568 -29.41 -100.97 -16.61
N SER B 569 -29.83 -99.70 -16.44
CA SER B 569 -29.62 -98.65 -17.42
C SER B 569 -28.16 -98.19 -17.48
N ILE B 570 -27.24 -99.13 -17.70
CA ILE B 570 -25.83 -98.74 -17.79
C ILE B 570 -25.63 -97.86 -19.01
N PRO B 571 -24.90 -96.75 -18.90
CA PRO B 571 -24.61 -95.93 -20.08
C PRO B 571 -23.91 -96.72 -21.16
N SER B 572 -24.50 -96.71 -22.36
CA SER B 572 -23.85 -97.32 -23.51
C SER B 572 -22.76 -96.44 -24.09
N ASN B 573 -22.68 -95.18 -23.67
CA ASN B 573 -21.58 -94.32 -24.10
C ASN B 573 -21.14 -93.44 -22.93
N TRP B 574 -19.97 -92.83 -23.08
CA TRP B 574 -19.43 -91.95 -22.07
C TRP B 574 -19.07 -90.62 -22.71
N THR B 575 -19.06 -89.56 -21.90
CA THR B 575 -18.49 -88.30 -22.36
C THR B 575 -17.71 -87.66 -21.21
N ILE B 576 -16.66 -86.94 -21.55
CA ILE B 576 -15.89 -86.26 -20.53
C ILE B 576 -16.43 -84.84 -20.37
N SER B 577 -16.11 -84.23 -19.23
CA SER B 577 -16.36 -82.81 -19.05
C SER B 577 -15.29 -82.20 -18.17
N VAL B 578 -15.16 -80.88 -18.27
CA VAL B 578 -14.18 -80.11 -17.53
C VAL B 578 -14.92 -79.11 -16.65
N GLN B 579 -14.67 -79.17 -15.34
CA GLN B 579 -15.34 -78.32 -14.37
C GLN B 579 -14.29 -77.57 -13.58
N VAL B 580 -14.46 -76.26 -13.44
CA VAL B 580 -13.45 -75.41 -12.83
C VAL B 580 -13.79 -75.14 -11.37
N GLU B 581 -12.75 -74.85 -10.60
CA GLU B 581 -12.85 -74.52 -9.18
C GLU B 581 -11.75 -73.53 -8.84
N TYR B 582 -12.01 -72.66 -7.86
CA TYR B 582 -11.01 -71.67 -7.47
C TYR B 582 -10.85 -71.66 -5.96
N LEU B 583 -9.61 -71.62 -5.49
CA LEU B 583 -9.33 -71.55 -4.06
C LEU B 583 -8.29 -70.49 -3.79
N GLN B 584 -8.56 -69.62 -2.82
CA GLN B 584 -7.64 -68.55 -2.49
C GLN B 584 -6.47 -69.10 -1.70
N ILE B 585 -5.25 -68.71 -2.08
CA ILE B 585 -4.05 -69.23 -1.44
C ILE B 585 -3.35 -68.20 -0.57
N THR B 586 -3.47 -66.92 -0.86
CA THR B 586 -2.67 -65.92 -0.16
C THR B 586 -3.49 -64.65 -0.02
N SER B 587 -2.97 -63.72 0.76
CA SER B 587 -3.29 -62.32 0.60
C SER B 587 -2.00 -61.51 0.61
N THR B 588 -2.07 -60.32 0.07
CA THR B 588 -0.91 -59.44 0.04
C THR B 588 -0.74 -58.78 1.38
N PRO B 589 0.36 -59.03 2.09
CA PRO B 589 0.52 -58.45 3.42
C PRO B 589 0.65 -56.95 3.34
N ILE B 590 0.21 -56.29 4.41
CA ILE B 590 0.39 -54.87 4.59
C ILE B 590 1.14 -54.62 5.89
N VAL B 591 2.02 -53.64 5.89
CA VAL B 591 2.70 -53.18 7.09
C VAL B 591 2.44 -51.69 7.21
N VAL B 592 2.43 -51.18 8.44
CA VAL B 592 2.08 -49.79 8.69
C VAL B 592 3.04 -49.20 9.71
N ASP B 593 3.57 -48.02 9.43
CA ASP B 593 4.10 -47.17 10.49
C ASP B 593 2.99 -46.66 11.38
N CYS B 594 3.12 -46.91 12.68
CA CYS B 594 2.27 -46.21 13.62
C CYS B 594 2.50 -44.70 13.58
N SER B 595 3.76 -44.29 13.71
CA SER B 595 4.07 -42.88 13.83
C SER B 595 3.64 -42.08 12.61
N THR B 596 3.99 -42.56 11.42
CA THR B 596 3.64 -41.83 10.21
C THR B 596 2.14 -41.75 10.02
N TYR B 597 1.43 -42.84 10.28
CA TYR B 597 -0.01 -42.81 10.09
C TYR B 597 -0.66 -41.83 11.03
N VAL B 598 -0.28 -41.87 12.30
CA VAL B 598 -0.94 -41.04 13.29
C VAL B 598 -0.59 -39.57 13.11
N CYS B 599 0.70 -39.25 13.19
CA CYS B 599 1.13 -37.86 13.26
C CYS B 599 1.36 -37.21 11.91
N ASN B 600 1.43 -37.98 10.84
CA ASN B 600 1.62 -37.46 9.50
C ASN B 600 2.84 -36.56 9.38
N GLY B 601 3.84 -36.79 10.22
CA GLY B 601 5.10 -36.09 10.12
C GLY B 601 5.26 -34.86 10.97
N ASN B 602 4.21 -34.38 11.62
CA ASN B 602 4.35 -33.24 12.51
C ASN B 602 5.21 -33.61 13.71
N VAL B 603 6.34 -32.94 13.86
CA VAL B 603 7.33 -33.36 14.86
C VAL B 603 6.81 -33.13 16.27
N ARG B 604 5.90 -32.17 16.47
CA ARG B 604 5.32 -31.99 17.79
C ARG B 604 4.43 -33.16 18.16
N CYS B 605 3.64 -33.63 17.20
CA CYS B 605 2.84 -34.82 17.42
C CYS B 605 3.72 -36.02 17.74
N VAL B 606 4.76 -36.23 16.94
CA VAL B 606 5.65 -37.37 17.17
C VAL B 606 6.27 -37.29 18.55
N GLU B 607 6.67 -36.09 18.97
CA GLU B 607 7.17 -35.94 20.33
C GLU B 607 6.13 -36.35 21.34
N LEU B 608 4.90 -35.89 21.15
CA LEU B 608 3.86 -36.16 22.12
C LEU B 608 3.48 -37.62 22.18
N LEU B 609 3.59 -38.32 21.05
CA LEU B 609 3.14 -39.71 20.98
C LEU B 609 3.92 -40.60 21.93
N LYS B 610 5.14 -40.23 22.26
CA LYS B 610 5.94 -41.01 23.20
C LYS B 610 5.33 -41.09 24.59
N GLN B 611 4.27 -40.35 24.86
CA GLN B 611 3.53 -40.58 26.10
C GLN B 611 2.71 -41.86 26.06
N TYR B 612 2.34 -42.33 24.88
CA TYR B 612 1.48 -43.50 24.72
C TYR B 612 2.31 -44.78 24.71
N THR B 613 2.95 -45.03 25.85
CA THR B 613 4.03 -45.99 25.93
C THR B 613 3.61 -47.34 25.37
N SER B 614 4.41 -47.85 24.45
CA SER B 614 4.22 -49.14 23.83
C SER B 614 2.91 -49.27 23.08
N ALA B 615 2.22 -48.17 22.83
CA ALA B 615 0.98 -48.28 22.08
C ALA B 615 1.22 -48.43 20.59
N CYS B 616 2.34 -47.94 20.06
CA CYS B 616 2.65 -48.16 18.66
C CYS B 616 3.26 -49.53 18.41
N LYS B 617 4.23 -49.92 19.22
CA LYS B 617 4.91 -51.19 19.03
C LYS B 617 3.92 -52.34 18.86
N THR B 618 2.93 -52.43 19.74
CA THR B 618 2.06 -53.59 19.72
C THR B 618 1.23 -53.72 18.46
N ILE B 619 1.05 -52.63 17.71
CA ILE B 619 0.33 -52.74 16.43
C ILE B 619 1.24 -53.29 15.34
N GLU B 620 2.32 -52.58 15.05
CA GLU B 620 3.16 -52.99 13.94
C GLU B 620 3.76 -54.34 14.22
N ASP B 621 3.88 -54.71 15.50
CA ASP B 621 4.33 -56.05 15.82
C ASP B 621 3.36 -57.09 15.27
N ALA B 622 2.08 -56.97 15.60
CA ALA B 622 1.13 -57.98 15.16
C ALA B 622 1.06 -58.05 13.65
N LEU B 623 1.10 -56.89 12.98
CA LEU B 623 1.08 -56.92 11.53
C LEU B 623 2.31 -57.61 10.98
N ARG B 624 3.49 -57.13 11.36
CA ARG B 624 4.71 -57.67 10.80
C ARG B 624 4.81 -59.17 11.03
N ASN B 625 4.52 -59.63 12.24
CA ASN B 625 4.69 -61.05 12.50
C ASN B 625 3.65 -61.91 11.80
N SER B 626 2.47 -61.38 11.54
CA SER B 626 1.58 -62.17 10.69
C SER B 626 2.17 -62.29 9.31
N ALA B 627 2.70 -61.20 8.77
CA ALA B 627 3.23 -61.25 7.41
C ALA B 627 4.39 -62.22 7.32
N ARG B 628 5.31 -62.16 8.27
CA ARG B 628 6.40 -63.13 8.34
C ARG B 628 5.89 -64.56 8.29
N LEU B 629 4.99 -64.89 9.20
CA LEU B 629 4.59 -66.28 9.33
C LEU B 629 3.88 -66.75 8.07
N GLU B 630 3.04 -65.89 7.50
CA GLU B 630 2.30 -66.27 6.30
C GLU B 630 3.21 -66.44 5.09
N SER B 631 4.18 -65.53 4.92
CA SER B 631 5.13 -65.69 3.84
C SER B 631 5.91 -66.98 3.96
N ALA B 632 6.29 -67.34 5.18
CA ALA B 632 6.99 -68.60 5.34
C ALA B 632 6.11 -69.77 4.96
N ASP B 633 4.85 -69.74 5.36
CA ASP B 633 3.94 -70.82 5.00
C ASP B 633 3.81 -70.99 3.51
N VAL B 634 3.50 -69.90 2.80
CA VAL B 634 3.29 -70.01 1.36
C VAL B 634 4.57 -70.46 0.67
N SER B 635 5.70 -69.85 1.01
CA SER B 635 6.92 -70.19 0.32
C SER B 635 7.37 -71.61 0.63
N GLU B 636 6.95 -72.17 1.76
CA GLU B 636 7.17 -73.58 1.96
C GLU B 636 6.26 -74.41 1.07
N MET B 637 5.01 -74.00 0.92
CA MET B 637 4.04 -74.85 0.22
C MET B 637 4.43 -75.07 -1.24
N LEU B 638 4.84 -74.02 -1.93
CA LEU B 638 5.20 -74.09 -3.34
C LEU B 638 6.51 -74.84 -3.53
N THR B 639 6.47 -76.03 -4.13
CA THR B 639 7.68 -76.76 -4.48
C THR B 639 8.12 -76.41 -5.90
N PHE B 640 9.23 -77.00 -6.34
CA PHE B 640 9.59 -76.95 -7.74
C PHE B 640 10.38 -78.20 -8.12
N ASP B 641 10.29 -78.58 -9.40
CA ASP B 641 11.14 -79.64 -9.94
C ASP B 641 11.42 -79.34 -11.40
N LYS B 642 12.68 -79.00 -11.70
CA LYS B 642 13.07 -78.62 -13.05
C LYS B 642 12.78 -79.74 -14.05
N LYS B 643 13.03 -80.98 -13.67
CA LYS B 643 12.81 -82.11 -14.57
C LYS B 643 11.40 -82.12 -15.16
N ALA B 644 10.38 -82.10 -14.31
CA ALA B 644 9.02 -82.09 -14.82
C ALA B 644 8.73 -80.82 -15.62
N PHE B 645 9.29 -79.70 -15.17
CA PHE B 645 9.01 -78.43 -15.84
C PHE B 645 9.51 -78.43 -17.28
N THR B 646 10.72 -78.96 -17.50
CA THR B 646 11.20 -79.09 -18.86
C THR B 646 10.44 -80.18 -19.62
N LEU B 647 10.02 -81.24 -18.92
CA LEU B 647 9.18 -82.26 -19.54
C LEU B 647 7.78 -81.77 -19.88
N ALA B 648 7.42 -80.54 -19.49
CA ALA B 648 6.08 -80.02 -19.71
C ALA B 648 5.79 -79.61 -21.15
N ASN B 649 6.68 -79.82 -22.11
CA ASN B 649 6.40 -79.46 -23.49
C ASN B 649 5.17 -80.17 -24.03
N VAL B 650 4.29 -79.40 -24.68
CA VAL B 650 2.98 -79.90 -25.12
C VAL B 650 3.10 -81.13 -26.01
N SER B 651 4.22 -81.29 -26.70
CA SER B 651 4.39 -82.44 -27.58
C SER B 651 4.18 -83.77 -26.85
N SER B 652 4.38 -83.79 -25.54
CA SER B 652 4.18 -85.02 -24.78
C SER B 652 2.73 -85.47 -24.72
N PHE B 653 1.76 -84.62 -25.07
CA PHE B 653 0.36 -84.94 -24.88
C PHE B 653 -0.42 -85.19 -26.17
N GLY B 654 0.18 -84.94 -27.32
CA GLY B 654 -0.47 -85.28 -28.58
C GLY B 654 -1.79 -84.57 -28.83
N ASP B 655 -2.85 -85.35 -29.04
CA ASP B 655 -4.17 -84.85 -29.36
C ASP B 655 -4.92 -84.24 -28.17
N TYR B 656 -4.39 -84.34 -26.96
CA TYR B 656 -4.89 -83.56 -25.84
C TYR B 656 -4.33 -82.15 -25.94
N ASN B 657 -5.15 -81.21 -26.39
CA ASN B 657 -4.68 -79.85 -26.64
C ASN B 657 -4.59 -79.15 -25.29
N LEU B 658 -3.40 -79.23 -24.69
CA LEU B 658 -3.10 -78.58 -23.41
C LEU B 658 -2.34 -77.27 -23.55
N SER B 659 -2.28 -76.70 -24.75
CA SER B 659 -1.51 -75.47 -24.92
C SER B 659 -1.99 -74.35 -24.02
N SER B 660 -3.28 -74.36 -23.67
CA SER B 660 -3.84 -73.30 -22.84
C SER B 660 -3.30 -73.28 -21.43
N VAL B 661 -2.79 -74.40 -20.91
CA VAL B 661 -2.48 -74.48 -19.49
C VAL B 661 -0.99 -74.63 -19.23
N ILE B 662 -0.26 -75.21 -20.18
CA ILE B 662 1.19 -75.24 -20.07
C ILE B 662 1.72 -73.81 -20.11
N PRO B 663 2.79 -73.50 -19.40
CA PRO B 663 3.29 -72.13 -19.36
C PRO B 663 3.76 -71.67 -20.73
N SER B 664 3.60 -70.38 -20.98
CA SER B 664 4.25 -69.76 -22.12
C SER B 664 5.73 -69.57 -21.86
N LEU B 665 6.53 -69.62 -22.94
CA LEU B 665 7.95 -69.32 -22.85
C LEU B 665 8.22 -67.92 -23.38
N PRO B 666 8.88 -67.06 -22.60
CA PRO B 666 9.16 -65.68 -23.03
C PRO B 666 10.16 -65.64 -24.17
N ARG B 671 12.37 -64.22 -18.53
CA ARG B 671 12.03 -65.08 -17.42
C ARG B 671 12.32 -66.53 -17.75
N VAL B 672 12.37 -67.38 -16.74
CA VAL B 672 12.39 -68.82 -16.99
C VAL B 672 10.99 -69.32 -17.35
N ALA B 673 9.94 -68.61 -16.93
CA ALA B 673 8.58 -69.10 -17.10
C ALA B 673 7.66 -67.94 -17.44
N GLY B 674 6.47 -68.28 -17.93
CA GLY B 674 5.46 -67.28 -18.18
C GLY B 674 4.07 -67.88 -18.15
N ARG B 675 3.09 -67.01 -17.95
CA ARG B 675 1.71 -67.46 -17.76
C ARG B 675 1.22 -68.27 -18.94
N SER B 676 0.36 -69.24 -18.64
CA SER B 676 -0.39 -69.91 -19.70
C SER B 676 -1.50 -68.99 -20.21
N ALA B 677 -2.14 -69.42 -21.30
CA ALA B 677 -3.13 -68.58 -21.97
C ALA B 677 -4.32 -68.27 -21.07
N ILE B 678 -4.86 -69.29 -20.41
CA ILE B 678 -6.01 -69.09 -19.55
C ILE B 678 -5.68 -68.14 -18.42
N GLU B 679 -4.48 -68.25 -17.86
CA GLU B 679 -4.07 -67.37 -16.78
C GLU B 679 -4.08 -65.91 -17.22
N ASP B 680 -3.52 -65.63 -18.40
CA ASP B 680 -3.58 -64.28 -18.94
C ASP B 680 -5.00 -63.82 -19.14
N ILE B 681 -5.85 -64.69 -19.70
CA ILE B 681 -7.24 -64.33 -19.93
C ILE B 681 -7.90 -63.94 -18.62
N LEU B 682 -7.70 -64.76 -17.60
CA LEU B 682 -8.31 -64.54 -16.29
C LEU B 682 -7.86 -63.24 -15.68
N PHE B 683 -6.54 -63.02 -15.60
CA PHE B 683 -6.05 -61.77 -15.04
C PHE B 683 -6.53 -60.56 -15.83
N SER B 684 -6.75 -60.71 -17.13
CA SER B 684 -7.27 -59.61 -17.92
C SER B 684 -8.74 -59.36 -17.65
N LYS B 685 -9.50 -60.43 -17.38
CA LYS B 685 -10.93 -60.29 -17.20
C LYS B 685 -11.26 -59.50 -15.93
N ILE B 686 -10.51 -59.73 -14.86
CA ILE B 686 -10.80 -59.10 -13.58
C ILE B 686 -10.40 -57.63 -13.60
N VAL B 687 -11.39 -56.74 -13.44
CA VAL B 687 -11.09 -55.33 -13.23
C VAL B 687 -10.49 -55.15 -11.84
N THR B 688 -9.60 -54.18 -11.72
CA THR B 688 -8.95 -53.95 -10.44
C THR B 688 -9.91 -53.30 -9.46
N SER B 689 -9.58 -53.42 -8.18
CA SER B 689 -10.21 -52.63 -7.14
C SER B 689 -9.77 -51.17 -7.26
N GLY B 690 -10.71 -50.29 -7.61
CA GLY B 690 -10.35 -48.89 -7.79
C GLY B 690 -10.14 -48.11 -6.52
N LEU B 691 -10.61 -48.61 -5.40
CA LEU B 691 -10.52 -47.86 -4.15
C LEU B 691 -9.14 -47.96 -3.50
N GLY B 692 -8.27 -48.83 -4.01
CA GLY B 692 -6.98 -49.06 -3.41
C GLY B 692 -6.29 -50.23 -4.06
N THR B 693 -5.01 -50.10 -4.35
CA THR B 693 -4.30 -51.08 -5.16
C THR B 693 -3.45 -51.95 -4.27
N VAL B 694 -3.51 -53.27 -4.50
CA VAL B 694 -2.70 -54.21 -3.74
C VAL B 694 -1.29 -54.33 -4.28
N ASP B 695 -0.96 -53.65 -5.37
CA ASP B 695 0.41 -53.61 -5.85
C ASP B 695 0.91 -52.17 -5.87
N ALA B 696 2.20 -52.00 -5.64
CA ALA B 696 2.81 -50.67 -5.64
C ALA B 696 4.30 -50.79 -5.89
N ASP B 697 4.86 -49.72 -6.45
CA ASP B 697 6.30 -49.58 -6.61
C ASP B 697 6.71 -48.23 -6.02
N TYR B 698 7.75 -48.25 -5.21
CA TYR B 698 8.11 -47.08 -4.42
C TYR B 698 9.25 -46.25 -4.98
N LYS B 699 10.05 -46.77 -5.92
CA LYS B 699 11.22 -46.02 -6.35
C LYS B 699 10.88 -44.78 -7.15
N ASN B 700 9.66 -44.66 -7.67
CA ASN B 700 9.24 -43.40 -8.27
C ASN B 700 8.82 -42.38 -7.23
N CYS B 701 8.21 -42.81 -6.12
CA CYS B 701 7.42 -41.90 -5.28
C CYS B 701 8.22 -40.76 -4.67
N THR B 702 9.53 -40.89 -4.55
CA THR B 702 10.32 -39.77 -4.04
C THR B 702 10.79 -38.83 -5.14
N LYS B 703 10.78 -39.26 -6.40
CA LYS B 703 11.20 -38.38 -7.49
C LYS B 703 10.28 -37.19 -7.60
N GLY B 704 8.98 -37.39 -7.33
CA GLY B 704 8.02 -36.31 -7.35
C GLY B 704 7.78 -35.73 -8.72
N LEU B 705 8.13 -36.47 -9.77
CA LEU B 705 8.03 -35.91 -11.12
C LEU B 705 6.58 -35.80 -11.56
N SER B 706 5.80 -36.87 -11.38
CA SER B 706 4.36 -36.81 -11.59
C SER B 706 3.62 -36.62 -10.28
N ILE B 707 2.35 -36.22 -10.39
CA ILE B 707 1.45 -36.27 -9.24
C ILE B 707 1.25 -37.71 -8.80
N ALA B 708 1.38 -37.95 -7.49
CA ALA B 708 1.35 -39.31 -6.96
C ALA B 708 0.01 -39.97 -7.18
N ASP B 709 0.02 -41.13 -7.83
CA ASP B 709 -1.16 -41.99 -7.90
C ASP B 709 -1.39 -42.70 -6.57
N LEU B 710 -2.48 -43.46 -6.53
CA LEU B 710 -2.87 -44.18 -5.32
C LEU B 710 -1.71 -44.92 -4.66
N ALA B 711 -0.87 -45.57 -5.47
CA ALA B 711 0.19 -46.39 -4.90
C ALA B 711 1.11 -45.58 -4.01
N CYS B 712 1.45 -44.37 -4.44
CA CYS B 712 2.21 -43.49 -3.58
C CYS B 712 1.31 -42.72 -2.64
N ALA B 713 0.07 -42.45 -3.08
CA ALA B 713 -0.82 -41.62 -2.30
C ALA B 713 -1.15 -42.23 -0.96
N GLN B 714 -1.22 -43.55 -0.89
CA GLN B 714 -1.33 -44.17 0.42
C GLN B 714 0.02 -44.32 1.10
N TYR B 715 1.08 -44.56 0.33
CA TYR B 715 2.39 -44.72 0.95
C TYR B 715 2.79 -43.50 1.76
N TYR B 716 2.36 -42.33 1.34
CA TYR B 716 2.67 -41.15 2.14
C TYR B 716 2.00 -41.17 3.51
N ASN B 717 0.99 -41.99 3.71
CA ASN B 717 0.48 -42.24 5.04
C ASN B 717 1.21 -43.37 5.75
N GLY B 718 2.15 -44.02 5.09
CA GLY B 718 2.90 -45.08 5.73
C GLY B 718 2.34 -46.46 5.57
N ILE B 719 1.37 -46.68 4.70
CA ILE B 719 0.87 -48.01 4.40
C ILE B 719 1.73 -48.59 3.28
N MET B 720 2.55 -49.57 3.60
CA MET B 720 3.61 -50.01 2.70
C MET B 720 3.33 -51.42 2.20
N VAL B 721 2.38 -51.53 1.27
CA VAL B 721 1.99 -52.81 0.70
C VAL B 721 3.20 -53.59 0.22
N LEU B 722 3.42 -54.76 0.78
CA LEU B 722 4.63 -55.51 0.49
C LEU B 722 4.50 -56.23 -0.86
N PRO B 723 5.62 -56.57 -1.47
CA PRO B 723 5.56 -57.38 -2.69
C PRO B 723 4.94 -58.74 -2.41
N GLY B 724 4.13 -59.20 -3.36
CA GLY B 724 3.44 -60.46 -3.21
C GLY B 724 4.38 -61.65 -3.11
N VAL B 725 4.16 -62.48 -2.09
CA VAL B 725 4.98 -63.66 -1.90
C VAL B 725 4.73 -64.69 -2.99
N ALA B 726 3.53 -64.69 -3.56
CA ALA B 726 3.17 -65.61 -4.64
C ALA B 726 3.64 -65.03 -5.98
N ASP B 727 4.95 -65.02 -6.14
CA ASP B 727 5.57 -64.55 -7.37
C ASP B 727 4.97 -65.25 -8.58
N ALA B 728 4.61 -64.44 -9.59
CA ALA B 728 4.04 -65.01 -10.81
C ALA B 728 5.00 -66.00 -11.45
N GLU B 729 6.28 -65.69 -11.44
CA GLU B 729 7.28 -66.64 -11.92
C GLU B 729 7.30 -67.88 -11.06
N ARG B 730 7.43 -67.70 -9.75
CA ARG B 730 7.38 -68.83 -8.82
C ARG B 730 6.11 -69.65 -9.02
N MET B 731 4.98 -68.96 -9.16
CA MET B 731 3.72 -69.66 -9.31
C MET B 731 3.67 -70.46 -10.60
N ALA B 732 4.11 -69.86 -11.70
CA ALA B 732 4.16 -70.59 -12.96
C ALA B 732 5.10 -71.78 -12.87
N MET B 733 6.25 -71.60 -12.22
CA MET B 733 7.19 -72.69 -12.04
C MET B 733 6.55 -73.86 -11.33
N TYR B 734 5.87 -73.58 -10.22
CA TYR B 734 5.18 -74.63 -9.49
C TYR B 734 4.11 -75.28 -10.34
N THR B 735 3.28 -74.47 -10.99
CA THR B 735 2.19 -75.00 -11.80
C THR B 735 2.70 -75.91 -12.89
N GLY B 736 3.74 -75.47 -13.60
CA GLY B 736 4.30 -76.29 -14.66
C GLY B 736 4.93 -77.57 -14.16
N SER B 737 5.71 -77.49 -13.07
CA SER B 737 6.27 -78.70 -12.49
C SER B 737 5.16 -79.67 -12.14
N LEU B 738 4.04 -79.15 -11.65
CA LEU B 738 2.97 -80.02 -11.22
C LEU B 738 2.28 -80.66 -12.40
N ILE B 739 2.00 -79.88 -13.44
CA ILE B 739 1.24 -80.43 -14.57
C ILE B 739 2.11 -81.42 -15.33
N GLY B 740 3.38 -81.09 -15.58
CA GLY B 740 4.30 -82.10 -16.05
C GLY B 740 4.46 -83.26 -15.10
N GLY B 741 4.08 -83.08 -13.84
CA GLY B 741 4.24 -84.11 -12.84
C GLY B 741 3.48 -85.38 -13.09
N ILE B 742 2.52 -85.40 -14.01
CA ILE B 742 1.97 -86.70 -14.37
C ILE B 742 2.98 -87.52 -15.17
N ALA B 743 3.94 -86.87 -15.82
CA ALA B 743 4.91 -87.60 -16.64
C ALA B 743 5.92 -88.33 -15.78
N LEU B 744 5.46 -89.38 -15.10
CA LEU B 744 6.34 -90.20 -14.27
C LEU B 744 7.31 -91.01 -15.12
N PRO B 754 0.34 -88.82 -17.88
CA PRO B 754 1.80 -88.91 -18.10
C PRO B 754 2.15 -88.80 -19.57
N PHE B 755 1.32 -89.41 -20.41
CA PHE B 755 1.41 -89.42 -21.85
C PHE B 755 0.01 -89.72 -22.37
N SER B 756 -0.21 -89.44 -23.66
CA SER B 756 -1.49 -89.75 -24.26
C SER B 756 -1.87 -91.21 -24.00
N LEU B 757 -0.94 -92.13 -24.25
CA LEU B 757 -1.19 -93.53 -23.93
C LEU B 757 -1.42 -93.73 -22.45
N ALA B 758 -0.86 -92.86 -21.61
CA ALA B 758 -1.05 -93.00 -20.18
C ALA B 758 -2.29 -92.27 -19.71
N ILE B 759 -2.68 -91.21 -20.39
CA ILE B 759 -4.00 -90.65 -20.17
C ILE B 759 -5.06 -91.69 -20.49
N GLN B 760 -4.86 -92.44 -21.59
CA GLN B 760 -5.70 -93.59 -21.89
C GLN B 760 -5.67 -94.63 -20.78
N ALA B 761 -4.50 -94.86 -20.19
CA ALA B 761 -4.43 -95.77 -19.05
C ALA B 761 -5.27 -95.26 -17.89
N ARG B 762 -5.21 -93.95 -17.63
CA ARG B 762 -6.10 -93.35 -16.64
C ARG B 762 -7.56 -93.55 -17.03
N LEU B 763 -7.85 -93.49 -18.33
CA LEU B 763 -9.21 -93.74 -18.77
C LEU B 763 -9.62 -95.15 -18.42
N ASN B 764 -8.69 -96.09 -18.50
CA ASN B 764 -8.98 -97.48 -18.21
C ASN B 764 -9.40 -97.69 -16.77
N TYR B 765 -9.18 -96.69 -15.90
CA TYR B 765 -9.83 -96.65 -14.60
C TYR B 765 -11.35 -96.67 -14.75
N VAL B 766 -11.87 -96.19 -15.87
CA VAL B 766 -13.31 -96.14 -16.11
C VAL B 766 -13.62 -96.62 -17.52
N ALA B 767 -12.66 -96.52 -18.43
CA ALA B 767 -12.71 -97.35 -19.63
C ALA B 767 -12.43 -98.80 -19.20
N LEU B 768 -13.23 -99.29 -18.26
CA LEU B 768 -12.86 -100.44 -17.44
C LEU B 768 -13.12 -101.73 -18.22
N GLN B 769 -14.38 -102.12 -18.33
CA GLN B 769 -14.77 -102.96 -19.46
C GLN B 769 -15.07 -102.05 -20.63
N THR B 770 -16.31 -101.58 -20.72
CA THR B 770 -16.73 -100.56 -21.68
C THR B 770 -16.39 -100.96 -23.11
N ASP B 771 -15.44 -100.25 -23.72
CA ASP B 771 -14.82 -100.67 -24.97
C ASP B 771 -13.34 -100.30 -24.94
N VAL B 772 -12.57 -101.00 -25.76
CA VAL B 772 -11.13 -101.06 -25.61
C VAL B 772 -10.38 -100.42 -26.78
N LEU B 773 -11.06 -100.12 -27.88
CA LEU B 773 -10.37 -99.75 -29.10
C LEU B 773 -9.99 -98.27 -29.08
N GLN B 774 -8.94 -97.95 -29.83
CA GLN B 774 -8.40 -96.60 -29.83
C GLN B 774 -9.39 -95.57 -30.36
N GLU B 775 -10.30 -95.96 -31.23
CA GLU B 775 -11.25 -94.99 -31.77
C GLU B 775 -12.16 -94.42 -30.69
N ASN B 776 -12.59 -95.26 -29.75
CA ASN B 776 -13.36 -94.78 -28.61
C ASN B 776 -12.57 -93.73 -27.84
N GLN B 777 -11.31 -94.03 -27.56
CA GLN B 777 -10.46 -93.11 -26.82
C GLN B 777 -10.22 -91.83 -27.60
N LYS B 778 -10.13 -91.93 -28.93
CA LYS B 778 -9.98 -90.76 -29.77
C LYS B 778 -11.22 -89.88 -29.73
N ILE B 779 -12.41 -90.49 -29.70
CA ILE B 779 -13.63 -89.71 -29.57
C ILE B 779 -13.71 -89.05 -28.20
N LEU B 780 -13.26 -89.76 -27.16
CA LEU B 780 -13.19 -89.14 -25.84
C LEU B 780 -12.24 -87.96 -25.83
N ALA B 781 -11.10 -88.08 -26.52
CA ALA B 781 -10.19 -86.96 -26.68
C ALA B 781 -10.84 -85.80 -27.43
N ALA B 782 -11.61 -86.11 -28.47
CA ALA B 782 -12.31 -85.05 -29.18
C ALA B 782 -13.30 -84.33 -28.28
N SER B 783 -14.03 -85.08 -27.46
CA SER B 783 -14.90 -84.48 -26.47
C SER B 783 -14.11 -83.58 -25.53
N PHE B 784 -12.94 -84.04 -25.11
CA PHE B 784 -12.06 -83.21 -24.29
C PHE B 784 -11.69 -81.92 -25.00
N ASN B 785 -11.29 -82.03 -26.27
CA ASN B 785 -10.91 -80.85 -27.04
C ASN B 785 -12.05 -79.86 -27.10
N LYS B 786 -13.26 -80.36 -27.32
CA LYS B 786 -14.43 -79.49 -27.31
C LYS B 786 -14.63 -78.85 -25.96
N ALA B 787 -14.58 -79.65 -24.89
CA ALA B 787 -14.80 -79.14 -23.55
C ALA B 787 -13.84 -78.02 -23.21
N MET B 788 -12.55 -78.25 -23.36
CA MET B 788 -11.57 -77.20 -23.11
C MET B 788 -11.81 -75.99 -24.01
N THR B 789 -12.26 -76.21 -25.24
CA THR B 789 -12.57 -75.08 -26.11
C THR B 789 -13.68 -74.24 -25.49
N ASN B 790 -14.75 -74.91 -25.06
CA ASN B 790 -15.86 -74.20 -24.42
C ASN B 790 -15.39 -73.47 -23.18
N ILE B 791 -14.49 -74.07 -22.42
CA ILE B 791 -14.04 -73.44 -21.18
C ILE B 791 -13.28 -72.16 -21.49
N VAL B 792 -12.32 -72.24 -22.40
CA VAL B 792 -11.56 -71.03 -22.70
C VAL B 792 -12.45 -69.98 -23.33
N ASP B 793 -13.46 -70.41 -24.08
CA ASP B 793 -14.46 -69.47 -24.58
C ASP B 793 -15.20 -68.79 -23.44
N ALA B 794 -15.63 -69.58 -22.44
CA ALA B 794 -16.39 -69.03 -21.33
C ALA B 794 -15.59 -68.04 -20.53
N PHE B 795 -14.31 -68.34 -20.30
CA PHE B 795 -13.47 -67.36 -19.64
C PHE B 795 -13.29 -66.12 -20.50
N THR B 796 -13.13 -66.30 -21.81
CA THR B 796 -12.94 -65.15 -22.68
C THR B 796 -14.24 -64.39 -22.90
N GLY B 797 -15.31 -65.10 -23.25
CA GLY B 797 -16.58 -64.45 -23.50
C GLY B 797 -17.60 -65.37 -24.12
N VAL B 798 -18.85 -65.27 -23.65
CA VAL B 798 -19.93 -66.10 -24.15
C VAL B 798 -20.14 -65.87 -25.64
N THR B 805 -23.02 -76.18 -22.71
CA THR B 805 -22.09 -75.17 -22.21
C THR B 805 -22.51 -74.71 -20.83
N SER B 806 -23.80 -74.91 -20.51
CA SER B 806 -24.37 -74.35 -19.31
C SER B 806 -23.69 -74.88 -18.06
N GLN B 807 -23.38 -76.18 -18.03
CA GLN B 807 -22.74 -76.74 -16.86
C GLN B 807 -21.32 -76.21 -16.69
N ALA B 808 -20.60 -76.03 -17.80
CA ALA B 808 -19.33 -75.30 -17.73
C ALA B 808 -19.56 -73.83 -17.38
N LEU B 809 -20.44 -73.17 -18.14
CA LEU B 809 -20.60 -71.72 -18.04
C LEU B 809 -20.95 -71.29 -16.62
N GLN B 810 -21.85 -72.00 -15.96
CA GLN B 810 -22.21 -71.60 -14.60
C GLN B 810 -21.01 -71.71 -13.66
N THR B 811 -20.21 -72.77 -13.81
CA THR B 811 -19.02 -72.87 -12.96
C THR B 811 -18.06 -71.74 -13.22
N VAL B 812 -17.89 -71.38 -14.48
CA VAL B 812 -16.98 -70.29 -14.80
C VAL B 812 -17.49 -68.98 -14.22
N ALA B 813 -18.79 -68.72 -14.35
CA ALA B 813 -19.36 -67.54 -13.72
C ALA B 813 -19.14 -67.54 -12.22
N THR B 814 -19.25 -68.71 -11.58
CA THR B 814 -19.02 -68.77 -10.15
C THR B 814 -17.59 -68.43 -9.79
N ALA B 815 -16.62 -69.01 -10.51
CA ALA B 815 -15.22 -68.71 -10.24
C ALA B 815 -14.93 -67.23 -10.42
N LEU B 816 -15.42 -66.64 -11.50
CA LEU B 816 -15.21 -65.21 -11.71
C LEU B 816 -15.85 -64.38 -10.62
N ASN B 817 -17.06 -64.74 -10.21
CA ASN B 817 -17.70 -64.04 -9.11
C ASN B 817 -16.82 -64.08 -7.88
N LYS B 818 -16.45 -65.28 -7.44
CA LYS B 818 -15.69 -65.44 -6.21
C LYS B 818 -14.41 -64.63 -6.24
N ILE B 819 -13.71 -64.66 -7.37
CA ILE B 819 -12.48 -63.89 -7.50
C ILE B 819 -12.75 -62.41 -7.37
N GLN B 820 -13.81 -61.94 -8.02
CA GLN B 820 -14.13 -60.53 -7.93
C GLN B 820 -14.48 -60.14 -6.51
N ASP B 821 -15.11 -61.04 -5.78
CA ASP B 821 -15.44 -60.77 -4.40
C ASP B 821 -14.18 -60.57 -3.56
N VAL B 822 -13.27 -61.54 -3.61
CA VAL B 822 -12.11 -61.41 -2.74
C VAL B 822 -11.32 -60.15 -3.07
N VAL B 823 -11.24 -59.80 -4.37
CA VAL B 823 -10.57 -58.56 -4.73
C VAL B 823 -11.25 -57.36 -4.09
N ASN B 824 -12.56 -57.25 -4.26
CA ASN B 824 -13.25 -56.07 -3.75
C ASN B 824 -13.15 -55.97 -2.24
N GLN B 825 -13.19 -57.11 -1.55
CA GLN B 825 -13.06 -57.04 -0.10
C GLN B 825 -11.69 -56.52 0.29
N GLN B 826 -10.64 -57.00 -0.38
CA GLN B 826 -9.32 -56.52 -0.05
C GLN B 826 -9.17 -55.04 -0.35
N GLY B 827 -9.89 -54.56 -1.36
CA GLY B 827 -9.96 -53.12 -1.56
C GLY B 827 -10.58 -52.38 -0.39
N ASN B 828 -11.79 -52.80 -0.02
CA ASN B 828 -12.56 -52.05 0.98
C ASN B 828 -11.86 -51.99 2.31
N SER B 829 -11.20 -53.06 2.72
CA SER B 829 -10.42 -53.00 3.95
C SER B 829 -9.49 -51.79 4.00
N LEU B 830 -8.66 -51.67 2.98
CA LEU B 830 -7.65 -50.62 2.99
C LEU B 830 -8.27 -49.25 2.84
N ASN B 831 -9.36 -49.13 2.07
CA ASN B 831 -10.03 -47.85 1.98
C ASN B 831 -10.58 -47.43 3.33
N HIS B 832 -11.23 -48.34 4.04
CA HIS B 832 -11.75 -48.02 5.36
C HIS B 832 -10.63 -47.59 6.26
N LEU B 833 -9.44 -48.16 6.10
CA LEU B 833 -8.34 -47.66 6.92
C LEU B 833 -7.97 -46.24 6.57
N THR B 834 -7.78 -45.95 5.29
CA THR B 834 -7.24 -44.66 4.94
C THR B 834 -8.24 -43.53 5.11
N SER B 835 -9.53 -43.81 5.07
CA SER B 835 -10.50 -42.74 5.19
C SER B 835 -10.63 -42.18 6.59
N GLN B 836 -10.19 -42.92 7.63
CA GLN B 836 -10.36 -42.41 8.98
C GLN B 836 -9.56 -41.14 9.26
N LEU B 837 -8.56 -40.82 8.46
CA LEU B 837 -7.81 -39.61 8.72
C LEU B 837 -8.64 -38.36 8.52
N ARG B 838 -9.64 -38.40 7.64
CA ARG B 838 -10.40 -37.20 7.37
C ARG B 838 -11.26 -36.75 8.55
N GLN B 839 -11.69 -37.67 9.41
CA GLN B 839 -12.60 -37.28 10.47
C GLN B 839 -11.89 -36.47 11.52
N ASN B 840 -12.54 -35.42 12.00
CA ASN B 840 -11.92 -34.52 12.97
C ASN B 840 -12.00 -35.03 14.40
N PHE B 841 -12.74 -36.10 14.65
CA PHE B 841 -12.87 -36.66 15.99
C PHE B 841 -13.18 -35.59 17.02
N GLN B 842 -14.10 -34.69 16.68
CA GLN B 842 -14.48 -33.58 17.53
C GLN B 842 -13.39 -32.52 17.67
N ALA B 843 -12.19 -32.78 17.16
CA ALA B 843 -11.15 -31.76 17.23
C ALA B 843 -11.47 -30.62 16.29
N ILE B 844 -10.77 -29.51 16.49
CA ILE B 844 -11.05 -28.31 15.72
C ILE B 844 -10.77 -28.51 14.24
N SER B 845 -9.79 -29.36 13.91
CA SER B 845 -9.46 -29.58 12.51
C SER B 845 -8.90 -30.96 12.30
N SER B 846 -9.14 -31.50 11.11
CA SER B 846 -8.63 -32.80 10.74
C SER B 846 -7.15 -32.82 10.40
N SER B 847 -6.46 -31.68 10.46
CA SER B 847 -5.06 -31.61 10.08
C SER B 847 -4.24 -31.05 11.23
N ILE B 848 -3.11 -31.69 11.51
CA ILE B 848 -2.36 -31.38 12.73
C ILE B 848 -1.69 -30.02 12.61
N GLN B 849 -1.17 -29.68 11.44
CA GLN B 849 -0.51 -28.39 11.27
C GLN B 849 -1.48 -27.25 11.54
N ALA B 850 -2.68 -27.31 10.99
CA ALA B 850 -3.63 -26.23 11.20
C ALA B 850 -3.97 -26.09 12.67
N ILE B 851 -4.23 -27.21 13.33
CA ILE B 851 -4.65 -27.17 14.72
C ILE B 851 -3.52 -26.69 15.61
N TYR B 852 -2.28 -26.97 15.26
CA TYR B 852 -1.20 -26.49 16.09
C TYR B 852 -0.82 -25.06 15.75
N ASP B 853 -1.14 -24.59 14.55
CA ASP B 853 -0.96 -23.17 14.26
C ASP B 853 -1.95 -22.32 15.03
N ARG B 854 -3.23 -22.63 14.93
CA ARG B 854 -4.21 -21.63 15.33
C ARG B 854 -4.40 -21.55 16.85
N LEU B 855 -3.81 -22.43 17.62
CA LEU B 855 -4.02 -22.47 19.06
C LEU B 855 -2.68 -22.33 19.78
N ASP B 856 -2.76 -21.97 21.04
CA ASP B 856 -1.57 -21.93 21.87
C ASP B 856 -1.21 -23.34 22.34
N PRO B 857 0.08 -23.61 22.51
CA PRO B 857 0.54 -24.99 22.72
C PRO B 857 -0.16 -25.70 23.85
N PRO B 858 -0.34 -25.08 25.03
CA PRO B 858 -0.98 -25.81 26.13
C PRO B 858 -2.43 -26.16 25.89
N GLN B 859 -3.01 -25.72 24.80
CA GLN B 859 -4.36 -26.16 24.43
C GLN B 859 -4.38 -26.91 23.12
N ALA B 860 -3.56 -26.51 22.16
CA ALA B 860 -3.44 -27.29 20.95
C ALA B 860 -3.02 -28.71 21.26
N ASP B 861 -2.17 -28.89 22.26
CA ASP B 861 -1.74 -30.23 22.63
C ASP B 861 -2.92 -31.10 23.06
N GLN B 862 -3.75 -30.61 23.97
CA GLN B 862 -4.88 -31.44 24.34
C GLN B 862 -5.96 -31.48 23.27
N GLN B 863 -5.90 -30.61 22.28
CA GLN B 863 -6.70 -30.82 21.09
C GLN B 863 -6.20 -32.03 20.32
N VAL B 864 -4.93 -32.01 19.94
CA VAL B 864 -4.38 -33.05 19.08
C VAL B 864 -4.37 -34.39 19.79
N ASP B 865 -4.52 -34.40 21.11
CA ASP B 865 -4.82 -35.64 21.81
C ASP B 865 -5.98 -36.38 21.17
N ARG B 866 -7.05 -35.66 20.84
CA ARG B 866 -8.23 -36.31 20.24
C ARG B 866 -7.89 -36.98 18.92
N LEU B 867 -7.15 -36.29 18.06
CA LEU B 867 -6.76 -36.92 16.82
C LEU B 867 -5.92 -38.16 17.10
N ILE B 868 -4.98 -38.08 18.03
CA ILE B 868 -4.15 -39.25 18.29
C ILE B 868 -5.01 -40.44 18.66
N THR B 869 -5.94 -40.24 19.60
CA THR B 869 -6.74 -41.37 20.05
C THR B 869 -7.61 -41.93 18.93
N GLY B 870 -8.16 -41.07 18.09
CA GLY B 870 -8.95 -41.57 16.98
C GLY B 870 -8.12 -42.39 16.01
N ARG B 871 -6.96 -41.87 15.64
CA ARG B 871 -6.15 -42.57 14.65
C ARG B 871 -5.70 -43.91 15.20
N LEU B 872 -5.38 -43.98 16.49
CA LEU B 872 -5.00 -45.26 17.06
C LEU B 872 -6.14 -46.26 17.01
N ALA B 873 -7.35 -45.84 17.36
CA ALA B 873 -8.45 -46.78 17.27
C ALA B 873 -8.65 -47.28 15.84
N ALA B 874 -8.53 -46.40 14.86
CA ALA B 874 -8.65 -46.86 13.48
C ALA B 874 -7.62 -47.93 13.15
N LEU B 875 -6.38 -47.74 13.58
CA LEU B 875 -5.39 -48.78 13.33
C LEU B 875 -5.79 -50.08 14.00
N ASN B 876 -6.17 -50.00 15.26
CA ASN B 876 -6.50 -51.20 16.00
C ASN B 876 -7.69 -51.92 15.40
N VAL B 877 -8.47 -51.26 14.56
CA VAL B 877 -9.49 -51.99 13.80
C VAL B 877 -8.88 -52.68 12.60
N PHE B 878 -8.13 -51.92 11.79
CA PHE B 878 -7.56 -52.53 10.60
C PHE B 878 -6.74 -53.77 10.92
N VAL B 879 -6.05 -53.75 12.06
CA VAL B 879 -5.31 -54.95 12.48
C VAL B 879 -6.24 -56.16 12.57
N SER B 880 -7.42 -55.99 13.16
CA SER B 880 -8.35 -57.10 13.24
C SER B 880 -8.82 -57.54 11.87
N HIS B 881 -9.06 -56.59 10.96
CA HIS B 881 -9.45 -57.02 9.62
C HIS B 881 -8.39 -57.94 9.04
N THR B 882 -7.13 -57.54 9.15
CA THR B 882 -6.07 -58.36 8.57
C THR B 882 -5.97 -59.72 9.24
N LEU B 883 -5.97 -59.75 10.56
CA LEU B 883 -5.72 -61.03 11.22
C LEU B 883 -6.87 -62.00 11.01
N THR B 884 -8.11 -61.52 10.94
CA THR B 884 -9.19 -62.39 10.50
C THR B 884 -8.93 -62.89 9.10
N LYS B 885 -8.62 -62.00 8.17
CA LYS B 885 -8.45 -62.45 6.79
C LYS B 885 -7.39 -63.53 6.70
N TYR B 886 -6.26 -63.35 7.37
CA TYR B 886 -5.25 -64.39 7.37
C TYR B 886 -5.77 -65.70 7.93
N THR B 887 -6.43 -65.66 9.08
CA THR B 887 -6.82 -66.93 9.68
C THR B 887 -7.78 -67.69 8.80
N GLU B 888 -8.67 -66.98 8.11
CA GLU B 888 -9.53 -67.67 7.15
C GLU B 888 -8.74 -68.23 5.98
N VAL B 889 -7.89 -67.41 5.37
CA VAL B 889 -7.19 -67.88 4.19
C VAL B 889 -6.34 -69.10 4.51
N ARG B 890 -5.79 -69.17 5.71
CA ARG B 890 -5.03 -70.36 6.10
C ARG B 890 -5.85 -71.63 5.96
N ALA B 891 -7.08 -71.64 6.46
CA ALA B 891 -7.89 -72.83 6.33
C ALA B 891 -8.26 -73.12 4.87
N SER B 892 -8.45 -72.07 4.08
CA SER B 892 -8.67 -72.29 2.64
C SER B 892 -7.45 -72.95 2.01
N ARG B 893 -6.28 -72.42 2.30
CA ARG B 893 -5.04 -72.98 1.78
C ARG B 893 -4.88 -74.43 2.18
N GLN B 894 -5.19 -74.76 3.43
CA GLN B 894 -5.05 -76.14 3.86
C GLN B 894 -5.94 -77.05 3.03
N LEU B 895 -7.15 -76.61 2.75
CA LEU B 895 -8.01 -77.42 1.91
C LEU B 895 -7.44 -77.56 0.51
N ALA B 896 -6.99 -76.46 -0.09
CA ALA B 896 -6.42 -76.53 -1.43
C ALA B 896 -5.22 -77.47 -1.49
N GLN B 897 -4.34 -77.39 -0.51
CA GLN B 897 -3.21 -78.31 -0.48
C GLN B 897 -3.66 -79.76 -0.36
N GLN B 898 -4.75 -80.01 0.37
CA GLN B 898 -5.26 -81.37 0.37
C GLN B 898 -5.80 -81.77 -0.99
N LYS B 899 -6.47 -80.84 -1.66
CA LYS B 899 -7.12 -81.18 -2.92
C LYS B 899 -6.10 -81.44 -4.02
N VAL B 900 -5.02 -80.67 -4.03
CA VAL B 900 -3.92 -80.97 -4.95
C VAL B 900 -3.26 -82.29 -4.61
N ASN B 901 -3.04 -82.57 -3.31
CA ASN B 901 -2.49 -83.88 -2.99
C ASN B 901 -3.42 -85.02 -3.37
N GLU B 902 -4.70 -84.73 -3.55
CA GLU B 902 -5.59 -85.73 -4.10
C GLU B 902 -5.66 -85.64 -5.62
N CYS B 903 -6.67 -84.93 -6.14
CA CYS B 903 -7.10 -85.13 -7.51
C CYS B 903 -6.07 -84.79 -8.56
N VAL B 904 -5.00 -84.07 -8.21
CA VAL B 904 -4.00 -83.78 -9.21
C VAL B 904 -2.91 -84.83 -9.25
N LYS B 905 -2.41 -85.25 -8.10
CA LYS B 905 -1.38 -86.28 -8.10
C LYS B 905 -1.96 -87.67 -8.32
N SER B 906 -3.27 -87.84 -8.14
CA SER B 906 -3.85 -89.17 -8.11
C SER B 906 -5.28 -89.06 -8.65
N GLN B 907 -6.08 -90.09 -8.40
CA GLN B 907 -7.37 -90.25 -9.07
C GLN B 907 -8.40 -90.68 -8.02
N SER B 908 -8.98 -89.69 -7.36
CA SER B 908 -9.88 -89.87 -6.22
C SER B 908 -10.80 -91.08 -6.37
N LYS B 909 -10.84 -91.88 -5.32
CA LYS B 909 -11.88 -92.89 -5.22
C LYS B 909 -13.24 -92.24 -4.98
N ARG B 910 -13.27 -91.18 -4.15
CA ARG B 910 -14.54 -90.53 -3.81
C ARG B 910 -15.14 -89.85 -5.03
N TYR B 911 -16.45 -90.04 -5.17
CA TYR B 911 -17.25 -89.19 -6.03
C TYR B 911 -17.48 -87.85 -5.35
N GLY B 912 -17.80 -86.84 -6.16
CA GLY B 912 -18.20 -85.55 -5.64
C GLY B 912 -17.05 -84.66 -5.23
N PHE B 913 -15.98 -85.24 -4.67
CA PHE B 913 -14.92 -84.44 -4.09
C PHE B 913 -14.24 -83.52 -5.09
N CYS B 914 -14.16 -83.92 -6.36
CA CYS B 914 -13.59 -83.05 -7.38
C CYS B 914 -14.53 -82.85 -8.57
N GLY B 915 -15.82 -83.04 -8.38
CA GLY B 915 -16.77 -82.71 -9.42
C GLY B 915 -17.95 -83.66 -9.43
N ASN B 916 -18.95 -83.29 -10.23
CA ASN B 916 -20.18 -84.05 -10.42
C ASN B 916 -19.93 -85.23 -11.33
N GLY B 917 -18.90 -86.02 -11.07
CA GLY B 917 -18.56 -87.12 -11.95
C GLY B 917 -17.43 -87.94 -11.37
N THR B 918 -17.20 -89.10 -11.99
CA THR B 918 -16.04 -89.91 -11.65
C THR B 918 -14.78 -89.25 -12.17
N HIS B 919 -13.89 -88.90 -11.25
CA HIS B 919 -12.71 -88.10 -11.59
C HIS B 919 -11.67 -88.96 -12.27
N ILE B 920 -10.94 -88.35 -13.21
CA ILE B 920 -9.87 -89.04 -13.93
C ILE B 920 -8.54 -88.31 -13.80
N PHE B 921 -8.54 -86.99 -13.91
CA PHE B 921 -7.39 -86.18 -13.51
C PHE B 921 -7.82 -84.72 -13.45
N SER B 922 -6.99 -83.91 -12.81
CA SER B 922 -7.17 -82.47 -12.76
C SER B 922 -5.88 -81.74 -13.10
N ILE B 923 -6.03 -80.45 -13.37
CA ILE B 923 -4.95 -79.55 -13.74
C ILE B 923 -5.02 -78.34 -12.83
N VAL B 924 -3.88 -77.67 -12.65
CA VAL B 924 -3.78 -76.51 -11.78
C VAL B 924 -3.27 -75.33 -12.59
N ASN B 925 -3.70 -74.13 -12.23
CA ASN B 925 -3.19 -72.92 -12.84
C ASN B 925 -3.22 -71.78 -11.83
N ALA B 926 -2.38 -70.78 -12.09
CA ALA B 926 -2.44 -69.53 -11.33
C ALA B 926 -3.74 -68.79 -11.58
N ALA B 927 -4.16 -68.02 -10.58
CA ALA B 927 -5.28 -67.12 -10.67
C ALA B 927 -5.00 -65.96 -9.73
N PRO B 928 -5.74 -64.85 -9.85
CA PRO B 928 -5.55 -63.77 -8.88
C PRO B 928 -5.63 -64.24 -7.45
N GLU B 929 -4.53 -64.09 -6.73
CA GLU B 929 -4.39 -64.49 -5.34
C GLU B 929 -4.78 -65.94 -5.09
N GLY B 930 -4.80 -66.80 -6.10
CA GLY B 930 -5.29 -68.13 -5.83
C GLY B 930 -4.89 -69.14 -6.87
N LEU B 931 -5.29 -70.39 -6.64
CA LEU B 931 -5.14 -71.43 -7.63
C LEU B 931 -6.49 -71.79 -8.20
N VAL B 932 -6.54 -71.96 -9.52
CA VAL B 932 -7.73 -72.45 -10.21
C VAL B 932 -7.47 -73.85 -10.72
N PHE B 933 -8.38 -74.76 -10.38
CA PHE B 933 -8.31 -76.16 -10.74
C PHE B 933 -9.24 -76.40 -11.91
N LEU B 934 -8.76 -77.11 -12.91
CA LEU B 934 -9.64 -77.73 -13.89
C LEU B 934 -9.72 -79.22 -13.59
N HIS B 935 -10.84 -79.66 -13.03
CA HIS B 935 -11.08 -81.09 -12.91
C HIS B 935 -11.68 -81.61 -14.20
N THR B 936 -11.41 -82.87 -14.50
CA THR B 936 -12.04 -83.53 -15.64
C THR B 936 -12.66 -84.84 -15.18
N VAL B 937 -13.86 -85.11 -15.67
CA VAL B 937 -14.67 -86.19 -15.13
C VAL B 937 -15.37 -86.90 -16.29
N LEU B 938 -15.81 -88.13 -16.01
CA LEU B 938 -16.56 -88.92 -16.97
C LEU B 938 -18.03 -88.98 -16.56
N LEU B 939 -18.89 -88.61 -17.50
CA LEU B 939 -20.32 -88.55 -17.39
C LEU B 939 -20.95 -89.66 -18.22
N PRO B 940 -21.89 -90.40 -17.66
CA PRO B 940 -22.59 -91.42 -18.43
C PRO B 940 -23.47 -90.78 -19.48
N THR B 941 -23.65 -91.50 -20.60
CA THR B 941 -24.63 -91.07 -21.57
C THR B 941 -25.16 -92.29 -22.31
N GLN B 942 -26.33 -92.11 -22.93
CA GLN B 942 -26.99 -93.15 -23.72
C GLN B 942 -27.13 -94.44 -22.91
N TYR B 943 -27.87 -94.32 -21.80
CA TYR B 943 -28.10 -95.46 -20.93
C TYR B 943 -28.71 -96.61 -21.72
N LYS B 944 -28.21 -97.80 -21.48
CA LYS B 944 -28.83 -99.03 -21.98
C LYS B 944 -29.12 -99.95 -20.81
N ASP B 945 -30.29 -100.58 -20.84
CA ASP B 945 -30.70 -101.48 -19.79
C ASP B 945 -30.03 -102.84 -19.92
N GLU C 23 -57.24 -65.32 49.41
CA GLU C 23 -56.51 -64.08 49.27
C GLU C 23 -55.04 -64.32 48.95
N ASN C 24 -54.53 -63.63 47.94
CA ASN C 24 -53.09 -63.51 47.74
C ASN C 24 -52.53 -62.36 48.60
N VAL C 25 -52.47 -62.64 49.90
CA VAL C 25 -51.77 -61.82 50.88
C VAL C 25 -50.95 -62.78 51.71
N PHE C 26 -49.78 -62.32 52.14
CA PHE C 26 -48.72 -63.22 52.55
C PHE C 26 -48.17 -62.82 53.91
N ALA C 27 -47.43 -63.76 54.51
CA ALA C 27 -46.57 -63.46 55.65
C ALA C 27 -45.19 -63.06 55.15
N VAL C 28 -44.78 -61.82 55.42
CA VAL C 28 -43.42 -61.41 55.15
C VAL C 28 -42.48 -62.10 56.12
N GLU C 29 -41.36 -62.61 55.61
CA GLU C 29 -40.41 -63.35 56.41
C GLU C 29 -39.46 -62.41 57.13
N SER C 30 -38.88 -62.92 58.21
CA SER C 30 -37.87 -62.18 58.94
C SER C 30 -36.70 -61.82 58.04
N GLY C 31 -36.25 -60.57 58.15
CA GLY C 31 -35.42 -59.98 57.14
C GLY C 31 -36.18 -59.29 56.04
N GLY C 32 -37.50 -59.21 56.13
CA GLY C 32 -38.25 -58.38 55.21
C GLY C 32 -38.34 -58.92 53.81
N TYR C 33 -38.12 -60.21 53.60
CA TYR C 33 -38.19 -60.76 52.27
C TYR C 33 -39.62 -61.11 51.89
N ILE C 34 -39.96 -60.80 50.64
CA ILE C 34 -41.18 -61.37 50.07
C ILE C 34 -41.03 -62.88 49.98
N PRO C 35 -41.99 -63.66 50.44
CA PRO C 35 -41.91 -65.11 50.26
C PRO C 35 -41.96 -65.45 48.79
N SER C 36 -41.06 -66.35 48.38
CA SER C 36 -40.62 -66.41 47.00
C SER C 36 -41.69 -66.87 46.02
N ASP C 37 -42.78 -67.44 46.49
CA ASP C 37 -43.84 -67.85 45.58
C ASP C 37 -44.95 -66.82 45.42
N PHE C 38 -44.81 -65.64 46.02
CA PHE C 38 -45.83 -64.62 45.86
C PHE C 38 -45.95 -64.23 44.40
N ALA C 39 -47.16 -63.86 43.99
CA ALA C 39 -47.44 -63.60 42.59
C ALA C 39 -47.44 -62.13 42.23
N PHE C 40 -47.32 -61.24 43.20
CA PHE C 40 -47.18 -59.81 42.94
C PHE C 40 -48.37 -59.24 42.17
N ASN C 41 -49.54 -59.84 42.34
CA ASN C 41 -50.67 -59.61 41.44
C ASN C 41 -51.15 -58.17 41.41
N ASN C 42 -50.53 -57.28 42.16
CA ASN C 42 -50.68 -55.87 41.82
C ASN C 42 -49.43 -55.05 42.10
N TRP C 43 -48.30 -55.66 42.40
CA TRP C 43 -47.11 -54.91 42.81
C TRP C 43 -46.42 -54.38 41.57
N PHE C 44 -46.83 -53.22 41.08
CA PHE C 44 -46.19 -52.66 39.90
C PHE C 44 -44.76 -52.23 40.21
N LEU C 45 -43.89 -52.43 39.24
CA LEU C 45 -42.54 -51.89 39.28
C LEU C 45 -42.57 -50.38 39.08
N LEU C 46 -42.17 -49.62 40.09
CA LEU C 46 -42.30 -48.17 40.01
C LEU C 46 -41.22 -47.59 39.12
N THR C 47 -41.56 -46.50 38.43
CA THR C 47 -40.60 -45.79 37.60
C THR C 47 -40.97 -44.31 37.52
N ASN C 48 -39.97 -43.49 37.22
CA ASN C 48 -40.26 -42.11 36.89
C ASN C 48 -40.55 -41.88 35.42
N THR C 49 -40.19 -42.83 34.56
CA THR C 49 -40.42 -42.73 33.13
C THR C 49 -40.46 -44.13 32.54
N SER C 50 -41.06 -44.24 31.36
CA SER C 50 -40.72 -45.26 30.38
C SER C 50 -40.59 -46.65 30.98
N SER C 51 -41.66 -47.14 31.58
CA SER C 51 -41.68 -48.50 32.08
C SER C 51 -41.33 -49.49 30.97
N VAL C 52 -40.57 -50.52 31.33
CA VAL C 52 -40.13 -51.52 30.36
C VAL C 52 -41.20 -52.56 30.11
N VAL C 53 -41.13 -53.17 28.93
CA VAL C 53 -42.05 -54.21 28.52
C VAL C 53 -41.57 -55.57 28.96
N ASP C 54 -40.45 -56.02 28.40
CA ASP C 54 -39.87 -57.31 28.76
C ASP C 54 -38.39 -57.16 29.02
N GLY C 55 -37.89 -57.90 30.00
CA GLY C 55 -36.46 -58.04 30.17
C GLY C 55 -36.11 -58.18 31.63
N VAL C 56 -34.92 -58.72 31.87
CA VAL C 56 -34.33 -58.71 33.20
C VAL C 56 -33.77 -57.33 33.48
N VAL C 57 -34.16 -56.73 34.59
CA VAL C 57 -33.59 -55.46 34.99
C VAL C 57 -32.97 -55.60 36.38
N ARG C 58 -31.90 -54.85 36.58
CA ARG C 58 -31.31 -54.63 37.90
C ARG C 58 -31.58 -53.19 38.30
N SER C 59 -32.24 -53.00 39.43
CA SER C 59 -32.57 -51.64 39.83
C SER C 59 -32.91 -51.60 41.31
N PHE C 60 -32.79 -50.41 41.88
CA PHE C 60 -33.35 -50.16 43.19
C PHE C 60 -34.85 -50.04 43.11
N GLN C 61 -35.52 -50.66 44.07
CA GLN C 61 -36.96 -50.57 44.20
C GLN C 61 -37.32 -50.66 45.67
N PRO C 62 -38.46 -50.14 46.06
CA PRO C 62 -38.91 -50.32 47.44
C PRO C 62 -39.53 -51.68 47.64
N LEU C 63 -38.74 -52.65 48.06
CA LEU C 63 -39.23 -54.01 48.21
C LEU C 63 -38.71 -54.68 49.47
N LEU C 64 -38.10 -53.95 50.40
CA LEU C 64 -37.81 -54.49 51.71
C LEU C 64 -38.84 -53.95 52.68
N LEU C 65 -39.66 -54.83 53.24
CA LEU C 65 -40.88 -54.41 53.93
C LEU C 65 -40.71 -54.48 55.44
N ASN C 66 -41.03 -53.37 56.10
CA ASN C 66 -41.06 -53.34 57.55
C ASN C 66 -42.40 -53.78 58.12
N CYS C 67 -43.47 -53.61 57.36
CA CYS C 67 -44.78 -54.11 57.75
C CYS C 67 -45.65 -54.26 56.52
N LEU C 68 -46.51 -55.27 56.54
CA LEU C 68 -47.66 -55.34 55.67
C LEU C 68 -48.85 -55.77 56.52
N TRP C 69 -49.94 -55.02 56.45
CA TRP C 69 -51.16 -55.48 57.10
C TRP C 69 -52.33 -55.31 56.17
N SER C 70 -53.29 -56.22 56.32
CA SER C 70 -54.44 -56.33 55.44
C SER C 70 -55.67 -55.85 56.19
N VAL C 71 -56.27 -54.77 55.70
CA VAL C 71 -57.42 -54.16 56.37
C VAL C 71 -58.60 -54.27 55.43
N SER C 72 -59.63 -54.97 55.89
CA SER C 72 -60.82 -55.28 55.11
C SER C 72 -61.90 -54.22 55.30
N GLY C 73 -62.85 -54.21 54.36
CA GLY C 73 -63.90 -53.21 54.33
C GLY C 73 -64.74 -53.16 55.58
N LEU C 74 -64.80 -54.27 56.32
CA LEU C 74 -65.42 -54.26 57.65
C LEU C 74 -64.82 -53.18 58.55
N ARG C 75 -63.53 -52.89 58.37
CA ARG C 75 -62.81 -51.96 59.23
C ARG C 75 -62.04 -50.94 58.41
N PHE C 76 -62.65 -50.44 57.34
CA PHE C 76 -62.24 -49.16 56.79
C PHE C 76 -62.61 -48.04 57.76
N THR C 77 -61.61 -47.27 58.19
CA THR C 77 -61.78 -46.09 59.00
C THR C 77 -60.73 -45.07 58.58
N THR C 78 -60.94 -43.83 58.97
CA THR C 78 -59.85 -42.87 58.96
C THR C 78 -58.77 -43.30 59.94
N GLY C 79 -57.51 -43.10 59.55
CA GLY C 79 -56.40 -43.63 60.32
C GLY C 79 -55.08 -43.38 59.63
N PHE C 80 -54.38 -42.36 60.09
CA PHE C 80 -53.11 -41.96 59.52
C PHE C 80 -52.03 -43.01 59.80
N VAL C 81 -50.95 -42.93 59.04
CA VAL C 81 -49.74 -43.69 59.30
C VAL C 81 -48.54 -42.76 59.19
N TYR C 82 -47.69 -42.77 60.21
CA TYR C 82 -46.41 -42.09 60.13
C TYR C 82 -45.34 -43.02 59.56
N PHE C 83 -44.34 -42.41 58.92
CA PHE C 83 -43.21 -43.19 58.42
C PHE C 83 -42.41 -43.86 59.51
N ASN C 84 -42.53 -43.41 60.76
CA ASN C 84 -41.94 -44.15 61.86
C ASN C 84 -42.76 -45.37 62.25
N GLY C 85 -43.78 -45.71 61.46
CA GLY C 85 -44.51 -46.94 61.63
C GLY C 85 -45.70 -46.86 62.56
N THR C 86 -45.86 -45.78 63.30
CA THR C 86 -47.01 -45.69 64.19
C THR C 86 -48.28 -45.53 63.37
N GLY C 87 -49.36 -46.13 63.86
CA GLY C 87 -50.58 -46.24 63.11
C GLY C 87 -50.75 -47.54 62.38
N ARG C 88 -49.72 -48.38 62.34
CA ARG C 88 -49.81 -49.64 61.63
C ARG C 88 -50.84 -50.56 62.25
N GLY C 89 -51.47 -51.38 61.41
CA GLY C 89 -52.30 -52.48 61.86
C GLY C 89 -51.47 -53.64 62.33
N ASP C 90 -52.12 -54.80 62.44
CA ASP C 90 -51.43 -56.03 62.82
C ASP C 90 -50.64 -56.54 61.65
N CYS C 91 -49.34 -56.29 61.65
CA CYS C 91 -48.51 -56.74 60.53
C CYS C 91 -48.52 -58.25 60.43
N LYS C 92 -48.60 -58.76 59.20
CA LYS C 92 -48.67 -60.19 58.94
C LYS C 92 -47.26 -60.76 58.85
N GLY C 93 -46.95 -61.71 59.73
CA GLY C 93 -45.70 -62.43 59.68
C GLY C 93 -44.48 -61.76 60.30
N PHE C 94 -44.27 -60.47 60.08
CA PHE C 94 -43.07 -59.86 60.62
C PHE C 94 -43.29 -58.36 60.75
N SER C 95 -42.48 -57.75 61.62
CA SER C 95 -42.55 -56.32 61.88
C SER C 95 -41.16 -55.80 62.21
N SER C 96 -40.93 -54.52 61.93
CA SER C 96 -39.75 -53.83 62.41
C SER C 96 -40.05 -52.34 62.52
N ASP C 97 -39.27 -51.65 63.34
CA ASP C 97 -39.54 -50.27 63.71
C ASP C 97 -38.55 -49.28 63.12
N VAL C 98 -37.78 -49.69 62.10
CA VAL C 98 -36.95 -48.71 61.40
C VAL C 98 -37.83 -47.70 60.67
N LEU C 99 -37.22 -46.59 60.31
CA LEU C 99 -37.88 -45.60 59.45
C LEU C 99 -38.09 -46.19 58.06
N SER C 100 -39.34 -46.47 57.71
CA SER C 100 -39.64 -46.82 56.33
C SER C 100 -39.56 -45.57 55.46
N ASP C 101 -39.18 -45.78 54.20
CA ASP C 101 -39.09 -44.67 53.27
C ASP C 101 -40.32 -44.47 52.40
N VAL C 102 -41.18 -45.47 52.29
CA VAL C 102 -42.24 -45.48 51.31
C VAL C 102 -43.44 -46.20 51.89
N ILE C 103 -44.63 -45.85 51.43
CA ILE C 103 -45.84 -46.58 51.78
C ILE C 103 -46.58 -46.98 50.53
N ARG C 104 -46.97 -48.25 50.44
CA ARG C 104 -47.59 -48.84 49.26
C ARG C 104 -48.97 -49.37 49.63
N TYR C 105 -49.98 -48.92 48.90
CA TYR C 105 -51.37 -49.33 49.09
C TYR C 105 -51.80 -50.15 47.89
N ASN C 106 -52.15 -51.41 48.11
CA ASN C 106 -52.69 -52.24 47.05
C ASN C 106 -54.17 -52.44 47.32
N LEU C 107 -55.00 -52.04 46.37
CA LEU C 107 -56.44 -52.06 46.51
C LEU C 107 -57.01 -53.29 45.82
N ASN C 108 -58.29 -53.53 46.07
CA ASN C 108 -59.03 -54.48 45.25
C ASN C 108 -60.45 -54.05 44.92
N PHE C 109 -60.88 -52.84 45.31
CA PHE C 109 -62.23 -52.38 45.05
C PHE C 109 -62.22 -51.33 43.96
N GLU C 110 -63.03 -51.56 42.93
CA GLU C 110 -62.89 -50.83 41.69
C GLU C 110 -63.22 -49.35 41.82
N GLU C 111 -64.05 -48.95 42.79
CA GLU C 111 -64.31 -47.52 42.89
C GLU C 111 -63.10 -46.75 43.37
N ASN C 112 -62.08 -47.44 43.84
CA ASN C 112 -60.73 -46.89 44.02
C ASN C 112 -60.68 -45.52 44.71
N LEU C 113 -59.84 -44.64 44.20
CA LEU C 113 -59.73 -43.27 44.67
C LEU C 113 -60.73 -42.33 44.01
N ARG C 114 -61.71 -42.86 43.30
CA ARG C 114 -62.71 -42.01 42.67
C ARG C 114 -63.49 -41.21 43.69
N ARG C 115 -63.62 -41.74 44.91
CA ARG C 115 -64.37 -41.06 45.96
C ARG C 115 -63.69 -41.31 47.30
N GLY C 116 -63.95 -40.44 48.25
CA GLY C 116 -63.07 -40.25 49.39
C GLY C 116 -61.83 -39.51 48.98
N THR C 117 -60.94 -39.29 49.94
CA THR C 117 -59.79 -38.41 49.69
C THR C 117 -58.58 -38.93 50.45
N ILE C 118 -57.41 -38.50 49.99
CA ILE C 118 -56.16 -38.81 50.67
C ILE C 118 -55.66 -37.55 51.38
N LEU C 119 -55.18 -37.72 52.61
CA LEU C 119 -54.69 -36.60 53.40
C LEU C 119 -53.23 -36.82 53.74
N PHE C 120 -52.49 -35.73 53.86
CA PHE C 120 -51.05 -35.76 54.08
C PHE C 120 -50.67 -34.67 55.06
N LYS C 121 -49.66 -34.97 55.87
CA LYS C 121 -49.09 -34.03 56.81
C LYS C 121 -47.70 -33.66 56.33
N THR C 122 -47.37 -32.37 56.35
CA THR C 122 -46.03 -31.96 55.95
C THR C 122 -45.48 -31.01 57.01
N SER C 123 -44.16 -30.87 57.00
CA SER C 123 -43.44 -30.14 58.02
C SER C 123 -43.91 -28.70 58.20
N TYR C 124 -44.72 -28.18 57.29
CA TYR C 124 -45.23 -26.83 57.44
C TYR C 124 -46.72 -26.71 57.14
N GLY C 125 -47.46 -27.81 57.08
CA GLY C 125 -48.88 -27.67 56.84
C GLY C 125 -49.56 -28.99 56.58
N VAL C 126 -50.74 -28.90 55.96
CA VAL C 126 -51.55 -30.04 55.62
C VAL C 126 -51.87 -29.99 54.13
N VAL C 127 -51.90 -31.16 53.51
CA VAL C 127 -52.19 -31.31 52.08
C VAL C 127 -53.30 -32.36 51.96
N VAL C 128 -54.17 -32.19 50.98
CA VAL C 128 -55.23 -33.15 50.74
C VAL C 128 -55.47 -33.29 49.26
N PHE C 129 -55.59 -34.54 48.82
CA PHE C 129 -55.71 -34.90 47.42
C PHE C 129 -57.12 -35.45 47.17
N TYR C 130 -57.76 -34.93 46.13
CA TYR C 130 -59.13 -35.30 45.79
C TYR C 130 -59.27 -35.21 44.29
N CYS C 131 -60.32 -35.82 43.76
CA CYS C 131 -60.50 -35.80 42.31
C CYS C 131 -61.98 -35.75 41.99
N THR C 132 -62.32 -35.01 40.94
CA THR C 132 -63.71 -34.73 40.61
C THR C 132 -63.89 -34.72 39.10
N ASN C 133 -64.93 -35.40 38.62
CA ASN C 133 -65.31 -35.26 37.23
C ASN C 133 -66.21 -34.05 37.02
N ASN C 134 -67.32 -33.97 37.76
CA ASN C 134 -68.39 -33.04 37.42
C ASN C 134 -67.98 -31.58 37.55
N THR C 135 -66.81 -31.29 38.12
CA THR C 135 -66.36 -29.92 38.18
C THR C 135 -65.80 -29.50 36.83
N ASN C 151 -64.14 -36.16 32.71
CA ASN C 151 -63.64 -37.24 33.56
C ASN C 151 -63.01 -36.66 34.83
N PHE C 152 -62.76 -37.54 35.81
CA PHE C 152 -62.18 -37.11 37.07
C PHE C 152 -60.83 -36.44 36.87
N TYR C 153 -60.86 -35.11 36.80
CA TYR C 153 -59.66 -34.30 36.93
C TYR C 153 -59.34 -34.12 38.40
N CYS C 154 -58.06 -34.21 38.74
CA CYS C 154 -57.66 -34.34 40.12
C CYS C 154 -56.97 -33.07 40.60
N PHE C 155 -57.19 -32.77 41.87
CA PHE C 155 -56.83 -31.50 42.45
C PHE C 155 -56.31 -31.73 43.85
N VAL C 156 -55.62 -30.71 44.36
CA VAL C 156 -55.06 -30.71 45.69
C VAL C 156 -55.49 -29.44 46.41
N ASN C 157 -55.69 -29.58 47.72
CA ASN C 157 -55.89 -28.47 48.64
C ASN C 157 -54.73 -28.43 49.61
N THR C 158 -54.24 -27.23 49.90
CA THR C 158 -53.06 -27.07 50.74
C THR C 158 -53.29 -25.93 51.71
N THR C 159 -52.90 -26.14 52.98
CA THR C 159 -52.94 -25.09 53.97
C THR C 159 -51.61 -25.05 54.71
N ILE C 160 -51.08 -23.86 54.88
CA ILE C 160 -49.79 -23.67 55.55
C ILE C 160 -49.91 -24.09 57.01
N THR C 164 -55.17 -20.98 52.41
CA THR C 164 -55.45 -22.25 51.77
C THR C 164 -55.54 -22.05 50.26
N THR C 165 -55.04 -23.02 49.51
CA THR C 165 -54.93 -22.93 48.06
C THR C 165 -55.28 -24.29 47.45
N SER C 166 -55.60 -24.27 46.15
CA SER C 166 -55.93 -25.49 45.44
C SER C 166 -55.21 -25.47 44.10
N ALA C 167 -54.98 -26.66 43.57
CA ALA C 167 -54.30 -26.76 42.28
C ALA C 167 -54.80 -27.97 41.50
N PHE C 168 -54.79 -27.83 40.18
CA PHE C 168 -54.97 -28.97 39.28
C PHE C 168 -53.65 -29.72 39.10
N VAL C 169 -53.74 -31.05 39.09
CA VAL C 169 -52.53 -31.86 39.22
C VAL C 169 -52.44 -32.85 38.08
N GLY C 170 -53.58 -33.25 37.54
CA GLY C 170 -53.60 -34.28 36.51
C GLY C 170 -54.95 -34.96 36.48
N ALA C 171 -54.98 -36.15 35.90
CA ALA C 171 -56.22 -36.90 35.78
C ALA C 171 -56.02 -38.35 36.18
N LEU C 172 -57.06 -38.89 36.78
CA LEU C 172 -57.03 -40.24 37.30
C LEU C 172 -57.01 -41.25 36.16
N PRO C 173 -56.06 -42.16 36.12
CA PRO C 173 -56.06 -43.19 35.09
C PRO C 173 -57.22 -44.15 35.30
N LYS C 174 -57.48 -44.96 34.26
CA LYS C 174 -58.74 -45.68 34.15
C LYS C 174 -59.08 -46.48 35.40
N THR C 175 -58.11 -47.19 35.96
CA THR C 175 -58.33 -47.87 37.25
C THR C 175 -57.00 -47.86 38.00
N VAL C 176 -56.89 -46.99 38.99
CA VAL C 176 -55.81 -47.13 39.95
C VAL C 176 -56.08 -48.35 40.81
N ARG C 177 -55.06 -49.18 40.99
CA ARG C 177 -55.24 -50.42 41.71
C ARG C 177 -54.12 -50.59 42.72
N GLU C 178 -52.97 -50.00 42.43
CA GLU C 178 -51.88 -49.87 43.37
C GLU C 178 -51.39 -48.43 43.35
N PHE C 179 -51.11 -47.87 44.52
CA PHE C 179 -50.50 -46.54 44.52
C PHE C 179 -49.63 -46.34 45.75
N VAL C 180 -48.69 -45.42 45.65
CA VAL C 180 -47.51 -45.42 46.50
C VAL C 180 -47.09 -43.99 46.79
N ILE C 181 -46.61 -43.74 48.01
CA ILE C 181 -46.10 -42.43 48.38
C ILE C 181 -44.70 -42.60 48.95
N SER C 182 -43.80 -41.69 48.56
CA SER C 182 -42.45 -41.66 49.10
C SER C 182 -42.36 -40.61 50.18
N ARG C 183 -41.59 -40.93 51.24
CA ARG C 183 -41.35 -39.98 52.30
C ARG C 183 -40.75 -38.69 51.79
N THR C 184 -39.97 -38.75 50.71
CA THR C 184 -39.45 -37.52 50.11
C THR C 184 -40.54 -36.74 49.39
N GLY C 185 -41.66 -37.37 49.07
CA GLY C 185 -42.82 -36.66 48.56
C GLY C 185 -43.23 -37.03 47.16
N HIS C 186 -42.44 -37.79 46.42
CA HIS C 186 -42.89 -38.30 45.15
C HIS C 186 -44.13 -39.16 45.35
N PHE C 187 -45.14 -38.93 44.54
CA PHE C 187 -46.39 -39.68 44.60
C PHE C 187 -46.51 -40.50 43.33
N TYR C 188 -46.78 -41.78 43.47
CA TYR C 188 -46.79 -42.71 42.36
C TYR C 188 -48.15 -43.36 42.26
N ILE C 189 -48.64 -43.47 41.03
CA ILE C 189 -49.90 -44.16 40.75
C ILE C 189 -49.60 -45.14 39.64
N ASN C 190 -50.02 -46.38 39.83
CA ASN C 190 -49.74 -47.41 38.85
C ASN C 190 -48.29 -47.34 38.37
N GLY C 191 -47.36 -47.12 39.29
CA GLY C 191 -45.97 -47.07 38.94
C GLY C 191 -45.42 -45.75 38.46
N TYR C 192 -46.23 -44.79 38.09
CA TYR C 192 -45.70 -43.56 37.52
C TYR C 192 -45.75 -42.42 38.54
N ARG C 193 -44.66 -41.67 38.62
CA ARG C 193 -44.55 -40.53 39.53
C ARG C 193 -45.37 -39.35 39.02
N TYR C 194 -46.49 -39.05 39.66
CA TYR C 194 -47.32 -37.95 39.20
C TYR C 194 -46.92 -36.59 39.74
N PHE C 195 -46.52 -36.46 41.00
CA PHE C 195 -46.21 -35.15 41.54
C PHE C 195 -45.31 -35.30 42.75
N THR C 196 -44.91 -34.16 43.31
CA THR C 196 -44.16 -34.15 44.55
C THR C 196 -44.86 -33.31 45.61
N LEU C 197 -44.72 -33.73 46.86
CA LEU C 197 -45.23 -33.00 48.00
C LEU C 197 -44.13 -32.46 48.91
N GLY C 198 -42.87 -32.73 48.61
CA GLY C 198 -41.83 -32.60 49.60
C GLY C 198 -41.96 -33.61 50.71
N ASN C 199 -41.09 -33.45 51.70
CA ASN C 199 -41.05 -34.36 52.84
C ASN C 199 -42.41 -34.43 53.53
N VAL C 200 -42.78 -35.63 53.95
CA VAL C 200 -44.09 -35.86 54.55
C VAL C 200 -43.93 -36.72 55.79
N GLU C 201 -44.66 -36.38 56.85
CA GLU C 201 -44.62 -37.19 58.05
C GLU C 201 -45.62 -38.34 58.03
N ALA C 202 -46.84 -38.10 57.54
CA ALA C 202 -47.86 -39.12 57.69
C ALA C 202 -48.92 -38.97 56.60
N VAL C 203 -49.57 -40.09 56.30
CA VAL C 203 -50.53 -40.23 55.22
C VAL C 203 -51.78 -40.89 55.77
N ASN C 204 -52.95 -40.49 55.27
CA ASN C 204 -54.20 -40.89 55.88
C ASN C 204 -55.29 -40.95 54.82
N PHE C 205 -56.34 -41.71 55.12
CA PHE C 205 -57.43 -41.95 54.20
C PHE C 205 -58.75 -41.45 54.78
N ASN C 206 -59.56 -40.83 53.93
CA ASN C 206 -60.99 -40.65 54.18
C ASN C 206 -61.67 -41.47 53.09
N VAL C 207 -61.74 -42.79 53.32
CA VAL C 207 -62.15 -43.74 52.31
C VAL C 207 -62.90 -44.89 52.99
N THR C 208 -63.88 -45.45 52.27
CA THR C 208 -64.63 -46.61 52.73
C THR C 208 -64.94 -47.51 51.54
N THR C 209 -65.07 -48.81 51.81
CA THR C 209 -65.33 -49.78 50.77
C THR C 209 -66.75 -49.69 50.23
N ALA C 210 -66.94 -50.29 49.05
CA ALA C 210 -68.23 -50.43 48.42
C ALA C 210 -68.96 -51.69 48.88
N GLU C 211 -68.24 -52.76 49.18
CA GLU C 211 -68.89 -53.99 49.61
C GLU C 211 -67.97 -54.76 50.54
N THR C 212 -68.59 -55.59 51.39
CA THR C 212 -67.89 -56.40 52.37
C THR C 212 -66.85 -57.34 51.78
N THR C 213 -66.96 -57.66 50.49
CA THR C 213 -65.90 -58.41 49.83
C THR C 213 -64.57 -57.66 49.87
N ASP C 214 -64.62 -56.33 49.75
CA ASP C 214 -63.43 -55.58 49.40
C ASP C 214 -62.47 -55.48 50.58
N PHE C 215 -61.18 -55.45 50.27
CA PHE C 215 -60.16 -55.15 51.27
C PHE C 215 -58.97 -54.52 50.56
N PHE C 216 -58.12 -53.85 51.33
CA PHE C 216 -56.84 -53.42 50.79
C PHE C 216 -55.70 -53.75 51.74
N THR C 217 -54.55 -54.05 51.15
CA THR C 217 -53.34 -54.29 51.91
C THR C 217 -52.47 -53.04 51.89
N VAL C 218 -51.96 -52.66 53.06
CA VAL C 218 -51.10 -51.50 53.20
C VAL C 218 -49.76 -52.00 53.70
N ALA C 219 -48.68 -51.54 53.06
CA ALA C 219 -47.36 -52.01 53.45
C ALA C 219 -46.34 -50.89 53.46
N LEU C 220 -45.54 -50.87 54.52
CA LEU C 220 -44.44 -49.93 54.68
C LEU C 220 -43.20 -50.55 54.04
N ALA C 221 -42.55 -49.78 53.17
CA ALA C 221 -41.49 -50.32 52.35
C ALA C 221 -40.27 -49.42 52.42
N SER C 222 -39.12 -50.02 52.20
CA SER C 222 -37.88 -49.31 52.02
C SER C 222 -37.16 -49.91 50.83
N TYR C 223 -36.19 -49.15 50.33
CA TYR C 223 -35.50 -49.54 49.12
C TYR C 223 -34.59 -50.72 49.39
N ALA C 224 -34.75 -51.77 48.60
CA ALA C 224 -33.70 -52.71 48.30
C ALA C 224 -33.17 -52.37 46.93
N ASP C 225 -32.18 -53.12 46.47
CA ASP C 225 -31.95 -53.25 45.05
C ASP C 225 -31.99 -54.72 44.68
N VAL C 226 -32.57 -55.01 43.52
CA VAL C 226 -33.16 -56.30 43.25
C VAL C 226 -32.98 -56.62 41.79
N LEU C 227 -32.99 -57.90 41.46
CA LEU C 227 -33.06 -58.35 40.09
C LEU C 227 -34.47 -58.86 39.83
N VAL C 228 -35.10 -58.37 38.76
CA VAL C 228 -36.51 -58.60 38.52
C VAL C 228 -36.69 -59.20 37.14
N ASN C 229 -37.44 -60.29 37.07
CA ASN C 229 -37.80 -60.93 35.80
C ASN C 229 -39.11 -60.34 35.30
N VAL C 230 -39.02 -59.24 34.55
CA VAL C 230 -40.21 -58.56 34.04
C VAL C 230 -40.75 -59.27 32.81
N SER C 231 -42.06 -59.51 32.79
CA SER C 231 -42.73 -59.97 31.58
C SER C 231 -44.10 -59.31 31.45
N GLN C 232 -44.42 -58.85 30.25
CA GLN C 232 -45.66 -58.13 29.99
C GLN C 232 -45.84 -56.98 30.97
N THR C 233 -44.74 -56.30 31.25
CA THR C 233 -44.55 -55.30 32.30
C THR C 233 -45.07 -55.76 33.66
N SER C 234 -45.44 -57.03 33.77
CA SER C 234 -45.62 -57.63 35.07
C SER C 234 -44.27 -57.99 35.65
N ILE C 235 -44.16 -57.94 36.98
CA ILE C 235 -43.17 -58.76 37.64
C ILE C 235 -43.53 -60.21 37.43
N ALA C 236 -42.52 -61.06 37.27
CA ALA C 236 -42.71 -62.49 37.42
C ALA C 236 -42.12 -63.01 38.73
N ASN C 237 -40.87 -62.66 39.00
CA ASN C 237 -40.20 -63.06 40.21
C ASN C 237 -38.94 -62.22 40.34
N ILE C 238 -38.38 -62.20 41.54
CA ILE C 238 -37.21 -61.39 41.85
C ILE C 238 -36.23 -62.18 42.68
N ILE C 239 -35.01 -61.68 42.73
CA ILE C 239 -34.05 -62.07 43.74
C ILE C 239 -33.40 -60.83 44.32
N TYR C 240 -33.22 -60.83 45.62
CA TYR C 240 -32.57 -59.73 46.31
C TYR C 240 -31.07 -59.86 46.19
N CYS C 241 -30.38 -58.72 46.20
CA CYS C 241 -28.92 -58.73 46.15
C CYS C 241 -28.30 -58.78 47.54
N ASN C 242 -28.76 -59.73 48.35
CA ASN C 242 -28.33 -59.82 49.74
C ASN C 242 -27.00 -60.57 49.88
N SER C 243 -26.97 -61.85 49.52
CA SER C 243 -25.80 -62.70 49.72
C SER C 243 -24.81 -62.56 48.57
N VAL C 244 -23.61 -63.09 48.79
CA VAL C 244 -22.54 -63.03 47.79
C VAL C 244 -22.99 -63.65 46.47
N ILE C 245 -23.50 -64.87 46.51
CA ILE C 245 -23.96 -65.52 45.29
C ILE C 245 -25.01 -64.64 44.62
N ASN C 246 -25.88 -64.04 45.41
CA ASN C 246 -26.84 -63.14 44.82
C ASN C 246 -26.18 -61.88 44.32
N ARG C 247 -25.05 -61.46 44.89
CA ARG C 247 -24.31 -60.37 44.24
C ARG C 247 -23.85 -60.77 42.85
N LEU C 248 -23.38 -62.00 42.69
CA LEU C 248 -23.01 -62.42 41.35
C LEU C 248 -24.21 -62.37 40.43
N ARG C 249 -25.28 -63.05 40.80
CA ARG C 249 -26.43 -63.08 39.92
C ARG C 249 -26.95 -61.68 39.63
N CYS C 250 -27.01 -60.81 40.64
CA CYS C 250 -27.40 -59.42 40.49
C CYS C 250 -26.46 -58.63 39.62
N ASP C 251 -25.30 -59.17 39.27
CA ASP C 251 -24.42 -58.39 38.39
C ASP C 251 -23.90 -59.16 37.20
N GLN C 252 -24.45 -60.34 36.93
CA GLN C 252 -24.40 -60.93 35.60
C GLN C 252 -25.73 -60.83 34.87
N LEU C 253 -26.76 -60.28 35.51
CA LEU C 253 -28.10 -60.27 34.95
C LEU C 253 -28.49 -61.68 34.48
N SER C 254 -28.24 -62.65 35.35
CA SER C 254 -28.47 -64.03 35.00
C SER C 254 -29.00 -64.76 36.21
N PHE C 255 -30.15 -65.41 36.06
CA PHE C 255 -30.69 -66.17 37.17
C PHE C 255 -29.96 -67.49 37.38
N TYR C 256 -29.48 -68.10 36.30
CA TYR C 256 -28.59 -69.23 36.41
C TYR C 256 -27.16 -68.74 36.52
N VAL C 257 -26.32 -69.51 37.22
CA VAL C 257 -24.88 -69.24 37.17
C VAL C 257 -24.13 -70.50 36.76
N PRO C 258 -23.31 -70.44 35.72
CA PRO C 258 -22.48 -71.60 35.39
C PRO C 258 -21.51 -71.92 36.51
N ASP C 259 -20.91 -73.10 36.40
CA ASP C 259 -19.73 -73.42 37.19
C ASP C 259 -18.51 -72.68 36.67
N GLY C 260 -17.63 -72.29 37.56
CA GLY C 260 -16.41 -71.64 37.15
C GLY C 260 -15.93 -70.64 38.16
N PHE C 261 -14.78 -70.05 37.85
CA PHE C 261 -13.99 -69.28 38.79
C PHE C 261 -14.29 -67.78 38.70
N TYR C 262 -15.48 -67.38 39.11
CA TYR C 262 -15.84 -65.97 39.04
C TYR C 262 -15.10 -65.14 40.08
N SER C 263 -14.61 -63.97 39.68
CA SER C 263 -13.93 -63.04 40.57
C SER C 263 -14.88 -62.02 41.19
N THR C 264 -14.54 -61.56 42.39
CA THR C 264 -15.21 -60.42 43.03
C THR C 264 -14.23 -59.70 43.93
N SER C 265 -14.54 -58.44 44.20
CA SER C 265 -13.88 -57.66 45.23
C SER C 265 -14.88 -57.29 46.32
N PRO C 266 -14.63 -57.62 47.59
CA PRO C 266 -15.66 -57.45 48.61
C PRO C 266 -15.93 -55.99 48.90
N ILE C 267 -17.18 -55.70 49.30
CA ILE C 267 -17.61 -54.33 49.47
C ILE C 267 -16.83 -53.66 50.60
N GLN C 268 -16.45 -52.41 50.37
CA GLN C 268 -15.72 -51.62 51.34
C GLN C 268 -16.65 -51.06 52.40
N SER C 269 -16.05 -50.53 53.46
CA SER C 269 -16.82 -49.88 54.52
C SER C 269 -17.52 -48.64 53.99
N VAL C 270 -18.74 -48.41 54.47
CA VAL C 270 -19.51 -47.26 54.01
C VAL C 270 -18.87 -45.96 54.46
N GLU C 271 -18.16 -45.96 55.59
CA GLU C 271 -17.50 -44.76 56.08
C GLU C 271 -16.00 -44.96 56.23
N LEU C 272 -15.27 -43.86 56.15
CA LEU C 272 -13.82 -43.89 56.27
C LEU C 272 -13.35 -42.79 57.21
N PRO C 273 -12.37 -43.09 58.05
CA PRO C 273 -11.53 -42.02 58.61
C PRO C 273 -10.80 -41.29 57.50
N VAL C 274 -10.38 -40.07 57.79
CA VAL C 274 -9.66 -39.24 56.83
C VAL C 274 -8.24 -39.03 57.32
N SER C 275 -7.28 -39.13 56.40
CA SER C 275 -5.89 -38.82 56.67
C SER C 275 -5.41 -37.76 55.70
N ILE C 276 -4.56 -36.87 56.18
CA ILE C 276 -4.00 -35.80 55.38
C ILE C 276 -2.51 -35.69 55.66
N VAL C 277 -1.72 -35.51 54.62
CA VAL C 277 -0.30 -35.26 54.76
C VAL C 277 0.08 -34.10 53.84
N SER C 278 0.90 -33.20 54.36
CA SER C 278 1.28 -32.00 53.64
C SER C 278 2.74 -31.67 53.89
N LEU C 279 3.33 -30.94 52.95
CA LEU C 279 4.60 -30.31 53.21
C LEU C 279 4.42 -29.14 54.19
N PRO C 280 5.30 -29.00 55.18
CA PRO C 280 5.27 -27.80 56.02
C PRO C 280 5.44 -26.53 55.19
N VAL C 281 4.70 -25.50 55.57
CA VAL C 281 4.74 -24.19 54.95
C VAL C 281 4.56 -23.14 56.04
N TYR C 282 4.85 -21.88 55.70
CA TYR C 282 4.48 -20.77 56.56
C TYR C 282 2.97 -20.60 56.52
N HIS C 283 2.31 -20.92 57.63
CA HIS C 283 0.85 -21.00 57.66
C HIS C 283 0.24 -19.61 57.75
N LYS C 284 -0.72 -19.34 56.87
CA LYS C 284 -1.60 -18.19 56.99
C LYS C 284 -2.92 -18.53 56.32
N HIS C 285 -3.99 -17.90 56.79
CA HIS C 285 -5.35 -18.23 56.36
C HIS C 285 -6.11 -17.01 55.86
N MET C 286 -6.99 -17.26 54.90
CA MET C 286 -8.05 -16.32 54.57
C MET C 286 -9.41 -17.04 54.47
N PHE C 287 -10.41 -16.48 55.14
CA PHE C 287 -11.79 -16.87 54.90
C PHE C 287 -12.33 -16.20 53.64
N ILE C 288 -13.03 -16.97 52.82
CA ILE C 288 -13.96 -16.47 51.83
C ILE C 288 -15.34 -16.87 52.30
N VAL C 289 -16.24 -15.90 52.47
CA VAL C 289 -17.57 -16.18 52.98
C VAL C 289 -18.58 -15.47 52.09
N LEU C 290 -19.58 -16.23 51.62
CA LEU C 290 -20.64 -15.69 50.79
C LEU C 290 -21.93 -15.65 51.59
N TYR C 291 -22.52 -14.46 51.71
CA TYR C 291 -23.75 -14.24 52.46
C TYR C 291 -24.91 -14.10 51.50
N VAL C 292 -26.01 -14.81 51.79
CA VAL C 292 -27.26 -14.68 51.06
C VAL C 292 -28.36 -14.25 52.01
N ASP C 293 -29.07 -13.19 51.65
CA ASP C 293 -30.42 -12.92 52.13
C ASP C 293 -31.23 -12.35 50.98
N PHE C 294 -32.54 -12.56 51.03
CA PHE C 294 -33.39 -12.17 49.91
C PHE C 294 -34.85 -12.08 50.35
N LYS C 295 -35.64 -11.38 49.52
CA LYS C 295 -37.08 -11.44 49.51
C LYS C 295 -37.57 -11.54 48.08
N PRO C 296 -38.58 -12.37 47.80
CA PRO C 296 -38.99 -12.66 46.42
C PRO C 296 -39.56 -11.44 45.70
N ASN C 312 -30.06 -9.67 48.79
CA ASN C 312 -28.92 -9.15 49.53
C ASN C 312 -27.82 -10.21 49.62
N ILE C 313 -27.07 -10.36 48.54
CA ILE C 313 -25.91 -11.23 48.49
C ILE C 313 -24.67 -10.37 48.65
N THR C 314 -23.76 -10.78 49.54
CA THR C 314 -22.57 -9.99 49.79
C THR C 314 -21.36 -10.88 50.07
N LEU C 315 -20.19 -10.37 49.72
CA LEU C 315 -18.92 -10.92 50.15
C LEU C 315 -18.31 -9.99 51.20
N ALA C 316 -17.87 -10.56 52.32
CA ALA C 316 -17.13 -9.79 53.29
C ALA C 316 -15.84 -9.27 52.68
N ASN C 317 -15.50 -8.03 52.99
CA ASN C 317 -14.29 -7.36 52.47
C ASN C 317 -14.27 -7.31 50.95
N PHE C 318 -15.42 -7.44 50.30
CA PHE C 318 -15.50 -7.24 48.86
C PHE C 318 -15.47 -5.76 48.52
N SER C 330 -1.39 -18.27 52.75
CA SER C 330 -0.94 -19.48 52.08
C SER C 330 -2.03 -20.56 52.13
N HIS C 331 -3.04 -20.33 52.94
CA HIS C 331 -4.18 -21.23 53.05
C HIS C 331 -5.46 -20.42 53.00
N PHE C 332 -6.54 -21.04 52.55
CA PHE C 332 -7.84 -20.38 52.58
C PHE C 332 -8.95 -21.42 52.70
N THR C 333 -10.14 -20.92 53.06
CA THR C 333 -11.29 -21.80 53.16
C THR C 333 -12.54 -21.02 52.77
N THR C 334 -13.58 -21.76 52.39
CA THR C 334 -14.83 -21.21 51.90
C THR C 334 -15.98 -21.53 52.85
N LYS C 335 -16.86 -20.55 53.05
CA LYS C 335 -18.10 -20.73 53.78
C LYS C 335 -19.26 -20.12 53.00
N TYR C 336 -20.38 -20.83 52.99
CA TYR C 336 -21.65 -20.33 52.48
C TYR C 336 -22.62 -20.13 53.64
N VAL C 337 -23.23 -18.95 53.71
CA VAL C 337 -24.10 -18.61 54.85
C VAL C 337 -25.34 -17.86 54.38
N ARG C 345 -41.67 -22.48 50.19
CA ARG C 345 -40.55 -23.40 50.03
C ARG C 345 -39.49 -22.80 49.12
N TRP C 346 -39.15 -21.55 49.38
CA TRP C 346 -37.98 -20.92 48.78
C TRP C 346 -36.70 -21.54 49.35
N ILE C 350 -26.53 -22.22 45.26
CA ILE C 350 -25.30 -22.03 44.49
C ILE C 350 -25.08 -23.14 43.48
N ASN C 351 -24.71 -22.75 42.26
CA ASN C 351 -24.40 -23.69 41.21
C ASN C 351 -22.98 -23.48 40.73
N THR C 352 -22.36 -24.57 40.27
CA THR C 352 -20.97 -24.52 39.81
C THR C 352 -20.84 -23.82 38.47
N GLY C 353 -21.91 -23.72 37.72
CA GLY C 353 -21.86 -23.02 36.44
C GLY C 353 -20.80 -23.61 35.52
N ASN C 354 -19.99 -22.74 34.95
CA ASN C 354 -18.92 -23.14 34.05
C ASN C 354 -17.55 -23.22 34.72
N CYS C 355 -17.48 -23.09 36.03
CA CYS C 355 -16.17 -23.21 36.66
C CYS C 355 -15.79 -24.68 36.77
N PRO C 356 -14.51 -25.02 36.58
CA PRO C 356 -14.08 -26.41 36.73
C PRO C 356 -13.84 -26.80 38.17
N PHE C 357 -14.66 -26.26 39.06
CA PHE C 357 -14.60 -26.60 40.48
C PHE C 357 -15.91 -26.17 41.12
N SER C 358 -16.14 -26.66 42.32
CA SER C 358 -17.39 -26.42 43.02
C SER C 358 -17.13 -25.72 44.34
N PHE C 359 -17.90 -24.68 44.61
CA PHE C 359 -17.77 -23.96 45.88
C PHE C 359 -18.00 -24.93 47.04
N GLY C 360 -17.22 -24.75 48.10
CA GLY C 360 -17.14 -25.76 49.12
C GLY C 360 -16.16 -26.86 48.78
N LYS C 361 -16.37 -27.53 47.65
CA LYS C 361 -15.43 -28.57 47.24
C LYS C 361 -14.03 -28.02 47.02
N VAL C 362 -13.90 -26.73 46.77
CA VAL C 362 -12.58 -26.08 46.76
C VAL C 362 -11.80 -26.40 48.02
N ASN C 363 -12.49 -26.55 49.15
CA ASN C 363 -11.83 -26.95 50.39
C ASN C 363 -11.12 -28.29 50.27
N ASN C 364 -11.57 -29.17 49.38
CA ASN C 364 -10.98 -30.50 49.30
C ASN C 364 -9.58 -30.49 48.68
N PHE C 365 -8.74 -29.54 49.09
CA PHE C 365 -7.34 -29.50 48.68
C PHE C 365 -7.15 -29.39 47.18
N VAL C 366 -8.06 -28.73 46.48
CA VAL C 366 -7.70 -28.25 45.17
C VAL C 366 -6.67 -27.12 45.29
N LYS C 367 -5.92 -26.90 44.22
CA LYS C 367 -4.87 -25.89 44.20
C LYS C 367 -5.18 -24.82 43.17
N PHE C 368 -4.67 -23.63 43.41
CA PHE C 368 -4.56 -22.60 42.39
C PHE C 368 -3.24 -21.87 42.55
N GLY C 369 -2.77 -21.30 41.44
CA GLY C 369 -1.67 -20.34 41.53
C GLY C 369 -2.12 -19.03 42.16
N SER C 370 -3.34 -18.58 41.82
CA SER C 370 -3.97 -17.44 42.45
C SER C 370 -5.45 -17.50 42.14
N VAL C 371 -6.25 -16.77 42.94
CA VAL C 371 -7.69 -16.73 42.74
C VAL C 371 -8.22 -15.33 43.03
N CYS C 372 -9.23 -14.92 42.28
CA CYS C 372 -9.89 -13.65 42.47
C CYS C 372 -11.40 -13.84 42.38
N PHE C 373 -12.12 -13.15 43.25
CA PHE C 373 -13.57 -13.27 43.40
C PHE C 373 -14.23 -11.92 43.11
N SER C 374 -15.33 -11.94 42.35
CA SER C 374 -16.05 -10.72 42.03
C SER C 374 -17.55 -10.96 42.11
N LEU C 375 -18.26 -10.05 42.76
CA LEU C 375 -19.69 -9.94 42.55
C LEU C 375 -19.94 -9.20 41.24
N CYS C 382 -14.78 -17.40 34.95
CA CYS C 382 -15.94 -18.28 34.97
C CYS C 382 -17.00 -17.74 35.93
N ALA C 383 -18.25 -18.12 35.69
CA ALA C 383 -19.41 -17.52 36.36
C ALA C 383 -20.15 -18.58 37.14
N MET C 384 -20.32 -18.34 38.45
CA MET C 384 -21.12 -19.23 39.30
C MET C 384 -22.39 -18.50 39.70
N PRO C 385 -23.48 -18.70 38.98
CA PRO C 385 -24.74 -18.05 39.36
C PRO C 385 -25.28 -18.63 40.65
N ILE C 386 -25.72 -17.74 41.54
CA ILE C 386 -26.45 -18.14 42.73
C ILE C 386 -27.94 -18.14 42.40
N VAL C 387 -28.54 -19.33 42.42
CA VAL C 387 -29.88 -19.54 41.93
C VAL C 387 -30.75 -19.97 43.11
N ALA C 388 -31.72 -19.12 43.45
CA ALA C 388 -32.77 -19.53 44.37
C ALA C 388 -33.74 -20.45 43.66
N ASN C 389 -34.26 -21.43 44.39
CA ASN C 389 -35.32 -22.29 43.89
C ASN C 389 -36.57 -22.08 44.73
N TRP C 390 -37.72 -22.24 44.09
CA TRP C 390 -38.98 -22.45 44.79
C TRP C 390 -39.56 -23.81 44.41
N ALA C 391 -39.80 -24.65 45.43
CA ALA C 391 -40.44 -25.95 45.29
C ALA C 391 -39.80 -26.80 44.19
N TYR C 392 -38.50 -26.62 43.96
CA TYR C 392 -37.80 -27.20 42.82
C TYR C 392 -38.55 -26.98 41.52
N SER C 393 -39.35 -25.92 41.46
CA SER C 393 -40.26 -25.67 40.36
C SER C 393 -39.99 -24.36 39.66
N LYS C 394 -39.39 -23.38 40.35
CA LYS C 394 -38.98 -22.15 39.71
C LYS C 394 -37.55 -21.82 40.13
N TYR C 395 -36.80 -21.24 39.22
CA TYR C 395 -35.42 -20.85 39.47
C TYR C 395 -35.25 -19.36 39.20
N TYR C 396 -34.45 -18.70 40.04
CA TYR C 396 -34.20 -17.27 39.91
C TYR C 396 -32.74 -17.01 40.22
N THR C 397 -31.99 -16.52 39.23
CA THR C 397 -30.58 -16.24 39.38
C THR C 397 -30.43 -14.93 40.14
N ILE C 398 -30.53 -15.02 41.47
CA ILE C 398 -30.53 -13.80 42.27
C ILE C 398 -29.23 -13.04 42.13
N GLY C 399 -28.18 -13.68 41.63
CA GLY C 399 -26.97 -12.96 41.25
C GLY C 399 -25.99 -13.90 40.61
N THR C 400 -24.79 -13.39 40.36
CA THR C 400 -23.71 -14.23 39.90
C THR C 400 -22.43 -13.89 40.64
N LEU C 401 -21.69 -14.91 41.03
CA LEU C 401 -20.31 -14.77 41.47
C LEU C 401 -19.38 -15.19 40.33
N TYR C 402 -18.44 -14.33 40.00
CA TYR C 402 -17.43 -14.64 39.01
C TYR C 402 -16.13 -14.96 39.72
N VAL C 403 -15.43 -15.97 39.24
CA VAL C 403 -14.10 -16.30 39.74
C VAL C 403 -13.14 -16.27 38.56
N SER C 404 -11.93 -15.76 38.81
CA SER C 404 -10.81 -16.02 37.93
C SER C 404 -9.75 -16.78 38.72
N TRP C 405 -9.09 -17.72 38.07
CA TRP C 405 -8.10 -18.53 38.76
C TRP C 405 -6.94 -18.80 37.82
N SER C 406 -5.74 -18.82 38.39
CA SER C 406 -4.58 -19.38 37.73
C SER C 406 -4.32 -20.78 38.27
N ASP C 407 -3.91 -21.68 37.39
CA ASP C 407 -3.36 -22.94 37.86
C ASP C 407 -2.02 -22.68 38.54
N GLY C 408 -1.55 -23.69 39.28
CA GLY C 408 -0.41 -23.51 40.15
C GLY C 408 -0.72 -23.82 41.58
N ASP C 409 0.12 -23.32 42.50
CA ASP C 409 0.05 -23.69 43.90
C ASP C 409 0.19 -22.44 44.77
N GLY C 410 0.12 -22.65 46.08
CA GLY C 410 0.16 -21.60 47.05
C GLY C 410 -1.19 -21.14 47.51
N ILE C 411 -2.24 -21.51 46.77
CA ILE C 411 -3.61 -21.46 47.24
C ILE C 411 -4.14 -22.88 47.29
N THR C 412 -4.64 -23.29 48.45
CA THR C 412 -5.36 -24.56 48.58
C THR C 412 -6.52 -24.38 49.56
N GLY C 413 -7.56 -25.15 49.36
CA GLY C 413 -8.56 -25.31 50.41
C GLY C 413 -7.94 -25.91 51.65
N VAL C 414 -8.44 -25.48 52.81
CA VAL C 414 -8.08 -26.12 54.07
C VAL C 414 -9.34 -26.19 54.93
N PRO C 415 -9.61 -27.31 55.59
CA PRO C 415 -10.84 -27.42 56.37
C PRO C 415 -10.92 -26.42 57.51
N GLN C 416 -9.77 -25.97 58.02
CA GLN C 416 -9.70 -24.98 59.08
C GLN C 416 -8.53 -24.05 58.77
N PRO C 417 -8.59 -22.79 59.26
CA PRO C 417 -7.47 -21.86 59.14
C PRO C 417 -6.14 -22.46 59.57
N GLY C 420 2.31 -21.21 62.94
CA GLY C 420 2.72 -20.56 61.70
C GLY C 420 3.67 -21.40 60.87
N VAL C 421 4.07 -22.54 61.43
CA VAL C 421 4.96 -23.49 60.76
C VAL C 421 4.53 -24.91 61.14
N SER C 422 5.19 -25.89 60.52
CA SER C 422 5.02 -27.32 60.78
C SER C 422 3.70 -27.86 60.26
N SER C 423 3.78 -28.87 59.38
CA SER C 423 2.60 -29.53 58.83
C SER C 423 1.92 -30.43 59.86
N PHE C 424 0.60 -30.44 59.83
CA PHE C 424 -0.18 -31.55 60.37
C PHE C 424 0.02 -32.80 59.54
N MET C 425 -0.13 -33.96 60.18
CA MET C 425 0.00 -35.27 59.54
C MET C 425 -0.86 -36.29 60.30
N ASN C 426 -2.17 -36.04 60.39
CA ASN C 426 -3.03 -37.06 60.98
C ASN C 426 -3.10 -38.24 60.04
N VAL C 427 -2.49 -39.35 60.44
CA VAL C 427 -2.46 -40.56 59.63
C VAL C 427 -2.90 -41.74 60.48
N THR C 428 -3.80 -42.55 59.94
CA THR C 428 -4.26 -43.76 60.59
C THR C 428 -3.79 -44.97 59.79
N LEU C 429 -3.13 -45.90 60.47
CA LEU C 429 -2.68 -47.12 59.83
C LEU C 429 -3.76 -48.18 59.85
N ASP C 430 -3.60 -49.17 58.97
CA ASP C 430 -4.46 -50.34 58.87
C ASP C 430 -5.90 -50.08 58.45
N LYS C 431 -6.51 -48.99 58.91
CA LYS C 431 -7.88 -48.73 58.53
C LYS C 431 -7.90 -48.22 57.09
N CYS C 432 -8.79 -48.74 56.26
CA CYS C 432 -8.91 -48.19 54.93
C CYS C 432 -9.38 -46.76 55.03
N THR C 433 -8.65 -45.86 54.40
CA THR C 433 -8.70 -44.45 54.72
C THR C 433 -8.56 -43.63 53.46
N LYS C 434 -9.45 -42.65 53.32
CA LYS C 434 -9.30 -41.65 52.29
C LYS C 434 -8.08 -40.80 52.59
N TYR C 435 -7.27 -40.54 51.57
CA TYR C 435 -6.03 -39.82 51.79
C TYR C 435 -5.87 -38.73 50.75
N ASN C 436 -5.07 -37.74 51.11
CA ASN C 436 -4.68 -36.66 50.23
C ASN C 436 -3.18 -36.44 50.26
N ILE C 437 -2.42 -37.50 50.47
CA ILE C 437 -0.98 -37.43 50.63
C ILE C 437 -0.34 -36.63 49.51
N TYR C 438 0.37 -35.58 49.87
CA TYR C 438 1.09 -34.74 48.92
C TYR C 438 0.25 -34.45 47.69
N ASP C 439 -0.99 -34.04 47.95
CA ASP C 439 -1.99 -33.68 46.93
C ASP C 439 -2.20 -34.78 45.91
N VAL C 440 -1.92 -36.02 46.28
CA VAL C 440 -2.46 -37.17 45.57
C VAL C 440 -3.56 -37.72 46.44
N SER C 441 -4.77 -37.82 45.89
CA SER C 441 -5.92 -38.24 46.66
C SER C 441 -6.37 -39.61 46.22
N GLY C 442 -6.87 -40.39 47.18
CA GLY C 442 -7.24 -41.76 46.89
C GLY C 442 -7.83 -42.41 48.11
N VAL C 443 -7.98 -43.72 48.02
CA VAL C 443 -8.40 -44.54 49.14
C VAL C 443 -7.40 -45.67 49.30
N GLY C 444 -7.04 -45.99 50.52
CA GLY C 444 -6.19 -47.15 50.70
C GLY C 444 -5.85 -47.36 52.15
N VAL C 445 -5.05 -48.39 52.40
CA VAL C 445 -4.56 -48.71 53.72
C VAL C 445 -3.09 -48.33 53.77
N ILE C 446 -2.75 -47.45 54.68
CA ILE C 446 -1.38 -46.99 54.89
C ILE C 446 -0.71 -47.90 55.90
N ARG C 447 0.54 -48.27 55.64
CA ARG C 447 1.24 -49.13 56.57
C ARG C 447 2.71 -48.76 56.61
N VAL C 448 3.35 -49.02 57.76
CA VAL C 448 4.79 -48.83 57.88
C VAL C 448 5.50 -49.92 57.10
N SER C 449 6.51 -49.55 56.33
CA SER C 449 7.29 -50.50 55.55
C SER C 449 8.76 -50.45 55.92
N ASN C 450 9.41 -51.60 55.77
CA ASN C 450 10.83 -51.74 56.07
C ASN C 450 11.72 -51.26 54.92
N ASP C 451 11.15 -50.84 53.80
CA ASP C 451 11.95 -50.40 52.68
C ASP C 451 12.61 -49.07 52.97
N THR C 452 13.78 -48.84 52.35
CA THR C 452 14.59 -47.65 52.62
C THR C 452 15.13 -47.14 51.28
N PHE C 453 14.40 -46.22 50.66
CA PHE C 453 14.80 -45.64 49.39
C PHE C 453 15.26 -44.22 49.67
N LEU C 454 16.51 -43.92 49.29
CA LEU C 454 17.01 -42.57 49.53
C LEU C 454 16.45 -41.57 48.55
N ASN C 455 16.20 -41.99 47.33
CA ASN C 455 15.63 -41.12 46.32
C ASN C 455 14.15 -40.85 46.56
N GLY C 456 13.71 -39.69 46.11
CA GLY C 456 12.30 -39.43 45.91
C GLY C 456 11.52 -39.08 47.17
N ILE C 457 10.20 -38.98 46.96
CA ILE C 457 9.26 -38.57 48.00
C ILE C 457 7.94 -39.31 47.84
N THR C 458 7.50 -39.50 46.60
CA THR C 458 6.39 -40.38 46.28
C THR C 458 6.85 -41.39 45.24
N TYR C 459 6.39 -42.62 45.38
CA TYR C 459 6.74 -43.66 44.43
C TYR C 459 5.48 -44.15 43.72
N THR C 460 5.55 -44.32 42.41
CA THR C 460 4.36 -44.64 41.64
C THR C 460 4.62 -45.81 40.72
N SER C 461 3.57 -46.60 40.49
CA SER C 461 3.61 -47.63 39.48
C SER C 461 3.46 -47.01 38.11
N THR C 462 3.62 -47.83 37.07
CA THR C 462 3.39 -47.35 35.72
C THR C 462 1.97 -46.81 35.55
N SER C 463 1.01 -47.37 36.28
CA SER C 463 -0.35 -46.90 36.12
C SER C 463 -0.58 -45.55 36.73
N GLY C 464 0.39 -45.01 37.45
CA GLY C 464 0.27 -43.71 38.07
C GLY C 464 -0.32 -43.74 39.45
N ASN C 465 -0.82 -44.89 39.90
CA ASN C 465 -1.27 -45.01 41.28
C ASN C 465 -0.12 -44.77 42.24
N LEU C 466 -0.43 -44.10 43.34
CA LEU C 466 0.52 -43.97 44.43
C LEU C 466 0.79 -45.35 45.03
N LEU C 467 2.05 -45.67 45.26
CA LEU C 467 2.41 -46.88 46.00
C LEU C 467 2.93 -46.62 47.39
N GLY C 468 3.70 -45.56 47.58
CA GLY C 468 4.35 -45.36 48.85
C GLY C 468 4.97 -43.99 48.92
N PHE C 469 5.24 -43.56 50.14
CA PHE C 469 5.77 -42.21 50.35
C PHE C 469 6.79 -42.22 51.47
N LYS C 470 7.56 -41.14 51.51
CA LYS C 470 8.61 -40.92 52.47
C LYS C 470 8.26 -39.75 53.38
N ASP C 471 8.19 -39.99 54.69
CA ASP C 471 8.01 -38.91 55.64
C ASP C 471 9.32 -38.12 55.70
N VAL C 472 9.33 -36.96 55.05
CA VAL C 472 10.52 -36.12 55.05
C VAL C 472 10.97 -35.73 56.45
N THR C 473 10.07 -35.74 57.42
CA THR C 473 10.47 -35.44 58.79
C THR C 473 11.36 -36.52 59.39
N LYS C 474 11.30 -37.74 58.86
CA LYS C 474 11.98 -38.85 59.51
C LYS C 474 12.62 -39.83 58.53
N GLY C 475 12.21 -39.86 57.27
CA GLY C 475 12.63 -40.91 56.37
C GLY C 475 11.81 -42.17 56.45
N THR C 476 10.72 -42.16 57.22
CA THR C 476 9.87 -43.33 57.33
C THR C 476 9.19 -43.60 56.00
N ILE C 477 9.28 -44.82 55.50
CA ILE C 477 8.63 -45.17 54.25
C ILE C 477 7.33 -45.90 54.55
N TYR C 478 6.26 -45.47 53.89
CA TYR C 478 4.92 -46.03 54.06
C TYR C 478 4.43 -46.57 52.75
N SER C 479 3.61 -47.63 52.84
CA SER C 479 3.02 -48.30 51.70
C SER C 479 1.50 -48.18 51.72
N ILE C 480 0.91 -48.09 50.52
CA ILE C 480 -0.46 -47.65 50.34
C ILE C 480 -1.28 -48.74 49.65
N THR C 481 -1.43 -49.87 50.29
CA THR C 481 -2.16 -50.98 49.68
C THR C 481 -3.66 -50.72 49.67
N PRO C 482 -4.35 -50.89 48.54
CA PRO C 482 -5.80 -50.71 48.57
C PRO C 482 -6.44 -51.84 49.36
N CYS C 483 -7.48 -51.49 50.11
CA CYS C 483 -8.30 -52.51 50.73
C CYS C 483 -9.05 -53.31 49.67
N ASN C 484 -9.47 -54.51 50.07
CA ASN C 484 -10.30 -55.40 49.26
C ASN C 484 -9.89 -55.55 47.79
N PRO C 485 -8.64 -55.92 47.52
CA PRO C 485 -8.28 -56.30 46.17
C PRO C 485 -9.03 -57.56 45.76
N PRO C 486 -9.15 -57.82 44.47
CA PRO C 486 -10.03 -58.89 43.99
C PRO C 486 -9.60 -60.27 44.46
N ASP C 487 -10.59 -61.10 44.76
CA ASP C 487 -10.45 -62.54 45.00
C ASP C 487 -11.00 -63.32 43.82
N GLN C 488 -10.85 -64.64 43.86
CA GLN C 488 -11.55 -65.49 42.92
C GLN C 488 -12.34 -66.57 43.64
N LEU C 489 -13.63 -66.68 43.34
CA LEU C 489 -14.50 -67.67 43.93
C LEU C 489 -14.58 -68.92 43.07
N VAL C 490 -14.96 -70.02 43.68
CA VAL C 490 -15.27 -71.26 42.98
C VAL C 490 -16.74 -71.56 43.16
N VAL C 491 -17.49 -71.58 42.07
CA VAL C 491 -18.91 -71.82 42.12
C VAL C 491 -19.22 -73.16 41.51
N TYR C 492 -19.98 -73.98 42.21
CA TYR C 492 -20.38 -75.30 41.74
C TYR C 492 -21.78 -75.59 42.23
N GLN C 493 -22.61 -76.13 41.33
CA GLN C 493 -24.02 -76.37 41.61
C GLN C 493 -24.69 -75.16 42.23
N GLN C 494 -24.31 -73.98 41.74
CA GLN C 494 -24.84 -72.71 42.24
C GLN C 494 -24.63 -72.56 43.74
N ALA C 495 -23.41 -72.88 44.17
CA ALA C 495 -22.99 -72.62 45.54
C ALA C 495 -21.52 -72.25 45.50
N VAL C 496 -21.08 -71.50 46.49
CA VAL C 496 -19.67 -71.15 46.61
C VAL C 496 -19.00 -72.20 47.48
N VAL C 497 -17.99 -72.88 46.94
CA VAL C 497 -17.34 -73.94 47.69
C VAL C 497 -15.96 -73.55 48.18
N GLY C 498 -15.33 -72.54 47.61
CA GLY C 498 -13.94 -72.28 47.91
C GLY C 498 -13.53 -70.94 47.35
N ALA C 499 -12.49 -70.38 47.93
CA ALA C 499 -12.11 -69.03 47.53
C ALA C 499 -10.61 -68.89 47.59
N MET C 500 -10.01 -68.53 46.48
CA MET C 500 -8.61 -68.15 46.49
C MET C 500 -8.47 -66.76 47.06
N LEU C 501 -7.50 -66.60 47.94
CA LEU C 501 -7.26 -65.31 48.56
C LEU C 501 -5.78 -64.99 48.55
N SER C 502 -5.47 -63.72 48.78
CA SER C 502 -4.10 -63.24 48.92
C SER C 502 -3.80 -62.87 50.36
N GLU C 503 -4.37 -63.58 51.32
CA GLU C 503 -4.15 -63.28 52.72
C GLU C 503 -4.41 -64.53 53.54
N ASN C 504 -3.68 -64.67 54.64
CA ASN C 504 -3.89 -65.78 55.56
C ASN C 504 -4.87 -65.36 56.63
N PHE C 505 -6.15 -65.35 56.28
CA PHE C 505 -7.21 -65.58 57.24
C PHE C 505 -8.44 -65.99 56.48
N THR C 506 -9.36 -66.65 57.17
CA THR C 506 -10.61 -67.07 56.55
C THR C 506 -11.50 -65.88 56.28
N SER C 507 -12.50 -66.10 55.44
CA SER C 507 -13.49 -65.08 55.11
C SER C 507 -14.74 -65.77 54.60
N TYR C 508 -15.76 -64.97 54.31
CA TYR C 508 -17.02 -65.41 53.75
C TYR C 508 -17.70 -66.49 54.57
N GLY C 509 -17.24 -66.74 55.79
CA GLY C 509 -17.79 -67.82 56.58
C GLY C 509 -17.24 -69.19 56.27
N PHE C 510 -16.10 -69.27 55.58
CA PHE C 510 -15.48 -70.55 55.33
C PHE C 510 -14.68 -71.01 56.55
N SER C 511 -14.36 -72.30 56.55
CA SER C 511 -13.81 -72.93 57.74
C SER C 511 -12.29 -72.88 57.79
N ASN C 512 -11.61 -73.43 56.79
CA ASN C 512 -10.17 -73.62 56.90
C ASN C 512 -9.45 -73.08 55.68
N VAL C 513 -8.22 -72.62 55.92
CA VAL C 513 -7.39 -71.97 54.92
C VAL C 513 -6.10 -72.76 54.78
N VAL C 514 -5.78 -73.16 53.56
CA VAL C 514 -4.51 -73.82 53.27
C VAL C 514 -3.69 -72.97 52.32
N GLU C 515 -2.39 -72.93 52.55
CA GLU C 515 -1.47 -72.21 51.68
C GLU C 515 -1.08 -73.08 50.50
N LEU C 516 -1.33 -72.61 49.29
CA LEU C 516 -0.80 -73.23 48.10
C LEU C 516 0.30 -72.35 47.53
N PRO C 517 1.10 -72.88 46.61
CA PRO C 517 2.36 -72.19 46.25
C PRO C 517 2.22 -70.75 45.80
N LYS C 518 1.06 -70.34 45.30
CA LYS C 518 0.93 -68.97 44.84
C LYS C 518 -0.23 -68.22 45.47
N PHE C 519 -1.00 -68.84 46.37
CA PHE C 519 -2.16 -68.16 46.92
C PHE C 519 -2.64 -68.92 48.13
N PHE C 520 -3.47 -68.29 48.93
CA PHE C 520 -4.17 -69.06 49.95
C PHE C 520 -5.47 -69.56 49.37
N TYR C 521 -6.04 -70.55 50.02
CA TYR C 521 -7.28 -71.15 49.55
C TYR C 521 -8.13 -71.45 50.77
N ALA C 522 -9.19 -70.68 50.96
CA ALA C 522 -10.17 -70.96 51.99
C ALA C 522 -11.20 -71.94 51.45
N SER C 523 -11.80 -72.70 52.34
CA SER C 523 -12.97 -73.50 51.97
C SER C 523 -13.68 -74.01 53.21
N ASN C 524 -14.74 -74.77 52.98
CA ASN C 524 -15.41 -75.54 54.02
C ASN C 524 -15.23 -77.04 53.90
N GLY C 525 -14.47 -77.52 52.94
CA GLY C 525 -14.34 -78.94 52.75
C GLY C 525 -13.47 -79.59 53.80
N THR C 526 -13.53 -80.93 53.82
CA THR C 526 -12.54 -81.75 54.50
C THR C 526 -11.95 -82.72 53.50
N TYR C 527 -10.64 -82.95 53.60
CA TYR C 527 -9.89 -83.37 52.44
C TYR C 527 -10.00 -84.86 52.15
N ASN C 528 -11.14 -85.46 52.48
CA ASN C 528 -11.28 -86.88 52.24
C ASN C 528 -11.62 -87.20 50.79
N CYS C 529 -12.04 -86.20 50.02
CA CYS C 529 -12.46 -86.45 48.65
C CYS C 529 -11.27 -86.84 47.78
N THR C 530 -11.57 -87.51 46.67
CA THR C 530 -10.53 -88.05 45.80
C THR C 530 -10.80 -87.79 44.32
N ASP C 531 -11.78 -86.96 43.98
CA ASP C 531 -12.11 -86.74 42.57
C ASP C 531 -12.69 -85.35 42.39
N ALA C 532 -12.05 -84.56 41.56
CA ALA C 532 -12.43 -83.17 41.36
C ALA C 532 -13.51 -83.02 40.30
N VAL C 533 -14.02 -81.80 40.20
CA VAL C 533 -14.99 -81.44 39.16
C VAL C 533 -14.60 -80.17 38.43
N LEU C 534 -13.73 -79.35 38.98
CA LEU C 534 -13.29 -78.11 38.36
C LEU C 534 -11.77 -78.10 38.33
N THR C 535 -11.19 -77.58 37.25
CA THR C 535 -9.76 -77.69 37.02
C THR C 535 -9.13 -76.31 36.87
N TYR C 536 -8.58 -75.79 37.96
CA TYR C 536 -7.94 -74.48 37.96
C TYR C 536 -6.60 -74.59 37.25
N SER C 537 -6.64 -74.84 35.95
CA SER C 537 -5.42 -74.89 35.16
C SER C 537 -4.54 -76.09 35.56
N SER C 538 -4.29 -76.29 36.85
CA SER C 538 -3.45 -77.42 37.25
C SER C 538 -3.88 -78.03 38.59
N PHE C 539 -5.10 -77.74 39.05
CA PHE C 539 -5.61 -78.24 40.31
C PHE C 539 -7.03 -78.69 40.09
N GLY C 540 -7.55 -79.49 41.00
CA GLY C 540 -8.96 -79.84 40.99
C GLY C 540 -9.61 -79.35 42.27
N VAL C 541 -10.90 -79.02 42.16
CA VAL C 541 -11.75 -78.85 43.32
C VAL C 541 -12.85 -79.88 43.29
N CYS C 542 -13.06 -80.57 44.39
CA CYS C 542 -14.11 -81.56 44.52
C CYS C 542 -15.33 -80.92 45.15
N ALA C 543 -16.39 -81.73 45.30
CA ALA C 543 -17.70 -81.18 45.67
C ALA C 543 -17.67 -80.51 47.04
N ASP C 544 -16.78 -80.91 47.93
CA ASP C 544 -16.70 -80.26 49.23
C ASP C 544 -15.98 -78.93 49.20
N GLY C 545 -15.23 -78.65 48.13
CA GLY C 545 -14.34 -77.53 48.11
C GLY C 545 -12.91 -77.85 48.48
N SER C 546 -12.59 -79.10 48.76
CA SER C 546 -11.21 -79.48 49.04
C SER C 546 -10.40 -79.47 47.74
N ILE C 547 -9.39 -78.61 47.70
CA ILE C 547 -8.45 -78.60 46.59
C ILE C 547 -7.62 -79.87 46.60
N ILE C 548 -7.40 -80.45 45.42
CA ILE C 548 -6.53 -81.60 45.30
C ILE C 548 -5.62 -81.42 44.10
N ALA C 549 -4.38 -81.83 44.24
CA ALA C 549 -3.53 -82.00 43.06
C ALA C 549 -4.02 -83.20 42.28
N VAL C 550 -3.71 -83.21 40.99
CA VAL C 550 -4.08 -84.32 40.11
C VAL C 550 -3.00 -84.50 39.07
N GLN C 551 -2.90 -85.71 38.53
CA GLN C 551 -1.89 -86.03 37.52
C GLN C 551 -2.51 -86.93 36.47
N ALA C 566 0.17 -116.19 42.03
CA ALA C 566 -1.05 -116.33 42.82
C ALA C 566 -2.27 -115.85 42.03
N ASN C 567 -3.45 -116.29 42.44
CA ASN C 567 -4.69 -115.90 41.78
C ASN C 567 -4.95 -114.41 41.94
N LEU C 568 -5.81 -113.89 41.06
CA LEU C 568 -6.10 -112.45 41.02
C LEU C 568 -7.60 -112.23 41.12
N SER C 569 -7.98 -111.12 41.74
CA SER C 569 -9.38 -110.75 41.93
C SER C 569 -9.99 -110.19 40.63
N ILE C 570 -10.04 -111.05 39.62
CA ILE C 570 -10.72 -110.66 38.38
C ILE C 570 -12.17 -110.36 38.71
N PRO C 571 -12.81 -109.36 38.08
CA PRO C 571 -14.26 -109.22 38.23
C PRO C 571 -14.99 -110.48 37.80
N SER C 572 -15.99 -110.86 38.58
CA SER C 572 -16.90 -111.91 38.13
C SER C 572 -17.80 -111.44 37.01
N ASN C 573 -18.18 -110.16 37.02
CA ASN C 573 -19.14 -109.68 36.03
C ASN C 573 -18.72 -108.29 35.60
N TRP C 574 -19.11 -107.91 34.39
CA TRP C 574 -18.95 -106.54 33.95
C TRP C 574 -20.30 -105.88 33.84
N THR C 575 -20.44 -104.71 34.45
CA THR C 575 -21.64 -103.90 34.32
C THR C 575 -21.51 -102.97 33.13
N ILE C 576 -22.61 -102.61 32.55
CA ILE C 576 -22.61 -101.53 31.58
C ILE C 576 -22.83 -100.21 32.31
N SER C 577 -22.35 -99.12 31.73
CA SER C 577 -22.75 -97.80 32.14
C SER C 577 -22.88 -96.87 30.93
N VAL C 578 -23.57 -95.76 31.16
CA VAL C 578 -23.86 -94.74 30.16
C VAL C 578 -23.11 -93.47 30.51
N GLN C 579 -22.57 -92.79 29.50
CA GLN C 579 -21.90 -91.52 29.72
C GLN C 579 -22.34 -90.54 28.65
N VAL C 580 -22.48 -89.27 29.01
CA VAL C 580 -22.97 -88.24 28.10
C VAL C 580 -21.86 -87.24 27.79
N GLU C 581 -21.65 -86.99 26.50
CA GLU C 581 -20.87 -85.86 26.01
C GLU C 581 -21.80 -84.87 25.32
N TYR C 582 -21.66 -83.59 25.60
CA TYR C 582 -22.27 -82.58 24.76
C TYR C 582 -21.19 -81.90 23.96
N LEU C 583 -21.40 -81.78 22.66
CA LEU C 583 -20.49 -80.99 21.82
C LEU C 583 -21.29 -79.93 21.09
N GLN C 584 -20.86 -78.68 21.24
CA GLN C 584 -21.40 -77.63 20.40
C GLN C 584 -21.01 -77.90 18.96
N ILE C 585 -21.95 -77.66 18.06
CA ILE C 585 -21.71 -77.95 16.65
C ILE C 585 -21.97 -76.77 15.75
N THR C 586 -22.75 -75.77 16.15
CA THR C 586 -23.05 -74.64 15.31
C THR C 586 -23.26 -73.40 16.17
N SER C 587 -23.17 -72.24 15.53
CA SER C 587 -23.64 -71.00 16.12
C SER C 587 -24.57 -70.30 15.16
N THR C 588 -25.70 -69.83 15.68
CA THR C 588 -26.76 -69.29 14.83
C THR C 588 -26.36 -67.93 14.31
N PRO C 589 -26.21 -67.75 13.02
CA PRO C 589 -25.61 -66.52 12.51
C PRO C 589 -26.52 -65.33 12.74
N ILE C 590 -25.91 -64.18 12.98
CA ILE C 590 -26.61 -62.91 13.08
C ILE C 590 -26.10 -61.98 12.00
N VAL C 591 -26.96 -61.11 11.49
CA VAL C 591 -26.57 -60.12 10.50
C VAL C 591 -27.05 -58.75 10.94
N VAL C 592 -26.25 -57.73 10.72
CA VAL C 592 -26.58 -56.37 11.10
C VAL C 592 -26.72 -55.52 9.86
N ASP C 593 -27.82 -54.80 9.74
CA ASP C 593 -27.92 -53.71 8.77
C ASP C 593 -27.27 -52.47 9.36
N CYS C 594 -26.05 -52.18 8.94
CA CYS C 594 -25.25 -51.14 9.59
C CYS C 594 -25.94 -49.79 9.60
N SER C 595 -26.57 -49.41 8.50
CA SER C 595 -27.19 -48.09 8.42
C SER C 595 -28.34 -47.93 9.38
N THR C 596 -29.29 -48.86 9.38
CA THR C 596 -30.44 -48.69 10.24
C THR C 596 -30.08 -48.80 11.70
N TYR C 597 -29.03 -49.51 12.04
CA TYR C 597 -28.58 -49.51 13.41
C TYR C 597 -27.95 -48.20 13.80
N VAL C 598 -27.00 -47.72 13.01
CA VAL C 598 -26.25 -46.53 13.39
C VAL C 598 -27.13 -45.30 13.40
N CYS C 599 -27.83 -45.04 12.29
CA CYS C 599 -28.57 -43.80 12.13
C CYS C 599 -30.01 -43.89 12.56
N ASN C 600 -30.45 -45.01 13.07
CA ASN C 600 -31.80 -45.15 13.59
C ASN C 600 -32.87 -44.79 12.57
N GLY C 601 -32.51 -44.74 11.30
CA GLY C 601 -33.48 -44.43 10.26
C GLY C 601 -33.74 -42.96 10.01
N ASN C 602 -33.17 -42.06 10.78
CA ASN C 602 -33.35 -40.64 10.52
C ASN C 602 -32.66 -40.27 9.23
N VAL C 603 -33.38 -39.65 8.31
CA VAL C 603 -32.88 -39.50 6.95
C VAL C 603 -31.66 -38.58 6.89
N ARG C 604 -31.65 -37.51 7.68
CA ARG C 604 -30.48 -36.65 7.68
C ARG C 604 -29.23 -37.41 8.12
N CYS C 605 -29.38 -38.26 9.14
CA CYS C 605 -28.24 -39.06 9.58
C CYS C 605 -27.78 -40.01 8.49
N VAL C 606 -28.71 -40.69 7.82
CA VAL C 606 -28.31 -41.55 6.74
C VAL C 606 -27.51 -40.77 5.70
N GLU C 607 -27.98 -39.57 5.38
CA GLU C 607 -27.26 -38.79 4.38
C GLU C 607 -25.93 -38.26 4.90
N LEU C 608 -25.76 -38.19 6.21
CA LEU C 608 -24.46 -37.85 6.76
C LEU C 608 -23.51 -39.04 6.75
N LEU C 609 -24.04 -40.23 6.99
CA LEU C 609 -23.21 -41.40 7.15
C LEU C 609 -22.36 -41.68 5.93
N LYS C 610 -22.78 -41.21 4.75
CA LYS C 610 -22.05 -41.53 3.54
C LYS C 610 -20.61 -41.05 3.58
N GLN C 611 -20.30 -40.09 4.44
CA GLN C 611 -18.92 -39.62 4.51
C GLN C 611 -18.00 -40.61 5.20
N TYR C 612 -18.55 -41.60 5.90
CA TYR C 612 -17.77 -42.59 6.62
C TYR C 612 -17.39 -43.77 5.73
N THR C 613 -16.63 -43.42 4.69
CA THR C 613 -16.45 -44.27 3.53
C THR C 613 -16.17 -45.72 3.86
N SER C 614 -17.02 -46.60 3.32
CA SER C 614 -16.90 -48.04 3.47
C SER C 614 -16.92 -48.52 4.90
N ALA C 615 -17.24 -47.66 5.87
CA ALA C 615 -17.31 -48.16 7.24
C ALA C 615 -18.33 -49.27 7.35
N CYS C 616 -19.56 -49.02 6.92
CA CYS C 616 -20.58 -50.04 7.03
C CYS C 616 -20.28 -51.26 6.16
N LYS C 617 -19.63 -51.04 5.02
CA LYS C 617 -19.35 -52.17 4.14
C LYS C 617 -18.48 -53.21 4.83
N THR C 618 -17.33 -52.80 5.35
CA THR C 618 -16.41 -53.79 5.88
C THR C 618 -16.93 -54.49 7.12
N ILE C 619 -17.91 -53.91 7.79
CA ILE C 619 -18.56 -54.61 8.89
C ILE C 619 -19.51 -55.65 8.36
N GLU C 620 -20.57 -55.19 7.69
CA GLU C 620 -21.60 -56.16 7.35
C GLU C 620 -21.06 -57.23 6.43
N ASP C 621 -20.05 -56.89 5.64
CA ASP C 621 -19.43 -57.90 4.81
C ASP C 621 -18.73 -58.98 5.62
N ALA C 622 -18.13 -58.63 6.74
CA ALA C 622 -17.51 -59.68 7.53
C ALA C 622 -18.57 -60.57 8.14
N LEU C 623 -19.68 -59.99 8.54
CA LEU C 623 -20.74 -60.82 9.10
C LEU C 623 -21.33 -61.76 8.06
N ARG C 624 -21.70 -61.22 6.90
CA ARG C 624 -22.20 -62.05 5.83
C ARG C 624 -21.27 -63.20 5.49
N ASN C 625 -19.98 -62.92 5.29
CA ASN C 625 -19.09 -64.01 4.92
C ASN C 625 -18.99 -65.08 6.01
N SER C 626 -19.00 -64.68 7.27
CA SER C 626 -19.01 -65.71 8.29
C SER C 626 -20.26 -66.56 8.18
N ALA C 627 -21.41 -65.94 7.95
CA ALA C 627 -22.64 -66.72 7.92
C ALA C 627 -22.68 -67.67 6.74
N ARG C 628 -22.18 -67.24 5.58
CA ARG C 628 -22.05 -68.19 4.46
C ARG C 628 -21.24 -69.39 4.87
N LEU C 629 -20.03 -69.15 5.37
CA LEU C 629 -19.16 -70.28 5.68
C LEU C 629 -19.81 -71.20 6.69
N GLU C 630 -20.43 -70.63 7.72
CA GLU C 630 -21.11 -71.45 8.71
C GLU C 630 -22.16 -72.33 8.07
N SER C 631 -22.99 -71.77 7.19
CA SER C 631 -24.05 -72.55 6.59
C SER C 631 -23.51 -73.66 5.71
N ALA C 632 -22.44 -73.37 4.98
CA ALA C 632 -21.89 -74.39 4.09
C ALA C 632 -21.25 -75.51 4.90
N ASP C 633 -20.45 -75.15 5.90
CA ASP C 633 -19.71 -76.17 6.63
C ASP C 633 -20.64 -77.05 7.44
N VAL C 634 -21.75 -76.53 7.94
CA VAL C 634 -22.68 -77.44 8.59
C VAL C 634 -23.48 -78.23 7.56
N SER C 635 -23.93 -77.58 6.50
CA SER C 635 -24.77 -78.27 5.52
C SER C 635 -24.06 -79.47 4.94
N GLU C 636 -22.77 -79.33 4.66
CA GLU C 636 -22.04 -80.47 4.12
C GLU C 636 -21.91 -81.60 5.12
N MET C 637 -21.86 -81.29 6.42
CA MET C 637 -21.58 -82.33 7.40
C MET C 637 -22.77 -83.25 7.64
N LEU C 638 -24.00 -82.78 7.39
CA LEU C 638 -25.20 -83.57 7.66
C LEU C 638 -25.55 -84.46 6.47
N THR C 639 -24.93 -85.63 6.41
CA THR C 639 -25.26 -86.65 5.43
C THR C 639 -26.63 -87.26 5.71
N PHE C 640 -27.00 -88.23 4.88
CA PHE C 640 -28.23 -88.99 5.03
C PHE C 640 -28.10 -90.31 4.26
N ASP C 641 -28.97 -91.27 4.60
CA ASP C 641 -29.24 -92.41 3.72
C ASP C 641 -30.59 -93.02 4.07
N LYS C 642 -31.49 -93.06 3.11
CA LYS C 642 -32.90 -93.40 3.38
C LYS C 642 -33.05 -94.81 3.92
N LYS C 643 -32.50 -95.80 3.22
CA LYS C 643 -32.62 -97.18 3.70
C LYS C 643 -31.94 -97.35 5.04
N ALA C 644 -30.75 -96.81 5.19
CA ALA C 644 -30.03 -96.95 6.45
C ALA C 644 -30.87 -96.40 7.60
N PHE C 645 -31.54 -95.28 7.37
CA PHE C 645 -32.45 -94.74 8.36
C PHE C 645 -33.60 -95.71 8.64
N THR C 646 -34.20 -96.26 7.58
CA THR C 646 -35.38 -97.08 7.77
C THR C 646 -35.12 -98.34 8.59
N LEU C 647 -33.86 -98.78 8.69
CA LEU C 647 -33.53 -99.89 9.58
C LEU C 647 -33.81 -99.56 11.04
N ALA C 648 -33.92 -98.29 11.40
CA ALA C 648 -34.21 -97.91 12.77
C ALA C 648 -35.70 -97.99 13.04
N ASN C 649 -36.11 -98.90 13.92
CA ASN C 649 -37.42 -98.86 14.54
C ASN C 649 -37.31 -99.56 15.89
N VAL C 650 -38.14 -99.14 16.84
CA VAL C 650 -38.02 -99.63 18.22
C VAL C 650 -38.30 -101.11 18.29
N SER C 651 -39.13 -101.63 17.38
CA SER C 651 -39.33 -103.07 17.29
C SER C 651 -38.04 -103.77 16.87
N SER C 652 -37.25 -103.13 16.02
CA SER C 652 -36.05 -103.74 15.47
C SER C 652 -34.86 -103.67 16.42
N PHE C 653 -35.07 -103.90 17.73
CA PHE C 653 -33.97 -103.91 18.68
C PHE C 653 -34.11 -104.91 19.82
N GLY C 654 -35.17 -105.70 19.84
CA GLY C 654 -35.29 -106.72 20.87
C GLY C 654 -35.33 -106.18 22.28
N ASP C 655 -34.54 -106.79 23.16
CA ASP C 655 -34.56 -106.53 24.59
C ASP C 655 -33.88 -105.22 25.00
N TYR C 656 -33.41 -104.42 24.07
CA TYR C 656 -32.77 -103.16 24.40
C TYR C 656 -33.70 -102.02 24.02
N ASN C 657 -34.23 -101.33 25.03
CA ASN C 657 -35.36 -100.41 24.83
C ASN C 657 -34.82 -99.02 24.52
N LEU C 658 -34.60 -98.76 23.23
CA LEU C 658 -34.21 -97.45 22.76
C LEU C 658 -35.38 -96.50 22.55
N SER C 659 -36.51 -96.76 23.19
CA SER C 659 -37.75 -96.05 22.88
C SER C 659 -37.58 -94.54 22.81
N SER C 660 -36.80 -93.96 23.72
CA SER C 660 -36.72 -92.51 23.80
C SER C 660 -35.77 -91.90 22.76
N VAL C 661 -34.96 -92.70 22.10
CA VAL C 661 -33.93 -92.17 21.21
C VAL C 661 -34.43 -92.09 19.78
N ILE C 662 -35.23 -93.06 19.37
CA ILE C 662 -35.63 -93.19 17.97
C ILE C 662 -36.47 -91.99 17.56
N PRO C 663 -36.04 -91.23 16.54
CA PRO C 663 -36.72 -89.98 16.21
C PRO C 663 -38.19 -90.19 15.93
N SER C 664 -39.01 -89.31 16.50
CA SER C 664 -40.44 -89.53 16.52
C SER C 664 -41.05 -89.39 15.13
N LEU C 665 -42.18 -90.06 14.96
CA LEU C 665 -42.91 -89.98 13.70
C LEU C 665 -43.46 -88.57 13.50
N PRO C 666 -43.23 -87.95 12.35
CA PRO C 666 -43.67 -86.57 12.12
C PRO C 666 -45.19 -86.44 12.15
N ARG C 671 -42.61 -83.75 6.34
CA ARG C 671 -41.45 -83.96 7.21
C ARG C 671 -41.12 -85.43 7.31
N VAL C 672 -39.83 -85.74 7.39
CA VAL C 672 -39.42 -87.14 7.53
C VAL C 672 -39.61 -87.61 8.95
N ALA C 673 -39.38 -86.74 9.93
CA ALA C 673 -39.41 -87.15 11.32
C ALA C 673 -39.62 -85.92 12.19
N GLY C 674 -39.93 -86.18 13.46
CA GLY C 674 -39.91 -85.16 14.48
C GLY C 674 -38.80 -85.43 15.49
N ARG C 675 -38.66 -84.48 16.40
CA ARG C 675 -37.69 -84.61 17.48
C ARG C 675 -38.02 -85.81 18.38
N SER C 676 -36.98 -86.51 18.84
CA SER C 676 -37.17 -87.64 19.72
C SER C 676 -37.31 -87.18 21.17
N ALA C 677 -37.75 -88.12 22.01
CA ALA C 677 -38.19 -87.78 23.37
C ALA C 677 -37.10 -87.15 24.22
N ILE C 678 -35.86 -87.65 24.11
CA ILE C 678 -34.80 -87.09 24.93
C ILE C 678 -34.54 -85.65 24.56
N GLU C 679 -34.45 -85.38 23.27
CA GLU C 679 -34.27 -84.02 22.82
C GLU C 679 -35.44 -83.14 23.24
N ASP C 680 -36.66 -83.69 23.18
CA ASP C 680 -37.81 -82.96 23.68
C ASP C 680 -37.62 -82.56 25.13
N ILE C 681 -37.08 -83.47 25.93
CA ILE C 681 -36.81 -83.19 27.34
C ILE C 681 -35.81 -82.07 27.47
N LEU C 682 -34.71 -82.15 26.72
CA LEU C 682 -33.69 -81.11 26.81
C LEU C 682 -34.26 -79.75 26.43
N PHE C 683 -34.91 -79.67 25.27
CA PHE C 683 -35.42 -78.38 24.81
C PHE C 683 -36.45 -77.80 25.78
N SER C 684 -37.20 -78.65 26.47
CA SER C 684 -38.07 -78.11 27.50
C SER C 684 -37.32 -77.80 28.77
N LYS C 685 -36.19 -78.45 29.00
CA LYS C 685 -35.43 -78.27 30.23
C LYS C 685 -34.67 -76.95 30.25
N ILE C 686 -34.03 -76.60 29.14
CA ILE C 686 -33.20 -75.42 29.07
C ILE C 686 -34.05 -74.16 29.18
N VAL C 687 -33.73 -73.32 30.15
CA VAL C 687 -34.43 -72.05 30.30
C VAL C 687 -33.90 -71.06 29.27
N THR C 688 -34.79 -70.64 28.37
CA THR C 688 -34.41 -69.72 27.32
C THR C 688 -34.01 -68.38 27.92
N SER C 689 -33.05 -67.73 27.26
CA SER C 689 -32.47 -66.51 27.79
C SER C 689 -33.48 -65.38 27.82
N GLY C 690 -33.41 -64.56 28.87
CA GLY C 690 -34.19 -63.35 28.96
C GLY C 690 -33.58 -62.15 28.28
N LEU C 691 -32.33 -62.25 27.80
CA LEU C 691 -31.62 -61.09 27.27
C LEU C 691 -31.66 -61.01 25.75
N GLY C 692 -31.63 -62.13 25.06
CA GLY C 692 -31.60 -62.09 23.61
C GLY C 692 -32.27 -63.29 22.99
N THR C 693 -33.43 -63.07 22.37
CA THR C 693 -34.12 -64.16 21.72
C THR C 693 -33.41 -64.54 20.44
N VAL C 694 -33.06 -65.82 20.30
CA VAL C 694 -32.28 -66.29 19.17
C VAL C 694 -33.10 -67.16 18.23
N ASP C 695 -34.39 -67.33 18.49
CA ASP C 695 -35.32 -67.60 17.41
C ASP C 695 -35.75 -66.29 16.78
N ALA C 696 -36.41 -66.37 15.63
CA ALA C 696 -36.98 -65.17 15.04
C ALA C 696 -38.27 -65.52 14.32
N ASP C 697 -39.13 -64.52 14.21
CA ASP C 697 -40.31 -64.59 13.35
C ASP C 697 -40.60 -63.16 12.94
N TYR C 698 -40.39 -62.84 11.67
CA TYR C 698 -40.58 -61.50 11.20
C TYR C 698 -41.90 -61.30 10.46
N LYS C 699 -42.73 -62.34 10.38
CA LYS C 699 -44.02 -62.16 9.74
C LYS C 699 -44.91 -61.19 10.51
N ASN C 700 -44.66 -61.02 11.80
CA ASN C 700 -45.57 -60.25 12.64
C ASN C 700 -45.07 -58.85 12.97
N CYS C 701 -43.84 -58.49 12.61
CA CYS C 701 -43.24 -57.34 13.26
C CYS C 701 -43.84 -56.00 12.84
N THR C 702 -44.62 -55.94 11.76
CA THR C 702 -45.28 -54.69 11.42
C THR C 702 -46.79 -54.81 11.41
N LYS C 703 -47.35 -56.01 11.51
CA LYS C 703 -48.79 -56.16 11.45
C LYS C 703 -49.45 -55.47 12.63
N GLY C 704 -48.76 -55.44 13.78
CA GLY C 704 -49.05 -54.48 14.83
C GLY C 704 -50.19 -54.80 15.76
N LEU C 705 -50.78 -55.98 15.69
CA LEU C 705 -51.90 -56.29 16.58
C LEU C 705 -51.50 -56.23 18.05
N SER C 706 -50.22 -56.40 18.35
CA SER C 706 -49.72 -56.38 19.71
C SER C 706 -48.37 -55.70 19.71
N ILE C 707 -48.01 -55.14 20.88
CA ILE C 707 -46.71 -54.50 21.00
C ILE C 707 -45.59 -55.51 20.75
N ALA C 708 -44.51 -55.01 20.13
CA ALA C 708 -43.44 -55.88 19.65
C ALA C 708 -42.72 -56.59 20.78
N ASP C 709 -42.64 -57.91 20.67
CA ASP C 709 -41.79 -58.69 21.54
C ASP C 709 -40.33 -58.58 21.12
N LEU C 710 -39.44 -59.07 21.99
CA LEU C 710 -38.01 -58.87 21.81
C LEU C 710 -37.56 -59.25 20.41
N ALA C 711 -38.06 -60.35 19.88
CA ALA C 711 -37.59 -60.80 18.57
C ALA C 711 -37.83 -59.76 17.50
N CYS C 712 -38.90 -58.99 17.60
CA CYS C 712 -39.06 -57.84 16.73
C CYS C 712 -38.35 -56.61 17.26
N ALA C 713 -38.25 -56.47 18.57
CA ALA C 713 -37.65 -55.26 19.13
C ALA C 713 -36.23 -55.09 18.67
N GLN C 714 -35.45 -56.15 18.71
CA GLN C 714 -34.09 -56.06 18.20
C GLN C 714 -34.04 -56.11 16.69
N TYR C 715 -35.10 -56.55 16.04
CA TYR C 715 -35.16 -56.45 14.59
C TYR C 715 -35.33 -55.02 14.10
N TYR C 716 -36.05 -54.17 14.83
CA TYR C 716 -36.17 -52.79 14.38
C TYR C 716 -34.83 -52.09 14.30
N ASN C 717 -33.86 -52.48 15.11
CA ASN C 717 -32.52 -51.96 14.96
C ASN C 717 -31.69 -52.69 13.93
N GLY C 718 -32.25 -53.63 13.20
CA GLY C 718 -31.48 -54.31 12.19
C GLY C 718 -30.68 -55.51 12.65
N ILE C 719 -30.90 -56.01 13.85
CA ILE C 719 -30.09 -57.13 14.36
C ILE C 719 -30.82 -58.40 13.99
N MET C 720 -30.72 -58.76 12.73
CA MET C 720 -31.55 -59.80 12.16
C MET C 720 -30.94 -61.14 12.49
N VAL C 721 -31.51 -61.82 13.48
CA VAL C 721 -31.13 -63.20 13.74
C VAL C 721 -31.54 -64.06 12.57
N LEU C 722 -30.60 -64.76 12.00
CA LEU C 722 -30.96 -65.59 10.86
C LEU C 722 -31.53 -66.92 11.31
N PRO C 723 -32.34 -67.57 10.47
CA PRO C 723 -32.83 -68.90 10.80
C PRO C 723 -31.68 -69.90 10.89
N GLY C 724 -31.80 -70.83 11.83
CA GLY C 724 -30.71 -71.74 12.11
C GLY C 724 -30.41 -72.66 10.94
N VAL C 725 -29.13 -73.01 10.81
CA VAL C 725 -28.69 -73.85 9.71
C VAL C 725 -28.96 -75.33 9.94
N ALA C 726 -29.09 -75.77 11.18
CA ALA C 726 -29.30 -77.18 11.52
C ALA C 726 -30.71 -77.36 12.05
N ASP C 727 -31.68 -77.26 11.15
CA ASP C 727 -33.07 -77.29 11.57
C ASP C 727 -33.44 -78.64 12.16
N ALA C 728 -34.42 -78.62 13.06
CA ALA C 728 -34.78 -79.79 13.86
C ALA C 728 -35.01 -81.01 13.00
N GLU C 729 -35.80 -80.88 11.93
CA GLU C 729 -36.10 -82.02 11.08
C GLU C 729 -34.85 -82.60 10.47
N ARG C 730 -33.94 -81.75 10.01
CA ARG C 730 -32.74 -82.26 9.38
C ARG C 730 -31.85 -82.97 10.37
N MET C 731 -31.75 -82.42 11.58
CA MET C 731 -30.98 -83.08 12.62
C MET C 731 -31.58 -84.41 12.99
N ALA C 732 -32.91 -84.47 13.16
CA ALA C 732 -33.54 -85.74 13.46
C ALA C 732 -33.27 -86.75 12.36
N MET C 733 -33.35 -86.31 11.10
CA MET C 733 -33.08 -87.21 10.00
C MET C 733 -31.67 -87.76 10.03
N TYR C 734 -30.69 -86.88 10.27
CA TYR C 734 -29.30 -87.30 10.38
C TYR C 734 -29.11 -88.29 11.51
N THR C 735 -29.56 -87.93 12.71
CA THR C 735 -29.38 -88.83 13.85
C THR C 735 -30.05 -90.17 13.61
N GLY C 736 -31.25 -90.18 13.06
CA GLY C 736 -31.89 -91.42 12.69
C GLY C 736 -31.04 -92.25 11.74
N SER C 737 -30.46 -91.61 10.72
CA SER C 737 -29.58 -92.35 9.83
C SER C 737 -28.40 -92.94 10.58
N LEU C 738 -27.91 -92.25 11.59
CA LEU C 738 -26.82 -92.81 12.40
C LEU C 738 -27.28 -94.00 13.22
N ILE C 739 -28.47 -93.90 13.81
CA ILE C 739 -28.95 -94.99 14.66
C ILE C 739 -29.17 -96.24 13.82
N GLY C 740 -29.83 -96.09 12.68
CA GLY C 740 -29.95 -97.22 11.78
C GLY C 740 -28.62 -97.73 11.26
N GLY C 741 -27.64 -96.82 11.11
CA GLY C 741 -26.29 -97.26 10.79
C GLY C 741 -25.72 -98.22 11.82
N ILE C 742 -25.80 -97.85 13.09
CA ILE C 742 -25.23 -98.72 14.12
C ILE C 742 -26.09 -99.95 14.38
N ALA C 743 -27.39 -99.90 14.09
CA ALA C 743 -28.19 -101.11 14.12
C ALA C 743 -27.70 -102.12 13.10
N LEU C 744 -27.21 -101.64 11.96
CA LEU C 744 -26.69 -102.51 10.91
C LEU C 744 -25.47 -103.27 11.42
N PRO C 754 -30.85 -109.88 14.62
CA PRO C 754 -29.41 -109.66 14.61
C PRO C 754 -28.98 -108.51 15.50
N PHE C 755 -29.96 -107.71 15.94
CA PHE C 755 -29.64 -106.41 16.53
C PHE C 755 -28.88 -106.59 17.83
N SER C 756 -29.34 -107.50 18.68
CA SER C 756 -28.57 -107.90 19.84
C SER C 756 -27.41 -108.81 19.47
N LEU C 757 -27.42 -109.42 18.28
CA LEU C 757 -26.32 -110.31 17.90
C LEU C 757 -25.04 -109.55 17.59
N ALA C 758 -25.12 -108.36 17.00
CA ALA C 758 -23.92 -107.54 16.90
C ALA C 758 -23.39 -107.17 18.28
N ILE C 759 -24.29 -106.84 19.20
CA ILE C 759 -23.90 -106.55 20.57
C ILE C 759 -23.18 -107.75 21.17
N GLN C 760 -23.76 -108.93 20.98
CA GLN C 760 -23.12 -110.14 21.45
C GLN C 760 -21.77 -110.36 20.80
N ALA C 761 -21.64 -109.99 19.52
CA ALA C 761 -20.34 -110.10 18.87
C ALA C 761 -19.30 -109.23 19.56
N ARG C 762 -19.71 -108.04 19.99
CA ARG C 762 -18.77 -107.18 20.70
C ARG C 762 -18.45 -107.73 22.07
N LEU C 763 -19.47 -108.12 22.83
CA LEU C 763 -19.24 -108.74 24.13
C LEU C 763 -18.35 -109.96 24.01
N ASN C 764 -18.61 -110.77 22.99
CA ASN C 764 -17.77 -111.91 22.64
C ASN C 764 -16.33 -111.49 22.46
N TYR C 765 -16.09 -110.44 21.68
CA TYR C 765 -14.72 -109.99 21.48
C TYR C 765 -14.07 -109.56 22.79
N VAL C 766 -14.78 -108.79 23.60
CA VAL C 766 -14.16 -108.25 24.81
C VAL C 766 -13.98 -109.34 25.86
N ALA C 767 -14.88 -110.31 25.94
CA ALA C 767 -14.65 -111.49 26.76
C ALA C 767 -15.51 -112.63 26.23
N LEU C 768 -14.85 -113.61 25.59
CA LEU C 768 -15.57 -114.67 24.87
C LEU C 768 -16.43 -115.52 25.81
N GLN C 769 -15.79 -116.13 26.82
CA GLN C 769 -16.46 -117.19 27.58
C GLN C 769 -17.48 -116.64 28.55
N THR C 770 -17.30 -115.43 29.05
CA THR C 770 -18.25 -114.83 29.98
C THR C 770 -19.39 -114.14 29.23
N ASP C 771 -19.06 -113.15 28.41
CA ASP C 771 -19.99 -112.08 28.06
C ASP C 771 -20.99 -112.47 26.98
N VAL C 772 -20.90 -113.66 26.40
CA VAL C 772 -21.98 -114.16 25.54
C VAL C 772 -22.58 -115.45 26.07
N LEU C 773 -22.41 -115.75 27.36
CA LEU C 773 -23.33 -116.69 27.98
C LEU C 773 -24.72 -116.06 28.00
N GLN C 774 -25.73 -116.87 27.65
CA GLN C 774 -27.09 -116.35 27.49
C GLN C 774 -27.56 -115.65 28.75
N GLU C 775 -27.27 -116.24 29.92
CA GLU C 775 -27.62 -115.61 31.18
C GLU C 775 -26.94 -114.25 31.31
N ASN C 776 -25.66 -114.18 30.97
CA ASN C 776 -24.96 -112.89 31.00
C ASN C 776 -25.54 -111.93 29.96
N GLN C 777 -25.86 -112.42 28.76
CA GLN C 777 -26.52 -111.58 27.76
C GLN C 777 -27.79 -110.96 28.31
N LYS C 778 -28.63 -111.76 28.94
CA LYS C 778 -29.85 -111.24 29.52
C LYS C 778 -29.54 -110.23 30.63
N ILE C 779 -28.54 -110.54 31.45
CA ILE C 779 -28.14 -109.61 32.50
C ILE C 779 -27.70 -108.28 31.93
N LEU C 780 -26.97 -108.32 30.81
CA LEU C 780 -26.50 -107.10 30.18
C LEU C 780 -27.63 -106.32 29.52
N ALA C 781 -28.64 -107.02 29.02
CA ALA C 781 -29.84 -106.32 28.57
C ALA C 781 -30.53 -105.60 29.73
N ALA C 782 -30.60 -106.27 30.89
CA ALA C 782 -31.16 -105.65 32.07
C ALA C 782 -30.36 -104.41 32.49
N SER C 783 -29.05 -104.56 32.59
CA SER C 783 -28.17 -103.44 32.90
C SER C 783 -28.37 -102.27 31.95
N PHE C 784 -28.50 -102.56 30.65
CA PHE C 784 -28.76 -101.52 29.68
C PHE C 784 -30.06 -100.79 29.98
N ASN C 785 -31.14 -101.55 30.14
CA ASN C 785 -32.43 -100.92 30.36
C ASN C 785 -32.38 -100.06 31.63
N LYS C 786 -31.68 -100.55 32.65
CA LYS C 786 -31.53 -99.81 33.89
C LYS C 786 -30.79 -98.48 33.66
N ALA C 787 -29.66 -98.53 32.98
CA ALA C 787 -28.87 -97.33 32.77
C ALA C 787 -29.64 -96.30 31.93
N MET C 788 -30.24 -96.76 30.83
CA MET C 788 -31.10 -95.90 30.04
C MET C 788 -32.13 -95.20 30.92
N THR C 789 -32.80 -95.97 31.76
CA THR C 789 -33.82 -95.37 32.62
C THR C 789 -33.20 -94.36 33.57
N ASN C 790 -32.03 -94.68 34.12
CA ASN C 790 -31.42 -93.76 35.09
C ASN C 790 -31.04 -92.43 34.45
N ILE C 791 -30.56 -92.47 33.20
CA ILE C 791 -30.21 -91.21 32.56
C ILE C 791 -31.47 -90.43 32.19
N VAL C 792 -32.52 -91.09 31.71
CA VAL C 792 -33.70 -90.31 31.40
C VAL C 792 -34.30 -89.73 32.67
N ASP C 793 -34.18 -90.46 33.79
CA ASP C 793 -34.51 -89.89 35.09
C ASP C 793 -33.73 -88.63 35.36
N ALA C 794 -32.41 -88.69 35.23
CA ALA C 794 -31.60 -87.52 35.58
C ALA C 794 -31.89 -86.34 34.67
N PHE C 795 -32.18 -86.58 33.40
CA PHE C 795 -32.54 -85.48 32.52
C PHE C 795 -33.91 -84.90 32.84
N THR C 796 -34.85 -85.75 33.23
CA THR C 796 -36.17 -85.21 33.54
C THR C 796 -36.21 -84.55 34.91
N GLY C 797 -35.46 -85.06 35.87
CA GLY C 797 -35.46 -84.51 37.21
C GLY C 797 -34.54 -85.26 38.14
N VAL C 798 -34.88 -85.30 39.43
CA VAL C 798 -34.17 -86.14 40.37
C VAL C 798 -34.53 -87.60 40.15
N THR C 805 -23.63 -93.51 40.85
CA THR C 805 -24.06 -92.42 39.99
C THR C 805 -22.93 -91.42 39.80
N SER C 806 -21.89 -91.54 40.62
CA SER C 806 -20.87 -90.51 40.69
C SER C 806 -20.08 -90.39 39.40
N GLN C 807 -20.06 -91.45 38.59
CA GLN C 807 -19.50 -91.40 37.24
C GLN C 807 -20.59 -91.48 36.19
N ALA C 808 -21.85 -91.29 36.58
CA ALA C 808 -22.95 -91.36 35.64
C ALA C 808 -23.72 -90.04 35.60
N LEU C 809 -24.54 -89.77 36.62
CA LEU C 809 -25.39 -88.59 36.59
C LEU C 809 -24.61 -87.29 36.65
N GLN C 810 -23.38 -87.32 37.17
CA GLN C 810 -22.55 -86.12 37.12
C GLN C 810 -22.27 -85.70 35.69
N THR C 811 -22.22 -86.66 34.77
CA THR C 811 -22.10 -86.29 33.37
C THR C 811 -23.32 -85.53 32.90
N VAL C 812 -24.51 -85.97 33.31
CA VAL C 812 -25.73 -85.25 32.97
C VAL C 812 -25.68 -83.83 33.53
N ALA C 813 -25.28 -83.69 34.78
CA ALA C 813 -25.13 -82.36 35.36
C ALA C 813 -24.19 -81.50 34.53
N THR C 814 -23.05 -82.07 34.13
CA THR C 814 -22.09 -81.30 33.36
C THR C 814 -22.67 -80.86 32.03
N ALA C 815 -23.35 -81.78 31.34
CA ALA C 815 -23.92 -81.44 30.04
C ALA C 815 -24.99 -80.36 30.15
N LEU C 816 -25.83 -80.43 31.18
CA LEU C 816 -26.83 -79.39 31.34
C LEU C 816 -26.19 -78.05 31.69
N ASN C 817 -25.13 -78.07 32.48
CA ASN C 817 -24.39 -76.85 32.74
C ASN C 817 -23.82 -76.26 31.47
N LYS C 818 -23.09 -77.07 30.70
CA LYS C 818 -22.45 -76.56 29.50
C LYS C 818 -23.46 -76.02 28.51
N ILE C 819 -24.60 -76.69 28.37
CA ILE C 819 -25.61 -76.19 27.44
C ILE C 819 -26.17 -74.85 27.91
N GLN C 820 -26.53 -74.76 29.19
CA GLN C 820 -27.10 -73.51 29.66
C GLN C 820 -26.10 -72.38 29.52
N ASP C 821 -24.84 -72.66 29.76
CA ASP C 821 -23.78 -71.69 29.55
C ASP C 821 -23.73 -71.22 28.10
N VAL C 822 -23.69 -72.17 27.17
CA VAL C 822 -23.55 -71.82 25.76
C VAL C 822 -24.70 -70.96 25.28
N VAL C 823 -25.91 -71.23 25.77
CA VAL C 823 -27.02 -70.33 25.45
C VAL C 823 -26.78 -68.94 26.03
N ASN C 824 -26.39 -68.90 27.30
CA ASN C 824 -26.28 -67.63 28.00
C ASN C 824 -25.27 -66.70 27.32
N GLN C 825 -24.12 -67.24 26.92
CA GLN C 825 -23.09 -66.37 26.36
C GLN C 825 -23.50 -65.74 25.04
N GLN C 826 -24.32 -66.41 24.25
CA GLN C 826 -24.85 -65.76 23.07
C GLN C 826 -25.82 -64.65 23.47
N GLY C 827 -26.73 -64.96 24.39
CA GLY C 827 -27.68 -63.93 24.76
C GLY C 827 -27.00 -62.67 25.25
N ASN C 828 -25.89 -62.82 25.98
CA ASN C 828 -25.21 -61.64 26.48
C ASN C 828 -24.45 -60.89 25.40
N SER C 829 -23.85 -61.61 24.44
CA SER C 829 -23.21 -60.89 23.35
C SER C 829 -24.22 -60.03 22.63
N LEU C 830 -25.38 -60.58 22.36
CA LEU C 830 -26.43 -59.80 21.71
C LEU C 830 -26.88 -58.62 22.55
N ASN C 831 -27.00 -58.80 23.87
CA ASN C 831 -27.51 -57.72 24.68
C ASN C 831 -26.52 -56.58 24.82
N HIS C 832 -25.23 -56.84 24.70
CA HIS C 832 -24.28 -55.75 24.72
C HIS C 832 -24.59 -54.76 23.61
N LEU C 833 -24.63 -55.28 22.39
CA LEU C 833 -24.88 -54.44 21.23
C LEU C 833 -26.21 -53.75 21.32
N THR C 834 -27.27 -54.47 21.65
CA THR C 834 -28.53 -53.74 21.65
C THR C 834 -28.68 -52.82 22.83
N SER C 835 -27.80 -52.88 23.81
CA SER C 835 -27.91 -51.94 24.91
C SER C 835 -27.05 -50.71 24.75
N GLN C 836 -26.07 -50.75 23.86
CA GLN C 836 -25.31 -49.51 23.66
C GLN C 836 -26.07 -48.43 22.91
N LEU C 837 -27.24 -48.69 22.39
CA LEU C 837 -27.98 -47.59 21.77
C LEU C 837 -28.40 -46.50 22.74
N ARG C 838 -28.47 -46.77 24.04
CA ARG C 838 -28.78 -45.67 24.95
C ARG C 838 -27.61 -44.73 25.15
N GLN C 839 -26.39 -45.21 24.98
CA GLN C 839 -25.23 -44.47 25.42
C GLN C 839 -25.05 -43.24 24.54
N ASN C 840 -24.95 -42.07 25.16
CA ASN C 840 -24.96 -40.79 24.44
C ASN C 840 -23.59 -40.28 24.03
N PHE C 841 -22.53 -41.05 24.23
CA PHE C 841 -21.20 -40.76 23.71
C PHE C 841 -20.78 -39.30 23.74
N GLN C 842 -21.14 -38.56 24.79
CA GLN C 842 -20.86 -37.14 24.90
C GLN C 842 -21.48 -36.36 23.75
N ALA C 843 -22.80 -36.41 23.71
CA ALA C 843 -23.60 -35.51 22.89
C ALA C 843 -24.76 -35.03 23.74
N ILE C 844 -25.42 -33.99 23.24
CA ILE C 844 -26.46 -33.32 24.02
C ILE C 844 -27.51 -34.31 24.51
N SER C 845 -27.89 -35.26 23.66
CA SER C 845 -28.90 -36.22 24.07
C SER C 845 -28.79 -37.48 23.22
N SER C 846 -29.25 -38.58 23.79
CA SER C 846 -29.12 -39.92 23.23
C SER C 846 -30.03 -40.20 22.05
N SER C 847 -30.89 -39.29 21.63
CA SER C 847 -31.79 -39.55 20.52
C SER C 847 -31.45 -38.60 19.37
N ILE C 848 -31.22 -39.16 18.19
CA ILE C 848 -30.84 -38.32 17.06
C ILE C 848 -31.95 -37.35 16.70
N GLN C 849 -33.19 -37.81 16.79
CA GLN C 849 -34.28 -36.92 16.47
C GLN C 849 -34.32 -35.73 17.42
N ALA C 850 -34.08 -35.98 18.70
CA ALA C 850 -34.06 -34.89 19.66
C ALA C 850 -32.95 -33.90 19.35
N ILE C 851 -31.80 -34.37 18.91
CA ILE C 851 -30.75 -33.44 18.53
C ILE C 851 -31.20 -32.58 17.38
N TYR C 852 -31.68 -33.20 16.30
CA TYR C 852 -32.08 -32.35 15.19
C TYR C 852 -33.22 -31.42 15.52
N ASP C 853 -34.03 -31.73 16.53
CA ASP C 853 -34.98 -30.71 16.96
C ASP C 853 -34.29 -29.57 17.69
N ARG C 854 -33.23 -29.85 18.43
CA ARG C 854 -32.65 -28.79 19.24
C ARG C 854 -31.70 -27.89 18.46
N LEU C 855 -31.08 -28.38 17.40
CA LEU C 855 -29.98 -27.66 16.76
C LEU C 855 -30.23 -27.42 15.29
N ASP C 856 -29.68 -26.33 14.79
CA ASP C 856 -29.55 -26.14 13.36
C ASP C 856 -28.58 -27.16 12.77
N PRO C 857 -28.74 -27.50 11.50
CA PRO C 857 -27.90 -28.53 10.88
C PRO C 857 -26.41 -28.33 11.11
N PRO C 858 -25.90 -27.09 11.08
CA PRO C 858 -24.43 -26.94 11.28
C PRO C 858 -23.95 -27.47 12.62
N GLN C 859 -24.64 -27.16 13.72
CA GLN C 859 -24.24 -27.74 14.99
C GLN C 859 -24.78 -29.15 15.15
N ALA C 860 -25.91 -29.43 14.51
CA ALA C 860 -26.49 -30.76 14.62
C ALA C 860 -25.49 -31.81 14.17
N ASP C 861 -24.87 -31.62 13.01
CA ASP C 861 -23.90 -32.60 12.56
C ASP C 861 -22.71 -32.70 13.50
N GLN C 862 -22.28 -31.57 14.06
CA GLN C 862 -21.15 -31.63 14.97
C GLN C 862 -21.49 -32.39 16.25
N GLN C 863 -22.76 -32.45 16.61
CA GLN C 863 -23.12 -33.32 17.71
C GLN C 863 -23.28 -34.77 17.26
N VAL C 864 -24.04 -35.00 16.20
CA VAL C 864 -24.39 -36.35 15.77
C VAL C 864 -23.17 -37.14 15.35
N ASP C 865 -22.10 -36.47 14.92
CA ASP C 865 -20.87 -37.19 14.64
C ASP C 865 -20.34 -37.94 15.85
N ARG C 866 -20.69 -37.52 17.06
CA ARG C 866 -20.27 -38.29 18.22
C ARG C 866 -21.05 -39.58 18.34
N LEU C 867 -22.36 -39.52 18.11
CA LEU C 867 -23.13 -40.75 18.16
C LEU C 867 -22.69 -41.71 17.08
N ILE C 868 -22.45 -41.22 15.88
CA ILE C 868 -22.00 -42.13 14.83
C ILE C 868 -20.65 -42.75 15.18
N THR C 869 -19.65 -41.95 15.54
CA THR C 869 -18.37 -42.55 15.85
C THR C 869 -18.42 -43.46 17.06
N GLY C 870 -19.43 -43.32 17.90
CA GLY C 870 -19.61 -44.29 18.95
C GLY C 870 -20.17 -45.61 18.45
N ARG C 871 -21.31 -45.52 17.79
CA ARG C 871 -22.00 -46.74 17.42
C ARG C 871 -21.19 -47.57 16.45
N LEU C 872 -20.37 -46.94 15.61
CA LEU C 872 -19.51 -47.78 14.77
C LEU C 872 -18.45 -48.49 15.59
N ALA C 873 -18.00 -47.91 16.70
CA ALA C 873 -17.14 -48.68 17.58
C ALA C 873 -17.89 -49.87 18.15
N ALA C 874 -19.13 -49.65 18.52
CA ALA C 874 -19.91 -50.75 19.09
C ALA C 874 -20.02 -51.92 18.12
N LEU C 875 -20.32 -51.63 16.86
CA LEU C 875 -20.36 -52.70 15.87
C LEU C 875 -18.99 -53.33 15.66
N ASN C 876 -17.95 -52.52 15.58
CA ASN C 876 -16.65 -53.16 15.35
C ASN C 876 -16.18 -53.98 16.53
N VAL C 877 -16.79 -53.84 17.70
CA VAL C 877 -16.59 -54.82 18.75
C VAL C 877 -17.46 -56.06 18.51
N PHE C 878 -18.75 -55.86 18.30
CA PHE C 878 -19.66 -57.00 18.20
C PHE C 878 -19.24 -57.96 17.09
N VAL C 879 -18.70 -57.43 16.00
CA VAL C 879 -18.18 -58.32 14.97
C VAL C 879 -17.05 -59.18 15.51
N SER C 880 -16.25 -58.65 16.44
CA SER C 880 -15.21 -59.47 17.02
C SER C 880 -15.78 -60.57 17.89
N HIS C 881 -16.79 -60.24 18.70
CA HIS C 881 -17.42 -61.30 19.49
C HIS C 881 -17.87 -62.43 18.59
N THR C 882 -18.53 -62.07 17.48
CA THR C 882 -19.01 -63.11 16.59
C THR C 882 -17.88 -63.94 16.03
N LEU C 883 -16.88 -63.30 15.42
CA LEU C 883 -15.90 -64.10 14.69
C LEU C 883 -15.08 -64.97 15.63
N THR C 884 -14.83 -64.52 16.86
CA THR C 884 -14.11 -65.41 17.75
C THR C 884 -14.97 -66.56 18.20
N LYS C 885 -16.25 -66.31 18.45
CA LYS C 885 -17.13 -67.42 18.79
C LYS C 885 -17.12 -68.47 17.71
N TYR C 886 -17.17 -68.06 16.45
CA TYR C 886 -17.15 -69.05 15.36
C TYR C 886 -15.84 -69.83 15.36
N THR C 887 -14.72 -69.16 15.59
CA THR C 887 -13.48 -69.93 15.54
C THR C 887 -13.36 -70.88 16.73
N GLU C 888 -13.98 -70.56 17.86
CA GLU C 888 -14.04 -71.57 18.93
C GLU C 888 -14.95 -72.73 18.57
N VAL C 889 -16.05 -72.44 17.87
CA VAL C 889 -16.97 -73.51 17.49
C VAL C 889 -16.35 -74.47 16.49
N ARG C 890 -15.55 -73.95 15.57
CA ARG C 890 -15.02 -74.77 14.48
C ARG C 890 -14.24 -75.97 15.00
N ALA C 891 -13.36 -75.76 15.97
CA ALA C 891 -12.62 -76.86 16.55
C ALA C 891 -13.56 -77.89 17.16
N SER C 892 -14.62 -77.43 17.82
CA SER C 892 -15.58 -78.34 18.41
C SER C 892 -16.28 -79.17 17.34
N ARG C 893 -16.72 -78.52 16.27
CA ARG C 893 -17.37 -79.25 15.20
C ARG C 893 -16.47 -80.29 14.57
N GLN C 894 -15.20 -79.94 14.32
CA GLN C 894 -14.29 -80.92 13.78
C GLN C 894 -14.11 -82.09 14.73
N LEU C 895 -13.98 -81.80 16.02
CA LEU C 895 -13.83 -82.87 16.99
C LEU C 895 -15.05 -83.76 17.02
N ALA C 896 -16.24 -83.18 17.02
CA ALA C 896 -17.46 -83.96 17.00
C ALA C 896 -17.52 -84.86 15.79
N GLN C 897 -17.17 -84.34 14.62
CA GLN C 897 -17.15 -85.18 13.43
C GLN C 897 -16.19 -86.35 13.63
N GLN C 898 -15.01 -86.07 14.16
CA GLN C 898 -14.05 -87.14 14.45
C GLN C 898 -14.65 -88.19 15.36
N LYS C 899 -15.36 -87.76 16.39
CA LYS C 899 -15.95 -88.70 17.33
C LYS C 899 -17.08 -89.50 16.69
N VAL C 900 -17.81 -88.92 15.75
CA VAL C 900 -18.77 -89.68 14.98
C VAL C 900 -18.07 -90.80 14.22
N ASN C 901 -17.01 -90.45 13.51
CA ASN C 901 -16.33 -91.48 12.72
C ASN C 901 -15.71 -92.55 13.61
N GLU C 902 -15.10 -92.16 14.72
CA GLU C 902 -14.36 -93.12 15.53
C GLU C 902 -15.22 -93.91 16.51
N CYS C 903 -16.37 -93.41 16.94
CA CYS C 903 -17.00 -94.06 18.08
C CYS C 903 -18.50 -94.27 18.03
N VAL C 904 -19.19 -93.94 16.95
CA VAL C 904 -20.51 -94.50 16.70
C VAL C 904 -20.51 -95.47 15.52
N LYS C 905 -19.88 -95.09 14.42
CA LYS C 905 -19.77 -96.00 13.30
C LYS C 905 -18.72 -97.07 13.49
N SER C 906 -18.21 -97.28 14.70
CA SER C 906 -17.07 -98.16 14.87
C SER C 906 -17.08 -98.71 16.30
N GLN C 907 -15.95 -99.25 16.74
CA GLN C 907 -15.71 -99.56 18.13
C GLN C 907 -14.37 -98.95 18.54
N SER C 908 -14.37 -98.24 19.66
CA SER C 908 -13.18 -97.48 20.05
C SER C 908 -12.02 -98.39 20.44
N LYS C 909 -10.82 -97.97 20.08
CA LYS C 909 -9.60 -98.63 20.53
C LYS C 909 -8.84 -97.88 21.62
N ARG C 910 -9.38 -96.79 22.17
CA ARG C 910 -8.76 -96.14 23.32
C ARG C 910 -9.78 -95.93 24.42
N TYR C 911 -9.32 -96.12 25.65
CA TYR C 911 -10.08 -95.74 26.82
C TYR C 911 -10.17 -94.22 26.91
N GLY C 912 -11.23 -93.75 27.57
CA GLY C 912 -11.31 -92.33 27.90
C GLY C 912 -11.74 -91.42 26.78
N PHE C 913 -11.09 -91.53 25.62
CA PHE C 913 -11.45 -90.72 24.47
C PHE C 913 -12.90 -90.90 24.09
N CYS C 914 -13.46 -92.09 24.29
CA CYS C 914 -14.89 -92.35 24.09
C CYS C 914 -15.45 -92.97 25.36
N GLY C 915 -15.48 -92.18 26.42
CA GLY C 915 -15.96 -92.60 27.71
C GLY C 915 -14.91 -93.29 28.55
N ASN C 916 -14.99 -93.07 29.87
CA ASN C 916 -14.15 -93.77 30.82
C ASN C 916 -14.64 -95.21 30.95
N GLY C 917 -14.15 -96.09 30.10
CA GLY C 917 -14.63 -97.46 30.09
C GLY C 917 -14.25 -98.17 28.81
N THR C 918 -14.48 -99.48 28.82
CA THR C 918 -14.23 -100.29 27.65
C THR C 918 -15.37 -100.12 26.67
N HIS C 919 -15.05 -99.81 25.42
CA HIS C 919 -16.05 -99.31 24.49
C HIS C 919 -16.96 -100.42 24.00
N ILE C 920 -18.26 -100.13 23.94
CA ILE C 920 -19.18 -101.03 23.27
C ILE C 920 -19.88 -100.32 22.12
N PHE C 921 -20.66 -99.28 22.41
CA PHE C 921 -21.31 -98.54 21.34
C PHE C 921 -21.77 -97.18 21.85
N SER C 922 -22.10 -96.30 20.91
CA SER C 922 -22.52 -94.94 21.24
C SER C 922 -23.70 -94.49 20.37
N ILE C 923 -24.37 -93.44 20.83
CA ILE C 923 -25.65 -93.00 20.31
C ILE C 923 -25.65 -91.47 20.21
N VAL C 924 -26.36 -90.92 19.20
CA VAL C 924 -26.27 -89.50 18.88
C VAL C 924 -27.65 -88.86 18.85
N ASN C 925 -27.81 -87.73 19.53
CA ASN C 925 -29.08 -87.01 19.52
C ASN C 925 -28.88 -85.51 19.40
N ALA C 926 -29.92 -84.84 18.88
CA ALA C 926 -29.90 -83.39 18.69
C ALA C 926 -30.12 -82.66 20.01
N ALA C 927 -29.57 -81.46 20.11
CA ALA C 927 -29.67 -80.68 21.33
C ALA C 927 -29.51 -79.22 20.95
N PRO C 928 -29.78 -78.29 21.87
CA PRO C 928 -29.63 -76.88 21.52
C PRO C 928 -28.25 -76.56 20.97
N GLU C 929 -28.22 -76.22 19.68
CA GLU C 929 -26.99 -75.92 18.97
C GLU C 929 -25.96 -77.02 19.12
N GLY C 930 -26.35 -78.26 19.37
CA GLY C 930 -25.29 -79.22 19.58
C GLY C 930 -25.76 -80.64 19.44
N LEU C 931 -24.82 -81.55 19.72
CA LEU C 931 -25.10 -82.97 19.71
C LEU C 931 -24.82 -83.51 21.10
N VAL C 932 -25.61 -84.49 21.50
CA VAL C 932 -25.32 -85.30 22.69
C VAL C 932 -24.94 -86.69 22.25
N PHE C 933 -23.78 -87.13 22.70
CA PHE C 933 -23.33 -88.51 22.55
C PHE C 933 -23.63 -89.26 23.82
N LEU C 934 -24.49 -90.27 23.71
CA LEU C 934 -24.69 -91.29 24.75
C LEU C 934 -23.73 -92.41 24.47
N HIS C 935 -22.53 -92.30 25.03
CA HIS C 935 -21.60 -93.41 25.03
C HIS C 935 -22.12 -94.47 25.99
N THR C 936 -21.73 -95.71 25.75
CA THR C 936 -21.86 -96.75 26.77
C THR C 936 -20.59 -97.57 26.82
N VAL C 937 -20.29 -98.10 28.01
CA VAL C 937 -19.01 -98.74 28.27
C VAL C 937 -19.25 -99.87 29.27
N LEU C 938 -18.30 -100.79 29.34
CA LEU C 938 -18.31 -101.83 30.36
C LEU C 938 -17.29 -101.56 31.45
N LEU C 939 -17.69 -101.80 32.69
CA LEU C 939 -16.85 -101.67 33.86
C LEU C 939 -16.76 -102.98 34.62
N PRO C 940 -15.58 -103.34 35.14
CA PRO C 940 -15.48 -104.53 35.98
C PRO C 940 -16.29 -104.38 37.27
N THR C 941 -16.86 -105.49 37.73
CA THR C 941 -17.72 -105.51 38.89
C THR C 941 -17.66 -106.89 39.55
N GLN C 942 -18.02 -106.89 40.85
CA GLN C 942 -18.13 -108.04 41.72
C GLN C 942 -16.97 -109.02 41.50
N TYR C 943 -15.78 -108.59 41.90
CA TYR C 943 -14.56 -109.38 41.69
C TYR C 943 -14.57 -110.66 42.51
N LYS C 944 -13.88 -111.66 41.98
CA LYS C 944 -13.59 -112.88 42.73
C LYS C 944 -12.11 -113.22 42.54
N ASP C 945 -11.46 -113.59 43.63
CA ASP C 945 -10.04 -113.90 43.62
C ASP C 945 -9.72 -115.01 42.63
N SER D 3 1.89 101.98 21.42
CA SER D 3 1.76 100.58 21.03
C SER D 3 1.16 99.75 22.15
N LYS D 4 -0.01 99.18 21.90
CA LYS D 4 -0.66 98.30 22.85
C LYS D 4 -0.18 96.87 22.68
N ALA D 5 -0.58 96.01 23.63
CA ALA D 5 -0.17 94.61 23.56
C ALA D 5 -0.59 93.96 22.26
N TRP D 6 -1.81 94.23 21.80
CA TRP D 6 -2.22 93.73 20.50
C TRP D 6 -1.68 94.55 19.34
N ASN D 7 -0.82 95.51 19.62
CA ASN D 7 0.05 96.04 18.58
C ASN D 7 1.35 95.26 18.48
N ARG D 8 1.71 94.53 19.53
CA ARG D 8 2.92 93.73 19.56
C ARG D 8 2.68 92.34 19.01
N TYR D 9 3.77 91.69 18.60
CA TYR D 9 3.71 90.39 17.97
C TYR D 9 4.15 89.26 18.90
N ARG D 10 4.35 89.55 20.17
CA ARG D 10 4.61 88.53 21.17
C ARG D 10 3.51 88.52 22.22
N LEU D 11 3.22 87.33 22.73
CA LEU D 11 2.34 87.23 23.87
C LEU D 11 3.01 87.84 25.10
N PRO D 12 2.22 88.32 26.06
CA PRO D 12 2.76 88.57 27.39
C PRO D 12 2.97 87.26 28.13
N ASN D 13 3.99 87.22 28.96
CA ASN D 13 4.28 86.05 29.76
C ASN D 13 3.35 85.89 30.96
N THR D 14 2.29 86.69 31.05
CA THR D 14 1.41 86.68 32.22
C THR D 14 0.44 85.50 32.26
N LEU D 15 0.29 84.74 31.18
CA LEU D 15 -0.64 83.63 31.14
C LEU D 15 0.09 82.35 30.77
N LYS D 16 -0.08 81.30 31.57
CA LYS D 16 0.51 80.01 31.24
C LYS D 16 -0.58 78.96 31.14
N PRO D 17 -0.80 78.36 29.98
CA PRO D 17 -1.79 77.31 29.86
C PRO D 17 -1.29 75.99 30.44
N ASP D 18 -2.24 75.13 30.78
CA ASP D 18 -1.89 73.88 31.43
C ASP D 18 -2.86 72.74 31.16
N SER D 19 -3.86 72.91 30.31
CA SER D 19 -4.55 71.79 29.70
C SER D 19 -5.30 72.29 28.48
N TYR D 20 -5.61 71.38 27.57
CA TYR D 20 -6.41 71.72 26.41
C TYR D 20 -7.40 70.61 26.15
N ARG D 21 -8.52 70.96 25.52
CA ARG D 21 -9.39 69.96 24.94
C ARG D 21 -9.82 70.42 23.56
N VAL D 22 -9.92 69.49 22.63
CA VAL D 22 -10.29 69.79 21.26
C VAL D 22 -11.31 68.77 20.78
N THR D 23 -12.26 69.23 19.98
CA THR D 23 -13.09 68.38 19.15
C THR D 23 -13.07 68.93 17.75
N LEU D 24 -12.96 68.06 16.76
CA LEU D 24 -13.00 68.52 15.37
C LEU D 24 -13.95 67.66 14.55
N ARG D 25 -14.82 68.29 13.77
CA ARG D 25 -15.63 67.58 12.78
C ARG D 25 -15.34 68.07 11.38
N PRO D 26 -14.43 67.43 10.65
CA PRO D 26 -14.26 67.77 9.23
C PRO D 26 -15.44 67.25 8.42
N TYR D 27 -16.11 68.17 7.72
CA TYR D 27 -17.15 67.82 6.77
C TYR D 27 -16.51 67.67 5.40
N LEU D 28 -16.16 66.43 5.04
CA LEU D 28 -15.40 66.19 3.82
C LEU D 28 -16.24 66.36 2.56
N THR D 29 -17.54 66.28 2.67
CA THR D 29 -18.35 66.67 1.53
C THR D 29 -18.43 68.19 1.44
N PRO D 30 -18.43 68.74 0.23
CA PRO D 30 -18.59 70.19 0.09
C PRO D 30 -19.95 70.63 0.60
N ASN D 31 -20.01 71.86 1.08
CA ASN D 31 -21.29 72.45 1.41
C ASN D 31 -21.93 73.08 0.17
N ASP D 32 -23.13 73.63 0.35
CA ASP D 32 -23.91 74.17 -0.75
C ASP D 32 -23.14 75.20 -1.55
N ARG D 33 -22.38 76.06 -0.87
CA ARG D 33 -21.57 77.06 -1.54
C ARG D 33 -20.18 76.53 -1.88
N GLY D 34 -19.99 75.21 -1.80
CA GLY D 34 -18.77 74.58 -2.22
C GLY D 34 -17.62 74.69 -1.26
N LEU D 35 -17.86 75.23 -0.07
CA LEU D 35 -16.82 75.25 0.95
C LEU D 35 -16.76 73.91 1.66
N TYR D 36 -15.60 73.63 2.25
CA TYR D 36 -15.44 72.50 3.15
C TYR D 36 -15.17 73.06 4.54
N VAL D 37 -16.02 72.73 5.49
CA VAL D 37 -16.02 73.40 6.77
C VAL D 37 -15.93 72.36 7.88
N PHE D 38 -15.33 72.75 8.99
CA PHE D 38 -15.35 71.94 10.19
C PHE D 38 -15.91 72.71 11.36
N LYS D 39 -16.64 72.00 12.21
CA LYS D 39 -17.00 72.46 13.54
C LYS D 39 -15.88 72.16 14.51
N GLY D 40 -15.58 73.08 15.41
CA GLY D 40 -14.60 72.85 16.45
C GLY D 40 -15.05 73.39 17.79
N SER D 41 -14.74 72.68 18.86
CA SER D 41 -14.93 73.18 20.21
C SER D 41 -13.61 73.13 20.96
N SER D 42 -13.38 74.10 21.83
CA SER D 42 -12.21 73.97 22.68
C SER D 42 -12.40 74.69 24.00
N THR D 43 -11.83 74.10 25.04
CA THR D 43 -11.61 74.78 26.30
C THR D 43 -10.14 74.65 26.64
N VAL D 44 -9.56 75.73 27.14
CA VAL D 44 -8.21 75.71 27.69
C VAL D 44 -8.26 76.15 29.14
N ARG D 45 -7.46 75.49 29.97
CA ARG D 45 -7.25 75.95 31.32
C ARG D 45 -5.94 76.70 31.37
N PHE D 46 -5.95 77.85 32.05
CA PHE D 46 -4.74 78.63 32.16
C PHE D 46 -4.59 79.22 33.56
N THR D 47 -3.34 79.39 33.95
CA THR D 47 -2.98 80.01 35.21
C THR D 47 -2.50 81.44 34.95
N CYS D 48 -3.00 82.37 35.76
CA CYS D 48 -2.53 83.74 35.71
C CYS D 48 -1.14 83.85 36.32
N LYS D 49 -0.13 84.11 35.49
CA LYS D 49 1.23 84.31 35.95
C LYS D 49 1.49 85.72 36.47
N GLU D 50 0.56 86.64 36.24
CA GLU D 50 0.73 88.03 36.69
C GLU D 50 -0.64 88.70 36.66
N ALA D 51 -0.99 89.37 37.74
CA ALA D 51 -2.33 89.91 37.90
C ALA D 51 -2.71 90.84 36.75
N THR D 52 -3.82 90.54 36.09
CA THR D 52 -4.13 91.10 34.79
C THR D 52 -5.63 91.17 34.62
N ASP D 53 -6.07 91.88 33.58
CA ASP D 53 -7.49 92.10 33.35
C ASP D 53 -7.86 92.02 31.87
N VAL D 54 -7.01 91.44 31.03
CA VAL D 54 -7.34 91.26 29.62
C VAL D 54 -6.72 89.96 29.13
N ILE D 55 -7.46 89.25 28.28
CA ILE D 55 -7.07 87.96 27.71
C ILE D 55 -6.55 88.17 26.30
N ILE D 56 -5.41 87.57 25.99
CA ILE D 56 -4.77 87.71 24.69
C ILE D 56 -4.41 86.32 24.19
N ILE D 57 -5.08 85.85 23.14
CA ILE D 57 -4.88 84.48 22.69
C ILE D 57 -4.89 84.43 21.16
N HIS D 58 -4.08 83.57 20.58
CA HIS D 58 -3.97 83.54 19.14
C HIS D 58 -5.23 82.98 18.52
N SER D 59 -5.67 83.59 17.42
CA SER D 59 -6.81 83.10 16.66
C SER D 59 -6.77 83.69 15.26
N LYS D 60 -6.89 82.84 14.25
CA LYS D 60 -6.81 83.29 12.87
C LYS D 60 -7.86 82.59 12.02
N LYS D 61 -8.48 83.34 11.10
CA LYS D 61 -9.39 82.78 10.11
C LYS D 61 -10.47 81.91 10.75
N LEU D 62 -10.91 82.27 11.95
CA LEU D 62 -12.00 81.56 12.59
C LEU D 62 -13.28 82.36 12.56
N ASN D 63 -14.35 81.75 12.05
CA ASN D 63 -15.69 82.19 12.38
C ASN D 63 -16.03 81.65 13.75
N TYR D 64 -16.22 82.53 14.72
CA TYR D 64 -16.61 82.13 16.05
C TYR D 64 -18.12 82.02 16.18
N THR D 65 -18.55 81.46 17.29
CA THR D 65 -19.92 81.55 17.74
C THR D 65 -19.98 82.46 18.95
N LEU D 66 -20.87 83.44 18.92
CA LEU D 66 -21.04 84.33 20.05
C LEU D 66 -21.65 83.60 21.23
N SER D 67 -21.07 83.76 22.42
CA SER D 67 -21.68 83.32 23.66
C SER D 67 -21.70 84.46 24.65
N GLN D 68 -22.83 84.64 25.32
CA GLN D 68 -23.06 85.82 26.17
C GLN D 68 -22.72 87.09 25.40
N GLY D 69 -23.15 87.13 24.14
CA GLY D 69 -22.87 88.26 23.28
C GLY D 69 -21.43 88.35 22.84
N HIS D 70 -20.61 87.36 23.17
CA HIS D 70 -19.18 87.45 22.94
C HIS D 70 -18.66 86.11 22.46
N ARG D 71 -17.46 86.14 21.90
CA ARG D 71 -16.92 84.96 21.26
C ARG D 71 -16.55 83.87 22.25
N VAL D 72 -16.42 84.19 23.54
CA VAL D 72 -15.90 83.23 24.51
C VAL D 72 -16.56 83.46 25.86
N VAL D 73 -16.47 82.43 26.71
CA VAL D 73 -16.94 82.49 28.09
C VAL D 73 -15.75 82.21 29.00
N LEU D 74 -15.67 82.95 30.09
CA LEU D 74 -14.60 82.76 31.06
C LEU D 74 -14.75 81.44 31.79
N PRO D 82 -13.09 85.07 38.90
CA PRO D 82 -13.35 85.13 37.46
C PRO D 82 -14.29 86.28 37.09
N PRO D 83 -13.77 87.50 37.14
CA PRO D 83 -14.62 88.68 36.86
C PRO D 83 -15.07 88.72 35.41
N ASP D 84 -16.03 89.61 35.16
CA ASP D 84 -16.71 89.64 33.89
C ASP D 84 -15.82 90.13 32.75
N ILE D 85 -16.15 89.68 31.55
CA ILE D 85 -15.55 90.13 30.30
C ILE D 85 -16.18 91.45 29.85
N ASP D 86 -15.34 92.38 29.39
CA ASP D 86 -15.87 93.64 28.85
C ASP D 86 -16.32 93.49 27.41
N LYS D 87 -15.39 93.10 26.53
CA LYS D 87 -15.68 93.00 25.11
C LYS D 87 -14.61 92.15 24.46
N THR D 88 -14.89 91.69 23.24
CA THR D 88 -14.05 90.72 22.57
C THR D 88 -13.88 91.12 21.10
N GLU D 89 -12.64 91.08 20.63
CA GLU D 89 -12.33 91.55 19.29
C GLU D 89 -11.25 90.68 18.66
N LEU D 90 -11.25 90.64 17.32
CA LEU D 90 -10.24 89.94 16.55
C LEU D 90 -9.33 90.96 15.89
N VAL D 91 -8.11 91.09 16.40
CA VAL D 91 -7.16 92.09 15.88
C VAL D 91 -6.41 91.40 14.75
N GLU D 92 -7.06 91.34 13.60
CA GLU D 92 -6.56 90.59 12.45
C GLU D 92 -5.09 90.81 12.11
N PRO D 93 -4.53 92.02 12.15
CA PRO D 93 -3.11 92.17 11.78
C PRO D 93 -2.16 91.44 12.71
N THR D 94 -2.62 91.00 13.87
CA THR D 94 -1.79 90.22 14.77
C THR D 94 -2.45 88.91 15.16
N GLU D 95 -3.67 88.64 14.67
CA GLU D 95 -4.35 87.37 14.90
C GLU D 95 -4.62 87.11 16.37
N TYR D 96 -4.87 88.15 17.17
CA TYR D 96 -5.22 87.93 18.56
C TYR D 96 -6.71 88.08 18.75
N LEU D 97 -7.31 87.11 19.40
CA LEU D 97 -8.55 87.30 20.13
C LEU D 97 -8.20 88.03 21.41
N VAL D 98 -8.62 89.29 21.50
CA VAL D 98 -8.41 90.12 22.67
C VAL D 98 -9.74 90.28 23.39
N VAL D 99 -9.74 89.97 24.68
CA VAL D 99 -10.97 89.82 25.46
C VAL D 99 -10.75 90.60 26.75
N HIS D 100 -11.22 91.83 26.80
CA HIS D 100 -11.06 92.63 28.01
C HIS D 100 -11.93 92.07 29.12
N LEU D 101 -11.34 91.87 30.28
CA LEU D 101 -12.12 91.66 31.50
C LEU D 101 -12.54 92.98 32.12
N LYS D 102 -13.72 92.96 32.73
CA LYS D 102 -14.14 94.10 33.54
C LYS D 102 -13.30 94.19 34.82
N GLY D 103 -13.30 93.13 35.61
CA GLY D 103 -12.40 93.02 36.74
C GLY D 103 -10.99 92.66 36.29
N SER D 104 -10.17 92.33 37.28
CA SER D 104 -8.84 91.79 37.02
C SER D 104 -8.83 90.30 37.31
N LEU D 105 -8.26 89.54 36.40
CA LEU D 105 -7.99 88.13 36.65
C LEU D 105 -7.08 87.96 37.86
N VAL D 106 -7.57 87.22 38.86
CA VAL D 106 -6.80 87.01 40.08
C VAL D 106 -5.65 86.06 39.81
N LYS D 107 -4.46 86.45 40.22
CA LYS D 107 -3.26 85.65 40.00
C LYS D 107 -3.37 84.29 40.68
N ASP D 108 -2.48 83.39 40.25
CA ASP D 108 -2.31 82.06 40.85
C ASP D 108 -3.60 81.28 40.93
N SER D 109 -4.39 81.33 39.86
CA SER D 109 -5.68 80.69 39.80
C SER D 109 -5.86 80.11 38.40
N GLN D 110 -6.60 79.02 38.31
CA GLN D 110 -6.81 78.35 37.03
C GLN D 110 -8.23 78.62 36.54
N TYR D 111 -8.33 79.07 35.30
CA TYR D 111 -9.62 79.35 34.69
C TYR D 111 -9.72 78.72 33.31
N GLU D 112 -10.92 78.26 33.00
CA GLU D 112 -11.26 77.84 31.66
C GLU D 112 -11.58 79.05 30.80
N MET D 113 -11.01 79.08 29.61
CA MET D 113 -11.49 79.88 28.50
C MET D 113 -12.05 78.92 27.46
N ASP D 114 -13.30 79.10 27.08
CA ASP D 114 -13.97 78.12 26.26
C ASP D 114 -14.66 78.79 25.08
N SER D 115 -14.78 78.04 23.99
CA SER D 115 -15.18 78.59 22.71
C SER D 115 -15.71 77.48 21.84
N GLU D 116 -16.58 77.83 20.90
CA GLU D 116 -16.94 76.96 19.80
C GLU D 116 -16.94 77.78 18.52
N PHE D 117 -16.56 77.14 17.43
CA PHE D 117 -16.17 77.88 16.24
C PHE D 117 -16.29 76.98 15.03
N GLU D 118 -16.07 77.57 13.87
CA GLU D 118 -16.05 76.85 12.62
C GLU D 118 -14.91 77.38 11.77
N GLY D 119 -14.43 76.55 10.86
CA GLY D 119 -13.31 76.92 10.02
C GLY D 119 -13.41 76.26 8.67
N GLU D 120 -12.49 76.65 7.78
CA GLU D 120 -12.47 76.13 6.41
C GLU D 120 -11.36 75.10 6.24
N LEU D 121 -11.71 73.96 5.66
CA LEU D 121 -10.72 73.03 5.11
C LEU D 121 -10.32 73.46 3.70
N ALA D 122 -9.63 74.59 3.62
CA ALA D 122 -8.93 74.88 2.39
C ALA D 122 -7.90 73.80 2.12
N ASP D 123 -7.45 73.72 0.87
CA ASP D 123 -6.30 72.88 0.51
C ASP D 123 -5.03 73.69 0.45
N ASP D 124 -4.86 74.61 1.41
CA ASP D 124 -3.76 75.55 1.43
C ASP D 124 -2.47 74.99 2.03
N LEU D 125 -2.50 73.78 2.58
CA LEU D 125 -1.36 73.20 3.29
C LEU D 125 -0.94 74.06 4.48
N ALA D 126 -1.93 74.62 5.17
CA ALA D 126 -1.67 75.43 6.35
C ALA D 126 -2.82 75.24 7.32
N GLY D 127 -2.52 74.81 8.53
CA GLY D 127 -3.57 74.47 9.48
C GLY D 127 -4.20 73.12 9.19
N PHE D 128 -5.50 73.02 9.48
CA PHE D 128 -6.23 71.77 9.32
C PHE D 128 -6.68 71.60 7.87
N TYR D 129 -5.76 71.72 6.93
CA TYR D 129 -6.11 71.69 5.52
C TYR D 129 -6.53 70.29 5.09
N ARG D 130 -7.26 70.23 3.98
CA ARG D 130 -7.61 68.97 3.34
C ARG D 130 -6.78 68.74 2.08
N SER D 131 -6.58 67.46 1.77
CA SER D 131 -5.95 67.02 0.54
C SER D 131 -6.91 66.12 -0.21
N GLU D 132 -6.85 66.18 -1.53
CA GLU D 132 -7.69 65.31 -2.35
C GLU D 132 -6.80 64.55 -3.33
N TYR D 133 -7.14 63.28 -3.55
CA TYR D 133 -6.34 62.45 -4.44
C TYR D 133 -7.23 61.42 -5.11
N MET D 134 -6.84 61.01 -6.32
CA MET D 134 -7.55 59.96 -7.04
C MET D 134 -7.13 58.60 -6.53
N GLU D 135 -8.12 57.78 -6.19
CA GLU D 135 -7.92 56.38 -5.84
C GLU D 135 -8.94 55.56 -6.62
N GLY D 136 -8.46 54.57 -7.35
CA GLY D 136 -9.31 53.91 -8.32
C GLY D 136 -9.84 54.88 -9.34
N ASN D 137 -11.13 55.22 -9.25
CA ASN D 137 -11.69 56.32 -10.03
C ASN D 137 -12.51 57.26 -9.15
N VAL D 138 -12.20 57.30 -7.86
CA VAL D 138 -12.88 58.17 -6.91
C VAL D 138 -11.89 59.22 -6.45
N ARG D 139 -12.31 60.48 -6.44
CA ARG D 139 -11.49 61.52 -5.82
C ARG D 139 -11.71 61.44 -4.32
N LYS D 140 -10.90 60.62 -3.66
CA LYS D 140 -10.93 60.53 -2.23
C LYS D 140 -10.43 61.83 -1.60
N VAL D 141 -10.88 62.09 -0.37
CA VAL D 141 -10.50 63.28 0.37
C VAL D 141 -9.98 62.87 1.74
N VAL D 142 -8.88 63.48 2.16
CA VAL D 142 -8.24 63.22 3.43
C VAL D 142 -8.10 64.54 4.16
N ALA D 143 -8.41 64.55 5.44
CA ALA D 143 -8.14 65.71 6.28
C ALA D 143 -6.86 65.46 7.06
N THR D 144 -5.97 66.45 7.08
CA THR D 144 -4.65 66.28 7.66
C THR D 144 -4.32 67.52 8.44
N THR D 145 -3.11 67.61 8.95
CA THR D 145 -2.68 68.83 9.63
C THR D 145 -1.26 69.19 9.25
N GLN D 146 -1.05 70.45 8.92
CA GLN D 146 0.28 71.05 8.83
C GLN D 146 0.33 72.21 9.79
N MET D 147 1.28 72.21 10.71
CA MET D 147 1.28 73.22 11.76
C MET D 147 2.67 73.77 12.00
N GLN D 148 3.47 73.90 10.95
CA GLN D 148 4.84 74.37 11.10
C GLN D 148 4.86 75.82 11.58
N ALA D 149 5.19 76.00 12.85
CA ALA D 149 5.28 77.28 13.53
C ALA D 149 3.99 78.07 13.64
N ALA D 150 3.49 78.59 12.53
CA ALA D 150 2.54 79.67 12.61
C ALA D 150 1.08 79.25 12.60
N ASP D 151 0.76 78.03 12.17
CA ASP D 151 -0.61 77.75 11.78
C ASP D 151 -1.41 77.03 12.86
N ALA D 152 -0.79 76.61 13.94
CA ALA D 152 -1.50 75.78 14.92
C ALA D 152 -2.74 76.47 15.44
N ARG D 153 -2.64 77.77 15.75
CA ARG D 153 -3.80 78.56 16.12
C ARG D 153 -4.96 78.42 15.14
N LYS D 154 -4.66 78.24 13.85
CA LYS D 154 -5.72 78.32 12.85
C LYS D 154 -6.65 77.13 12.89
N SER D 155 -6.31 76.07 13.61
CA SER D 155 -7.26 74.99 13.80
C SER D 155 -8.09 75.20 15.06
N PHE D 156 -7.49 75.76 16.12
CA PHE D 156 -8.26 76.09 17.31
C PHE D 156 -7.51 77.16 18.10
N PRO D 157 -8.21 77.96 18.90
CA PRO D 157 -7.53 79.04 19.64
C PRO D 157 -6.60 78.49 20.71
N CYS D 158 -5.39 79.05 20.76
CA CYS D 158 -4.38 78.56 21.68
C CYS D 158 -3.32 79.64 21.88
N PHE D 159 -2.51 79.45 22.91
CA PHE D 159 -1.32 80.27 23.17
C PHE D 159 -0.16 79.77 22.32
N ASP D 160 -0.25 80.02 21.01
CA ASP D 160 0.59 79.33 20.04
C ASP D 160 2.07 79.71 20.09
N GLU D 161 2.76 79.39 21.17
CA GLU D 161 4.19 79.62 21.16
C GLU D 161 4.94 78.35 21.54
N PRO D 162 6.14 78.16 20.99
CA PRO D 162 6.94 76.98 21.36
C PRO D 162 7.20 76.87 22.85
N ALA D 163 7.34 77.99 23.55
CA ALA D 163 7.63 77.93 24.97
C ALA D 163 6.41 77.60 25.82
N MET D 164 5.20 77.75 25.28
CA MET D 164 3.98 77.66 26.07
C MET D 164 3.42 76.24 26.04
N LYS D 165 4.21 75.31 26.56
CA LYS D 165 3.88 73.90 26.45
C LYS D 165 2.80 73.48 27.45
N ALA D 166 1.87 72.66 26.98
CA ALA D 166 0.72 72.23 27.77
C ALA D 166 0.27 70.86 27.30
N GLU D 167 -0.77 70.34 27.94
CA GLU D 167 -1.24 68.98 27.72
C GLU D 167 -2.56 68.98 26.98
N PHE D 168 -2.66 68.15 25.96
CA PHE D 168 -3.84 68.12 25.10
C PHE D 168 -4.59 66.81 25.27
N ASN D 169 -5.91 66.91 25.39
CA ASN D 169 -6.82 65.80 25.11
C ASN D 169 -7.49 66.09 23.78
N ILE D 170 -7.36 65.16 22.84
CA ILE D 170 -7.93 65.34 21.51
C ILE D 170 -9.10 64.39 21.33
N THR D 171 -10.17 64.87 20.72
CA THR D 171 -11.32 64.06 20.37
C THR D 171 -11.70 64.35 18.93
N LEU D 172 -12.08 63.31 18.19
CA LEU D 172 -12.37 63.46 16.78
C LEU D 172 -13.73 62.83 16.47
N ILE D 173 -14.35 63.33 15.40
CA ILE D 173 -15.71 62.98 15.03
C ILE D 173 -15.74 62.96 13.51
N HIS D 174 -15.87 61.78 12.94
CA HIS D 174 -15.57 61.58 11.54
C HIS D 174 -16.64 60.69 10.91
N PRO D 175 -16.82 60.77 9.60
CA PRO D 175 -17.70 59.81 8.93
C PRO D 175 -17.33 58.38 9.31
N LYS D 176 -18.36 57.59 9.57
CA LYS D 176 -18.18 56.29 10.21
C LYS D 176 -17.20 55.39 9.47
N ASP D 177 -17.10 55.52 8.14
CA ASP D 177 -16.22 54.64 7.39
C ASP D 177 -14.74 54.90 7.68
N LEU D 178 -14.39 56.10 8.11
CA LEU D 178 -13.00 56.51 8.14
C LEU D 178 -12.36 56.20 9.50
N THR D 179 -11.04 56.38 9.55
CA THR D 179 -10.25 56.18 10.76
C THR D 179 -9.57 57.49 11.14
N ALA D 180 -9.38 57.67 12.44
CA ALA D 180 -8.81 58.89 12.96
C ALA D 180 -7.53 58.60 13.74
N LEU D 181 -6.60 59.55 13.70
CA LEU D 181 -5.30 59.41 14.32
C LEU D 181 -4.87 60.72 14.95
N SER D 182 -4.06 60.61 15.99
CA SER D 182 -3.40 61.74 16.61
C SER D 182 -2.16 61.25 17.33
N ASN D 183 -1.54 62.14 18.10
CA ASN D 183 -0.25 61.83 18.67
C ASN D 183 -0.31 60.65 19.63
N MET D 184 -1.40 60.49 20.36
CA MET D 184 -1.50 59.39 21.30
C MET D 184 -2.28 58.24 20.68
N LEU D 185 -2.40 57.15 21.44
CA LEU D 185 -3.27 56.04 21.06
C LEU D 185 -4.73 56.39 21.27
N PRO D 186 -5.63 55.73 20.54
CA PRO D 186 -7.06 55.89 20.82
C PRO D 186 -7.39 55.35 22.20
N LYS D 187 -7.99 56.21 23.01
CA LYS D 187 -8.48 55.83 24.33
C LYS D 187 -9.82 55.13 24.17
N GLY D 188 -9.76 53.80 23.99
CA GLY D 188 -10.94 53.02 23.71
C GLY D 188 -11.38 53.04 22.27
N PRO D 189 -12.18 52.03 21.89
CA PRO D 189 -12.58 51.89 20.49
C PRO D 189 -13.55 52.98 20.03
N SER D 190 -13.62 53.11 18.70
CA SER D 190 -14.42 54.16 18.08
C SER D 190 -15.89 53.87 18.20
N THR D 191 -16.66 54.88 18.60
CA THR D 191 -18.05 54.68 18.92
C THR D 191 -18.94 55.49 17.99
N PRO D 192 -20.09 54.99 17.59
CA PRO D 192 -21.00 55.83 16.81
C PRO D 192 -21.45 57.04 17.62
N LEU D 193 -21.59 58.16 16.95
CA LEU D 193 -22.08 59.37 17.58
C LEU D 193 -23.57 59.26 17.84
N PRO D 194 -24.04 59.51 19.05
CA PRO D 194 -25.48 59.38 19.31
C PRO D 194 -26.32 60.39 18.58
N GLU D 195 -25.74 61.53 18.20
CA GLU D 195 -26.47 62.45 17.33
C GLU D 195 -26.75 61.84 15.97
N ASP D 196 -25.79 61.08 15.43
CA ASP D 196 -25.96 60.47 14.12
C ASP D 196 -24.98 59.32 13.96
N PRO D 197 -25.49 58.09 13.90
CA PRO D 197 -24.60 56.93 13.75
C PRO D 197 -23.83 56.91 12.44
N ASN D 198 -24.13 57.81 11.51
CA ASN D 198 -23.29 57.96 10.35
C ASN D 198 -21.91 58.48 10.72
N TRP D 199 -21.75 59.04 11.91
CA TRP D 199 -20.47 59.52 12.39
C TRP D 199 -19.95 58.62 13.49
N ASN D 200 -18.65 58.43 13.52
CA ASN D 200 -17.95 57.89 14.66
C ASN D 200 -17.29 58.97 15.48
N VAL D 201 -16.88 58.58 16.68
CA VAL D 201 -16.22 59.42 17.66
C VAL D 201 -15.05 58.64 18.21
N THR D 202 -13.91 59.29 18.34
CA THR D 202 -12.71 58.68 18.87
C THR D 202 -12.08 59.62 19.89
N GLU D 203 -11.69 59.10 21.04
CA GLU D 203 -10.98 59.92 22.01
C GLU D 203 -9.59 59.34 22.23
N PHE D 204 -8.64 60.22 22.53
CA PHE D 204 -7.25 59.86 22.70
C PHE D 204 -6.78 60.17 24.11
N HIS D 205 -5.80 59.41 24.57
CA HIS D 205 -5.19 59.67 25.86
C HIS D 205 -4.54 61.04 25.87
N THR D 206 -4.38 61.58 27.06
CA THR D 206 -3.74 62.87 27.24
C THR D 206 -2.29 62.87 26.77
N THR D 207 -1.95 63.81 25.89
CA THR D 207 -0.58 63.99 25.47
C THR D 207 0.28 64.37 26.67
N PRO D 208 1.56 64.11 26.60
CA PRO D 208 2.49 64.73 27.55
C PRO D 208 2.59 66.24 27.38
N LYS D 209 3.36 66.90 28.24
CA LYS D 209 3.65 68.31 28.06
C LYS D 209 4.34 68.55 26.74
N MET D 210 3.66 69.18 25.79
CA MET D 210 4.23 69.42 24.48
C MET D 210 3.84 70.79 24.00
N SER D 211 4.56 71.28 22.99
CA SER D 211 4.23 72.56 22.37
C SER D 211 3.20 72.40 21.26
N THR D 212 2.39 73.44 21.07
CA THR D 212 1.31 73.42 20.09
C THR D 212 1.77 73.14 18.67
N TYR D 213 2.99 73.51 18.31
CA TYR D 213 3.34 73.32 16.91
C TYR D 213 3.54 71.87 16.52
N LEU D 214 3.41 70.93 17.45
CA LEU D 214 3.68 69.52 17.19
C LEU D 214 2.44 68.64 17.10
N LEU D 215 1.24 69.17 17.29
CA LEU D 215 0.05 68.35 17.17
C LEU D 215 -0.12 67.80 15.77
N ALA D 216 -0.84 66.68 15.67
CA ALA D 216 -1.40 66.26 14.40
C ALA D 216 -2.79 65.69 14.58
N PHE D 217 -3.65 65.93 13.60
CA PHE D 217 -4.97 65.33 13.52
C PHE D 217 -5.09 64.74 12.13
N ILE D 218 -5.41 63.47 11.99
CA ILE D 218 -5.61 62.91 10.67
C ILE D 218 -6.89 62.09 10.63
N VAL D 219 -7.70 62.30 9.59
CA VAL D 219 -8.88 61.50 9.32
C VAL D 219 -8.76 60.99 7.90
N SER D 220 -8.84 59.68 7.73
CA SER D 220 -8.41 59.11 6.45
C SER D 220 -8.96 57.71 6.30
N GLU D 221 -8.83 57.20 5.08
CA GLU D 221 -9.18 55.82 4.75
C GLU D 221 -7.95 54.97 4.47
N PHE D 222 -6.79 55.38 4.98
CA PHE D 222 -5.58 54.59 4.81
C PHE D 222 -5.64 53.30 5.61
N ASP D 223 -4.69 52.42 5.29
CA ASP D 223 -4.59 51.09 5.86
C ASP D 223 -3.13 50.85 6.17
N TYR D 224 -2.86 50.00 7.15
CA TYR D 224 -1.58 50.04 7.82
C TYR D 224 -0.97 48.67 7.99
N VAL D 225 0.33 48.67 8.22
CA VAL D 225 1.15 47.48 8.43
C VAL D 225 1.95 47.72 9.69
N GLU D 226 2.06 46.68 10.52
CA GLU D 226 2.33 46.91 11.93
C GLU D 226 3.40 45.95 12.42
N LYS D 227 4.21 46.44 13.35
CA LYS D 227 5.17 45.58 14.03
C LYS D 227 5.24 45.98 15.49
N GLN D 228 5.58 45.00 16.33
CA GLN D 228 5.85 45.22 17.73
C GLN D 228 7.35 45.18 17.97
N ALA D 229 7.91 46.29 18.44
CA ALA D 229 9.34 46.36 18.64
C ALA D 229 9.75 45.58 19.89
N SER D 230 11.01 45.12 19.88
CA SER D 230 11.56 44.47 21.06
C SER D 230 11.56 45.41 22.26
N ASN D 231 11.66 46.71 22.03
CA ASN D 231 11.58 47.66 23.12
C ASN D 231 10.17 47.83 23.63
N GLY D 232 9.20 47.17 23.01
CA GLY D 232 7.82 47.26 23.42
C GLY D 232 7.01 48.34 22.74
N VAL D 233 7.63 49.22 21.97
CA VAL D 233 6.87 50.25 21.30
C VAL D 233 6.18 49.66 20.08
N LEU D 234 5.00 50.20 19.78
CA LEU D 234 4.20 49.76 18.64
C LEU D 234 4.50 50.68 17.47
N ILE D 235 4.94 50.11 16.36
CA ILE D 235 5.40 50.91 15.23
C ILE D 235 4.61 50.47 14.01
N ARG D 236 4.25 51.43 13.16
CA ARG D 236 3.07 51.22 12.35
C ARG D 236 3.10 52.15 11.15
N ILE D 237 3.18 51.59 9.95
CA ILE D 237 3.20 52.36 8.70
C ILE D 237 1.80 52.43 8.13
N TRP D 238 1.32 53.63 7.86
CA TRP D 238 0.03 53.84 7.21
C TRP D 238 0.21 54.36 5.80
N ALA D 239 -0.55 53.80 4.86
CA ALA D 239 -0.49 54.27 3.48
C ALA D 239 -1.80 53.95 2.78
N ARG D 240 -1.86 54.28 1.50
CA ARG D 240 -3.00 53.85 0.71
C ARG D 240 -3.11 52.33 0.69
N PRO D 241 -4.31 51.79 0.85
CA PRO D 241 -4.45 50.32 0.87
C PRO D 241 -3.90 49.65 -0.37
N SER D 242 -4.17 50.22 -1.54
CA SER D 242 -3.65 49.65 -2.77
C SER D 242 -2.13 49.67 -2.77
N ALA D 243 -1.54 50.71 -2.20
CA ALA D 243 -0.09 50.80 -2.14
C ALA D 243 0.47 49.81 -1.12
N ILE D 244 -0.20 49.66 0.01
CA ILE D 244 0.34 48.80 1.06
C ILE D 244 0.21 47.34 0.69
N ALA D 245 -0.84 46.97 -0.05
CA ALA D 245 -0.98 45.59 -0.50
C ALA D 245 0.18 45.17 -1.38
N ALA D 246 0.73 46.10 -2.17
CA ALA D 246 1.91 45.79 -2.94
C ALA D 246 3.17 45.70 -2.10
N GLY D 247 3.07 45.85 -0.79
CA GLY D 247 4.24 45.76 0.05
C GLY D 247 5.15 46.95 0.01
N HIS D 248 4.67 48.08 -0.50
CA HIS D 248 5.54 49.25 -0.62
C HIS D 248 5.92 49.84 0.73
N GLY D 249 5.21 49.49 1.79
CA GLY D 249 5.61 49.91 3.12
C GLY D 249 6.58 49.00 3.81
N ASP D 250 6.87 47.84 3.22
CA ASP D 250 7.65 46.83 3.90
C ASP D 250 9.02 47.35 4.32
N TYR D 251 9.69 48.05 3.42
CA TYR D 251 11.04 48.51 3.72
C TYR D 251 11.06 49.48 4.88
N ALA D 252 10.10 50.40 4.93
CA ALA D 252 10.05 51.35 6.03
C ALA D 252 9.92 50.63 7.36
N LEU D 253 9.02 49.66 7.43
CA LEU D 253 8.86 48.93 8.67
C LEU D 253 10.08 48.10 8.97
N ASN D 254 10.80 47.67 7.95
CA ASN D 254 12.02 46.90 8.20
C ASN D 254 13.08 47.78 8.86
N VAL D 255 13.25 49.00 8.37
CA VAL D 255 14.32 49.83 8.92
C VAL D 255 13.94 50.50 10.23
N THR D 256 12.68 50.82 10.45
CA THR D 256 12.38 51.73 11.56
C THR D 256 12.68 51.15 12.93
N GLY D 257 12.71 49.83 13.09
CA GLY D 257 13.05 49.25 14.36
C GLY D 257 14.49 49.46 14.79
N PRO D 258 15.43 49.01 13.96
CA PRO D 258 16.85 49.19 14.32
C PRO D 258 17.23 50.64 14.58
N ILE D 259 16.74 51.56 13.77
CA ILE D 259 17.05 52.97 13.97
C ILE D 259 16.57 53.45 15.33
N LEU D 260 15.32 53.14 15.68
CA LEU D 260 14.81 53.56 16.97
C LEU D 260 15.65 53.01 18.10
N ASN D 261 16.05 51.75 18.02
CA ASN D 261 16.86 51.27 19.12
C ASN D 261 18.25 51.89 19.09
N PHE D 262 18.71 52.30 17.92
CA PHE D 262 19.95 53.05 17.85
C PHE D 262 19.88 54.33 18.65
N PHE D 263 18.88 55.16 18.37
CA PHE D 263 18.75 56.39 19.14
C PHE D 263 18.50 56.12 20.61
N ALA D 264 17.76 55.06 20.92
CA ALA D 264 17.58 54.70 22.33
C ALA D 264 18.93 54.50 22.99
N GLY D 265 19.87 53.90 22.29
CA GLY D 265 21.22 53.82 22.80
C GLY D 265 21.92 55.17 22.83
N HIS D 266 21.85 55.89 21.72
CA HIS D 266 22.65 57.10 21.52
C HIS D 266 22.33 58.17 22.56
N TYR D 267 21.06 58.41 22.83
CA TYR D 267 20.73 59.39 23.86
C TYR D 267 20.72 58.81 25.25
N ASP D 268 21.03 57.52 25.42
CA ASP D 268 20.84 56.83 26.69
C ASP D 268 19.46 57.12 27.27
N THR D 269 18.46 57.08 26.41
CA THR D 269 17.14 57.52 26.84
C THR D 269 16.09 56.76 26.04
N PRO D 270 15.32 55.90 26.68
CA PRO D 270 14.30 55.14 25.95
C PRO D 270 13.20 56.04 25.39
N TYR D 271 12.66 55.60 24.27
CA TYR D 271 11.73 56.39 23.49
C TYR D 271 10.53 56.80 24.34
N PRO D 272 10.17 58.08 24.35
CA PRO D 272 9.22 58.57 25.36
C PRO D 272 7.76 58.25 25.10
N LEU D 273 7.35 58.03 23.86
CA LEU D 273 5.95 57.79 23.55
C LEU D 273 5.66 56.31 23.50
N PRO D 274 4.37 55.90 23.49
CA PRO D 274 4.05 54.48 23.42
C PRO D 274 4.02 53.90 22.02
N LYS D 275 3.86 54.75 21.01
CA LYS D 275 3.69 54.29 19.65
C LYS D 275 4.50 55.18 18.71
N SER D 276 4.61 54.78 17.46
CA SER D 276 5.38 55.55 16.51
C SER D 276 4.80 55.45 15.10
N ASP D 277 3.59 55.97 14.93
CA ASP D 277 2.97 55.99 13.61
C ASP D 277 3.80 56.77 12.60
N GLN D 278 3.84 56.25 11.38
CA GLN D 278 4.38 56.95 10.24
C GLN D 278 3.33 56.88 9.15
N ILE D 279 3.10 57.96 8.43
CA ILE D 279 2.01 58.02 7.46
C ILE D 279 2.48 58.64 6.16
N GLY D 280 2.21 57.96 5.05
CA GLY D 280 2.64 58.45 3.75
C GLY D 280 1.52 59.09 2.95
N LEU D 281 1.47 60.43 2.90
CA LEU D 281 0.41 61.13 2.21
C LEU D 281 0.67 61.24 0.71
N PRO D 282 -0.40 61.20 -0.09
CA PRO D 282 -0.22 61.29 -1.54
C PRO D 282 0.45 62.56 -2.03
N ASP D 283 0.21 63.69 -1.37
CA ASP D 283 0.90 64.92 -1.71
C ASP D 283 1.23 65.70 -0.45
N PHE D 284 2.36 66.41 -0.49
CA PHE D 284 2.75 67.21 0.65
C PHE D 284 3.60 68.37 0.16
N ASN D 285 3.63 69.44 0.94
CA ASN D 285 4.42 70.59 0.55
C ASN D 285 5.91 70.30 0.71
N ALA D 286 6.35 70.08 1.94
CA ALA D 286 7.71 69.65 2.22
C ALA D 286 7.84 68.16 1.93
N GLY D 287 8.98 67.60 2.28
CA GLY D 287 9.12 66.15 2.33
C GLY D 287 8.49 65.51 3.53
N ALA D 288 8.62 66.12 4.71
CA ALA D 288 8.23 65.43 5.93
C ALA D 288 8.01 66.44 7.04
N MET D 289 7.33 65.99 8.08
CA MET D 289 7.29 66.75 9.31
C MET D 289 7.19 65.79 10.47
N GLU D 290 7.80 66.17 11.59
CA GLU D 290 8.11 65.28 12.69
C GLU D 290 6.99 65.14 13.71
N ASN D 291 5.82 65.71 13.47
CA ASN D 291 4.75 65.83 14.46
C ASN D 291 4.73 64.66 15.44
N TRP D 292 4.87 64.97 16.72
CA TRP D 292 5.35 64.01 17.71
C TRP D 292 4.53 62.74 17.71
N GLY D 293 5.16 61.63 17.32
CA GLY D 293 4.48 60.35 17.28
C GLY D 293 3.44 60.18 16.21
N LEU D 294 3.42 61.03 15.19
CA LEU D 294 2.60 60.79 14.02
C LEU D 294 3.34 61.31 12.78
N VAL D 295 4.53 60.78 12.57
CA VAL D 295 5.44 61.37 11.59
C VAL D 295 4.86 61.24 10.19
N THR D 296 4.90 62.33 9.44
CA THR D 296 4.22 62.43 8.15
C THR D 296 5.24 62.57 7.02
N TYR D 297 5.04 61.85 5.92
CA TYR D 297 5.98 61.89 4.81
C TYR D 297 5.22 61.96 3.50
N ARG D 298 5.92 62.36 2.44
CA ARG D 298 5.42 62.14 1.10
C ARG D 298 5.47 60.66 0.73
N GLU D 299 4.57 60.26 -0.17
CA GLU D 299 4.64 58.94 -0.78
C GLU D 299 6.05 58.57 -1.21
N ASN D 300 6.62 59.41 -2.07
CA ASN D 300 7.91 59.11 -2.66
C ASN D 300 9.05 59.12 -1.65
N SER D 301 8.76 59.43 -0.40
CA SER D 301 9.80 59.50 0.63
C SER D 301 9.45 58.61 1.82
N LEU D 302 8.56 57.66 1.63
CA LEU D 302 8.32 56.64 2.64
C LEU D 302 8.05 55.29 2.00
N LEU D 303 7.20 55.27 0.99
CA LEU D 303 6.93 54.03 0.28
C LEU D 303 8.10 53.71 -0.64
N PHE D 304 8.35 52.42 -0.82
CA PHE D 304 9.40 51.98 -1.71
C PHE D 304 8.97 50.71 -2.43
N ASP D 305 9.22 50.67 -3.74
CA ASP D 305 8.93 49.49 -4.55
C ASP D 305 10.22 48.93 -5.10
N PRO D 306 10.64 47.74 -4.65
CA PRO D 306 11.87 47.14 -5.19
C PRO D 306 11.82 46.93 -6.69
N LEU D 307 10.65 46.95 -7.30
CA LEU D 307 10.52 46.69 -8.72
C LEU D 307 10.74 47.91 -9.59
N SER D 308 10.86 49.10 -9.01
CA SER D 308 10.87 50.31 -9.83
C SER D 308 11.76 51.42 -9.31
N SER D 309 11.88 51.56 -8.00
CA SER D 309 12.73 52.60 -7.45
C SER D 309 14.19 52.21 -7.48
N SER D 310 15.05 53.22 -7.64
CA SER D 310 16.48 53.01 -7.63
C SER D 310 17.02 52.92 -6.21
N SER D 311 18.27 52.48 -6.11
CA SER D 311 18.97 52.53 -4.82
C SER D 311 19.02 53.94 -4.26
N SER D 312 19.02 54.95 -5.12
CA SER D 312 18.92 56.32 -4.63
C SER D 312 17.63 56.53 -3.85
N ASN D 313 16.55 55.89 -4.28
CA ASN D 313 15.33 55.98 -3.50
C ASN D 313 15.50 55.32 -2.14
N LYS D 314 16.22 54.21 -2.08
CA LYS D 314 16.48 53.62 -0.78
C LYS D 314 17.19 54.59 0.14
N GLU D 315 18.26 55.20 -0.34
CA GLU D 315 19.00 56.04 0.58
C GLU D 315 18.21 57.28 0.96
N ARG D 316 17.41 57.83 0.04
CA ARG D 316 16.51 58.92 0.44
C ARG D 316 15.55 58.47 1.53
N VAL D 317 14.93 57.32 1.35
CA VAL D 317 13.95 56.85 2.32
C VAL D 317 14.57 56.69 3.69
N VAL D 318 15.64 55.91 3.78
CA VAL D 318 16.22 55.64 5.09
C VAL D 318 16.77 56.92 5.71
N THR D 319 17.34 57.81 4.91
CA THR D 319 17.85 59.05 5.46
C THR D 319 16.72 59.91 6.03
N VAL D 320 15.68 60.14 5.25
CA VAL D 320 14.58 60.98 5.71
C VAL D 320 13.96 60.39 6.97
N ILE D 321 13.77 59.08 6.98
CA ILE D 321 13.24 58.42 8.18
C ILE D 321 14.12 58.71 9.38
N ALA D 322 15.44 58.56 9.21
CA ALA D 322 16.32 58.77 10.35
C ALA D 322 16.22 60.20 10.86
N HIS D 323 16.07 61.16 9.95
CA HIS D 323 15.91 62.54 10.38
C HIS D 323 14.66 62.73 11.22
N GLU D 324 13.52 62.34 10.67
CA GLU D 324 12.28 62.63 11.38
C GLU D 324 12.17 61.84 12.65
N LEU D 325 12.78 60.68 12.72
CA LEU D 325 12.80 59.99 14.01
C LEU D 325 13.74 60.67 14.98
N ALA D 326 14.84 61.23 14.50
CA ALA D 326 15.74 61.94 15.40
C ALA D 326 15.02 63.08 16.08
N HIS D 327 14.15 63.77 15.35
CA HIS D 327 13.41 64.85 16.00
C HIS D 327 12.58 64.38 17.19
N GLN D 328 12.24 63.09 17.28
CA GLN D 328 11.35 62.64 18.34
C GLN D 328 11.95 62.74 19.73
N TRP D 329 13.26 62.86 19.86
CA TRP D 329 13.83 63.22 21.13
C TRP D 329 14.21 64.68 21.07
N PHE D 330 15.36 64.97 20.47
CA PHE D 330 15.87 66.32 20.42
C PHE D 330 14.95 67.17 19.56
N GLY D 331 14.48 68.28 20.12
CA GLY D 331 13.44 69.04 19.49
C GLY D 331 12.09 68.85 20.13
N ASN D 332 11.56 67.63 20.11
CA ASN D 332 10.23 67.41 20.69
C ASN D 332 10.29 67.17 22.18
N LEU D 333 11.33 66.53 22.69
CA LEU D 333 11.37 66.28 24.12
C LEU D 333 11.93 67.49 24.85
N VAL D 334 13.08 67.99 24.41
CA VAL D 334 13.56 69.29 24.83
C VAL D 334 13.38 70.25 23.67
N THR D 335 12.54 71.25 23.86
CA THR D 335 12.12 72.11 22.78
C THR D 335 12.89 73.42 22.81
N ILE D 336 12.93 74.09 21.67
CA ILE D 336 13.57 75.39 21.57
C ILE D 336 12.78 76.46 22.30
N GLU D 337 13.49 77.44 22.87
CA GLU D 337 12.86 78.55 23.58
C GLU D 337 12.16 79.51 22.63
N TRP D 338 12.81 79.88 21.54
CA TRP D 338 12.21 80.75 20.54
C TRP D 338 12.86 80.48 19.21
N TRP D 339 12.18 80.87 18.14
CA TRP D 339 12.59 80.45 16.80
C TRP D 339 14.00 80.88 16.44
N ASN D 340 14.56 81.87 17.13
CA ASN D 340 15.92 82.27 16.81
C ASN D 340 16.92 81.12 17.01
N ASP D 341 16.59 80.16 17.87
CA ASP D 341 17.42 78.97 18.06
C ASP D 341 17.10 77.82 17.11
N LEU D 342 16.30 78.06 16.07
CA LEU D 342 15.90 76.96 15.20
C LEU D 342 17.07 76.17 14.66
N TRP D 343 18.16 76.84 14.30
CA TRP D 343 19.29 76.14 13.71
C TRP D 343 19.80 75.04 14.61
N LEU D 344 19.63 75.17 15.93
CA LEU D 344 20.09 74.12 16.80
C LEU D 344 19.34 72.82 16.56
N ASN D 345 18.03 72.88 16.38
CA ASN D 345 17.31 71.64 16.12
C ASN D 345 17.60 71.06 14.76
N GLU D 346 17.13 71.73 13.71
CA GLU D 346 17.11 71.09 12.40
C GLU D 346 18.51 70.74 11.94
N GLY D 347 19.49 71.56 12.28
CA GLY D 347 20.84 71.22 11.88
C GLY D 347 21.36 70.02 12.63
N PHE D 348 21.07 69.94 13.93
CA PHE D 348 21.51 68.79 14.69
C PHE D 348 20.89 67.50 14.19
N ALA D 349 19.58 67.50 13.97
CA ALA D 349 18.97 66.34 13.36
C ALA D 349 19.57 66.09 11.98
N SER D 350 19.82 67.16 11.22
CA SER D 350 20.46 66.99 9.93
C SER D 350 21.81 66.32 10.05
N TYR D 351 22.43 66.41 11.22
CA TYR D 351 23.64 65.65 11.44
C TYR D 351 23.31 64.21 11.76
N VAL D 352 22.49 64.01 12.78
CA VAL D 352 22.29 62.67 13.32
C VAL D 352 21.66 61.74 12.30
N GLU D 353 20.90 62.27 11.35
CA GLU D 353 20.31 61.38 10.35
C GLU D 353 21.37 60.55 9.67
N TYR D 354 22.54 61.13 9.41
CA TYR D 354 23.57 60.33 8.75
C TYR D 354 24.13 59.29 9.68
N LEU D 355 24.23 59.58 10.97
CA LEU D 355 24.59 58.50 11.87
C LEU D 355 23.47 57.49 11.98
N GLY D 356 22.22 57.94 11.93
CA GLY D 356 21.12 57.02 12.11
C GLY D 356 21.06 55.98 11.01
N ALA D 357 21.08 56.43 9.77
CA ALA D 357 21.07 55.49 8.68
C ALA D 357 22.27 54.57 8.74
N ASP D 358 23.39 55.07 9.28
CA ASP D 358 24.55 54.21 9.41
C ASP D 358 24.24 52.96 10.19
N TYR D 359 23.45 53.08 11.24
CA TYR D 359 23.11 51.89 12.02
C TYR D 359 22.22 50.95 11.24
N ALA D 360 21.31 51.48 10.42
CA ALA D 360 20.35 50.62 9.76
C ALA D 360 20.94 49.87 8.58
N GLU D 361 21.93 50.45 7.89
CA GLU D 361 22.52 49.84 6.69
C GLU D 361 24.02 49.98 6.77
N PRO D 362 24.65 49.33 7.75
CA PRO D 362 26.05 49.65 8.08
C PRO D 362 27.03 49.38 6.98
N THR D 363 26.63 48.70 5.91
CA THR D 363 27.54 48.41 4.82
C THR D 363 27.62 49.50 3.75
N TRP D 364 26.95 50.63 3.92
CA TRP D 364 26.94 51.65 2.89
C TRP D 364 27.82 52.86 3.16
N ASN D 365 28.46 52.93 4.33
CA ASN D 365 29.38 54.02 4.64
C ASN D 365 28.73 55.39 4.46
N LEU D 366 27.42 55.47 4.69
CA LEU D 366 26.67 56.67 4.34
C LEU D 366 27.23 57.92 4.98
N LYS D 367 27.88 57.77 6.13
CA LYS D 367 28.42 58.91 6.84
C LYS D 367 29.32 59.78 5.97
N ASP D 368 29.90 59.22 4.91
CA ASP D 368 30.77 60.01 4.06
C ASP D 368 30.01 61.05 3.25
N LEU D 369 28.79 60.75 2.84
CA LEU D 369 28.15 61.67 1.90
C LEU D 369 27.75 62.98 2.54
N MET D 370 27.74 63.05 3.87
CA MET D 370 27.59 64.33 4.55
C MET D 370 28.53 65.36 3.98
N VAL D 371 29.70 64.92 3.54
CA VAL D 371 30.66 65.86 2.99
C VAL D 371 30.14 66.47 1.71
N LEU D 372 29.67 65.64 0.78
CA LEU D 372 29.17 66.19 -0.48
C LEU D 372 27.89 66.98 -0.28
N ASN D 373 26.96 66.43 0.48
CA ASN D 373 25.60 66.92 0.43
C ASN D 373 25.34 68.09 1.37
N ASP D 374 26.14 68.29 2.40
CA ASP D 374 25.89 69.39 3.31
C ASP D 374 27.07 70.33 3.44
N VAL D 375 28.25 69.82 3.78
CA VAL D 375 29.40 70.70 3.97
C VAL D 375 29.67 71.50 2.70
N TYR D 376 29.93 70.81 1.60
CA TYR D 376 30.21 71.53 0.37
C TYR D 376 28.99 72.11 -0.30
N ARG D 377 27.79 71.64 0.03
CA ARG D 377 26.62 72.29 -0.53
C ARG D 377 26.43 73.68 0.06
N VAL D 378 26.92 73.92 1.26
CA VAL D 378 26.72 75.20 1.91
C VAL D 378 27.98 76.05 1.97
N MET D 379 29.17 75.45 1.89
CA MET D 379 30.36 76.28 1.75
C MET D 379 30.23 77.21 0.57
N ALA D 380 29.70 76.73 -0.55
CA ALA D 380 29.48 77.60 -1.70
C ALA D 380 28.45 78.69 -1.47
N VAL D 381 27.56 78.52 -0.49
CA VAL D 381 26.59 79.57 -0.20
C VAL D 381 27.14 80.58 0.79
N ASP D 382 27.80 80.10 1.84
CA ASP D 382 28.31 80.97 2.89
C ASP D 382 29.50 81.78 2.43
N ALA D 383 30.20 81.36 1.37
CA ALA D 383 31.35 82.07 0.85
C ALA D 383 30.98 83.39 0.18
N LEU D 384 29.91 84.04 0.61
CA LEU D 384 29.49 85.31 0.04
C LEU D 384 29.32 86.32 1.16
N ALA D 385 29.63 87.58 0.85
CA ALA D 385 29.41 88.65 1.82
C ALA D 385 27.94 88.84 2.14
N SER D 386 27.04 88.33 1.30
CA SER D 386 25.60 88.44 1.52
C SER D 386 25.06 87.40 2.48
N SER D 387 25.89 86.52 3.02
CA SER D 387 25.45 85.51 3.96
C SER D 387 25.06 86.14 5.29
N HIS D 388 24.66 85.29 6.24
CA HIS D 388 24.33 85.73 7.58
C HIS D 388 24.79 84.70 8.61
N PRO D 389 25.10 85.14 9.82
CA PRO D 389 25.52 84.19 10.86
C PRO D 389 24.35 83.35 11.33
N LEU D 390 24.66 82.38 12.19
CA LEU D 390 23.62 81.53 12.75
C LEU D 390 22.79 82.26 13.80
N SER D 391 23.40 82.63 14.92
CA SER D 391 22.62 83.10 16.07
C SER D 391 22.20 84.55 15.89
N THR D 392 21.08 84.73 15.26
CA THR D 392 20.47 86.06 15.22
C THR D 392 19.81 86.38 16.55
N PRO D 393 19.72 87.66 16.90
CA PRO D 393 19.05 88.04 18.15
C PRO D 393 17.58 87.65 18.15
N ALA D 394 17.12 87.16 19.29
CA ALA D 394 15.73 86.71 19.41
C ALA D 394 14.74 87.82 19.12
N SER D 395 15.11 89.07 19.38
CA SER D 395 14.22 90.19 19.09
C SER D 395 14.04 90.43 17.60
N GLU D 396 14.95 89.92 16.77
CA GLU D 396 14.82 90.13 15.33
C GLU D 396 13.70 89.33 14.70
N ILE D 397 13.27 88.24 15.34
CA ILE D 397 12.32 87.30 14.75
C ILE D 397 11.01 87.43 15.50
N ASN D 398 9.97 87.88 14.81
CA ASN D 398 8.70 88.16 15.45
C ASN D 398 7.53 87.81 14.54
N THR D 399 7.53 88.34 13.34
CA THR D 399 6.43 88.08 12.43
C THR D 399 6.54 86.69 11.82
N PRO D 400 5.42 86.12 11.36
CA PRO D 400 5.47 84.82 10.68
C PRO D 400 6.39 84.80 9.48
N ALA D 401 6.54 85.91 8.77
CA ALA D 401 7.54 85.97 7.73
C ALA D 401 8.95 85.86 8.31
N GLN D 402 9.22 86.62 9.38
CA GLN D 402 10.52 86.57 10.02
C GLN D 402 10.81 85.21 10.66
N ILE D 403 9.80 84.43 10.98
CA ILE D 403 10.05 83.06 11.41
C ILE D 403 10.31 82.16 10.22
N SER D 404 9.45 82.24 9.20
CA SER D 404 9.54 81.33 8.06
C SER D 404 10.86 81.49 7.32
N GLU D 405 11.41 82.70 7.28
CA GLU D 405 12.67 82.93 6.59
C GLU D 405 13.83 82.13 7.17
N LEU D 406 13.71 81.58 8.38
CA LEU D 406 14.82 80.86 8.99
C LEU D 406 15.08 79.49 8.37
N PHE D 407 14.10 78.92 7.68
CA PHE D 407 14.23 77.56 7.15
C PHE D 407 14.97 77.62 5.82
N ASP D 408 16.29 77.70 5.90
CA ASP D 408 17.11 77.89 4.72
C ASP D 408 18.30 76.94 4.77
N ALA D 409 19.12 76.99 3.72
CA ALA D 409 20.27 76.10 3.63
C ALA D 409 21.19 76.28 4.81
N ILE D 410 21.43 77.53 5.22
CA ILE D 410 22.35 77.77 6.32
C ILE D 410 21.91 77.05 7.57
N SER D 411 20.66 77.30 7.99
CA SER D 411 20.20 76.79 9.27
C SER D 411 20.30 75.28 9.37
N TYR D 412 20.13 74.58 8.26
CA TYR D 412 20.30 73.13 8.29
C TYR D 412 21.76 72.73 8.20
N SER D 413 22.39 73.03 7.08
CA SER D 413 23.66 72.41 6.79
C SER D 413 24.83 73.03 7.56
N LYS D 414 24.83 74.34 7.79
CA LYS D 414 25.89 74.86 8.63
C LYS D 414 25.75 74.37 10.05
N GLY D 415 24.53 74.29 10.55
CA GLY D 415 24.33 73.69 11.85
C GLY D 415 24.86 72.27 11.92
N ALA D 416 24.61 71.49 10.88
CA ALA D 416 25.15 70.14 10.82
C ALA D 416 26.67 70.16 10.85
N SER D 417 27.28 71.03 10.05
CA SER D 417 28.74 71.05 9.96
C SER D 417 29.38 71.44 11.27
N VAL D 418 28.90 72.53 11.88
CA VAL D 418 29.52 72.96 13.12
C VAL D 418 29.29 71.97 14.24
N LEU D 419 28.14 71.28 14.25
CA LEU D 419 27.93 70.29 15.30
C LEU D 419 28.78 69.06 15.07
N ARG D 420 28.99 68.66 13.83
CA ARG D 420 29.95 67.61 13.53
C ARG D 420 31.34 67.99 14.02
N MET D 421 31.76 69.23 13.76
CA MET D 421 33.07 69.67 14.23
C MET D 421 33.14 69.63 15.74
N LEU D 422 32.08 70.09 16.40
CA LEU D 422 32.01 70.01 17.85
C LEU D 422 32.17 68.59 18.34
N SER D 423 31.45 67.65 17.72
CA SER D 423 31.60 66.25 18.09
C SER D 423 32.95 65.69 17.74
N SER D 424 33.73 66.38 16.92
CA SER D 424 35.03 65.84 16.56
C SER D 424 36.18 66.39 17.37
N PHE D 425 36.14 67.64 17.82
CA PHE D 425 37.25 68.09 18.63
C PHE D 425 37.07 67.70 20.10
N LEU D 426 35.84 67.65 20.58
CA LEU D 426 35.54 66.83 21.74
C LEU D 426 35.64 65.38 21.33
N SER D 427 35.91 64.52 22.30
CA SER D 427 35.74 63.10 22.04
C SER D 427 34.27 62.81 21.84
N GLU D 428 33.97 61.96 20.86
CA GLU D 428 32.57 61.69 20.54
C GLU D 428 31.82 61.10 21.72
N ASP D 429 32.50 60.33 22.57
CA ASP D 429 31.83 59.81 23.75
C ASP D 429 31.53 60.90 24.76
N VAL D 430 32.36 61.95 24.80
CA VAL D 430 32.05 63.07 25.65
C VAL D 430 30.85 63.83 25.12
N PHE D 431 30.74 63.95 23.81
CA PHE D 431 29.56 64.56 23.24
C PHE D 431 28.32 63.77 23.59
N LYS D 432 28.39 62.44 23.47
CA LYS D 432 27.28 61.59 23.92
C LYS D 432 26.92 61.87 25.36
N GLN D 433 27.90 61.83 26.26
CA GLN D 433 27.60 62.06 27.67
C GLN D 433 26.94 63.40 27.89
N GLY D 434 27.47 64.44 27.27
CA GLY D 434 26.91 65.76 27.41
C GLY D 434 25.47 65.83 26.95
N LEU D 435 25.26 65.44 25.70
CA LEU D 435 23.92 65.42 25.13
C LEU D 435 22.95 64.67 26.02
N ALA D 436 23.33 63.47 26.47
CA ALA D 436 22.46 62.68 27.32
C ALA D 436 22.13 63.42 28.61
N SER D 437 23.13 64.07 29.21
CA SER D 437 22.87 64.80 30.44
C SER D 437 21.93 65.96 30.19
N TYR D 438 22.09 66.64 29.05
CA TYR D 438 21.21 67.73 28.67
C TYR D 438 19.77 67.25 28.56
N LEU D 439 19.53 66.21 27.77
CA LEU D 439 18.19 65.67 27.63
C LEU D 439 17.62 65.21 28.95
N HIS D 440 18.45 64.62 29.80
CA HIS D 440 17.95 64.19 31.10
C HIS D 440 17.56 65.38 31.97
N THR D 441 18.32 66.46 31.89
CA THR D 441 18.05 67.57 32.79
C THR D 441 16.87 68.41 32.33
N PHE D 442 16.82 68.78 31.07
CA PHE D 442 15.82 69.72 30.58
C PHE D 442 14.63 69.07 29.90
N ALA D 443 14.48 67.75 30.01
CA ALA D 443 13.36 67.06 29.39
C ALA D 443 12.03 67.76 29.68
N TYR D 444 11.20 67.87 28.65
CA TYR D 444 9.92 68.56 28.65
C TYR D 444 10.01 70.05 28.92
N GLN D 445 11.19 70.62 28.99
CA GLN D 445 11.30 72.06 29.21
C GLN D 445 11.67 72.74 27.90
N ASN D 446 11.93 74.03 27.97
CA ASN D 446 12.49 74.78 26.86
C ASN D 446 13.86 75.30 27.26
N THR D 447 14.77 75.38 26.30
CA THR D 447 16.13 75.78 26.58
C THR D 447 16.67 76.65 25.47
N ILE D 448 17.71 77.39 25.77
CA ILE D 448 18.54 78.01 24.75
C ILE D 448 19.82 77.21 24.63
N TYR D 449 20.48 77.38 23.47
CA TYR D 449 21.75 76.71 23.19
C TYR D 449 22.78 76.87 24.29
N LEU D 450 22.79 78.00 24.98
CA LEU D 450 23.77 78.17 26.05
C LEU D 450 23.63 77.12 27.13
N ASN D 451 22.43 76.59 27.35
CA ASN D 451 22.28 75.51 28.32
C ASN D 451 22.97 74.24 27.84
N LEU D 452 22.90 74.00 26.53
CA LEU D 452 23.62 72.87 25.97
C LEU D 452 25.11 73.04 26.17
N TRP D 453 25.63 74.22 25.87
CA TRP D 453 27.07 74.38 26.04
C TRP D 453 27.50 74.45 27.49
N ASP D 454 26.60 74.77 28.41
CA ASP D 454 26.87 74.52 29.81
C ASP D 454 27.07 73.04 30.08
N HIS D 455 26.14 72.20 29.61
CA HIS D 455 26.26 70.78 29.91
C HIS D 455 27.50 70.16 29.26
N LEU D 456 27.81 70.57 28.04
CA LEU D 456 29.04 70.09 27.43
C LEU D 456 30.26 70.54 28.19
N GLN D 457 30.30 71.79 28.65
CA GLN D 457 31.44 72.24 29.43
C GLN D 457 31.62 71.38 30.66
N GLU D 458 30.51 71.05 31.32
CA GLU D 458 30.61 70.26 32.54
C GLU D 458 31.11 68.85 32.25
N ALA D 459 30.57 68.20 31.22
CA ALA D 459 31.03 66.85 30.90
C ALA D 459 32.49 66.83 30.49
N VAL D 460 32.91 67.83 29.72
CA VAL D 460 34.31 67.95 29.36
C VAL D 460 35.18 68.07 30.61
N ASN D 461 34.76 68.89 31.57
CA ASN D 461 35.55 69.01 32.79
C ASN D 461 35.62 67.69 33.54
N ASN D 462 34.49 67.00 33.69
CA ASN D 462 34.51 65.73 34.40
C ASN D 462 35.44 64.74 33.71
N ARG D 463 35.45 64.75 32.39
CA ARG D 463 36.43 63.97 31.65
C ARG D 463 37.79 64.65 31.64
N SER D 464 37.85 65.93 31.99
CA SER D 464 39.05 66.75 31.86
C SER D 464 39.68 66.63 30.47
N ILE D 465 38.85 66.72 29.44
CA ILE D 465 39.36 66.92 28.10
C ILE D 465 40.06 68.26 28.04
N GLN D 466 41.27 68.27 27.50
CA GLN D 466 42.00 69.53 27.33
C GLN D 466 41.43 70.31 26.15
N LEU D 467 41.27 71.60 26.34
CA LEU D 467 40.87 72.55 25.32
C LEU D 467 41.60 73.85 25.57
N PRO D 468 41.84 74.65 24.52
CA PRO D 468 42.52 75.92 24.76
C PRO D 468 41.68 76.89 25.57
N THR D 469 40.36 76.78 25.56
CA THR D 469 39.47 77.71 26.26
C THR D 469 38.22 76.93 26.68
N THR D 470 37.22 77.66 27.17
CA THR D 470 35.92 77.05 27.42
C THR D 470 35.23 76.69 26.11
N VAL D 471 34.36 75.70 26.16
CA VAL D 471 33.60 75.34 24.96
C VAL D 471 32.68 76.47 24.55
N ARG D 472 32.14 77.19 25.53
CA ARG D 472 31.27 78.32 25.22
C ARG D 472 31.99 79.30 24.32
N ASP D 473 33.26 79.56 24.62
CA ASP D 473 34.05 80.49 23.84
C ASP D 473 34.16 80.03 22.39
N ILE D 474 34.62 78.80 22.17
CA ILE D 474 34.85 78.35 20.80
C ILE D 474 33.56 78.35 20.01
N MET D 475 32.50 77.79 20.60
CA MET D 475 31.28 77.66 19.84
C MET D 475 30.59 79.01 19.64
N ASN D 476 30.87 80.00 20.49
CA ASN D 476 30.42 81.33 20.11
C ASN D 476 31.31 81.95 19.04
N ARG D 477 32.57 81.53 18.93
CA ARG D 477 33.36 81.98 17.79
C ARG D 477 32.76 81.49 16.49
N TRP D 478 32.19 80.29 16.50
CA TRP D 478 31.59 79.79 15.26
C TRP D 478 30.12 80.15 15.09
N THR D 479 29.38 80.32 16.18
CA THR D 479 27.94 80.41 16.11
C THR D 479 27.45 81.74 15.58
N LEU D 480 28.11 82.84 15.95
CA LEU D 480 27.51 84.16 15.76
C LEU D 480 28.34 85.09 14.88
N GLN D 481 29.15 84.53 14.00
CA GLN D 481 29.72 85.34 12.92
C GLN D 481 29.71 84.53 11.63
N MET D 482 29.45 85.19 10.51
CA MET D 482 29.31 84.49 9.25
C MET D 482 30.66 84.14 8.66
N GLY D 483 30.64 83.32 7.62
CA GLY D 483 31.84 82.93 6.91
C GLY D 483 32.64 81.86 7.61
N PHE D 484 33.79 81.54 7.03
CA PHE D 484 34.68 80.53 7.57
C PHE D 484 36.08 80.78 7.04
N PRO D 485 37.11 80.30 7.73
CA PRO D 485 38.46 80.56 7.27
C PRO D 485 38.92 79.64 6.16
N VAL D 486 39.85 80.15 5.38
CA VAL D 486 40.80 79.34 4.66
C VAL D 486 42.11 79.39 5.43
N ILE D 487 42.58 78.22 5.86
CA ILE D 487 43.87 78.07 6.50
C ILE D 487 44.93 77.99 5.43
N THR D 488 46.07 78.62 5.68
CA THR D 488 47.18 78.66 4.74
C THR D 488 48.42 78.17 5.45
N VAL D 489 49.03 77.12 4.93
CA VAL D 489 50.22 76.52 5.53
C VAL D 489 51.44 76.85 4.68
N ASP D 490 52.50 77.31 5.33
CA ASP D 490 53.83 77.36 4.71
C ASP D 490 54.69 76.25 5.33
N THR D 491 54.66 75.09 4.68
CA THR D 491 55.38 73.90 5.09
C THR D 491 56.89 74.09 5.11
N SER D 492 57.40 75.17 4.51
CA SER D 492 58.84 75.42 4.53
C SER D 492 59.31 75.66 5.95
N THR D 493 58.41 76.10 6.79
CA THR D 493 58.68 76.47 8.17
C THR D 493 57.58 75.96 9.08
N GLY D 494 56.46 75.52 8.52
CA GLY D 494 55.30 75.23 9.31
C GLY D 494 54.67 76.46 9.87
N THR D 495 54.88 77.61 9.25
CA THR D 495 54.05 78.75 9.63
C THR D 495 52.63 78.55 9.14
N LEU D 496 51.68 79.12 9.89
CA LEU D 496 50.27 78.85 9.73
C LEU D 496 49.54 80.17 9.82
N SER D 497 48.53 80.35 8.98
CA SER D 497 47.70 81.54 9.10
C SER D 497 46.30 81.22 8.62
N GLN D 498 45.35 82.05 9.03
CA GLN D 498 43.96 81.90 8.65
C GLN D 498 43.47 83.21 8.06
N GLU D 499 42.57 83.14 7.09
CA GLU D 499 41.87 84.36 6.70
C GLU D 499 40.49 84.06 6.17
N HIS D 500 39.62 85.05 6.23
CA HIS D 500 38.22 84.86 5.86
C HIS D 500 38.11 84.64 4.36
N PHE D 501 37.57 83.49 3.97
CA PHE D 501 37.48 83.11 2.57
C PHE D 501 36.26 83.74 1.93
N LEU D 502 36.48 84.75 1.09
CA LEU D 502 35.41 85.40 0.34
C LEU D 502 35.53 85.03 -1.12
N LEU D 503 34.47 84.45 -1.67
CA LEU D 503 34.58 83.84 -3.00
C LEU D 503 34.84 84.89 -4.07
N ASP D 504 34.21 86.05 -3.97
CA ASP D 504 34.64 87.21 -4.75
C ASP D 504 35.68 87.95 -3.93
N PRO D 505 36.97 87.89 -4.29
CA PRO D 505 38.01 88.44 -3.41
C PRO D 505 37.93 89.94 -3.23
N ASP D 506 37.12 90.63 -4.02
CA ASP D 506 36.97 92.08 -3.92
C ASP D 506 35.61 92.50 -3.41
N SER D 507 34.74 91.57 -3.07
CA SER D 507 33.46 91.94 -2.51
C SER D 507 33.62 92.70 -1.21
N ASN D 508 32.82 93.75 -1.05
CA ASN D 508 32.85 94.57 0.15
C ASN D 508 32.12 93.85 1.28
N VAL D 509 32.77 93.71 2.43
CA VAL D 509 32.17 93.08 3.59
C VAL D 509 31.33 94.12 4.33
N THR D 510 30.01 93.99 4.25
CA THR D 510 29.15 94.94 4.93
C THR D 510 29.02 94.61 6.41
N ARG D 511 28.66 93.37 6.74
CA ARG D 511 28.43 93.00 8.12
C ARG D 511 29.75 92.97 8.90
N PRO D 512 29.82 93.63 10.05
CA PRO D 512 31.02 93.57 10.87
C PRO D 512 31.16 92.22 11.56
N SER D 513 32.36 91.97 12.07
CA SER D 513 32.60 90.87 12.99
C SER D 513 33.15 91.39 14.30
N GLU D 514 32.52 91.02 15.40
CA GLU D 514 33.04 91.36 16.70
C GLU D 514 34.34 90.64 17.01
N PHE D 515 34.68 89.62 16.25
CA PHE D 515 35.99 89.00 16.34
C PHE D 515 36.85 89.36 15.15
N ASN D 516 36.38 90.27 14.30
CA ASN D 516 37.06 90.64 13.06
C ASN D 516 37.38 89.40 12.22
N TYR D 517 36.46 88.44 12.24
CA TYR D 517 36.59 87.21 11.48
C TYR D 517 37.86 86.45 11.81
N VAL D 518 38.15 86.34 13.10
CA VAL D 518 39.20 85.48 13.61
C VAL D 518 38.54 84.30 14.31
N TRP D 519 38.83 83.09 13.85
CA TRP D 519 38.29 81.89 14.47
C TRP D 519 39.35 81.17 15.27
N ILE D 520 38.88 80.26 16.11
CA ILE D 520 39.71 79.21 16.72
C ILE D 520 39.41 77.92 15.99
N VAL D 521 40.45 77.24 15.52
CA VAL D 521 40.30 76.13 14.58
C VAL D 521 41.03 74.89 15.06
N PRO D 522 40.34 73.76 15.26
CA PRO D 522 41.04 72.51 15.51
C PRO D 522 41.55 71.93 14.20
N ILE D 523 42.80 71.48 14.20
CA ILE D 523 43.49 71.03 13.00
C ILE D 523 44.04 69.66 13.29
N THR D 524 43.31 68.62 12.89
CA THR D 524 43.90 67.30 12.73
C THR D 524 44.74 67.28 11.46
N SER D 525 45.73 66.41 11.42
CA SER D 525 46.54 66.35 10.21
C SER D 525 47.20 64.99 10.09
N ILE D 526 47.62 64.66 8.87
CA ILE D 526 48.37 63.44 8.65
C ILE D 526 49.63 63.80 7.89
N ARG D 527 50.65 62.96 8.04
CA ARG D 527 51.94 63.12 7.38
C ARG D 527 52.31 61.79 6.77
N ASP D 528 52.59 61.79 5.46
CA ASP D 528 52.98 60.59 4.72
C ASP D 528 52.16 59.35 5.08
N GLY D 529 50.85 59.52 5.22
CA GLY D 529 49.94 58.43 5.55
C GLY D 529 49.81 58.06 7.01
N ARG D 530 50.53 58.71 7.91
CA ARG D 530 50.43 58.47 9.34
C ARG D 530 49.76 59.65 10.01
N GLN D 531 48.82 59.40 10.90
CA GLN D 531 48.12 60.50 11.54
C GLN D 531 49.03 61.18 12.56
N GLN D 532 49.07 62.50 12.51
CA GLN D 532 49.79 63.30 13.50
C GLN D 532 48.84 63.74 14.61
N GLN D 533 49.41 64.27 15.67
CA GLN D 533 48.62 64.72 16.80
C GLN D 533 47.86 65.99 16.48
N ASP D 534 46.68 66.11 17.09
CA ASP D 534 45.87 67.32 17.03
C ASP D 534 46.65 68.58 17.37
N TYR D 535 46.36 69.65 16.64
CA TYR D 535 46.88 70.96 16.97
C TYR D 535 45.72 71.95 16.95
N TRP D 536 45.80 72.97 17.82
CA TRP D 536 44.82 74.04 17.84
C TRP D 536 45.42 75.31 17.27
N LEU D 537 44.62 76.07 16.52
CA LEU D 537 44.95 77.44 16.17
C LEU D 537 44.03 78.39 16.93
N ILE D 538 44.61 79.43 17.51
CA ILE D 538 43.86 80.35 18.35
C ILE D 538 44.16 81.79 17.97
N ASP D 539 44.69 82.01 16.77
CA ASP D 539 45.17 83.33 16.40
C ASP D 539 45.14 83.47 14.88
N VAL D 540 45.43 84.67 14.41
CA VAL D 540 45.62 84.86 12.98
C VAL D 540 46.86 84.13 12.50
N ARG D 541 47.87 83.97 13.34
CA ARG D 541 49.08 83.28 12.92
C ARG D 541 49.61 82.40 14.03
N ALA D 542 50.21 81.29 13.64
CA ALA D 542 51.02 80.54 14.59
C ALA D 542 52.02 79.67 13.84
N GLN D 543 53.05 79.27 14.54
CA GLN D 543 54.06 78.39 13.99
C GLN D 543 54.15 77.14 14.83
N ASN D 544 54.31 76.00 14.17
CA ASN D 544 54.54 74.74 14.87
C ASN D 544 55.36 73.81 14.00
N ASP D 545 56.46 73.33 14.54
CA ASP D 545 57.34 72.40 13.83
C ASP D 545 56.62 71.14 13.38
N LEU D 546 55.52 70.79 14.03
CA LEU D 546 54.68 69.69 13.56
C LEU D 546 54.27 69.83 12.10
N PHE D 547 54.31 71.04 11.55
CA PHE D 547 54.00 71.23 10.14
C PHE D 547 55.21 71.46 9.25
N SER D 548 56.40 71.57 9.81
CA SER D 548 57.58 71.71 8.96
C SER D 548 57.88 70.39 8.28
N THR D 549 58.47 70.48 7.09
CA THR D 549 58.69 69.31 6.25
C THR D 549 60.03 69.43 5.55
N SER D 550 60.55 68.27 5.14
CA SER D 550 61.85 68.17 4.52
C SER D 550 61.83 67.06 3.48
N GLY D 551 62.70 67.18 2.50
CA GLY D 551 62.82 66.16 1.47
C GLY D 551 61.49 65.83 0.85
N ASN D 552 61.16 64.53 0.83
CA ASN D 552 59.91 64.04 0.28
C ASN D 552 58.75 64.06 1.27
N GLU D 553 58.95 64.60 2.46
CA GLU D 553 57.84 64.68 3.41
C GLU D 553 56.75 65.59 2.87
N TRP D 554 55.50 65.22 3.17
CA TRP D 554 54.37 66.08 2.88
C TRP D 554 53.39 66.00 4.02
N VAL D 555 52.45 66.95 4.05
CA VAL D 555 51.42 66.99 5.08
C VAL D 555 50.09 67.14 4.39
N LEU D 556 49.03 66.63 5.01
CA LEU D 556 47.67 66.97 4.62
C LEU D 556 46.88 67.34 5.86
N LEU D 557 46.06 68.38 5.76
CA LEU D 557 45.29 68.89 6.88
C LEU D 557 43.82 68.52 6.77
N ASN D 558 43.10 68.69 7.88
CA ASN D 558 41.67 68.48 7.95
C ASN D 558 41.30 67.05 7.57
N LEU D 559 41.90 66.11 8.28
CA LEU D 559 41.62 64.71 8.04
C LEU D 559 40.13 64.40 8.15
N ASN D 560 39.63 63.58 7.22
CA ASN D 560 38.20 63.30 7.05
C ASN D 560 37.33 64.54 6.97
N VAL D 561 37.93 65.69 6.68
CA VAL D 561 37.25 66.98 6.62
C VAL D 561 36.23 67.14 7.73
N THR D 562 36.61 66.77 8.94
CA THR D 562 35.74 67.04 10.07
C THR D 562 35.67 68.53 10.35
N GLY D 563 36.73 69.26 10.02
CA GLY D 563 36.77 70.68 10.25
C GLY D 563 36.14 71.46 9.10
N TYR D 564 35.38 72.47 9.46
CA TYR D 564 34.67 73.35 8.52
C TYR D 564 35.52 74.56 8.13
N TYR D 565 36.52 74.32 7.27
CA TYR D 565 37.37 75.39 6.77
C TYR D 565 38.10 74.87 5.55
N ARG D 566 38.53 75.78 4.69
CA ARG D 566 39.31 75.32 3.54
C ARG D 566 40.79 75.34 3.88
N VAL D 567 41.57 74.61 3.09
CA VAL D 567 43.01 74.53 3.31
C VAL D 567 43.77 74.90 2.04
N ASN D 568 44.89 75.58 2.22
CA ASN D 568 45.83 75.88 1.16
C ASN D 568 47.25 75.54 1.59
N TYR D 569 48.06 75.09 0.62
CA TYR D 569 49.46 74.77 0.86
C TYR D 569 50.33 75.52 -0.14
N ASP D 570 51.59 75.67 0.21
CA ASP D 570 52.56 76.19 -0.74
C ASP D 570 52.58 75.30 -1.97
N GLU D 571 53.02 75.88 -3.08
CA GLU D 571 53.07 75.15 -4.34
C GLU D 571 53.81 73.83 -4.19
N GLU D 572 55.00 73.87 -3.59
CA GLU D 572 55.80 72.66 -3.47
C GLU D 572 55.05 71.56 -2.74
N ASN D 573 54.33 71.90 -1.69
CA ASN D 573 53.55 70.88 -1.01
C ASN D 573 52.43 70.35 -1.89
N TRP D 574 51.83 71.17 -2.75
CA TRP D 574 50.87 70.64 -3.69
C TRP D 574 51.52 69.65 -4.65
N ARG D 575 52.72 69.95 -5.12
CA ARG D 575 53.42 69.00 -5.97
C ARG D 575 53.72 67.69 -5.23
N LYS D 576 54.12 67.79 -3.96
CA LYS D 576 54.39 66.58 -3.19
C LYS D 576 53.14 65.74 -3.04
N ILE D 577 52.02 66.37 -2.69
CA ILE D 577 50.79 65.61 -2.51
C ILE D 577 50.39 64.95 -3.82
N GLN D 578 50.44 65.70 -4.92
CA GLN D 578 50.10 65.09 -6.20
C GLN D 578 50.99 63.90 -6.50
N THR D 579 52.29 64.01 -6.23
CA THR D 579 53.18 62.89 -6.49
C THR D 579 52.80 61.67 -5.67
N GLN D 580 52.51 61.88 -4.38
CA GLN D 580 52.07 60.77 -3.55
C GLN D 580 50.78 60.17 -4.09
N LEU D 581 49.84 61.02 -4.47
CA LEU D 581 48.52 60.54 -4.84
C LEU D 581 48.57 59.74 -6.12
N GLN D 582 49.39 60.16 -7.08
CA GLN D 582 49.55 59.37 -8.29
C GLN D 582 50.37 58.11 -8.03
N ARG D 583 51.25 58.13 -7.03
CA ARG D 583 52.05 56.95 -6.72
C ARG D 583 51.19 55.87 -6.08
N ASP D 584 50.47 56.21 -5.01
CA ASP D 584 49.55 55.30 -4.38
C ASP D 584 48.49 56.14 -3.68
N HIS D 585 47.35 56.30 -4.34
CA HIS D 585 46.27 57.12 -3.80
C HIS D 585 45.58 56.45 -2.62
N SER D 586 45.72 55.14 -2.47
CA SER D 586 45.08 54.48 -1.34
C SER D 586 45.69 54.90 -0.01
N ALA D 587 46.85 55.56 -0.03
CA ALA D 587 47.44 56.06 1.20
C ALA D 587 46.69 57.25 1.79
N ILE D 588 45.89 57.94 1.00
CA ILE D 588 45.17 59.13 1.45
C ILE D 588 43.69 58.79 1.60
N PRO D 589 43.08 59.10 2.73
CA PRO D 589 41.71 58.67 3.00
C PRO D 589 40.75 59.09 1.89
N VAL D 590 39.77 58.23 1.63
CA VAL D 590 38.88 58.42 0.50
C VAL D 590 38.28 59.82 0.47
N ILE D 591 37.72 60.26 1.60
CA ILE D 591 37.10 61.58 1.64
C ILE D 591 38.10 62.65 1.26
N ASN D 592 39.30 62.59 1.81
CA ASN D 592 40.25 63.65 1.55
C ASN D 592 40.65 63.73 0.08
N ARG D 593 40.48 62.67 -0.69
CA ARG D 593 40.73 62.80 -2.11
C ARG D 593 39.65 63.62 -2.81
N ALA D 594 38.41 63.62 -2.32
CA ALA D 594 37.44 64.57 -2.82
C ALA D 594 37.75 65.97 -2.33
N GLN D 595 38.09 66.07 -1.05
CA GLN D 595 38.39 67.36 -0.46
C GLN D 595 39.48 68.08 -1.22
N ILE D 596 40.58 67.38 -1.52
CA ILE D 596 41.70 68.01 -2.18
C ILE D 596 41.42 68.41 -3.62
N ILE D 597 40.39 67.85 -4.25
CA ILE D 597 39.93 68.40 -5.52
C ILE D 597 39.14 69.67 -5.30
N ASN D 598 38.08 69.57 -4.50
CA ASN D 598 37.12 70.65 -4.41
C ASN D 598 37.75 71.90 -3.83
N ASP D 599 38.71 71.74 -2.92
CA ASP D 599 39.48 72.87 -2.46
C ASP D 599 40.20 73.55 -3.60
N ALA D 600 40.86 72.76 -4.45
CA ALA D 600 41.64 73.37 -5.51
C ALA D 600 40.75 74.18 -6.43
N PHE D 601 39.60 73.65 -6.79
CA PHE D 601 38.71 74.39 -7.67
C PHE D 601 38.18 75.66 -7.01
N ASN D 602 37.68 75.56 -5.79
CA ASN D 602 37.11 76.76 -5.19
C ASN D 602 38.17 77.81 -4.91
N LEU D 603 39.35 77.42 -4.45
CA LEU D 603 40.44 78.38 -4.33
C LEU D 603 40.76 79.01 -5.67
N ALA D 604 40.71 78.21 -6.74
CA ALA D 604 41.02 78.76 -8.06
C ALA D 604 40.05 79.85 -8.44
N SER D 605 38.77 79.64 -8.16
CA SER D 605 37.80 80.69 -8.48
C SER D 605 38.09 81.98 -7.74
N ALA D 606 38.72 81.89 -6.57
CA ALA D 606 39.08 83.07 -5.78
C ALA D 606 40.41 83.69 -6.19
N HIS D 607 41.03 83.22 -7.26
CA HIS D 607 42.35 83.69 -7.68
C HIS D 607 43.39 83.51 -6.59
N LYS D 608 43.15 82.57 -5.69
CA LYS D 608 44.14 82.23 -4.68
C LYS D 608 45.09 81.15 -5.17
N VAL D 609 44.86 80.62 -6.37
CA VAL D 609 45.72 79.58 -6.94
C VAL D 609 45.51 79.53 -8.45
N PRO D 610 46.50 79.07 -9.24
CA PRO D 610 46.25 78.87 -10.66
C PRO D 610 45.26 77.74 -10.92
N VAL D 611 44.36 77.96 -11.88
CA VAL D 611 43.42 76.93 -12.28
C VAL D 611 44.13 75.70 -12.82
N THR D 612 45.33 75.89 -13.37
CA THR D 612 46.12 74.74 -13.78
C THR D 612 46.31 73.77 -12.64
N LEU D 613 46.40 74.28 -11.41
CA LEU D 613 46.55 73.39 -10.27
C LEU D 613 45.30 72.56 -10.05
N ALA D 614 44.13 73.21 -10.08
CA ALA D 614 42.89 72.47 -9.92
C ALA D 614 42.76 71.39 -10.97
N LEU D 615 43.09 71.71 -12.22
CA LEU D 615 43.06 70.69 -13.25
C LEU D 615 44.07 69.59 -12.98
N ASN D 616 45.27 69.96 -12.51
CA ASN D 616 46.25 68.97 -12.13
C ASN D 616 45.69 67.97 -11.14
N ASN D 617 44.95 68.46 -10.15
CA ASN D 617 44.42 67.59 -9.12
C ASN D 617 43.45 66.55 -9.64
N THR D 618 42.90 66.73 -10.83
CA THR D 618 42.06 65.70 -11.42
C THR D 618 42.87 64.56 -12.01
N LEU D 619 44.16 64.77 -12.26
CA LEU D 619 44.91 63.83 -13.08
C LEU D 619 44.85 62.42 -12.52
N PHE D 620 44.96 62.27 -11.21
CA PHE D 620 45.04 60.94 -10.64
C PHE D 620 43.78 60.13 -10.87
N LEU D 621 42.65 60.77 -11.19
CA LEU D 621 41.39 60.05 -11.29
C LEU D 621 41.42 58.93 -12.30
N ILE D 622 42.40 58.92 -13.19
CA ILE D 622 42.53 57.89 -14.21
C ILE D 622 42.51 56.50 -13.61
N GLU D 623 42.85 56.38 -12.33
CA GLU D 623 42.84 55.09 -11.65
C GLU D 623 42.09 55.11 -10.33
N GLU D 624 41.30 56.15 -10.07
CA GLU D 624 40.40 56.15 -8.93
C GLU D 624 39.14 55.34 -9.23
N ARG D 625 38.68 54.61 -8.22
CA ARG D 625 37.44 53.86 -8.32
C ARG D 625 36.33 54.38 -7.42
N GLN D 626 36.66 55.12 -6.38
CA GLN D 626 35.68 55.48 -5.37
C GLN D 626 34.69 56.51 -5.87
N TYR D 627 33.48 56.45 -5.34
CA TYR D 627 32.42 57.36 -5.76
C TYR D 627 32.76 58.81 -5.45
N MET D 628 33.21 59.08 -4.23
CA MET D 628 33.37 60.45 -3.75
C MET D 628 34.20 61.32 -4.68
N PRO D 629 35.42 60.95 -5.06
CA PRO D 629 36.23 61.89 -5.84
C PRO D 629 35.74 62.05 -7.26
N TRP D 630 35.19 61.00 -7.87
CA TRP D 630 34.56 61.19 -9.16
C TRP D 630 33.43 62.19 -9.06
N GLU D 631 32.61 62.08 -8.02
CA GLU D 631 31.52 63.02 -7.88
C GLU D 631 32.01 64.44 -7.72
N ALA D 632 33.02 64.64 -6.87
CA ALA D 632 33.50 66.01 -6.66
C ALA D 632 34.09 66.58 -7.94
N ALA D 633 34.81 65.77 -8.69
CA ALA D 633 35.39 66.25 -9.94
C ALA D 633 34.30 66.67 -10.90
N LEU D 634 33.35 65.78 -11.16
CA LEU D 634 32.27 66.12 -12.08
C LEU D 634 31.52 67.37 -11.61
N SER D 635 31.22 67.47 -10.32
CA SER D 635 30.46 68.61 -9.83
C SER D 635 31.20 69.92 -10.06
N SER D 636 32.52 69.93 -9.94
CA SER D 636 33.23 71.16 -10.27
C SER D 636 33.26 71.40 -11.78
N LEU D 637 33.65 70.38 -12.54
CA LEU D 637 33.79 70.55 -13.99
C LEU D 637 32.47 70.87 -14.68
N SER D 638 31.35 70.65 -14.01
CA SER D 638 30.09 71.12 -14.57
C SER D 638 30.16 72.59 -14.93
N TYR D 639 30.83 73.39 -14.10
CA TYR D 639 30.98 74.80 -14.42
C TYR D 639 31.71 75.00 -15.74
N PHE D 640 32.78 74.25 -15.95
CA PHE D 640 33.53 74.40 -17.19
C PHE D 640 32.68 74.00 -18.38
N LYS D 641 32.01 72.85 -18.28
CA LYS D 641 31.14 72.44 -19.38
C LYS D 641 30.11 73.51 -19.67
N LEU D 642 29.37 73.93 -18.65
CA LEU D 642 28.29 74.90 -18.85
C LEU D 642 28.81 76.21 -19.42
N MET D 643 30.05 76.57 -19.12
CA MET D 643 30.57 77.81 -19.67
C MET D 643 31.07 77.65 -21.09
N PHE D 644 31.75 76.56 -21.40
CA PHE D 644 32.43 76.39 -22.68
C PHE D 644 31.69 75.52 -23.68
N ASP D 645 30.54 74.93 -23.32
CA ASP D 645 29.94 73.94 -24.21
C ASP D 645 29.57 74.48 -25.58
N ARG D 646 29.56 75.79 -25.78
CA ARG D 646 29.43 76.35 -27.12
C ARG D 646 30.74 76.84 -27.70
N SER D 647 31.81 76.87 -26.90
CA SER D 647 33.08 77.39 -27.37
C SER D 647 33.89 76.29 -28.04
N GLU D 648 34.96 76.70 -28.70
CA GLU D 648 35.90 75.72 -29.23
C GLU D 648 36.55 74.88 -28.14
N VAL D 649 36.67 75.42 -26.92
CA VAL D 649 37.39 74.71 -25.88
C VAL D 649 36.67 73.42 -25.53
N TYR D 650 35.36 73.36 -25.75
CA TYR D 650 34.62 72.17 -25.43
C TYR D 650 35.12 70.97 -26.22
N GLY D 651 35.74 71.22 -27.36
CA GLY D 651 36.28 70.18 -28.18
C GLY D 651 37.30 69.30 -27.49
N PRO D 652 38.44 69.87 -27.11
CA PRO D 652 39.44 69.07 -26.40
C PRO D 652 38.95 68.52 -25.09
N MET D 653 38.11 69.28 -24.38
CA MET D 653 37.72 68.88 -23.05
C MET D 653 37.05 67.52 -23.06
N LYS D 654 36.14 67.31 -24.02
CA LYS D 654 35.46 66.03 -24.09
C LYS D 654 36.45 64.90 -24.23
N ASN D 655 37.43 65.05 -25.11
CA ASN D 655 38.37 63.95 -25.31
C ASN D 655 39.09 63.65 -24.00
N TYR D 656 39.44 64.69 -23.27
CA TYR D 656 40.10 64.48 -22.00
C TYR D 656 39.27 63.60 -21.08
N LEU D 657 38.01 63.95 -20.89
CA LEU D 657 37.20 63.17 -19.97
C LEU D 657 37.15 61.72 -20.40
N LYS D 658 37.13 61.47 -21.71
CA LYS D 658 37.10 60.09 -22.17
C LYS D 658 38.33 59.36 -21.67
N LYS D 659 39.50 59.94 -21.91
CA LYS D 659 40.74 59.34 -21.43
C LYS D 659 40.63 59.04 -19.94
N GLN D 660 40.09 59.98 -19.18
CA GLN D 660 40.03 59.78 -17.75
C GLN D 660 39.09 58.65 -17.40
N VAL D 661 37.91 58.61 -18.02
CA VAL D 661 36.89 57.67 -17.59
C VAL D 661 36.94 56.34 -18.33
N THR D 662 37.68 56.26 -19.42
CA THR D 662 37.66 55.03 -20.22
C THR D 662 38.04 53.79 -19.42
N PRO D 663 39.14 53.77 -18.67
CA PRO D 663 39.44 52.53 -17.94
C PRO D 663 38.37 52.16 -16.93
N LEU D 664 37.81 53.15 -16.25
CA LEU D 664 36.81 52.87 -15.23
C LEU D 664 35.62 52.13 -15.80
N PHE D 665 35.13 52.57 -16.95
CA PHE D 665 34.01 51.90 -17.58
C PHE D 665 34.34 50.45 -17.83
N ILE D 666 35.53 50.20 -18.38
CA ILE D 666 35.93 48.83 -18.69
C ILE D 666 35.89 47.98 -17.44
N HIS D 667 36.36 48.54 -16.32
CA HIS D 667 36.35 47.78 -15.08
C HIS D 667 34.97 47.25 -14.79
N PHE D 668 33.98 48.13 -14.81
CA PHE D 668 32.64 47.69 -14.46
C PHE D 668 32.11 46.72 -15.49
N ARG D 669 32.49 46.90 -16.76
CA ARG D 669 32.05 45.97 -17.78
C ARG D 669 32.48 44.55 -17.41
N ASN D 670 33.71 44.39 -16.93
CA ASN D 670 34.09 43.12 -16.36
C ASN D 670 33.28 42.83 -15.09
N ASN D 671 33.34 43.75 -14.13
CA ASN D 671 32.83 43.49 -12.79
C ASN D 671 31.32 43.55 -12.69
N THR D 672 30.61 43.61 -13.82
CA THR D 672 29.17 43.42 -13.81
C THR D 672 28.72 42.37 -14.81
N ASN D 673 29.66 41.61 -15.36
CA ASN D 673 29.36 40.54 -16.31
C ASN D 673 28.44 41.05 -17.42
N ASN D 674 28.93 42.08 -18.10
CA ASN D 674 28.20 42.74 -19.18
C ASN D 674 26.83 43.23 -18.71
N TRP D 675 26.84 43.90 -17.55
CA TRP D 675 25.70 44.64 -17.01
C TRP D 675 24.57 43.72 -16.57
N ARG D 676 24.86 42.47 -16.29
CA ARG D 676 23.81 41.53 -15.94
C ARG D 676 23.41 41.59 -14.47
N GLU D 677 24.24 42.16 -13.60
CA GLU D 677 23.82 42.41 -12.24
C GLU D 677 24.50 43.67 -11.72
N ILE D 678 23.81 44.35 -10.80
CA ILE D 678 24.35 45.55 -10.16
C ILE D 678 25.38 45.18 -9.11
N PRO D 679 26.30 46.08 -8.77
CA PRO D 679 27.12 45.89 -7.57
C PRO D 679 26.26 45.80 -6.32
N GLU D 680 26.78 45.07 -5.34
CA GLU D 680 26.07 44.84 -4.09
C GLU D 680 26.17 46.02 -3.12
N ASN D 681 27.14 46.90 -3.31
CA ASN D 681 27.36 48.03 -2.42
C ASN D 681 26.82 49.29 -3.07
N LEU D 682 26.03 50.05 -2.31
CA LEU D 682 25.40 51.24 -2.86
C LEU D 682 26.41 52.22 -3.44
N MET D 683 27.54 52.41 -2.76
CA MET D 683 28.54 53.32 -3.30
C MET D 683 29.06 52.84 -4.64
N ASP D 684 29.25 51.53 -4.77
CA ASP D 684 29.67 50.99 -6.05
C ASP D 684 28.59 51.16 -7.10
N GLN D 685 27.32 51.10 -6.72
CA GLN D 685 26.26 51.35 -7.68
C GLN D 685 26.26 52.79 -8.16
N TYR D 686 26.49 53.72 -7.25
CA TYR D 686 26.60 55.11 -7.66
C TYR D 686 27.78 55.31 -8.60
N SER D 687 28.93 54.73 -8.25
CA SER D 687 30.08 54.84 -9.14
C SER D 687 29.80 54.24 -10.50
N GLU D 688 29.07 53.13 -10.55
CA GLU D 688 28.63 52.58 -11.82
C GLU D 688 27.83 53.60 -12.61
N VAL D 689 26.83 54.20 -11.98
CA VAL D 689 25.99 55.15 -12.70
C VAL D 689 26.81 56.32 -13.21
N ASN D 690 27.71 56.85 -12.37
CA ASN D 690 28.55 57.96 -12.84
C ASN D 690 29.45 57.53 -13.99
N ALA D 691 29.96 56.31 -13.95
CA ALA D 691 30.81 55.83 -15.03
C ALA D 691 30.05 55.76 -16.33
N ILE D 692 28.95 54.99 -16.34
CA ILE D 692 28.18 54.86 -17.56
C ILE D 692 27.72 56.23 -18.05
N SER D 693 27.19 57.06 -17.16
CA SER D 693 26.68 58.36 -17.56
C SER D 693 27.76 59.20 -18.22
N THR D 694 28.88 59.39 -17.53
CA THR D 694 29.92 60.26 -18.08
C THR D 694 30.47 59.69 -19.37
N ALA D 695 30.94 58.44 -19.33
CA ALA D 695 31.59 57.88 -20.51
C ALA D 695 30.65 57.86 -21.70
N CYS D 696 29.38 57.54 -21.47
CA CYS D 696 28.43 57.51 -22.56
C CYS D 696 28.17 58.90 -23.12
N SER D 697 27.80 59.85 -22.25
CA SER D 697 27.43 61.16 -22.74
C SER D 697 28.62 61.87 -23.38
N ASN D 698 29.81 61.55 -22.93
CA ASN D 698 31.00 62.10 -23.58
C ASN D 698 31.38 61.35 -24.84
N GLY D 699 30.81 60.17 -25.08
CA GLY D 699 30.95 59.51 -26.36
C GLY D 699 31.99 58.41 -26.48
N VAL D 700 32.08 57.52 -25.49
CA VAL D 700 32.81 56.27 -25.74
C VAL D 700 32.02 55.41 -26.71
N PRO D 701 32.66 54.79 -27.70
CA PRO D 701 31.91 53.97 -28.67
C PRO D 701 31.13 52.82 -28.05
N GLU D 702 31.55 52.32 -26.89
CA GLU D 702 30.84 51.19 -26.28
C GLU D 702 29.40 51.53 -25.93
N CYS D 703 29.11 52.80 -25.66
CA CYS D 703 27.77 53.09 -25.19
C CYS D 703 26.77 53.14 -26.33
N GLU D 704 27.14 53.78 -27.44
CA GLU D 704 26.27 53.84 -28.59
C GLU D 704 25.84 52.47 -29.08
N GLU D 705 26.59 51.42 -28.76
CA GLU D 705 26.08 50.07 -28.96
C GLU D 705 25.29 49.55 -27.77
N MET D 706 25.87 49.55 -26.56
CA MET D 706 25.27 48.78 -25.48
C MET D 706 23.98 49.41 -24.96
N VAL D 707 23.95 50.73 -24.82
CA VAL D 707 22.73 51.38 -24.36
C VAL D 707 21.65 51.29 -25.42
N SER D 708 22.01 51.50 -26.68
CA SER D 708 21.06 51.34 -27.76
C SER D 708 20.48 49.93 -27.77
N GLY D 709 21.34 48.93 -27.59
CA GLY D 709 20.87 47.56 -27.54
C GLY D 709 19.86 47.34 -26.44
N LEU D 710 20.18 47.79 -25.22
CA LEU D 710 19.21 47.68 -24.14
C LEU D 710 17.90 48.33 -24.51
N PHE D 711 17.95 49.53 -25.08
CA PHE D 711 16.70 50.24 -25.35
C PHE D 711 15.87 49.53 -26.42
N LYS D 712 16.51 49.05 -27.48
CA LYS D 712 15.75 48.32 -28.50
C LYS D 712 15.24 47.00 -27.96
N GLN D 713 15.98 46.37 -27.05
CA GLN D 713 15.46 45.19 -26.38
C GLN D 713 14.23 45.52 -25.55
N TRP D 714 14.20 46.69 -24.93
CA TRP D 714 12.98 47.11 -24.26
C TRP D 714 11.85 47.32 -25.24
N MET D 715 12.13 47.92 -26.40
CA MET D 715 11.10 48.10 -27.40
C MET D 715 10.53 46.77 -27.86
N GLU D 716 11.34 45.72 -27.85
CA GLU D 716 10.83 44.39 -28.13
C GLU D 716 10.00 43.80 -27.00
N ASN D 717 10.01 44.40 -25.81
CA ASN D 717 9.40 43.81 -24.63
C ASN D 717 8.65 44.87 -23.85
N PRO D 718 7.59 45.42 -24.43
CA PRO D 718 6.99 46.64 -23.86
C PRO D 718 6.56 46.49 -22.41
N ASN D 719 6.17 45.29 -21.98
CA ASN D 719 5.65 45.09 -20.64
C ASN D 719 6.69 44.48 -19.70
N ASN D 720 7.93 44.32 -20.15
CA ASN D 720 8.88 43.37 -19.56
C ASN D 720 10.26 44.00 -19.51
N ASN D 721 10.32 45.24 -19.05
CA ASN D 721 11.45 46.14 -19.27
C ASN D 721 12.76 45.51 -18.80
N PRO D 722 13.73 45.31 -19.70
CA PRO D 722 15.00 44.70 -19.31
C PRO D 722 15.86 45.61 -18.44
N ILE D 723 15.70 46.92 -18.52
CA ILE D 723 16.67 47.84 -17.94
C ILE D 723 16.48 47.91 -16.44
N HIS D 724 17.54 47.64 -15.70
CA HIS D 724 17.45 47.73 -14.25
C HIS D 724 17.10 49.15 -13.83
N PRO D 725 16.19 49.32 -12.87
CA PRO D 725 15.77 50.66 -12.47
C PRO D 725 16.90 51.61 -12.09
N ASN D 726 18.03 51.13 -11.61
CA ASN D 726 19.12 52.03 -11.29
C ASN D 726 19.67 52.72 -12.53
N LEU D 727 19.70 52.01 -13.66
CA LEU D 727 20.26 52.59 -14.87
C LEU D 727 19.25 53.41 -15.66
N ARG D 728 17.96 53.06 -15.58
CA ARG D 728 16.90 53.65 -16.38
C ARG D 728 17.13 55.08 -16.81
N SER D 729 17.36 55.99 -15.87
CA SER D 729 17.39 57.40 -16.23
C SER D 729 18.54 57.74 -17.17
N THR D 730 19.65 57.02 -17.07
CA THR D 730 20.78 57.31 -17.94
C THR D 730 20.58 56.73 -19.33
N VAL D 731 20.23 55.43 -19.38
CA VAL D 731 20.07 54.75 -20.65
C VAL D 731 18.93 55.37 -21.45
N TYR D 732 17.83 55.75 -20.79
CA TYR D 732 16.74 56.36 -21.52
C TYR D 732 17.22 57.57 -22.30
N CYS D 733 17.85 58.52 -21.59
CA CYS D 733 18.32 59.74 -22.22
C CYS D 733 19.33 59.47 -23.32
N ASN D 734 20.28 58.56 -23.07
CA ASN D 734 21.30 58.35 -24.09
C ASN D 734 20.75 57.65 -25.32
N ALA D 735 19.83 56.71 -25.14
CA ALA D 735 19.16 56.13 -26.31
C ALA D 735 18.38 57.18 -27.08
N ILE D 736 17.67 58.06 -26.38
CA ILE D 736 16.95 59.13 -27.06
C ILE D 736 17.91 60.03 -27.82
N ALA D 737 19.10 60.24 -27.27
CA ALA D 737 20.08 61.06 -27.98
C ALA D 737 20.44 60.44 -29.32
N GLN D 738 20.41 59.12 -29.41
CA GLN D 738 20.55 58.47 -30.70
C GLN D 738 19.19 58.32 -31.38
N GLU D 741 13.33 59.10 -34.27
CA GLU D 741 11.92 59.46 -34.12
C GLU D 741 11.13 58.33 -33.50
N GLU D 742 11.34 57.12 -33.99
CA GLU D 742 10.54 56.00 -33.51
C GLU D 742 10.85 55.69 -32.06
N GLU D 743 12.07 55.99 -31.62
CA GLU D 743 12.38 55.86 -30.21
C GLU D 743 11.70 56.98 -29.42
N TRP D 744 11.76 58.20 -29.95
CA TRP D 744 11.12 59.31 -29.27
C TRP D 744 9.62 59.15 -29.23
N ASP D 745 9.01 58.78 -30.35
CA ASP D 745 7.57 58.55 -30.35
C ASP D 745 7.20 57.37 -29.46
N PHE D 746 8.04 56.34 -29.42
CA PHE D 746 7.80 55.24 -28.50
C PHE D 746 7.77 55.73 -27.06
N ALA D 747 8.78 56.53 -26.69
CA ALA D 747 8.81 57.05 -25.34
C ALA D 747 7.67 58.01 -25.08
N TRP D 748 7.19 58.69 -26.11
CA TRP D 748 6.07 59.60 -25.92
C TRP D 748 4.79 58.85 -25.64
N GLU D 749 4.53 57.79 -26.41
CA GLU D 749 3.33 57.00 -26.14
C GLU D 749 3.45 56.28 -24.80
N GLN D 750 4.65 55.85 -24.44
CA GLN D 750 4.88 55.35 -23.08
C GLN D 750 4.50 56.39 -22.04
N PHE D 751 4.96 57.63 -22.24
CA PHE D 751 4.68 58.70 -21.30
C PHE D 751 3.18 58.95 -21.20
N ARG D 752 2.49 58.97 -22.32
CA ARG D 752 1.05 59.16 -22.28
C ARG D 752 0.36 58.00 -21.58
N ASN D 753 0.87 56.79 -21.77
CA ASN D 753 0.35 55.61 -21.07
C ASN D 753 0.97 55.44 -19.70
N ALA D 754 1.94 56.28 -19.32
CA ALA D 754 2.72 56.03 -18.12
C ALA D 754 1.85 56.23 -16.88
N THR D 755 1.77 55.20 -16.05
CA THR D 755 0.98 55.23 -14.83
C THR D 755 1.77 55.72 -13.62
N LEU D 756 3.08 55.48 -13.57
CA LEU D 756 3.86 55.67 -12.36
C LEU D 756 4.67 56.95 -12.47
N VAL D 757 4.54 57.81 -11.47
CA VAL D 757 5.09 59.17 -11.55
C VAL D 757 6.60 59.16 -11.70
N ASN D 758 7.29 58.25 -11.00
CA ASN D 758 8.73 58.18 -11.15
C ASN D 758 9.13 57.92 -12.59
N GLU D 759 8.46 56.98 -13.23
CA GLU D 759 8.77 56.70 -14.62
C GLU D 759 8.36 57.85 -15.52
N ALA D 760 7.21 58.47 -15.25
CA ALA D 760 6.78 59.58 -16.10
C ALA D 760 7.79 60.72 -16.04
N ASP D 761 8.32 61.02 -14.85
CA ASP D 761 9.37 62.02 -14.73
C ASP D 761 10.64 61.60 -15.47
N LYS D 762 11.05 60.34 -15.29
CA LYS D 762 12.28 59.90 -15.94
C LYS D 762 12.17 60.04 -17.44
N LEU D 763 11.04 59.61 -18.01
CA LEU D 763 10.80 59.82 -19.43
C LEU D 763 10.77 61.29 -19.78
N ARG D 764 10.05 62.10 -19.00
CA ARG D 764 9.92 63.52 -19.35
C ARG D 764 11.28 64.19 -19.41
N ALA D 765 12.21 63.74 -18.57
CA ALA D 765 13.59 64.21 -18.69
C ALA D 765 14.26 63.64 -19.94
N ALA D 766 14.16 62.33 -20.14
CA ALA D 766 14.92 61.69 -21.21
C ALA D 766 14.51 62.20 -22.58
N LEU D 767 13.23 62.48 -22.77
CA LEU D 767 12.76 63.03 -24.04
C LEU D 767 13.39 64.36 -24.37
N ALA D 768 13.88 65.10 -23.38
CA ALA D 768 14.58 66.34 -23.69
C ALA D 768 15.96 66.09 -24.26
N CYS D 769 16.50 64.89 -24.13
CA CYS D 769 17.83 64.61 -24.66
C CYS D 769 17.86 64.45 -26.17
N SER D 770 16.73 64.56 -26.86
CA SER D 770 16.73 64.38 -28.31
C SER D 770 17.59 65.44 -28.98
N LYS D 771 18.17 65.07 -30.12
CA LYS D 771 19.00 65.97 -30.90
C LYS D 771 18.22 66.80 -31.92
N GLU D 772 17.03 66.39 -32.29
CA GLU D 772 16.35 66.96 -33.44
C GLU D 772 15.56 68.21 -33.05
N LEU D 773 15.90 69.34 -33.65
CA LEU D 773 15.29 70.60 -33.26
C LEU D 773 13.79 70.59 -33.45
N TRP D 774 13.28 69.90 -34.47
CA TRP D 774 11.85 69.80 -34.64
C TRP D 774 11.21 68.98 -33.52
N ILE D 775 11.90 67.97 -33.01
CA ILE D 775 11.41 67.26 -31.84
C ILE D 775 11.32 68.20 -30.65
N LEU D 776 12.41 68.92 -30.37
CA LEU D 776 12.42 69.80 -29.22
C LEU D 776 11.36 70.89 -29.35
N ASN D 777 11.18 71.42 -30.55
CA ASN D 777 10.18 72.46 -30.71
C ASN D 777 8.76 71.91 -30.54
N ARG D 778 8.50 70.69 -31.02
CA ARG D 778 7.24 70.04 -30.66
C ARG D 778 7.09 69.97 -29.15
N TYR D 779 8.14 69.52 -28.47
CA TYR D 779 8.09 69.39 -27.03
C TYR D 779 7.73 70.71 -26.37
N LEU D 780 8.37 71.79 -26.81
CA LEU D 780 8.05 73.11 -26.30
C LEU D 780 6.60 73.47 -26.56
N SER D 781 6.10 73.17 -27.76
CA SER D 781 4.71 73.47 -28.05
C SER D 781 3.77 72.66 -27.16
N TYR D 782 4.12 71.41 -26.89
CA TYR D 782 3.31 70.59 -26.00
C TYR D 782 3.36 71.10 -24.58
N THR D 783 4.45 71.75 -24.20
CA THR D 783 4.55 72.35 -22.88
C THR D 783 3.43 73.36 -22.61
N LEU D 784 2.75 73.84 -23.64
CA LEU D 784 1.65 74.75 -23.46
C LEU D 784 0.28 74.06 -23.39
N ASN D 785 0.23 72.74 -23.49
CA ASN D 785 -1.05 72.04 -23.55
C ASN D 785 -1.32 71.35 -22.24
N PRO D 786 -2.28 71.83 -21.45
CA PRO D 786 -2.43 71.34 -20.08
C PRO D 786 -2.77 69.86 -20.00
N ASP D 787 -3.31 69.30 -21.07
CA ASP D 787 -3.62 67.87 -21.10
C ASP D 787 -2.41 67.02 -21.43
N LEU D 788 -1.47 67.55 -22.22
CA LEU D 788 -0.28 66.80 -22.56
C LEU D 788 0.69 66.74 -21.38
N ILE D 789 0.79 67.82 -20.63
CA ILE D 789 1.62 67.86 -19.43
C ILE D 789 0.87 68.62 -18.34
N ARG D 790 0.94 68.09 -17.12
CA ARG D 790 0.25 68.71 -16.00
C ARG D 790 0.86 70.07 -15.70
N LYS D 791 0.01 71.10 -15.68
CA LYS D 791 0.50 72.47 -15.77
C LYS D 791 1.43 72.85 -14.64
N GLN D 792 1.44 72.11 -13.53
CA GLN D 792 2.43 72.38 -12.51
C GLN D 792 3.85 72.05 -12.99
N ASP D 793 3.99 71.09 -13.89
CA ASP D 793 5.30 70.55 -14.23
C ASP D 793 5.89 71.09 -15.53
N ALA D 794 5.16 71.94 -16.26
CA ALA D 794 5.67 72.49 -17.51
C ALA D 794 7.05 73.13 -17.34
N THR D 795 7.25 73.85 -16.24
CA THR D 795 8.53 74.49 -15.97
C THR D 795 9.69 73.49 -15.96
N SER D 796 9.50 72.33 -15.33
CA SER D 796 10.55 71.32 -15.33
C SER D 796 10.92 70.90 -16.75
N THR D 797 9.92 70.81 -17.62
CA THR D 797 10.19 70.47 -19.01
C THR D 797 11.00 71.57 -19.67
N ILE D 798 10.59 72.82 -19.47
CA ILE D 798 11.32 73.93 -20.07
C ILE D 798 12.77 73.91 -19.63
N ILE D 799 13.00 73.69 -18.34
CA ILE D 799 14.37 73.65 -17.83
C ILE D 799 15.15 72.51 -18.46
N SER D 800 14.54 71.33 -18.56
CA SER D 800 15.22 70.20 -19.15
C SER D 800 15.60 70.48 -20.59
N ILE D 801 14.72 71.13 -21.35
CA ILE D 801 15.04 71.49 -22.72
C ILE D 801 16.12 72.55 -22.76
N THR D 802 16.13 73.45 -21.78
CA THR D 802 17.12 74.52 -21.80
C THR D 802 18.52 73.97 -21.59
N ASN D 803 18.68 73.04 -20.65
CA ASN D 803 20.03 72.56 -20.37
C ASN D 803 20.58 71.73 -21.53
N ASN D 804 19.73 71.24 -22.41
CA ASN D 804 20.20 70.66 -23.66
C ASN D 804 20.77 71.78 -24.52
N VAL D 805 22.04 71.65 -24.91
CA VAL D 805 22.75 72.71 -25.61
C VAL D 805 22.04 73.16 -26.88
N ILE D 806 21.32 72.26 -27.54
CA ILE D 806 20.63 72.66 -28.76
C ILE D 806 19.44 73.54 -28.44
N GLY D 807 18.82 73.34 -27.29
CA GLY D 807 17.64 74.06 -26.91
C GLY D 807 17.86 75.43 -26.32
N GLN D 808 19.10 75.77 -25.97
CA GLN D 808 19.37 77.04 -25.29
C GLN D 808 18.77 78.22 -26.03
N GLY D 809 19.20 78.45 -27.27
CA GLY D 809 18.71 79.59 -28.02
C GLY D 809 17.22 79.49 -28.30
N LEU D 810 16.72 78.27 -28.43
CA LEU D 810 15.29 78.09 -28.67
C LEU D 810 14.49 78.60 -27.48
N VAL D 811 14.83 78.13 -26.28
CA VAL D 811 14.10 78.56 -25.09
C VAL D 811 14.25 80.05 -24.88
N TRP D 812 15.44 80.59 -25.15
CA TRP D 812 15.64 82.03 -25.00
C TRP D 812 14.68 82.80 -25.89
N ASP D 813 14.62 82.47 -27.18
CA ASP D 813 13.70 83.18 -28.06
C ASP D 813 12.25 82.90 -27.68
N PHE D 814 11.98 81.70 -27.17
CA PHE D 814 10.63 81.36 -26.75
C PHE D 814 10.15 82.24 -25.62
N VAL D 815 10.98 82.40 -24.59
CA VAL D 815 10.59 83.27 -23.48
C VAL D 815 10.54 84.72 -23.93
N GLN D 816 11.48 85.15 -24.76
CA GLN D 816 11.39 86.48 -25.35
C GLN D 816 10.07 86.69 -26.08
N SER D 817 9.48 85.62 -26.61
CA SER D 817 8.17 85.72 -27.24
C SER D 817 7.04 85.74 -26.22
N ASN D 818 7.12 84.87 -25.23
CA ASN D 818 5.96 84.49 -24.43
C ASN D 818 5.91 85.16 -23.07
N TRP D 819 6.92 85.98 -22.74
CA TRP D 819 7.12 86.37 -21.36
C TRP D 819 5.90 87.07 -20.79
N LYS D 820 5.39 88.11 -21.47
CA LYS D 820 4.21 88.79 -20.95
C LYS D 820 3.00 87.86 -20.83
N LYS D 821 2.89 86.90 -21.74
CA LYS D 821 1.87 85.87 -21.61
C LYS D 821 2.03 85.12 -20.30
N LEU D 822 3.09 84.31 -20.20
CA LEU D 822 3.16 83.38 -19.07
C LEU D 822 3.40 84.10 -17.74
N PHE D 823 3.91 85.32 -17.78
CA PHE D 823 3.90 86.20 -16.62
C PHE D 823 2.48 86.55 -16.22
N ASN D 824 1.71 87.11 -17.15
CA ASN D 824 0.38 87.59 -16.83
C ASN D 824 -0.58 86.44 -16.62
N ASP D 825 -0.33 85.30 -17.25
CA ASP D 825 -1.05 84.08 -16.94
C ASP D 825 -0.14 82.90 -17.23
N TYR D 826 0.17 82.13 -16.20
CA TYR D 826 0.95 80.92 -16.40
C TYR D 826 0.11 79.82 -17.01
N PHE D 831 3.85 77.60 -11.41
CA PHE D 831 4.77 78.57 -11.99
C PHE D 831 5.98 78.86 -11.11
N SER D 832 7.11 79.16 -11.75
CA SER D 832 8.36 79.41 -11.04
C SER D 832 9.33 80.19 -11.91
N PHE D 833 9.05 81.47 -12.14
CA PHE D 833 9.90 82.25 -13.02
C PHE D 833 11.32 82.35 -12.53
N SER D 834 11.54 82.27 -11.22
CA SER D 834 12.88 82.48 -10.68
C SER D 834 13.87 81.46 -11.22
N ASN D 835 13.66 80.19 -10.89
CA ASN D 835 14.59 79.17 -11.33
C ASN D 835 14.53 78.96 -12.84
N LEU D 836 13.42 79.31 -13.49
CA LEU D 836 13.39 79.31 -14.94
C LEU D 836 14.42 80.28 -15.50
N ILE D 837 14.38 81.53 -15.05
CA ILE D 837 15.33 82.53 -15.53
C ILE D 837 16.74 82.11 -15.18
N GLN D 838 16.91 81.53 -13.98
CA GLN D 838 18.21 80.99 -13.61
C GLN D 838 18.71 80.01 -14.65
N ALA D 839 17.87 79.04 -15.02
CA ALA D 839 18.25 78.02 -15.98
C ALA D 839 18.60 78.65 -17.33
N VAL D 840 17.77 79.59 -17.78
CA VAL D 840 17.95 80.11 -19.13
C VAL D 840 19.16 81.02 -19.24
N THR D 841 19.52 81.77 -18.20
CA THR D 841 20.59 82.74 -18.35
C THR D 841 21.98 82.18 -18.06
N ARG D 842 22.09 81.11 -17.28
CA ARG D 842 23.39 80.77 -16.71
C ARG D 842 24.44 80.42 -17.75
N ARG D 843 24.05 80.08 -18.97
CA ARG D 843 25.04 79.94 -20.04
C ARG D 843 25.66 81.26 -20.47
N PHE D 844 25.08 82.41 -20.11
CA PHE D 844 25.51 83.68 -20.66
C PHE D 844 26.92 84.04 -20.23
N SER D 845 27.74 84.40 -21.21
CA SER D 845 29.17 84.60 -20.94
C SER D 845 29.80 85.71 -21.77
N THR D 846 29.08 86.37 -22.67
CA THR D 846 29.65 87.48 -23.41
C THR D 846 28.64 88.60 -23.55
N GLU D 847 29.15 89.77 -23.92
CA GLU D 847 28.36 91.00 -23.95
C GLU D 847 27.15 90.88 -24.87
N TYR D 848 27.18 89.97 -25.83
CA TYR D 848 26.04 89.74 -26.71
C TYR D 848 24.76 89.52 -25.92
N GLU D 849 24.74 88.42 -25.18
CA GLU D 849 23.59 88.10 -24.37
C GLU D 849 23.42 89.03 -23.19
N LEU D 850 24.49 89.66 -22.71
CA LEU D 850 24.32 90.71 -21.70
C LEU D 850 23.43 91.82 -22.23
N GLN D 851 23.74 92.30 -23.44
CA GLN D 851 22.91 93.32 -24.08
C GLN D 851 21.50 92.81 -24.32
N GLN D 852 21.37 91.59 -24.80
CA GLN D 852 20.04 91.04 -25.01
C GLN D 852 19.25 90.97 -23.71
N LEU D 853 19.92 90.66 -22.61
CA LEU D 853 19.21 90.50 -21.34
C LEU D 853 18.82 91.85 -20.77
N GLU D 854 19.70 92.83 -20.85
CA GLU D 854 19.33 94.16 -20.39
C GLU D 854 18.24 94.76 -21.25
N GLN D 855 18.24 94.47 -22.55
CA GLN D 855 17.11 94.85 -23.39
C GLN D 855 15.82 94.19 -22.93
N PHE D 856 15.86 92.89 -22.66
CA PHE D 856 14.68 92.21 -22.15
C PHE D 856 14.17 92.84 -20.87
N LYS D 857 15.07 93.25 -20.00
CA LYS D 857 14.65 94.03 -18.83
C LYS D 857 13.95 95.30 -19.27
N LYS D 858 14.62 96.10 -20.08
CA LYS D 858 14.11 97.40 -20.50
C LYS D 858 12.79 97.26 -21.26
N ASP D 859 12.66 96.18 -22.03
CA ASP D 859 11.44 95.94 -22.77
C ASP D 859 10.25 95.63 -21.87
N ASN D 860 10.46 95.48 -20.58
CA ASN D 860 9.40 94.97 -19.73
C ASN D 860 9.37 95.69 -18.37
N PHE D 865 8.74 91.29 -12.69
CA PHE D 865 8.92 90.03 -13.41
C PHE D 865 8.53 88.87 -12.51
N GLY D 866 7.57 89.14 -11.63
CA GLY D 866 7.21 88.31 -10.50
C GLY D 866 8.36 88.11 -9.55
N SER D 867 8.33 86.96 -8.87
CA SER D 867 9.37 86.65 -7.89
C SER D 867 10.74 86.59 -8.53
N GLY D 868 10.80 86.27 -9.82
CA GLY D 868 12.06 86.15 -10.48
C GLY D 868 12.73 87.45 -10.78
N THR D 869 12.12 88.57 -10.41
CA THR D 869 12.68 89.86 -10.77
C THR D 869 14.10 90.01 -10.24
N ARG D 870 14.29 89.76 -8.94
CA ARG D 870 15.63 89.80 -8.38
C ARG D 870 16.53 88.74 -8.98
N ALA D 871 15.96 87.57 -9.32
CA ALA D 871 16.75 86.57 -10.01
C ALA D 871 17.29 87.11 -11.32
N LEU D 872 16.52 87.96 -11.99
CA LEU D 872 17.04 88.59 -13.20
C LEU D 872 18.26 89.43 -12.88
N GLU D 873 18.21 90.14 -11.76
CA GLU D 873 19.40 90.88 -11.33
C GLU D 873 20.55 89.93 -11.07
N GLN D 874 20.26 88.81 -10.39
CA GLN D 874 21.30 87.83 -10.16
C GLN D 874 21.91 87.40 -11.48
N ALA D 875 21.06 87.13 -12.47
CA ALA D 875 21.55 86.68 -13.76
C ALA D 875 22.51 87.69 -14.36
N LEU D 876 22.18 88.98 -14.24
CA LEU D 876 23.09 90.00 -14.74
C LEU D 876 24.43 89.96 -14.01
N GLU D 877 24.38 89.93 -12.68
CA GLU D 877 25.61 90.03 -11.90
C GLU D 877 26.61 88.94 -12.27
N LYS D 878 26.20 87.69 -12.17
CA LYS D 878 27.14 86.61 -12.45
C LYS D 878 27.56 86.64 -13.91
N THR D 879 26.69 87.13 -14.78
CA THR D 879 27.07 87.24 -16.18
C THR D 879 28.28 88.12 -16.34
N LYS D 880 28.30 89.24 -15.63
CA LYS D 880 29.48 90.10 -15.69
C LYS D 880 30.71 89.33 -15.24
N ALA D 881 30.58 88.61 -14.11
CA ALA D 881 31.72 87.81 -13.66
C ALA D 881 32.08 86.79 -14.72
N ASN D 882 31.08 86.12 -15.28
CA ASN D 882 31.38 85.16 -16.33
C ASN D 882 32.13 85.82 -17.45
N ILE D 883 31.67 87.00 -17.85
CA ILE D 883 32.31 87.72 -18.94
C ILE D 883 33.80 87.85 -18.67
N LYS D 884 34.14 88.32 -17.47
CA LYS D 884 35.54 88.45 -17.14
C LYS D 884 36.22 87.09 -17.00
N TRP D 885 35.54 86.13 -16.38
CA TRP D 885 36.22 84.88 -16.05
C TRP D 885 36.69 84.18 -17.31
N VAL D 886 35.85 84.10 -18.33
CA VAL D 886 36.27 83.46 -19.57
C VAL D 886 37.46 84.20 -20.15
N LYS D 887 37.35 85.54 -20.19
CA LYS D 887 38.45 86.34 -20.71
C LYS D 887 39.73 86.07 -19.94
N GLU D 888 39.61 85.76 -18.66
CA GLU D 888 40.80 85.55 -17.85
C GLU D 888 41.43 84.19 -18.05
N ASN D 889 40.66 83.19 -18.50
CA ASN D 889 41.13 81.82 -18.38
C ASN D 889 41.16 81.01 -19.66
N LYS D 890 40.40 81.39 -20.69
CA LYS D 890 40.15 80.49 -21.80
C LYS D 890 41.43 79.88 -22.34
N GLU D 891 42.37 80.73 -22.75
CA GLU D 891 43.53 80.21 -23.46
C GLU D 891 44.32 79.28 -22.57
N VAL D 892 44.48 79.63 -21.30
CA VAL D 892 45.27 78.76 -20.45
C VAL D 892 44.58 77.44 -20.29
N VAL D 893 43.27 77.48 -20.04
CA VAL D 893 42.54 76.23 -19.91
C VAL D 893 42.66 75.45 -21.21
N LEU D 894 42.50 76.14 -22.33
CA LEU D 894 42.62 75.46 -23.61
C LEU D 894 43.98 74.81 -23.73
N GLN D 895 45.04 75.58 -23.49
CA GLN D 895 46.37 75.03 -23.63
C GLN D 895 46.56 73.84 -22.72
N TRP D 896 45.97 73.89 -21.53
CA TRP D 896 46.09 72.76 -20.64
C TRP D 896 45.41 71.54 -21.23
N PHE D 897 44.14 71.68 -21.63
CA PHE D 897 43.44 70.50 -22.11
C PHE D 897 44.04 69.94 -23.38
N THR D 898 44.45 70.81 -24.30
CA THR D 898 45.09 70.30 -25.50
C THR D 898 46.37 69.57 -25.15
N GLU D 899 47.07 70.05 -24.12
CA GLU D 899 48.23 69.32 -23.65
C GLU D 899 47.82 67.95 -23.16
N ASN D 900 46.82 67.89 -22.30
CA ASN D 900 46.33 66.61 -21.84
C ASN D 900 45.42 65.93 -22.84
N SER D 901 45.28 66.46 -24.05
CA SER D 901 44.39 65.84 -25.02
C SER D 901 44.87 64.47 -25.45
N LYS D 902 46.14 64.17 -25.29
CA LYS D 902 46.79 63.05 -25.96
C LYS D 902 46.18 61.71 -25.58
N ALA E 5 25.58 122.77 -74.28
CA ALA E 5 25.93 121.61 -75.10
C ALA E 5 26.52 120.52 -74.24
N TRP E 6 27.76 120.75 -73.78
CA TRP E 6 28.52 119.71 -73.09
C TRP E 6 27.89 119.30 -71.75
N ASN E 7 26.92 120.07 -71.25
CA ASN E 7 26.21 119.74 -70.03
C ASN E 7 25.19 118.62 -70.21
N ARG E 8 25.22 117.92 -71.34
CA ARG E 8 24.34 116.78 -71.56
C ARG E 8 25.17 115.57 -71.95
N TYR E 9 24.75 114.40 -71.47
CA TYR E 9 25.46 113.16 -71.80
C TYR E 9 25.36 112.80 -73.27
N ARG E 10 24.26 113.15 -73.92
CA ARG E 10 24.07 112.76 -75.30
C ARG E 10 24.92 113.62 -76.23
N LEU E 11 25.48 112.98 -77.25
CA LEU E 11 26.25 113.68 -78.27
C LEU E 11 25.37 114.71 -78.97
N PRO E 12 25.97 115.81 -79.47
CA PRO E 12 25.25 116.78 -80.28
C PRO E 12 24.84 116.21 -81.63
N LYS E 16 31.04 112.72 -86.39
CA LYS E 16 30.97 111.29 -86.68
C LYS E 16 32.29 110.76 -87.20
N PRO E 17 32.85 109.77 -86.52
CA PRO E 17 34.11 109.17 -86.97
C PRO E 17 33.91 108.17 -88.11
N ASP E 18 34.97 107.98 -88.88
CA ASP E 18 35.09 106.83 -89.77
C ASP E 18 36.12 105.83 -89.27
N SER E 19 37.19 106.30 -88.64
CA SER E 19 38.22 105.39 -88.15
C SER E 19 39.05 106.11 -87.10
N TYR E 20 39.77 105.32 -86.35
CA TYR E 20 40.62 105.76 -85.27
C TYR E 20 42.02 105.23 -85.49
N ARG E 21 43.02 105.98 -85.02
CA ARG E 21 44.34 105.43 -84.74
C ARG E 21 44.56 105.43 -83.24
N VAL E 22 44.96 104.29 -82.70
CA VAL E 22 45.15 104.15 -81.27
C VAL E 22 46.44 103.38 -81.03
N THR E 23 47.24 103.89 -80.09
CA THR E 23 48.45 103.22 -79.63
C THR E 23 48.45 103.23 -78.12
N LEU E 24 48.70 102.09 -77.51
CA LEU E 24 48.66 101.95 -76.06
C LEU E 24 49.97 101.35 -75.57
N ARG E 25 50.39 101.79 -74.38
CA ARG E 25 51.73 101.51 -73.87
C ARG E 25 51.63 101.22 -72.39
N PRO E 26 51.28 99.99 -72.04
CA PRO E 26 51.20 99.62 -70.62
C PRO E 26 52.58 99.59 -69.97
N TYR E 27 52.60 99.84 -68.67
CA TYR E 27 53.81 99.62 -67.86
C TYR E 27 53.44 99.05 -66.51
N LEU E 28 53.62 97.73 -66.36
CA LEU E 28 53.43 97.03 -65.10
C LEU E 28 54.59 97.19 -64.13
N THR E 29 55.61 97.97 -64.48
CA THR E 29 56.63 98.35 -63.50
C THR E 29 56.09 99.48 -62.62
N PRO E 30 55.99 99.28 -61.30
CA PRO E 30 55.44 100.33 -60.44
C PRO E 30 56.26 101.60 -60.53
N ASN E 31 55.56 102.72 -60.67
CA ASN E 31 56.21 104.01 -60.75
C ASN E 31 56.82 104.37 -59.39
N TYR E 36 52.45 102.32 -61.28
CA TYR E 36 51.77 101.68 -62.39
C TYR E 36 51.03 102.67 -63.26
N VAL E 37 51.29 102.63 -64.57
CA VAL E 37 50.73 103.57 -65.54
C VAL E 37 50.69 102.87 -66.88
N PHE E 38 49.98 103.48 -67.83
CA PHE E 38 50.13 103.18 -69.25
C PHE E 38 50.21 104.50 -70.01
N LYS E 39 51.04 104.53 -71.04
CA LYS E 39 51.11 105.66 -71.96
C LYS E 39 50.32 105.35 -73.23
N GLY E 40 50.10 106.39 -74.03
CA GLY E 40 49.46 106.20 -75.31
C GLY E 40 49.14 107.53 -75.97
N SER E 41 48.58 107.41 -77.18
CA SER E 41 48.13 108.55 -77.95
C SER E 41 47.12 108.08 -78.97
N SER E 42 46.38 109.03 -79.54
CA SER E 42 45.34 108.70 -80.50
C SER E 42 44.98 109.93 -81.31
N THR E 43 44.23 109.71 -82.39
CA THR E 43 43.58 110.78 -83.13
C THR E 43 42.43 110.18 -83.92
N VAL E 44 41.30 110.88 -83.96
CA VAL E 44 40.17 110.48 -84.77
C VAL E 44 40.36 110.91 -86.22
N ARG E 45 39.80 110.13 -87.13
CA ARG E 45 39.55 110.54 -88.51
C ARG E 45 38.04 110.64 -88.66
N PHE E 46 37.53 111.84 -88.93
CA PHE E 46 36.11 112.05 -88.65
C PHE E 46 35.58 113.21 -89.48
N THR E 47 34.26 113.37 -89.42
CA THR E 47 33.54 114.37 -90.18
C THR E 47 32.64 115.20 -89.27
N ASP E 53 30.96 124.49 -84.52
CA ASP E 53 32.10 125.35 -84.23
C ASP E 53 32.84 124.88 -82.98
N VAL E 54 32.30 123.84 -82.35
CA VAL E 54 32.90 123.24 -81.17
C VAL E 54 32.94 121.73 -81.38
N ILE E 55 34.05 121.11 -80.97
CA ILE E 55 34.25 119.67 -81.09
C ILE E 55 34.11 119.04 -79.71
N ILE E 56 33.27 118.00 -79.61
CA ILE E 56 32.99 117.35 -78.35
C ILE E 56 33.24 115.85 -78.50
N ILE E 57 34.08 115.31 -77.63
CA ILE E 57 34.44 113.90 -77.64
C ILE E 57 34.72 113.47 -76.20
N HIS E 58 34.41 112.22 -75.90
CA HIS E 58 34.47 111.75 -74.53
C HIS E 58 35.90 111.65 -74.02
N SER E 59 36.08 111.99 -72.74
CA SER E 59 37.27 111.61 -72.00
C SER E 59 36.94 111.54 -70.51
N LYS E 60 37.59 110.62 -69.82
CA LYS E 60 37.33 110.45 -68.40
C LYS E 60 38.60 110.01 -67.69
N LYS E 61 38.78 110.51 -66.47
CA LYS E 61 39.91 110.16 -65.61
C LYS E 61 41.24 110.53 -66.24
N LEU E 62 41.48 110.08 -67.47
CA LEU E 62 42.77 110.30 -68.12
C LEU E 62 43.07 111.79 -68.28
N ASN E 63 44.04 112.27 -67.53
CA ASN E 63 44.66 113.56 -67.83
C ASN E 63 45.58 113.42 -69.04
N TYR E 64 45.52 114.38 -69.94
CA TYR E 64 46.32 114.28 -71.15
C TYR E 64 46.69 115.66 -71.67
N THR E 65 47.81 115.72 -72.38
CA THR E 65 48.24 116.93 -73.05
C THR E 65 49.26 116.59 -74.13
N ASP E 84 40.87 126.85 -85.02
CA ASP E 84 41.78 127.27 -83.97
C ASP E 84 41.77 126.32 -82.79
N ILE E 85 42.89 126.23 -82.10
CA ILE E 85 42.89 125.61 -80.78
C ILE E 85 42.45 126.64 -79.75
N ASP E 86 41.91 126.18 -78.63
CA ASP E 86 41.58 127.12 -77.56
C ASP E 86 41.94 126.56 -76.20
N LYS E 87 41.12 125.62 -75.69
CA LYS E 87 41.44 124.97 -74.43
C LYS E 87 40.97 123.52 -74.47
N THR E 88 41.75 122.64 -73.87
CA THR E 88 41.33 121.28 -73.59
C THR E 88 40.22 121.29 -72.54
N GLU E 89 39.05 121.78 -72.93
CA GLU E 89 37.93 121.95 -72.01
C GLU E 89 37.24 120.61 -71.71
N LEU E 90 38.02 119.73 -71.06
CA LEU E 90 37.61 118.35 -70.76
C LEU E 90 36.69 118.32 -69.54
N VAL E 91 35.45 118.74 -69.76
CA VAL E 91 34.45 118.71 -68.69
C VAL E 91 34.30 117.29 -68.18
N GLU E 92 34.42 117.13 -66.86
CA GLU E 92 34.58 115.82 -66.24
C GLU E 92 33.27 115.06 -66.02
N PRO E 93 32.21 115.68 -65.48
CA PRO E 93 31.05 114.85 -65.10
C PRO E 93 30.32 114.26 -66.29
N THR E 94 30.10 115.03 -67.35
CA THR E 94 29.67 114.46 -68.61
C THR E 94 30.86 113.97 -69.43
N GLU E 95 32.04 113.97 -68.82
CA GLU E 95 33.20 113.24 -69.32
C GLU E 95 33.56 113.66 -70.73
N TYR E 96 33.53 114.97 -70.98
CA TYR E 96 33.97 115.51 -72.24
C TYR E 96 35.32 116.20 -72.13
N LEU E 125 38.97 97.43 -63.13
CA LEU E 125 37.99 96.46 -63.58
C LEU E 125 37.25 96.96 -64.82
N ALA E 126 37.63 98.15 -65.28
CA ALA E 126 36.97 98.77 -66.41
C ALA E 126 37.98 99.59 -67.19
N GLY E 127 37.69 99.80 -68.47
CA GLY E 127 38.73 100.32 -69.30
C GLY E 127 39.88 99.33 -69.43
N PHE E 128 41.06 99.87 -69.73
CA PHE E 128 42.26 99.04 -69.85
C PHE E 128 42.85 98.81 -68.45
N TYR E 129 42.09 98.07 -67.65
CA TYR E 129 42.48 97.88 -66.26
C TYR E 129 43.58 96.84 -66.12
N ARG E 130 44.21 96.86 -64.94
CA ARG E 130 45.32 95.98 -64.62
C ARG E 130 44.91 94.93 -63.60
N SER E 131 45.25 93.68 -63.87
CA SER E 131 44.87 92.56 -63.01
C SER E 131 45.59 92.63 -61.67
N ARG E 139 52.91 87.11 -57.24
CA ARG E 139 51.74 87.36 -58.08
C ARG E 139 52.08 87.65 -59.53
N LYS E 140 51.48 86.88 -60.42
CA LYS E 140 51.61 87.10 -61.85
C LYS E 140 50.57 88.13 -62.29
N VAL E 141 50.86 88.82 -63.38
CA VAL E 141 50.13 90.03 -63.74
C VAL E 141 49.74 90.00 -65.20
N VAL E 142 48.58 90.57 -65.50
CA VAL E 142 48.04 90.68 -66.86
C VAL E 142 47.32 92.02 -66.98
N ALA E 143 47.43 92.65 -68.13
CA ALA E 143 46.65 93.84 -68.45
C ALA E 143 45.50 93.46 -69.36
N THR E 144 44.29 93.94 -69.03
CA THR E 144 43.09 93.45 -69.69
C THR E 144 42.10 94.60 -69.83
N THR E 145 41.42 94.63 -70.97
CA THR E 145 40.29 95.52 -71.14
C THR E 145 39.02 94.92 -70.57
N GLN E 146 38.18 95.78 -70.01
CA GLN E 146 36.76 95.54 -69.82
C GLN E 146 36.03 96.76 -70.36
N MET E 147 35.63 96.70 -71.62
CA MET E 147 35.01 97.81 -72.31
C MET E 147 33.53 97.52 -72.42
N GLN E 148 32.71 98.43 -71.92
CA GLN E 148 31.34 98.10 -71.56
C GLN E 148 30.56 99.39 -71.42
N ALA E 149 29.24 99.25 -71.32
CA ALA E 149 28.37 100.32 -70.85
C ALA E 149 28.76 101.68 -71.38
N ALA E 150 29.62 102.40 -70.64
CA ALA E 150 30.05 103.73 -71.05
C ALA E 150 31.56 103.93 -70.86
N ASP E 151 32.37 102.90 -71.03
CA ASP E 151 33.75 102.98 -70.59
C ASP E 151 34.81 102.79 -71.66
N ALA E 152 34.42 102.67 -72.93
CA ALA E 152 35.43 102.69 -74.00
C ALA E 152 36.26 103.98 -73.93
N ARG E 153 35.58 105.10 -73.69
CA ARG E 153 36.20 106.41 -73.53
C ARG E 153 37.38 106.45 -72.56
N LYS E 154 37.45 105.51 -71.61
CA LYS E 154 38.55 105.61 -70.65
C LYS E 154 39.89 105.15 -71.20
N SER E 155 39.92 104.50 -72.36
CA SER E 155 41.20 104.11 -72.94
C SER E 155 41.72 105.16 -73.91
N PHE E 156 40.85 105.68 -74.77
CA PHE E 156 41.16 106.76 -75.69
C PHE E 156 39.89 107.53 -75.98
N PRO E 157 39.99 108.80 -76.35
CA PRO E 157 38.76 109.57 -76.59
C PRO E 157 37.99 109.04 -77.77
N CYS E 158 36.69 108.92 -77.62
CA CYS E 158 35.87 108.31 -78.66
C CYS E 158 34.44 108.82 -78.56
N PHE E 159 33.73 108.67 -79.67
CA PHE E 159 32.31 109.01 -79.77
C PHE E 159 31.49 107.90 -79.10
N ASP E 160 31.51 107.92 -77.76
CA ASP E 160 31.31 106.69 -76.99
C ASP E 160 29.83 106.34 -76.87
N GLU E 161 29.22 106.15 -78.03
CA GLU E 161 27.86 105.65 -78.08
C GLU E 161 27.80 104.44 -79.02
N PRO E 162 26.98 103.44 -78.69
CA PRO E 162 26.92 102.25 -79.53
C PRO E 162 26.45 102.54 -80.93
N ALA E 163 25.63 103.58 -81.11
CA ALA E 163 25.22 103.95 -82.45
C ALA E 163 26.37 104.49 -83.28
N MET E 164 27.44 104.97 -82.66
CA MET E 164 28.55 105.57 -83.40
C MET E 164 29.48 104.49 -83.90
N LYS E 165 29.14 103.94 -85.07
CA LYS E 165 29.94 102.89 -85.68
C LYS E 165 31.23 103.48 -86.25
N ALA E 166 32.36 102.84 -85.96
CA ALA E 166 33.65 103.35 -86.38
C ALA E 166 34.60 102.18 -86.64
N GLU E 167 35.64 102.45 -87.42
CA GLU E 167 36.75 101.51 -87.55
C GLU E 167 37.93 101.93 -86.67
N PHE E 168 38.79 100.95 -86.33
CA PHE E 168 39.93 101.18 -85.45
C PHE E 168 41.21 100.55 -85.99
N ASN E 169 42.29 101.31 -85.95
CA ASN E 169 43.66 100.81 -86.10
C ASN E 169 44.29 100.78 -84.72
N ILE E 170 44.84 99.64 -84.33
CA ILE E 170 45.25 99.42 -82.95
C ILE E 170 46.73 99.03 -82.90
N THR E 171 47.45 99.62 -81.95
CA THR E 171 48.85 99.30 -81.69
C THR E 171 49.05 99.09 -80.20
N LEU E 172 49.76 98.01 -79.84
CA LEU E 172 50.14 97.76 -78.46
C LEU E 172 51.64 97.65 -78.35
N ILE E 173 52.22 98.38 -77.40
CA ILE E 173 53.66 98.51 -77.24
C ILE E 173 54.10 97.72 -76.02
N HIS E 174 55.13 96.88 -76.21
CA HIS E 174 55.84 96.32 -75.10
C HIS E 174 57.26 96.06 -75.57
N PRO E 175 58.29 96.42 -74.78
CA PRO E 175 59.70 96.20 -75.10
C PRO E 175 60.00 94.74 -75.46
N HIS E 205 45.25 94.73 -87.47
CA HIS E 205 44.55 95.21 -88.66
C HIS E 205 43.44 96.16 -88.27
N THR E 206 42.98 96.96 -89.24
CA THR E 206 41.80 97.78 -89.01
C THR E 206 40.56 96.91 -88.89
N THR E 207 39.80 97.12 -87.81
CA THR E 207 38.56 96.39 -87.62
C THR E 207 37.49 96.90 -88.60
N PRO E 208 36.63 96.02 -89.08
CA PRO E 208 35.40 96.48 -89.73
C PRO E 208 34.54 97.29 -88.79
N LYS E 209 33.56 97.97 -89.37
CA LYS E 209 32.72 98.92 -88.64
C LYS E 209 32.14 98.25 -87.39
N MET E 210 32.45 98.80 -86.23
CA MET E 210 31.98 98.21 -84.98
C MET E 210 31.80 99.30 -83.94
N SER E 211 31.04 98.97 -82.91
CA SER E 211 30.81 99.91 -81.83
C SER E 211 32.01 99.98 -80.90
N THR E 212 32.25 101.19 -80.37
CA THR E 212 33.40 101.43 -79.51
C THR E 212 33.47 100.48 -78.34
N TYR E 213 32.34 100.25 -77.67
CA TYR E 213 32.36 99.47 -76.44
C TYR E 213 32.75 98.01 -76.65
N LEU E 214 32.74 97.53 -77.89
CA LEU E 214 33.03 96.13 -78.15
C LEU E 214 34.53 95.83 -78.19
N LEU E 215 35.38 96.84 -78.16
CA LEU E 215 36.81 96.63 -78.31
C LEU E 215 37.40 95.87 -77.13
N ALA E 216 38.57 95.28 -77.35
CA ALA E 216 39.30 94.67 -76.25
C ALA E 216 40.79 94.61 -76.56
N PHE E 217 41.60 94.70 -75.50
CA PHE E 217 43.04 94.49 -75.57
C PHE E 217 43.46 93.62 -74.38
N ILE E 218 44.31 92.63 -74.65
CA ILE E 218 44.79 91.71 -73.62
C ILE E 218 46.29 91.49 -73.78
N VAL E 219 47.01 91.66 -72.70
CA VAL E 219 48.46 91.52 -72.67
C VAL E 219 48.87 90.95 -71.33
N ALA E 252 34.96 72.81 -74.01
CA ALA E 252 35.15 74.20 -74.37
C ALA E 252 36.17 74.31 -75.49
N LEU E 253 37.30 73.63 -75.29
CA LEU E 253 38.29 73.49 -76.34
C LEU E 253 37.79 72.63 -77.49
N ASN E 254 36.94 71.65 -77.18
CA ASN E 254 36.40 70.71 -78.15
C ASN E 254 35.13 71.19 -78.83
N VAL E 255 34.14 71.62 -78.05
CA VAL E 255 32.78 71.77 -78.55
C VAL E 255 32.57 72.97 -79.45
N THR E 256 33.42 73.99 -79.36
CA THR E 256 33.02 75.30 -79.89
C THR E 256 32.84 75.32 -81.40
N GLY E 257 33.58 74.50 -82.14
CA GLY E 257 33.44 74.42 -83.57
C GLY E 257 32.03 74.08 -84.03
N PRO E 258 31.52 72.96 -83.52
CA PRO E 258 30.10 72.66 -83.74
C PRO E 258 29.15 73.81 -83.42
N ILE E 259 29.37 74.54 -82.33
CA ILE E 259 28.49 75.67 -82.02
C ILE E 259 28.56 76.71 -83.12
N LEU E 260 29.77 77.05 -83.57
CA LEU E 260 29.89 78.03 -84.63
C LEU E 260 29.16 77.58 -85.89
N ASN E 261 29.39 76.35 -86.34
CA ASN E 261 28.73 75.94 -87.57
C ASN E 261 27.22 75.85 -87.37
N PHE E 262 26.78 75.56 -86.15
CA PHE E 262 25.36 75.58 -85.87
C PHE E 262 24.77 76.96 -86.06
N PHE E 263 25.36 77.97 -85.41
CA PHE E 263 24.81 79.32 -85.58
C PHE E 263 24.92 79.79 -87.02
N ALA E 264 25.98 79.40 -87.71
CA ALA E 264 26.06 79.69 -89.14
C ALA E 264 24.88 79.10 -89.89
N GLY E 265 24.39 77.95 -89.45
CA GLY E 265 23.15 77.43 -89.99
C GLY E 265 21.94 78.26 -89.57
N HIS E 266 21.81 78.50 -88.26
CA HIS E 266 20.62 79.15 -87.72
C HIS E 266 20.40 80.52 -88.33
N TYR E 267 21.38 81.41 -88.25
CA TYR E 267 21.18 82.74 -88.78
C TYR E 267 21.23 82.80 -90.30
N ASP E 268 21.49 81.70 -90.99
CA ASP E 268 21.62 81.69 -92.44
C ASP E 268 22.59 82.78 -92.92
N THR E 269 23.74 82.89 -92.25
CA THR E 269 24.73 83.92 -92.53
C THR E 269 26.10 83.39 -92.15
N PRO E 270 27.16 83.91 -92.75
CA PRO E 270 28.51 83.53 -92.33
C PRO E 270 28.90 84.12 -90.99
N TYR E 271 29.94 83.53 -90.41
CA TYR E 271 30.70 84.18 -89.35
C TYR E 271 31.26 85.49 -89.89
N PRO E 272 31.52 86.46 -89.02
CA PRO E 272 32.02 87.75 -89.51
C PRO E 272 33.31 87.61 -90.32
N LEU E 273 34.38 87.06 -89.72
CA LEU E 273 35.55 86.59 -90.46
C LEU E 273 36.63 85.91 -89.64
N PRO E 274 37.24 86.56 -88.65
CA PRO E 274 38.64 86.22 -88.32
C PRO E 274 38.84 84.96 -87.50
N LYS E 275 38.54 85.01 -86.20
CA LYS E 275 39.13 84.08 -85.25
C LYS E 275 38.14 83.74 -84.15
N SER E 276 38.43 82.65 -83.45
CA SER E 276 37.59 82.12 -82.37
C SER E 276 38.18 82.43 -80.99
N ASP E 277 38.81 83.58 -80.81
CA ASP E 277 39.59 83.82 -79.61
C ASP E 277 38.71 83.86 -78.36
N GLN E 278 39.18 83.16 -77.32
CA GLN E 278 38.51 83.09 -76.04
C GLN E 278 39.58 83.02 -74.97
N ILE E 279 39.28 83.53 -73.78
CA ILE E 279 40.27 83.43 -72.72
C ILE E 279 39.57 83.38 -71.37
N GLY E 280 40.10 82.54 -70.48
CA GLY E 280 39.75 82.58 -69.07
C GLY E 280 40.71 83.46 -68.28
N LEU E 281 40.16 84.21 -67.33
CA LEU E 281 40.88 85.11 -66.47
C LEU E 281 40.67 84.76 -65.01
N PRO E 282 41.64 85.03 -64.15
CA PRO E 282 41.58 84.51 -62.77
C PRO E 282 40.35 84.95 -62.00
N ASP E 283 39.82 86.13 -62.30
CA ASP E 283 38.53 86.57 -61.77
C ASP E 283 37.96 87.60 -62.72
N PHE E 284 36.65 87.81 -62.63
CA PHE E 284 36.00 88.73 -63.53
C PHE E 284 34.75 89.24 -62.86
N ASN E 285 34.46 90.54 -63.03
CA ASN E 285 33.34 91.14 -62.32
C ASN E 285 32.03 90.63 -62.90
N ALA E 286 31.79 90.86 -64.19
CA ALA E 286 30.83 90.06 -64.92
C ALA E 286 31.39 88.65 -65.08
N GLY E 287 30.48 87.69 -65.19
CA GLY E 287 30.93 86.34 -65.48
C GLY E 287 31.62 86.23 -66.82
N ALA E 288 31.21 87.06 -67.78
CA ALA E 288 31.81 87.04 -69.10
C ALA E 288 31.46 88.34 -69.80
N MET E 289 32.17 88.60 -70.90
CA MET E 289 31.84 89.70 -71.79
C MET E 289 32.07 89.25 -73.22
N GLU E 290 31.31 89.84 -74.13
CA GLU E 290 31.23 89.39 -75.51
C GLU E 290 32.05 90.25 -76.46
N ASN E 291 33.12 90.88 -75.97
CA ASN E 291 34.01 91.67 -76.82
C ASN E 291 34.34 90.94 -78.10
N TRP E 292 34.11 91.62 -79.22
CA TRP E 292 33.89 90.94 -80.49
C TRP E 292 35.15 90.22 -80.94
N GLY E 293 35.04 88.93 -81.20
CA GLY E 293 36.16 88.10 -81.60
C GLY E 293 37.19 87.83 -80.53
N LEU E 294 36.99 88.30 -79.29
CA LEU E 294 37.93 88.04 -78.19
C LEU E 294 37.13 87.95 -76.89
N VAL E 295 36.54 86.79 -76.65
CA VAL E 295 35.62 86.62 -75.54
C VAL E 295 36.39 86.33 -74.26
N THR E 296 35.85 86.78 -73.12
CA THR E 296 36.51 86.65 -71.82
C THR E 296 35.59 85.99 -70.80
N TYR E 297 36.14 85.11 -69.97
CA TYR E 297 35.36 84.40 -68.96
C TYR E 297 36.13 84.31 -67.64
N ARG E 298 35.40 84.03 -66.56
CA ARG E 298 36.04 83.49 -65.37
C ARG E 298 36.61 82.11 -65.67
N GLU E 299 37.69 81.76 -64.97
CA GLU E 299 38.33 80.47 -65.18
C GLU E 299 37.35 79.32 -65.02
N ASN E 300 36.62 79.28 -63.91
CA ASN E 300 35.73 78.16 -63.63
C ASN E 300 34.57 78.09 -64.60
N SER E 301 34.30 79.16 -65.34
CA SER E 301 33.24 79.16 -66.34
C SER E 301 33.73 78.75 -67.71
N LEU E 302 34.94 78.23 -67.83
CA LEU E 302 35.45 77.82 -69.13
C LEU E 302 36.22 76.52 -69.04
N LEU E 303 37.13 76.44 -68.07
CA LEU E 303 37.98 75.27 -67.94
C LEU E 303 37.26 74.14 -67.23
N PHE E 304 37.74 72.93 -67.44
CA PHE E 304 37.10 71.72 -66.93
C PHE E 304 38.16 70.70 -66.58
N ASP E 305 37.85 69.86 -65.60
CA ASP E 305 38.70 68.72 -65.27
C ASP E 305 37.83 67.55 -64.84
N PRO E 306 37.78 66.47 -65.61
CA PRO E 306 36.84 65.37 -65.33
C PRO E 306 36.97 64.77 -63.96
N LEU E 307 38.13 64.90 -63.32
CA LEU E 307 38.33 64.27 -62.02
C LEU E 307 37.58 64.95 -60.89
N SER E 308 37.08 66.17 -61.09
CA SER E 308 36.58 66.93 -59.96
C SER E 308 35.39 67.82 -60.31
N SER E 309 35.30 68.29 -61.54
CA SER E 309 34.11 69.01 -61.96
C SER E 309 32.94 68.05 -62.15
N SER E 310 31.77 68.49 -61.72
CA SER E 310 30.56 67.69 -61.86
C SER E 310 29.88 68.00 -63.19
N SER E 311 28.80 67.27 -63.49
CA SER E 311 28.00 67.58 -64.65
C SER E 311 27.55 69.03 -64.67
N SER E 312 27.32 69.62 -63.50
CA SER E 312 26.89 71.01 -63.46
C SER E 312 27.91 71.92 -64.12
N ASN E 313 29.19 71.62 -63.96
CA ASN E 313 30.19 72.39 -64.68
C ASN E 313 30.05 72.21 -66.18
N LYS E 314 29.81 70.98 -66.64
CA LYS E 314 29.62 70.75 -68.07
C LYS E 314 28.49 71.61 -68.61
N GLU E 315 27.34 71.55 -67.94
CA GLU E 315 26.19 72.35 -68.33
C GLU E 315 26.54 73.82 -68.39
N ARG E 316 27.15 74.34 -67.32
CA ARG E 316 27.49 75.75 -67.29
C ARG E 316 28.40 76.13 -68.44
N VAL E 317 29.45 75.34 -68.66
CA VAL E 317 30.43 75.68 -69.68
C VAL E 317 29.76 75.74 -71.04
N VAL E 318 29.00 74.70 -71.39
CA VAL E 318 28.47 74.66 -72.74
C VAL E 318 27.44 75.76 -72.95
N THR E 319 26.63 76.05 -71.94
CA THR E 319 25.64 77.12 -72.13
C THR E 319 26.31 78.48 -72.19
N VAL E 320 27.25 78.75 -71.28
CA VAL E 320 27.91 80.05 -71.27
C VAL E 320 28.56 80.32 -72.62
N ILE E 321 29.31 79.34 -73.14
CA ILE E 321 29.93 79.54 -74.44
C ILE E 321 28.89 79.76 -75.51
N ALA E 322 27.78 79.03 -75.46
CA ALA E 322 26.76 79.24 -76.48
C ALA E 322 26.23 80.65 -76.46
N HIS E 323 26.05 81.22 -75.27
CA HIS E 323 25.56 82.59 -75.15
C HIS E 323 26.55 83.58 -75.75
N GLU E 324 27.78 83.52 -75.26
CA GLU E 324 28.78 84.48 -75.72
C GLU E 324 29.04 84.32 -77.21
N LEU E 325 28.95 83.11 -77.74
CA LEU E 325 29.11 82.92 -79.18
C LEU E 325 27.93 83.46 -79.96
N ALA E 326 26.72 83.36 -79.42
CA ALA E 326 25.58 83.97 -80.08
C ALA E 326 25.80 85.46 -80.24
N HIS E 327 26.38 86.10 -79.22
CA HIS E 327 26.68 87.53 -79.37
C HIS E 327 27.63 87.85 -80.52
N GLN E 328 28.31 86.87 -81.12
CA GLN E 328 29.16 87.19 -82.26
C GLN E 328 28.37 87.58 -83.50
N TRP E 329 27.11 87.15 -83.63
CA TRP E 329 26.23 87.73 -84.63
C TRP E 329 25.31 88.76 -83.99
N PHE E 330 24.18 88.29 -83.50
CA PHE E 330 23.10 89.17 -83.10
C PHE E 330 23.47 89.91 -81.83
N GLY E 331 23.49 91.24 -81.90
CA GLY E 331 23.94 92.09 -80.82
C GLY E 331 25.23 92.82 -81.11
N ASN E 332 26.10 92.26 -81.94
CA ASN E 332 27.34 92.92 -82.34
C ASN E 332 27.37 93.24 -83.82
N LEU E 333 27.03 92.27 -84.66
CA LEU E 333 27.02 92.52 -86.08
C LEU E 333 25.90 93.46 -86.46
N VAL E 334 24.81 93.45 -85.71
CA VAL E 334 23.81 94.51 -85.72
C VAL E 334 23.61 94.96 -84.29
N THR E 335 23.68 96.26 -84.05
CA THR E 335 23.81 96.80 -82.72
C THR E 335 22.61 97.68 -82.38
N ILE E 336 22.29 97.69 -81.09
CA ILE E 336 21.11 98.42 -80.64
C ILE E 336 21.30 99.93 -80.85
N GLU E 337 20.18 100.63 -80.99
CA GLU E 337 20.22 102.07 -81.18
C GLU E 337 20.75 102.78 -79.94
N TRP E 338 20.32 102.35 -78.78
CA TRP E 338 20.79 102.90 -77.52
C TRP E 338 20.40 101.91 -76.44
N TRP E 339 20.95 102.11 -75.24
CA TRP E 339 20.83 101.10 -74.19
C TRP E 339 19.39 100.80 -73.79
N ASN E 340 18.40 101.55 -74.28
CA ASN E 340 17.03 101.20 -73.98
C ASN E 340 16.63 99.91 -74.66
N ASP E 341 17.23 99.63 -75.80
CA ASP E 341 16.97 98.40 -76.54
C ASP E 341 17.80 97.24 -76.01
N LEU E 342 18.47 97.41 -74.87
CA LEU E 342 19.36 96.37 -74.37
C LEU E 342 18.67 95.03 -74.23
N TRP E 343 17.39 95.03 -73.83
CA TRP E 343 16.69 93.76 -73.62
C TRP E 343 16.61 92.92 -74.88
N LEU E 344 16.70 93.53 -76.04
CA LEU E 344 16.66 92.71 -77.24
C LEU E 344 17.91 91.85 -77.36
N ASN E 345 19.07 92.38 -76.96
CA ASN E 345 20.26 91.52 -76.95
C ASN E 345 20.21 90.43 -75.90
N GLU E 346 20.29 90.80 -74.62
CA GLU E 346 20.49 89.79 -73.60
C GLU E 346 19.28 88.92 -73.39
N GLY E 347 18.12 89.36 -73.82
CA GLY E 347 17.02 88.42 -73.90
C GLY E 347 17.31 87.35 -74.93
N PHE E 348 17.52 87.80 -76.16
CA PHE E 348 17.63 86.86 -77.28
C PHE E 348 18.75 85.86 -77.04
N ALA E 349 19.93 86.33 -76.65
CA ALA E 349 21.01 85.39 -76.42
C ALA E 349 20.68 84.46 -75.26
N SER E 350 20.10 84.98 -74.18
CA SER E 350 19.72 84.11 -73.08
C SER E 350 18.68 83.10 -73.51
N TYR E 351 17.94 83.37 -74.56
CA TYR E 351 17.12 82.34 -75.16
C TYR E 351 18.00 81.38 -75.94
N VAL E 352 18.74 81.89 -76.92
CA VAL E 352 19.35 81.02 -77.90
C VAL E 352 20.53 80.26 -77.34
N GLU E 353 21.07 80.67 -76.20
CA GLU E 353 22.08 79.82 -75.57
C GLU E 353 21.53 78.42 -75.32
N TYR E 354 20.23 78.28 -75.12
CA TYR E 354 19.68 76.94 -74.95
C TYR E 354 19.54 76.19 -76.26
N LEU E 355 19.31 76.88 -77.38
CA LEU E 355 19.35 76.16 -78.65
C LEU E 355 20.76 75.76 -79.04
N GLY E 356 21.71 76.69 -78.93
CA GLY E 356 23.07 76.36 -79.31
C GLY E 356 23.62 75.17 -78.55
N ALA E 357 23.45 75.18 -77.23
CA ALA E 357 23.94 74.08 -76.43
C ALA E 357 23.21 72.80 -76.81
N ASP E 358 21.91 72.90 -77.09
CA ASP E 358 21.17 71.73 -77.55
C ASP E 358 21.87 71.03 -78.69
N TYR E 359 22.28 71.78 -79.70
CA TYR E 359 22.91 71.13 -80.84
C TYR E 359 24.24 70.53 -80.46
N ALA E 360 24.92 71.09 -79.48
CA ALA E 360 26.24 70.61 -79.09
C ALA E 360 26.19 69.38 -78.19
N GLU E 361 25.10 69.14 -77.49
CA GLU E 361 24.99 67.99 -76.58
C GLU E 361 23.61 67.37 -76.72
N PRO E 362 23.30 66.80 -77.88
CA PRO E 362 21.89 66.55 -78.22
C PRO E 362 21.19 65.57 -77.31
N THR E 363 21.93 64.74 -76.57
CA THR E 363 21.33 63.72 -75.71
C THR E 363 20.81 64.26 -74.38
N TRP E 364 20.73 65.58 -74.20
CA TRP E 364 20.35 66.13 -72.91
C TRP E 364 18.99 66.82 -72.88
N ASN E 365 18.31 66.98 -74.01
CA ASN E 365 17.06 67.73 -74.07
C ASN E 365 17.19 69.11 -73.43
N LEU E 366 18.36 69.72 -73.57
CA LEU E 366 18.66 70.95 -72.84
C LEU E 366 17.59 72.02 -73.01
N LYS E 367 16.90 72.05 -74.15
CA LYS E 367 15.90 73.10 -74.38
C LYS E 367 14.93 73.19 -73.22
N ASP E 368 14.39 72.05 -72.78
CA ASP E 368 13.36 72.10 -71.76
C ASP E 368 13.91 72.41 -70.38
N LEU E 369 15.22 72.44 -70.21
CA LEU E 369 15.76 72.98 -68.97
C LEU E 369 15.50 74.47 -68.88
N MET E 370 15.44 75.14 -70.04
CA MET E 370 15.31 76.59 -70.07
C MET E 370 14.07 77.04 -69.32
N VAL E 371 12.98 76.29 -69.41
CA VAL E 371 11.78 76.66 -68.68
C VAL E 371 12.07 76.77 -67.20
N LEU E 372 12.73 75.76 -66.65
CA LEU E 372 12.98 75.74 -65.23
C LEU E 372 14.02 76.77 -64.82
N ASN E 373 14.94 77.09 -65.71
CA ASN E 373 15.97 78.07 -65.35
C ASN E 373 15.50 79.51 -65.49
N ASP E 374 14.74 79.82 -66.53
CA ASP E 374 14.53 81.21 -66.91
C ASP E 374 13.10 81.61 -67.24
N VAL E 375 12.14 80.70 -67.19
CA VAL E 375 10.75 81.14 -67.18
C VAL E 375 10.27 81.20 -65.75
N TYR E 376 10.14 80.05 -65.09
CA TYR E 376 9.58 80.06 -63.75
C TYR E 376 10.43 80.85 -62.78
N ARG E 377 11.70 81.05 -63.08
CA ARG E 377 12.50 81.91 -62.22
C ARG E 377 12.05 83.36 -62.34
N VAL E 378 11.64 83.79 -63.53
CA VAL E 378 11.26 85.19 -63.68
C VAL E 378 9.84 85.46 -63.23
N MET E 379 8.94 84.47 -63.29
CA MET E 379 7.59 84.70 -62.78
C MET E 379 7.60 85.22 -61.35
N ALA E 380 8.45 84.65 -60.51
CA ALA E 380 8.50 85.09 -59.12
C ALA E 380 8.95 86.54 -58.99
N VAL E 381 9.52 87.12 -60.02
CA VAL E 381 9.87 88.54 -60.03
C VAL E 381 8.79 89.38 -60.68
N ASP E 382 8.31 88.96 -61.85
CA ASP E 382 7.47 89.80 -62.68
C ASP E 382 6.05 89.90 -62.16
N ALA E 383 5.59 88.93 -61.37
CA ALA E 383 4.24 88.98 -60.84
C ALA E 383 4.07 90.04 -59.75
N LEU E 384 4.90 91.08 -59.77
CA LEU E 384 4.90 92.09 -58.72
C LEU E 384 4.79 93.47 -59.34
N ALA E 385 4.01 94.34 -58.69
CA ALA E 385 3.77 95.67 -59.24
C ALA E 385 5.03 96.51 -59.35
N SER E 386 6.06 96.23 -58.55
CA SER E 386 7.30 96.97 -58.71
C SER E 386 8.02 96.62 -59.99
N SER E 387 7.67 95.50 -60.63
CA SER E 387 8.29 95.15 -61.88
C SER E 387 7.95 96.20 -62.94
N HIS E 388 8.81 96.26 -63.96
CA HIS E 388 8.72 97.27 -64.99
C HIS E 388 8.56 96.64 -66.37
N PRO E 389 7.93 97.34 -67.30
CA PRO E 389 7.92 96.85 -68.68
C PRO E 389 9.33 96.72 -69.22
N LEU E 390 9.45 95.93 -70.29
CA LEU E 390 10.76 95.75 -70.91
C LEU E 390 11.27 97.02 -71.57
N SER E 391 10.41 97.73 -72.28
CA SER E 391 10.85 98.85 -73.11
C SER E 391 10.54 100.18 -72.45
N THR E 392 11.56 101.02 -72.37
CA THR E 392 11.43 102.45 -72.11
C THR E 392 11.93 103.21 -73.33
N PRO E 393 11.31 104.32 -73.69
CA PRO E 393 11.82 105.09 -74.83
C PRO E 393 13.26 105.54 -74.58
N ALA E 394 14.07 105.47 -75.64
CA ALA E 394 15.50 105.72 -75.52
C ALA E 394 15.82 107.09 -74.96
N SER E 395 14.89 108.04 -75.04
CA SER E 395 15.14 109.37 -74.51
C SER E 395 15.34 109.36 -73.00
N GLU E 396 14.73 108.40 -72.29
CA GLU E 396 14.67 108.53 -70.84
C GLU E 396 15.95 108.03 -70.18
N ILE E 397 16.50 106.92 -70.64
CA ILE E 397 17.69 106.35 -70.01
C ILE E 397 18.92 107.06 -70.56
N ASN E 398 19.67 107.70 -69.67
CA ASN E 398 20.77 108.55 -70.10
C ASN E 398 21.98 108.43 -69.19
N THR E 399 21.75 108.45 -67.89
CA THR E 399 22.86 108.50 -66.97
C THR E 399 23.62 107.18 -66.96
N PRO E 400 24.91 107.20 -66.60
CA PRO E 400 25.66 105.95 -66.44
C PRO E 400 24.97 104.94 -65.56
N ALA E 401 24.31 105.39 -64.49
CA ALA E 401 23.57 104.46 -63.65
C ALA E 401 22.38 103.88 -64.41
N GLN E 402 21.64 104.71 -65.14
CA GLN E 402 20.50 104.19 -65.89
C GLN E 402 20.93 103.26 -67.02
N ILE E 403 22.16 103.42 -67.52
CA ILE E 403 22.69 102.41 -68.41
C ILE E 403 22.99 101.13 -67.66
N SER E 404 23.77 101.23 -66.57
CA SER E 404 24.26 100.03 -65.90
C SER E 404 23.12 99.21 -65.32
N GLU E 405 22.06 99.85 -64.84
CA GLU E 405 21.00 99.16 -64.13
C GLU E 405 20.14 98.27 -65.02
N LEU E 406 20.20 98.43 -66.33
CA LEU E 406 19.35 97.64 -67.21
C LEU E 406 19.80 96.20 -67.36
N PHE E 407 21.00 95.85 -66.88
CA PHE E 407 21.42 94.46 -66.84
C PHE E 407 20.76 93.70 -65.71
N ASP E 408 19.43 93.78 -65.63
CA ASP E 408 18.67 93.16 -64.56
C ASP E 408 18.10 91.81 -64.99
N ALA E 409 17.56 91.09 -64.01
CA ALA E 409 17.03 89.76 -64.27
C ALA E 409 15.94 89.78 -65.33
N ILE E 410 15.08 90.79 -65.28
CA ILE E 410 13.94 90.84 -66.18
C ILE E 410 14.39 90.97 -67.62
N SER E 411 15.23 91.96 -67.90
CA SER E 411 15.68 92.19 -69.27
C SER E 411 16.23 90.92 -69.91
N TYR E 412 16.98 90.14 -69.15
CA TYR E 412 17.47 88.86 -69.66
C TYR E 412 16.34 87.86 -69.83
N SER E 413 15.78 87.39 -68.73
CA SER E 413 14.96 86.20 -68.78
C SER E 413 13.57 86.44 -69.37
N LYS E 414 12.95 87.59 -69.12
CA LYS E 414 11.67 87.85 -69.78
C LYS E 414 11.85 88.08 -71.27
N GLY E 415 12.87 88.81 -71.67
CA GLY E 415 13.15 88.93 -73.10
C GLY E 415 13.30 87.57 -73.74
N ALA E 416 14.01 86.67 -73.04
CA ALA E 416 14.10 85.30 -73.51
C ALA E 416 12.74 84.65 -73.62
N SER E 417 11.94 84.72 -72.56
CA SER E 417 10.66 84.02 -72.57
C SER E 417 9.75 84.54 -73.68
N VAL E 418 9.69 85.84 -73.88
CA VAL E 418 8.80 86.38 -74.90
C VAL E 418 9.31 86.03 -76.29
N LEU E 419 10.62 86.00 -76.51
CA LEU E 419 11.05 85.57 -77.84
C LEU E 419 10.82 84.08 -78.05
N ARG E 420 10.99 83.28 -77.00
CA ARG E 420 10.61 81.87 -77.06
C ARG E 420 9.15 81.73 -77.45
N MET E 421 8.30 82.63 -76.97
CA MET E 421 6.91 82.61 -77.39
C MET E 421 6.77 83.05 -78.84
N LEU E 422 7.54 84.06 -79.23
CA LEU E 422 7.46 84.60 -80.58
C LEU E 422 7.80 83.54 -81.62
N SER E 423 8.89 82.81 -81.39
CA SER E 423 9.27 81.71 -82.27
C SER E 423 8.41 80.48 -82.05
N SER E 424 7.16 80.67 -81.67
CA SER E 424 6.30 79.50 -81.53
C SER E 424 4.87 79.83 -81.89
N PHE E 425 4.40 81.05 -81.61
CA PHE E 425 3.13 81.43 -82.22
C PHE E 425 3.31 81.72 -83.70
N LEU E 426 4.47 82.20 -84.09
CA LEU E 426 4.94 81.98 -85.46
C LEU E 426 5.43 80.56 -85.62
N SER E 427 5.32 80.05 -86.83
CA SER E 427 6.16 78.92 -87.19
C SER E 427 7.60 79.34 -87.04
N GLU E 428 8.39 78.50 -86.37
CA GLU E 428 9.79 78.83 -86.12
C GLU E 428 10.56 79.12 -87.40
N ASP E 429 10.22 78.43 -88.49
CA ASP E 429 10.97 78.64 -89.72
C ASP E 429 10.73 80.02 -90.30
N VAL E 430 9.53 80.55 -90.17
CA VAL E 430 9.30 81.90 -90.67
C VAL E 430 10.06 82.91 -89.83
N PHE E 431 10.14 82.66 -88.53
CA PHE E 431 10.94 83.50 -87.65
C PHE E 431 12.39 83.51 -88.08
N LYS E 432 12.96 82.33 -88.26
CA LYS E 432 14.34 82.24 -88.74
C LYS E 432 14.52 82.95 -90.08
N GLN E 433 13.57 82.80 -91.00
CA GLN E 433 13.66 83.51 -92.27
C GLN E 433 13.73 85.01 -92.07
N GLY E 434 12.85 85.54 -91.23
CA GLY E 434 12.83 86.98 -91.03
C GLY E 434 14.11 87.47 -90.41
N LEU E 435 14.59 86.78 -89.39
CA LEU E 435 15.84 87.13 -88.75
C LEU E 435 17.00 87.11 -89.73
N ALA E 436 17.08 86.08 -90.58
CA ALA E 436 18.15 86.01 -91.58
C ALA E 436 18.08 87.16 -92.57
N SER E 437 16.88 87.44 -93.09
CA SER E 437 16.73 88.59 -93.97
C SER E 437 17.19 89.87 -93.30
N TYR E 438 16.83 90.03 -92.03
CA TYR E 438 17.25 91.18 -91.25
C TYR E 438 18.76 91.31 -91.20
N LEU E 439 19.46 90.23 -90.86
CA LEU E 439 20.92 90.28 -90.86
C LEU E 439 21.50 90.54 -92.23
N HIS E 440 20.91 89.99 -93.28
CA HIS E 440 21.38 90.31 -94.62
C HIS E 440 21.18 91.78 -94.95
N THR E 441 20.21 92.44 -94.34
CA THR E 441 19.97 93.83 -94.70
C THR E 441 20.81 94.81 -93.90
N PHE E 442 20.81 94.68 -92.58
CA PHE E 442 21.35 95.72 -91.71
C PHE E 442 22.78 95.47 -91.26
N ALA E 443 23.47 94.50 -91.84
CA ALA E 443 24.84 94.21 -91.45
C ALA E 443 25.69 95.47 -91.35
N TYR E 444 26.47 95.54 -90.28
CA TYR E 444 27.32 96.66 -89.91
C TYR E 444 26.60 97.96 -89.58
N GLN E 445 25.35 98.13 -90.02
CA GLN E 445 24.63 99.33 -89.64
C GLN E 445 24.05 99.18 -88.25
N ASN E 446 22.93 99.83 -87.99
CA ASN E 446 22.35 99.85 -86.66
C ASN E 446 20.84 99.86 -86.78
N THR E 447 20.16 99.27 -85.79
CA THR E 447 18.71 99.10 -85.89
C THR E 447 18.02 99.34 -84.57
N ILE E 448 16.84 99.93 -84.65
CA ILE E 448 15.86 99.90 -83.57
C ILE E 448 15.14 98.57 -83.57
N TYR E 449 14.63 98.18 -82.40
CA TYR E 449 14.02 96.86 -82.28
C TYR E 449 12.83 96.67 -83.23
N LEU E 450 12.07 97.73 -83.50
CA LEU E 450 10.93 97.61 -84.41
C LEU E 450 11.31 97.05 -85.77
N ASN E 451 12.56 97.24 -86.20
CA ASN E 451 12.93 96.71 -87.49
C ASN E 451 12.85 95.19 -87.51
N LEU E 452 13.11 94.55 -86.38
CA LEU E 452 12.92 93.11 -86.33
C LEU E 452 11.46 92.78 -86.61
N TRP E 453 10.53 93.55 -86.04
CA TRP E 453 9.14 93.33 -86.37
C TRP E 453 8.89 93.56 -87.85
N ASP E 454 9.56 94.55 -88.44
CA ASP E 454 9.42 94.77 -89.87
C ASP E 454 9.74 93.50 -90.66
N HIS E 455 10.89 92.91 -90.38
CA HIS E 455 11.31 91.73 -91.14
C HIS E 455 10.50 90.50 -90.81
N LEU E 456 10.07 90.32 -89.56
CA LEU E 456 9.15 89.24 -89.25
C LEU E 456 7.83 89.42 -89.97
N GLN E 457 7.32 90.65 -90.03
CA GLN E 457 6.09 90.93 -90.74
C GLN E 457 6.23 90.59 -92.23
N GLU E 458 7.36 90.95 -92.82
CA GLU E 458 7.59 90.59 -94.22
C GLU E 458 7.65 89.09 -94.40
N ALA E 459 8.31 88.39 -93.48
CA ALA E 459 8.33 86.93 -93.56
C ALA E 459 6.93 86.36 -93.50
N VAL E 460 6.11 86.89 -92.59
CA VAL E 460 4.71 86.47 -92.50
C VAL E 460 4.02 86.65 -93.84
N ASN E 461 4.14 87.85 -94.42
CA ASN E 461 3.44 88.11 -95.67
C ASN E 461 3.92 87.18 -96.77
N ASN E 462 5.21 86.88 -96.81
CA ASN E 462 5.72 86.03 -97.87
C ASN E 462 5.33 84.57 -97.67
N ARG E 463 5.13 84.16 -96.42
CA ARG E 463 4.63 82.82 -96.15
C ARG E 463 3.12 82.77 -95.99
N SER E 464 2.46 83.92 -95.82
CA SER E 464 1.02 84.03 -95.59
C SER E 464 0.58 83.42 -94.26
N ILE E 465 1.49 83.25 -93.31
CA ILE E 465 1.10 82.68 -92.02
C ILE E 465 0.04 83.56 -91.39
N GLN E 466 -1.08 82.94 -91.00
CA GLN E 466 -2.19 83.66 -90.42
C GLN E 466 -1.92 84.09 -88.99
N LEU E 467 -2.33 85.30 -88.67
CA LEU E 467 -2.23 85.87 -87.34
C LEU E 467 -3.45 86.73 -87.10
N PRO E 468 -3.84 86.93 -85.85
CA PRO E 468 -4.96 87.84 -85.59
C PRO E 468 -4.68 89.27 -86.03
N THR E 469 -3.45 89.75 -85.89
CA THR E 469 -3.13 91.13 -86.24
C THR E 469 -1.69 91.20 -86.73
N THR E 470 -1.34 92.37 -87.25
CA THR E 470 0.06 92.77 -87.45
C THR E 470 0.93 92.36 -86.28
N VAL E 471 2.10 91.79 -86.60
CA VAL E 471 2.98 91.24 -85.58
C VAL E 471 3.40 92.32 -84.60
N ARG E 472 3.63 93.53 -85.10
CA ARG E 472 3.93 94.64 -84.21
C ARG E 472 2.81 94.86 -83.19
N ASP E 473 1.55 94.72 -83.63
CA ASP E 473 0.43 95.00 -82.75
C ASP E 473 0.19 93.89 -81.76
N ILE E 474 0.66 92.68 -82.07
CA ILE E 474 0.68 91.63 -81.06
C ILE E 474 1.78 91.91 -80.06
N MET E 475 3.01 92.03 -80.55
CA MET E 475 4.16 91.92 -79.69
C MET E 475 4.34 93.13 -78.81
N ASN E 476 3.97 94.32 -79.29
CA ASN E 476 4.07 95.49 -78.45
C ASN E 476 3.24 95.33 -77.18
N ARG E 477 2.14 94.57 -77.26
CA ARG E 477 1.37 94.32 -76.05
C ARG E 477 2.18 93.55 -75.02
N TRP E 478 3.11 92.70 -75.46
CA TRP E 478 3.96 92.02 -74.49
C TRP E 478 5.14 92.87 -74.07
N THR E 479 5.61 93.74 -74.95
CA THR E 479 6.80 94.52 -74.65
C THR E 479 6.51 95.72 -73.77
N LEU E 480 5.35 96.33 -73.91
CA LEU E 480 5.10 97.66 -73.37
C LEU E 480 4.35 97.65 -72.05
N GLN E 481 4.10 96.48 -71.47
CA GLN E 481 3.43 96.42 -70.18
C GLN E 481 4.04 95.33 -69.32
N MET E 482 4.16 95.61 -68.04
CA MET E 482 4.71 94.65 -67.10
C MET E 482 3.70 93.55 -66.77
N GLY E 483 4.22 92.48 -66.18
CA GLY E 483 3.45 91.32 -65.77
C GLY E 483 2.98 90.43 -66.91
N PHE E 484 2.06 89.53 -66.56
CA PHE E 484 1.54 88.54 -67.49
C PHE E 484 0.15 88.12 -67.01
N PRO E 485 -0.70 87.64 -67.92
CA PRO E 485 -2.02 87.19 -67.51
C PRO E 485 -1.97 85.82 -66.88
N VAL E 486 -3.00 85.53 -66.10
CA VAL E 486 -3.42 84.16 -65.83
C VAL E 486 -4.63 83.84 -66.70
N ILE E 487 -4.56 82.69 -67.37
CA ILE E 487 -5.67 82.14 -68.14
C ILE E 487 -6.45 81.18 -67.27
N THR E 488 -7.72 81.47 -67.04
CA THR E 488 -8.62 80.60 -66.30
C THR E 488 -9.67 80.03 -67.24
N VAL E 489 -9.78 78.71 -67.26
CA VAL E 489 -10.70 78.00 -68.15
C VAL E 489 -11.85 77.45 -67.33
N ASP E 490 -13.06 77.56 -67.88
CA ASP E 490 -14.21 76.78 -67.44
C ASP E 490 -14.56 75.83 -68.60
N THR E 491 -14.32 74.54 -68.40
CA THR E 491 -14.46 73.59 -69.49
C THR E 491 -15.88 73.10 -69.69
N SER E 492 -16.75 73.28 -68.69
CA SER E 492 -18.13 72.86 -68.87
C SER E 492 -18.81 73.69 -69.94
N THR E 493 -18.61 75.00 -69.90
CA THR E 493 -19.08 75.85 -70.98
C THR E 493 -18.08 75.87 -72.14
N GLY E 494 -16.80 75.70 -71.82
CA GLY E 494 -15.74 75.95 -72.77
C GLY E 494 -15.47 77.43 -72.94
N THR E 495 -15.35 78.14 -71.82
CA THR E 495 -15.09 79.57 -71.82
C THR E 495 -13.72 79.82 -71.19
N LEU E 496 -12.86 80.49 -71.93
CA LEU E 496 -11.61 81.03 -71.39
C LEU E 496 -11.82 82.41 -70.82
N SER E 497 -10.90 82.81 -69.96
CA SER E 497 -10.84 84.17 -69.46
C SER E 497 -9.41 84.47 -69.06
N GLN E 498 -9.09 85.75 -69.05
CA GLN E 498 -7.75 86.21 -68.69
C GLN E 498 -7.86 87.31 -67.66
N GLU E 499 -6.90 87.35 -66.74
CA GLU E 499 -6.80 88.54 -65.91
C GLU E 499 -5.37 88.76 -65.48
N HIS E 500 -5.04 90.00 -65.14
CA HIS E 500 -3.71 90.31 -64.66
C HIS E 500 -3.42 89.51 -63.40
N PHE E 501 -2.43 88.62 -63.50
CA PHE E 501 -1.98 87.83 -62.35
C PHE E 501 -1.04 88.68 -61.52
N LEU E 502 -1.50 89.14 -60.37
CA LEU E 502 -0.64 89.78 -59.37
C LEU E 502 -0.46 88.84 -58.19
N LEU E 503 0.79 88.59 -57.82
CA LEU E 503 1.08 87.51 -56.89
C LEU E 503 0.52 87.79 -55.51
N ASP E 504 0.54 89.05 -55.08
CA ASP E 504 -0.15 89.44 -53.85
C ASP E 504 -1.54 89.96 -54.20
N PRO E 505 -2.61 89.25 -53.86
CA PRO E 505 -3.89 89.46 -54.54
C PRO E 505 -4.50 90.82 -54.26
N ASP E 506 -4.06 91.51 -53.20
CA ASP E 506 -4.61 92.81 -52.85
C ASP E 506 -3.56 93.91 -52.89
N SER E 507 -2.39 93.65 -53.48
CA SER E 507 -1.47 94.71 -53.82
C SER E 507 -2.04 95.62 -54.90
N ASN E 508 -1.72 96.91 -54.80
CA ASN E 508 -2.03 97.83 -55.88
C ASN E 508 -1.10 97.62 -57.06
N VAL E 509 -1.58 97.97 -58.25
CA VAL E 509 -0.72 98.19 -59.40
C VAL E 509 -0.77 99.66 -59.76
N THR E 510 0.36 100.35 -59.61
CA THR E 510 0.38 101.78 -59.88
C THR E 510 0.48 102.07 -61.36
N ARG E 511 1.34 101.33 -62.07
CA ARG E 511 1.63 101.65 -63.46
C ARG E 511 0.38 101.52 -64.32
N PRO E 512 0.07 102.51 -65.13
CA PRO E 512 -1.02 102.36 -66.10
C PRO E 512 -0.59 101.50 -67.28
N SER E 513 -1.58 100.99 -67.99
CA SER E 513 -1.37 100.42 -69.31
C SER E 513 -2.42 100.93 -70.28
N GLU E 514 -1.97 101.32 -71.46
CA GLU E 514 -2.93 101.65 -72.51
C GLU E 514 -3.72 100.42 -72.93
N PHE E 515 -3.07 99.26 -72.98
CA PHE E 515 -3.81 98.01 -73.09
C PHE E 515 -4.47 97.62 -71.78
N ASN E 516 -4.36 98.46 -70.75
CA ASN E 516 -5.04 98.24 -69.47
C ASN E 516 -4.85 96.82 -68.97
N TYR E 517 -3.64 96.28 -69.15
CA TYR E 517 -3.29 94.92 -68.77
C TYR E 517 -4.22 93.90 -69.43
N VAL E 518 -4.45 94.08 -70.72
CA VAL E 518 -4.99 93.04 -71.59
C VAL E 518 -3.90 92.63 -72.56
N TRP E 519 -3.83 91.34 -72.87
CA TRP E 519 -2.88 90.82 -73.84
C TRP E 519 -3.60 90.03 -74.91
N ILE E 520 -3.02 89.99 -76.11
CA ILE E 520 -3.30 88.93 -77.07
C ILE E 520 -2.43 87.72 -76.76
N VAL E 521 -3.05 86.55 -76.66
CA VAL E 521 -2.31 85.35 -76.25
C VAL E 521 -2.56 84.19 -77.21
N PRO E 522 -1.53 83.50 -77.68
CA PRO E 522 -1.75 82.26 -78.41
C PRO E 522 -1.92 81.11 -77.43
N ILE E 523 -2.69 80.10 -77.83
CA ILE E 523 -2.96 78.96 -76.94
C ILE E 523 -2.94 77.66 -77.75
N THR E 524 -1.91 76.85 -77.54
CA THR E 524 -1.93 75.43 -77.85
C THR E 524 -2.61 74.66 -76.72
N SER E 525 -3.10 73.47 -77.04
CA SER E 525 -3.76 72.68 -76.02
C SER E 525 -3.81 71.22 -76.43
N ILE E 526 -4.09 70.36 -75.44
CA ILE E 526 -4.34 68.96 -75.69
C ILE E 526 -5.66 68.56 -75.03
N ARG E 527 -6.34 67.60 -75.66
CA ARG E 527 -7.56 67.00 -75.17
C ARG E 527 -7.34 65.50 -75.05
N ASP E 528 -7.55 64.96 -73.85
CA ASP E 528 -7.44 63.52 -73.60
C ASP E 528 -6.14 62.95 -74.16
N GLY E 529 -5.07 63.73 -74.07
CA GLY E 529 -3.76 63.32 -74.55
C GLY E 529 -3.49 63.56 -76.02
N ARG E 530 -4.43 64.17 -76.74
CA ARG E 530 -4.26 64.45 -78.16
C ARG E 530 -4.32 65.96 -78.36
N GLN E 531 -3.36 66.50 -79.11
CA GLN E 531 -3.30 67.94 -79.30
C GLN E 531 -4.49 68.45 -80.09
N GLN E 532 -5.07 69.56 -79.60
CA GLN E 532 -6.17 70.22 -80.28
C GLN E 532 -5.63 71.10 -81.40
N GLN E 533 -6.54 71.62 -82.20
CA GLN E 533 -6.24 72.80 -83.01
C GLN E 533 -5.82 73.96 -82.12
N ASP E 534 -4.92 74.79 -82.62
CA ASP E 534 -4.43 75.93 -81.87
C ASP E 534 -5.36 77.13 -82.01
N TYR E 535 -5.31 78.02 -81.02
CA TYR E 535 -6.33 79.03 -80.83
C TYR E 535 -5.69 80.36 -80.44
N TRP E 536 -6.49 81.43 -80.50
CA TRP E 536 -6.05 82.77 -80.16
C TRP E 536 -7.03 83.44 -79.21
N LEU E 537 -6.51 84.11 -78.20
CA LEU E 537 -7.31 84.93 -77.30
C LEU E 537 -7.03 86.40 -77.53
N ILE E 538 -8.08 87.19 -77.73
CA ILE E 538 -7.95 88.62 -77.99
C ILE E 538 -8.89 89.41 -77.09
N ASP E 539 -9.49 88.74 -76.10
CA ASP E 539 -10.50 89.35 -75.24
C ASP E 539 -10.29 88.91 -73.80
N VAL E 540 -11.00 89.58 -72.90
CA VAL E 540 -10.99 89.19 -71.49
C VAL E 540 -11.71 87.87 -71.27
N ARG E 541 -12.68 87.55 -72.12
CA ARG E 541 -13.33 86.25 -72.06
C ARG E 541 -13.65 85.78 -73.47
N ALA E 542 -13.74 84.47 -73.65
CA ALA E 542 -14.14 83.94 -74.95
C ALA E 542 -14.64 82.51 -74.82
N GLN E 543 -15.83 82.25 -75.33
CA GLN E 543 -16.29 80.88 -75.51
C GLN E 543 -15.68 80.30 -76.78
N ASN E 544 -15.21 79.07 -76.69
CA ASN E 544 -14.90 78.30 -77.89
C ASN E 544 -15.12 76.81 -77.64
N ASP E 545 -15.60 76.13 -78.68
CA ASP E 545 -15.96 74.73 -78.59
C ASP E 545 -14.76 73.80 -78.46
N LEU E 546 -13.56 74.23 -78.88
CA LEU E 546 -12.35 73.47 -78.61
C LEU E 546 -12.10 73.28 -77.12
N PHE E 547 -12.68 74.12 -76.28
CA PHE E 547 -12.56 74.01 -74.83
C PHE E 547 -13.83 73.53 -74.15
N SER E 548 -14.85 73.18 -74.91
CA SER E 548 -16.04 72.55 -74.36
C SER E 548 -15.69 71.35 -73.49
N TRP E 554 -10.80 65.71 -70.24
CA TRP E 554 -9.90 66.67 -69.63
C TRP E 554 -8.97 67.32 -70.64
N VAL E 555 -8.55 68.55 -70.33
CA VAL E 555 -7.80 69.39 -71.25
C VAL E 555 -6.60 69.98 -70.53
N LEU E 556 -5.49 70.11 -71.24
CA LEU E 556 -4.36 70.92 -70.79
C LEU E 556 -4.09 72.01 -71.81
N LEU E 557 -3.60 73.13 -71.32
CA LEU E 557 -3.14 74.19 -72.20
C LEU E 557 -1.61 74.26 -72.24
N ASN E 558 -1.12 75.07 -73.18
CA ASN E 558 0.25 75.60 -73.17
C ASN E 558 1.29 74.48 -73.13
N LEU E 559 1.33 73.73 -74.23
CA LEU E 559 2.27 72.61 -74.33
C LEU E 559 3.71 73.07 -74.15
N ASN E 560 4.47 72.26 -73.41
CA ASN E 560 5.84 72.60 -73.03
C ASN E 560 5.95 74.04 -72.50
N VAL E 561 4.86 74.50 -71.88
CA VAL E 561 4.68 75.85 -71.36
C VAL E 561 5.29 76.92 -72.25
N THR E 562 5.23 76.72 -73.56
CA THR E 562 5.80 77.71 -74.48
C THR E 562 5.15 79.08 -74.31
N GLY E 563 3.86 79.12 -73.97
CA GLY E 563 3.23 80.40 -73.70
C GLY E 563 3.59 80.93 -72.33
N TYR E 564 3.89 82.22 -72.29
CA TYR E 564 4.29 82.93 -71.07
C TYR E 564 3.07 83.37 -70.27
N TYR E 565 2.36 82.40 -69.72
CA TYR E 565 1.23 82.68 -68.84
C TYR E 565 1.00 81.48 -67.94
N ARG E 566 0.34 81.72 -66.80
CA ARG E 566 -0.10 80.62 -65.96
C ARG E 566 -1.50 80.16 -66.32
N VAL E 567 -1.80 78.91 -65.96
CA VAL E 567 -3.00 78.21 -66.39
C VAL E 567 -3.79 77.74 -65.17
N ASN E 568 -5.11 77.89 -65.21
CA ASN E 568 -5.99 77.52 -64.11
C ASN E 568 -7.29 76.95 -64.65
N TYR E 569 -7.90 76.03 -63.90
CA TYR E 569 -9.11 75.34 -64.37
C TYR E 569 -10.16 75.30 -63.28
N ASP E 570 -11.38 74.98 -63.69
CA ASP E 570 -12.39 74.46 -62.78
C ASP E 570 -11.95 73.12 -62.20
N GLU E 571 -12.37 72.87 -60.96
CA GLU E 571 -11.81 71.78 -60.17
C GLU E 571 -12.11 70.39 -60.73
N GLU E 572 -13.18 70.24 -61.51
CA GLU E 572 -13.42 68.92 -62.10
C GLU E 572 -12.35 68.56 -63.13
N ASN E 573 -11.80 69.57 -63.79
CA ASN E 573 -10.59 69.36 -64.57
C ASN E 573 -9.46 68.86 -63.69
N TRP E 574 -9.17 69.57 -62.60
CA TRP E 574 -8.04 69.17 -61.77
C TRP E 574 -8.20 67.74 -61.27
N ARG E 575 -9.42 67.37 -60.89
CA ARG E 575 -9.69 65.99 -60.51
C ARG E 575 -9.36 65.02 -61.63
N LYS E 576 -9.91 65.27 -62.82
CA LYS E 576 -9.71 64.31 -63.91
C LYS E 576 -8.24 64.25 -64.32
N ILE E 577 -7.55 65.37 -64.29
CA ILE E 577 -6.13 65.41 -64.61
C ILE E 577 -5.34 64.61 -63.59
N GLN E 578 -5.62 64.79 -62.31
CA GLN E 578 -4.98 63.97 -61.30
C GLN E 578 -5.23 62.50 -61.55
N THR E 579 -6.48 62.14 -61.84
CA THR E 579 -6.83 60.75 -62.08
C THR E 579 -6.03 60.16 -63.24
N GLN E 580 -5.92 60.91 -64.34
CA GLN E 580 -5.09 60.46 -65.44
C GLN E 580 -3.64 60.34 -65.01
N LEU E 581 -3.09 61.42 -64.45
CA LEU E 581 -1.66 61.51 -64.21
C LEU E 581 -1.21 60.43 -63.24
N GLN E 582 -2.04 60.10 -62.25
CA GLN E 582 -1.75 58.99 -61.37
C GLN E 582 -2.02 57.65 -62.02
N ARG E 583 -2.85 57.62 -63.06
CA ARG E 583 -3.04 56.36 -63.76
C ARG E 583 -1.88 56.10 -64.73
N ASP E 584 -1.54 57.10 -65.54
CA ASP E 584 -0.38 57.02 -66.42
C ASP E 584 0.09 58.43 -66.70
N HIS E 585 1.34 58.72 -66.32
CA HIS E 585 1.93 60.03 -66.58
C HIS E 585 2.49 60.17 -67.98
N SER E 586 2.78 59.08 -68.69
CA SER E 586 3.31 59.19 -70.03
C SER E 586 2.39 59.99 -70.95
N ALA E 587 1.09 60.04 -70.65
CA ALA E 587 0.14 60.79 -71.44
C ALA E 587 0.33 62.30 -71.36
N ILE E 588 1.25 62.80 -70.55
CA ILE E 588 1.48 64.23 -70.47
C ILE E 588 2.97 64.53 -70.61
N PRO E 589 3.37 65.51 -71.40
CA PRO E 589 4.80 65.80 -71.54
C PRO E 589 5.42 66.20 -70.21
N VAL E 590 6.65 65.71 -69.99
CA VAL E 590 7.33 65.92 -68.72
C VAL E 590 7.29 67.38 -68.32
N ILE E 591 7.72 68.24 -69.22
CA ILE E 591 7.73 69.68 -68.96
C ILE E 591 6.36 70.14 -68.55
N ASN E 592 5.32 69.58 -69.16
CA ASN E 592 3.99 70.02 -68.74
C ASN E 592 3.61 69.45 -67.39
N ARG E 593 4.17 68.30 -66.99
CA ARG E 593 3.97 67.84 -65.63
C ARG E 593 4.54 68.84 -64.63
N ALA E 594 5.76 69.30 -64.89
CA ALA E 594 6.35 70.29 -64.03
C ALA E 594 5.55 71.58 -64.03
N GLN E 595 4.97 71.93 -65.18
CA GLN E 595 4.11 73.10 -65.22
C GLN E 595 2.91 72.91 -64.32
N ILE E 596 2.30 71.71 -64.34
CA ILE E 596 1.12 71.51 -63.52
C ILE E 596 1.46 71.63 -62.05
N ILE E 597 2.58 71.04 -61.62
CA ILE E 597 2.98 71.17 -60.22
C ILE E 597 3.19 72.64 -59.87
N ASN E 598 4.02 73.32 -60.64
CA ASN E 598 4.42 74.67 -60.26
C ASN E 598 3.25 75.63 -60.29
N ASP E 599 2.36 75.50 -61.28
CA ASP E 599 1.20 76.37 -61.29
C ASP E 599 0.25 76.03 -60.15
N ALA E 600 0.09 74.75 -59.82
CA ALA E 600 -0.79 74.44 -58.70
C ALA E 600 -0.31 75.12 -57.44
N PHE E 601 0.98 75.00 -57.13
CA PHE E 601 1.51 75.68 -55.95
C PHE E 601 1.39 77.19 -56.04
N ASN E 602 1.76 77.78 -57.17
CA ASN E 602 1.74 79.23 -57.24
C ASN E 602 0.33 79.78 -57.15
N LEU E 603 -0.62 79.16 -57.85
CA LEU E 603 -2.00 79.59 -57.73
C LEU E 603 -2.51 79.40 -56.31
N ALA E 604 -2.11 78.32 -55.64
CA ALA E 604 -2.55 78.13 -54.27
C ALA E 604 -2.03 79.24 -53.39
N SER E 605 -0.82 79.72 -53.64
CA SER E 605 -0.32 80.85 -52.90
C SER E 605 -1.10 82.13 -53.18
N ALA E 606 -1.76 82.23 -54.33
CA ALA E 606 -2.60 83.36 -54.66
C ALA E 606 -4.03 83.22 -54.17
N HIS E 607 -4.31 82.20 -53.36
CA HIS E 607 -5.64 81.90 -52.83
C HIS E 607 -6.63 81.56 -53.94
N LYS E 608 -6.19 81.40 -55.17
CA LYS E 608 -7.09 81.08 -56.26
C LYS E 608 -7.53 79.62 -56.25
N VAL E 609 -6.89 78.77 -55.46
CA VAL E 609 -7.20 77.34 -55.44
C VAL E 609 -6.67 76.81 -54.12
N PRO E 610 -7.18 75.69 -53.59
CA PRO E 610 -6.68 75.23 -52.29
C PRO E 610 -5.29 74.64 -52.40
N VAL E 611 -4.46 74.90 -51.39
CA VAL E 611 -3.13 74.28 -51.34
C VAL E 611 -3.22 72.78 -51.29
N THR E 612 -4.26 72.24 -50.67
CA THR E 612 -4.46 70.80 -50.67
C THR E 612 -4.59 70.26 -52.08
N LEU E 613 -5.03 71.08 -53.03
CA LEU E 613 -5.05 70.64 -54.42
C LEU E 613 -3.64 70.43 -54.95
N ALA E 614 -2.77 71.42 -54.76
CA ALA E 614 -1.38 71.24 -55.18
C ALA E 614 -0.77 70.02 -54.50
N LEU E 615 -1.08 69.81 -53.23
CA LEU E 615 -0.59 68.60 -52.58
C LEU E 615 -1.11 67.35 -53.26
N ASN E 616 -2.39 67.33 -53.64
CA ASN E 616 -2.89 66.21 -54.41
C ASN E 616 -2.11 66.04 -55.71
N ASN E 617 -1.72 67.14 -56.34
CA ASN E 617 -0.88 67.03 -57.52
C ASN E 617 0.46 66.38 -57.21
N THR E 618 0.96 66.54 -56.00
CA THR E 618 2.25 65.93 -55.69
C THR E 618 2.18 64.42 -55.53
N LEU E 619 1.00 63.81 -55.48
CA LEU E 619 0.92 62.42 -55.06
C LEU E 619 1.59 61.47 -56.06
N PHE E 620 1.47 61.74 -57.35
CA PHE E 620 1.95 60.80 -58.35
C PHE E 620 3.46 60.62 -58.37
N LEU E 621 4.21 61.50 -57.73
CA LEU E 621 5.66 61.45 -57.81
C LEU E 621 6.24 60.10 -57.40
N ILE E 622 5.51 59.33 -56.60
CA ILE E 622 5.99 58.01 -56.21
C ILE E 622 6.31 57.12 -57.39
N GLU E 623 5.73 57.37 -58.55
CA GLU E 623 5.99 56.56 -59.74
C GLU E 623 6.76 57.33 -60.82
N GLU E 624 7.22 58.55 -60.53
CA GLU E 624 7.82 59.41 -61.54
C GLU E 624 9.33 59.37 -61.43
N ARG E 625 9.99 59.10 -62.55
CA ARG E 625 11.44 59.01 -62.59
C ARG E 625 12.11 60.24 -63.17
N GLN E 626 11.40 61.05 -63.94
CA GLN E 626 12.03 62.17 -64.61
C GLN E 626 12.45 63.25 -63.63
N TYR E 627 13.57 63.88 -63.95
CA TYR E 627 14.13 64.92 -63.09
C TYR E 627 13.18 66.09 -62.92
N MET E 628 12.62 66.58 -64.02
CA MET E 628 11.88 67.84 -63.97
C MET E 628 10.76 67.86 -62.94
N PRO E 629 9.87 66.87 -62.88
CA PRO E 629 8.78 66.98 -61.89
C PRO E 629 9.30 66.98 -60.47
N TRP E 630 10.27 66.12 -60.17
CA TRP E 630 10.85 66.10 -58.84
C TRP E 630 11.45 67.45 -58.50
N GLU E 631 12.16 68.05 -59.44
CA GLU E 631 12.79 69.31 -59.13
C GLU E 631 11.78 70.42 -58.92
N ALA E 632 10.72 70.47 -59.72
CA ALA E 632 9.71 71.49 -59.47
C ALA E 632 9.04 71.29 -58.12
N ALA E 633 8.80 70.04 -57.75
CA ALA E 633 8.20 69.76 -56.45
C ALA E 633 9.11 70.21 -55.33
N LEU E 634 10.37 69.78 -55.37
CA LEU E 634 11.32 70.19 -54.34
C LEU E 634 11.46 71.70 -54.27
N SER E 635 11.48 72.38 -55.41
CA SER E 635 11.55 73.83 -55.41
C SER E 635 10.33 74.48 -54.79
N SER E 636 9.16 73.89 -54.96
CA SER E 636 7.99 74.48 -54.33
C SER E 636 7.96 74.16 -52.84
N LEU E 637 8.06 72.89 -52.50
CA LEU E 637 8.00 72.46 -51.11
C LEU E 637 9.13 73.02 -50.27
N SER E 638 10.20 73.52 -50.88
CA SER E 638 11.21 74.21 -50.10
C SER E 638 10.60 75.32 -49.26
N TYR E 639 9.59 76.00 -49.77
CA TYR E 639 8.93 77.03 -48.97
C TYR E 639 8.27 76.44 -47.74
N PHE E 640 7.69 75.25 -47.86
CA PHE E 640 7.06 74.64 -46.70
C PHE E 640 8.09 74.12 -45.73
N LYS E 641 9.13 73.47 -46.23
CA LYS E 641 10.24 73.07 -45.39
C LYS E 641 10.76 74.25 -44.60
N LEU E 642 11.04 75.35 -45.29
CA LEU E 642 11.54 76.54 -44.65
C LEU E 642 10.58 77.07 -43.59
N MET E 643 9.29 76.93 -43.83
CA MET E 643 8.33 77.40 -42.83
C MET E 643 8.17 76.45 -41.65
N PHE E 644 8.27 75.14 -41.84
CA PHE E 644 7.77 74.20 -40.85
C PHE E 644 8.80 73.27 -40.25
N ASP E 645 10.02 73.20 -40.78
CA ASP E 645 11.00 72.30 -40.19
C ASP E 645 11.27 72.63 -38.73
N ARG E 646 10.94 73.83 -38.30
CA ARG E 646 10.97 74.19 -36.89
C ARG E 646 9.77 73.67 -36.12
N SER E 647 8.86 72.95 -36.75
CA SER E 647 7.50 72.81 -36.22
C SER E 647 7.02 71.38 -36.42
N GLU E 648 5.92 71.05 -35.74
CA GLU E 648 5.41 69.69 -35.73
C GLU E 648 5.05 69.20 -37.13
N VAL E 649 4.66 70.11 -38.03
CA VAL E 649 4.24 69.69 -39.35
C VAL E 649 5.38 69.01 -40.07
N TYR E 650 6.61 69.30 -39.68
CA TYR E 650 7.76 68.72 -40.36
C TYR E 650 7.81 67.22 -40.17
N GLY E 651 7.38 66.73 -39.02
CA GLY E 651 7.43 65.31 -38.75
C GLY E 651 6.73 64.46 -39.78
N PRO E 652 5.41 64.62 -39.91
CA PRO E 652 4.69 63.89 -40.95
C PRO E 652 5.21 64.17 -42.34
N MET E 653 5.60 65.41 -42.62
CA MET E 653 6.09 65.76 -43.94
C MET E 653 7.30 64.93 -44.32
N LYS E 654 8.26 64.79 -43.40
CA LYS E 654 9.40 63.94 -43.69
C LYS E 654 8.93 62.54 -44.03
N ASN E 655 7.99 62.00 -43.24
CA ASN E 655 7.50 60.67 -43.53
C ASN E 655 6.92 60.61 -44.92
N TYR E 656 6.18 61.64 -45.30
CA TYR E 656 5.62 61.69 -46.64
C TYR E 656 6.74 61.61 -47.66
N LEU E 657 7.72 62.50 -47.55
CA LEU E 657 8.78 62.46 -48.54
C LEU E 657 9.50 61.12 -48.50
N LYS E 658 9.68 60.57 -47.29
CA LYS E 658 10.31 59.27 -47.20
C LYS E 658 9.56 58.24 -48.03
N LYS E 659 8.24 58.23 -47.91
CA LYS E 659 7.46 57.34 -48.75
C LYS E 659 7.69 57.64 -50.22
N GLN E 660 7.51 58.90 -50.61
CA GLN E 660 7.57 59.24 -52.03
C GLN E 660 8.90 58.88 -52.64
N VAL E 661 9.99 59.19 -51.95
CA VAL E 661 11.29 58.95 -52.54
C VAL E 661 11.63 57.49 -52.53
N THR E 662 11.03 56.71 -51.62
CA THR E 662 11.53 55.37 -51.36
C THR E 662 11.63 54.51 -52.61
N PRO E 663 10.60 54.37 -53.45
CA PRO E 663 10.76 53.52 -54.63
C PRO E 663 11.82 54.02 -55.58
N LEU E 664 11.82 55.33 -55.85
CA LEU E 664 12.75 55.87 -56.82
C LEU E 664 14.19 55.71 -56.37
N PHE E 665 14.46 55.98 -55.10
CA PHE E 665 15.79 55.72 -54.57
C PHE E 665 16.16 54.26 -54.76
N ILE E 666 15.19 53.37 -54.50
CA ILE E 666 15.45 51.94 -54.66
C ILE E 666 15.78 51.65 -56.11
N HIS E 667 15.08 52.31 -57.03
CA HIS E 667 15.38 52.14 -58.44
C HIS E 667 16.83 52.45 -58.73
N PHE E 668 17.35 53.54 -58.16
CA PHE E 668 18.75 53.86 -58.40
C PHE E 668 19.71 52.86 -57.79
N ARG E 669 19.29 52.08 -56.79
CA ARG E 669 20.13 50.99 -56.37
C ARG E 669 20.43 50.06 -57.54
N ASN E 670 19.37 49.65 -58.24
CA ASN E 670 19.55 48.71 -59.35
C ASN E 670 20.38 49.34 -60.48
N ASN E 671 19.97 50.51 -60.95
CA ASN E 671 20.62 51.13 -62.09
C ASN E 671 22.07 51.50 -61.80
N THR E 672 22.35 52.01 -60.61
CA THR E 672 23.72 52.38 -60.28
C THR E 672 24.55 51.21 -59.81
N ASN E 673 23.99 50.01 -59.76
CA ASN E 673 24.71 48.84 -59.30
C ASN E 673 25.33 49.11 -57.93
N ASN E 674 24.48 49.52 -57.00
CA ASN E 674 24.88 50.01 -55.70
C ASN E 674 25.94 51.11 -55.80
N TRP E 675 25.61 52.13 -56.59
CA TRP E 675 26.29 53.41 -56.57
C TRP E 675 27.71 53.34 -57.09
N ARG E 676 28.00 52.30 -57.88
CA ARG E 676 29.33 52.12 -58.43
C ARG E 676 29.50 52.80 -59.79
N GLU E 677 28.41 53.07 -60.50
CA GLU E 677 28.49 53.74 -61.78
C GLU E 677 27.32 54.68 -61.96
N ILE E 678 27.58 55.79 -62.66
CA ILE E 678 26.58 56.85 -62.85
C ILE E 678 25.73 56.56 -64.10
N PRO E 679 24.53 57.12 -64.17
CA PRO E 679 23.76 57.05 -65.42
C PRO E 679 24.43 57.79 -66.57
N GLU E 680 24.06 57.39 -67.79
CA GLU E 680 24.57 58.01 -69.01
C GLU E 680 23.94 59.36 -69.31
N ASN E 681 22.73 59.61 -68.85
CA ASN E 681 21.94 60.75 -69.28
C ASN E 681 21.98 61.84 -68.21
N LEU E 682 22.17 63.09 -68.65
CA LEU E 682 22.40 64.17 -67.70
C LEU E 682 21.20 64.40 -66.79
N MET E 683 19.99 64.34 -67.35
CA MET E 683 18.82 64.42 -66.49
C MET E 683 18.77 63.27 -65.51
N ASP E 684 19.24 62.09 -65.91
CA ASP E 684 19.33 61.00 -64.96
C ASP E 684 20.34 61.29 -63.86
N GLN E 685 21.50 61.85 -64.21
CA GLN E 685 22.48 62.19 -63.19
C GLN E 685 21.92 63.17 -62.18
N TYR E 686 21.20 64.18 -62.67
CA TYR E 686 20.57 65.11 -61.76
C TYR E 686 19.51 64.42 -60.91
N SER E 687 18.68 63.59 -61.52
CA SER E 687 17.65 62.91 -60.76
C SER E 687 18.26 62.05 -59.67
N GLU E 688 19.36 61.36 -59.99
CA GLU E 688 20.09 60.59 -58.99
C GLU E 688 20.50 61.45 -57.81
N VAL E 689 21.10 62.60 -58.09
CA VAL E 689 21.56 63.44 -56.99
C VAL E 689 20.38 63.88 -56.15
N ASN E 690 19.26 64.23 -56.78
CA ASN E 690 18.07 64.56 -56.01
C ASN E 690 17.62 63.38 -55.16
N ALA E 691 17.65 62.19 -55.73
CA ALA E 691 17.19 61.01 -55.02
C ALA E 691 17.99 60.81 -53.75
N ILE E 692 19.30 60.66 -53.89
CA ILE E 692 20.15 60.46 -52.72
C ILE E 692 19.97 61.59 -51.71
N SER E 693 19.91 62.84 -52.19
CA SER E 693 19.86 63.97 -51.28
C SER E 693 18.59 63.97 -50.46
N THR E 694 17.45 63.88 -51.11
CA THR E 694 16.19 63.95 -50.36
C THR E 694 15.96 62.69 -49.56
N ALA E 695 16.44 61.54 -50.03
CA ALA E 695 16.30 60.31 -49.26
C ALA E 695 17.08 60.40 -47.95
N CYS E 696 18.34 60.85 -48.02
CA CYS E 696 19.15 60.90 -46.81
C CYS E 696 18.66 61.98 -45.86
N SER E 697 18.31 63.14 -46.38
CA SER E 697 17.83 64.20 -45.50
C SER E 697 16.52 63.84 -44.81
N ASN E 698 15.71 62.99 -45.44
CA ASN E 698 14.52 62.46 -44.78
C ASN E 698 14.76 61.15 -44.07
N GLY E 699 15.99 60.66 -44.04
CA GLY E 699 16.34 59.55 -43.16
C GLY E 699 15.88 58.18 -43.60
N VAL E 700 15.96 57.86 -44.88
CA VAL E 700 15.82 56.46 -45.27
C VAL E 700 17.02 55.68 -44.73
N PRO E 701 16.81 54.50 -44.16
CA PRO E 701 17.92 53.80 -43.49
C PRO E 701 19.10 53.48 -44.40
N GLU E 702 18.87 53.19 -45.68
CA GLU E 702 19.97 52.79 -46.56
C GLU E 702 20.98 53.91 -46.73
N CYS E 703 20.54 55.15 -46.61
CA CYS E 703 21.46 56.28 -46.65
C CYS E 703 22.51 56.16 -45.56
N GLU E 704 22.11 55.78 -44.36
CA GLU E 704 23.05 55.78 -43.25
C GLU E 704 24.16 54.76 -43.49
N GLU E 705 23.82 53.64 -44.12
CA GLU E 705 24.85 52.69 -44.55
C GLU E 705 25.73 53.29 -45.64
N MET E 706 25.13 53.68 -46.75
CA MET E 706 25.89 54.08 -47.93
C MET E 706 26.79 55.28 -47.66
N VAL E 707 26.20 56.34 -47.13
CA VAL E 707 26.91 57.60 -46.97
C VAL E 707 28.10 57.42 -46.03
N SER E 708 27.84 56.84 -44.86
CA SER E 708 28.92 56.61 -43.90
C SER E 708 29.97 55.65 -44.46
N GLY E 709 29.55 54.61 -45.17
CA GLY E 709 30.53 53.70 -45.74
C GLY E 709 31.46 54.39 -46.70
N LEU E 710 30.90 55.22 -47.58
CA LEU E 710 31.73 55.97 -48.50
C LEU E 710 32.66 56.93 -47.76
N PHE E 711 32.14 57.64 -46.75
CA PHE E 711 32.99 58.63 -46.11
C PHE E 711 34.11 57.98 -45.29
N LYS E 712 33.80 56.91 -44.56
CA LYS E 712 34.87 56.20 -43.86
C LYS E 712 35.88 55.62 -44.85
N GLN E 713 35.41 55.14 -46.00
CA GLN E 713 36.33 54.65 -47.02
C GLN E 713 37.25 55.76 -47.50
N TRP E 714 36.71 56.97 -47.67
CA TRP E 714 37.57 58.09 -48.02
C TRP E 714 38.56 58.41 -46.92
N MET E 715 38.11 58.41 -45.67
CA MET E 715 39.03 58.69 -44.57
C MET E 715 40.14 57.66 -44.49
N GLU E 716 39.86 56.43 -44.90
CA GLU E 716 40.91 55.43 -44.96
C GLU E 716 41.87 55.68 -46.12
N ASN E 717 41.40 56.33 -47.18
CA ASN E 717 42.21 56.55 -48.39
C ASN E 717 42.26 58.02 -48.77
N PRO E 718 42.79 58.87 -47.89
CA PRO E 718 42.64 60.33 -48.09
C PRO E 718 43.21 60.83 -49.40
N ASN E 719 44.33 60.26 -49.85
CA ASN E 719 44.93 60.67 -51.12
C ASN E 719 44.19 60.13 -52.33
N ASN E 720 43.19 59.27 -52.15
CA ASN E 720 42.56 58.55 -53.24
C ASN E 720 41.04 58.53 -53.04
N ASN E 721 40.45 59.71 -53.17
CA ASN E 721 39.04 59.93 -52.86
C ASN E 721 38.14 59.01 -53.67
N PRO E 722 37.33 58.16 -53.02
CA PRO E 722 36.46 57.25 -53.77
C PRO E 722 35.27 57.94 -54.38
N ILE E 723 34.86 59.08 -53.85
CA ILE E 723 33.51 59.61 -54.06
C ILE E 723 33.43 60.20 -55.45
N HIS E 724 32.46 59.76 -56.24
CA HIS E 724 32.32 60.33 -57.57
C HIS E 724 32.05 61.82 -57.43
N PRO E 725 32.69 62.66 -58.24
CA PRO E 725 32.52 64.10 -58.10
C PRO E 725 31.08 64.57 -58.10
N ASN E 726 30.19 63.92 -58.86
CA ASN E 726 28.81 64.36 -58.88
C ASN E 726 28.15 64.19 -57.52
N LEU E 727 28.42 63.06 -56.87
CA LEU E 727 27.81 62.73 -55.60
C LEU E 727 28.43 63.50 -54.43
N ARG E 728 29.67 63.97 -54.58
CA ARG E 728 30.43 64.59 -53.51
C ARG E 728 29.66 65.52 -52.59
N SER E 729 29.04 66.57 -53.11
CA SER E 729 28.46 67.55 -52.21
C SER E 729 27.39 66.95 -51.32
N THR E 730 26.57 66.06 -51.86
CA THR E 730 25.51 65.52 -51.03
C THR E 730 26.03 64.47 -50.07
N VAL E 731 27.05 63.71 -50.47
CA VAL E 731 27.59 62.74 -49.53
C VAL E 731 28.38 63.45 -48.44
N TYR E 732 29.11 64.51 -48.78
CA TYR E 732 29.80 65.30 -47.77
C TYR E 732 28.81 65.81 -46.72
N CYS E 733 27.82 66.57 -47.17
CA CYS E 733 26.88 67.16 -46.23
C CYS E 733 26.20 66.10 -45.37
N ASN E 734 25.80 64.97 -45.96
CA ASN E 734 25.12 63.96 -45.14
C ASN E 734 26.09 63.21 -44.22
N ALA E 735 27.31 62.94 -44.67
CA ALA E 735 28.26 62.22 -43.83
C ALA E 735 28.69 63.05 -42.64
N ILE E 736 28.93 64.34 -42.85
CA ILE E 736 29.22 65.20 -41.71
C ILE E 736 28.06 65.18 -40.73
N ALA E 737 26.84 65.09 -41.24
CA ALA E 737 25.69 64.98 -40.36
C ALA E 737 25.66 63.68 -39.58
N GLN E 738 26.61 62.78 -39.79
CA GLN E 738 26.62 61.52 -39.08
C GLN E 738 28.02 61.17 -38.59
N GLU E 741 32.86 62.93 -34.29
CA GLU E 741 33.04 64.22 -34.94
C GLU E 741 34.42 64.27 -35.57
N GLU E 742 35.17 63.18 -35.45
CA GLU E 742 36.45 63.11 -36.13
C GLU E 742 36.28 63.21 -37.63
N GLU E 743 35.09 62.88 -38.14
CA GLU E 743 34.80 63.19 -39.54
C GLU E 743 34.86 64.69 -39.78
N TRP E 744 34.40 65.48 -38.81
CA TRP E 744 34.42 66.92 -39.02
C TRP E 744 35.84 67.45 -39.00
N ASP E 745 36.65 67.05 -38.04
CA ASP E 745 38.02 67.55 -38.04
C ASP E 745 38.83 67.00 -39.20
N PHE E 746 38.49 65.79 -39.67
CA PHE E 746 39.10 65.26 -40.89
C PHE E 746 38.76 66.15 -42.07
N ALA E 747 37.49 66.49 -42.24
CA ALA E 747 37.13 67.37 -43.35
C ALA E 747 37.73 68.75 -43.16
N TRP E 748 37.88 69.20 -41.93
CA TRP E 748 38.49 70.49 -41.67
C TRP E 748 39.93 70.53 -42.11
N GLU E 749 40.71 69.53 -41.72
CA GLU E 749 42.11 69.50 -42.14
C GLU E 749 42.24 69.27 -43.64
N GLN E 750 41.34 68.49 -44.23
CA GLN E 750 41.28 68.43 -45.69
C GLN E 750 41.08 69.80 -46.30
N PHE E 751 40.09 70.55 -45.81
CA PHE E 751 39.84 71.88 -46.32
C PHE E 751 41.06 72.79 -46.15
N ARG E 752 41.71 72.72 -45.00
CA ARG E 752 42.91 73.51 -44.80
C ARG E 752 43.99 73.11 -45.77
N ASN E 753 44.06 71.83 -46.12
CA ASN E 753 45.05 71.32 -47.05
C ASN E 753 44.64 71.43 -48.50
N ALA E 754 43.34 71.57 -48.78
CA ALA E 754 42.84 71.45 -50.15
C ALA E 754 43.46 72.49 -51.07
N THR E 755 43.87 72.05 -52.26
CA THR E 755 44.46 72.92 -53.27
C THR E 755 43.44 73.42 -54.28
N LEU E 756 42.36 72.70 -54.50
CA LEU E 756 41.42 72.99 -55.57
C LEU E 756 40.20 73.71 -55.01
N VAL E 757 39.95 74.91 -55.51
CA VAL E 757 38.94 75.80 -54.91
C VAL E 757 37.57 75.13 -54.86
N ASN E 758 37.22 74.35 -55.89
CA ASN E 758 35.92 73.69 -55.90
C ASN E 758 35.72 72.81 -54.67
N GLU E 759 36.73 72.01 -54.34
CA GLU E 759 36.57 71.10 -53.21
C GLU E 759 36.64 71.87 -51.90
N ALA E 760 37.48 72.89 -51.83
CA ALA E 760 37.49 73.75 -50.66
C ALA E 760 36.11 74.33 -50.37
N ASP E 761 35.40 74.76 -51.41
CA ASP E 761 34.06 75.30 -51.20
C ASP E 761 33.04 74.21 -50.87
N LYS E 762 33.13 73.04 -51.51
CA LYS E 762 32.22 71.97 -51.12
C LYS E 762 32.39 71.63 -49.66
N LEU E 763 33.62 71.56 -49.18
CA LEU E 763 33.86 71.31 -47.76
C LEU E 763 33.38 72.47 -46.90
N ARG E 764 33.68 73.71 -47.30
CA ARG E 764 33.24 74.86 -46.53
C ARG E 764 31.73 74.85 -46.33
N ALA E 765 30.99 74.40 -47.35
CA ALA E 765 29.56 74.17 -47.17
C ALA E 765 29.28 73.01 -46.24
N ALA E 766 29.85 71.83 -46.54
CA ALA E 766 29.46 70.62 -45.84
C ALA E 766 29.75 70.69 -44.35
N LEU E 767 30.78 71.43 -43.94
CA LEU E 767 31.03 71.63 -42.52
C LEU E 767 29.85 72.27 -41.79
N ALA E 768 28.99 73.00 -42.49
CA ALA E 768 27.82 73.53 -41.84
C ALA E 768 26.78 72.48 -41.53
N CYS E 769 26.80 71.35 -42.25
CA CYS E 769 25.76 70.36 -42.05
C CYS E 769 25.92 69.55 -40.76
N SER E 770 26.93 69.83 -39.95
CA SER E 770 27.09 69.08 -38.71
C SER E 770 25.94 69.37 -37.75
N LYS E 771 25.61 68.36 -36.94
CA LYS E 771 24.63 68.52 -35.87
C LYS E 771 25.22 68.99 -34.54
N GLU E 772 26.54 69.01 -34.40
CA GLU E 772 27.15 69.41 -33.13
C GLU E 772 27.17 70.93 -33.05
N LEU E 773 26.41 71.48 -32.09
CA LEU E 773 26.35 72.93 -31.95
C LEU E 773 27.72 73.52 -31.72
N TRP E 774 28.50 72.91 -30.84
CA TRP E 774 29.82 73.47 -30.54
C TRP E 774 30.73 73.45 -31.75
N ILE E 775 30.61 72.43 -32.59
CA ILE E 775 31.32 72.46 -33.87
C ILE E 775 30.88 73.67 -34.66
N LEU E 776 29.58 73.89 -34.74
CA LEU E 776 29.06 75.01 -35.52
C LEU E 776 29.60 76.34 -35.01
N ASN E 777 29.66 76.51 -33.69
CA ASN E 777 30.10 77.78 -33.14
C ASN E 777 31.60 77.98 -33.24
N ARG E 778 32.38 76.90 -33.13
CA ARG E 778 33.80 77.01 -33.37
C ARG E 778 34.04 77.32 -34.84
N TYR E 779 33.18 76.78 -35.70
CA TYR E 779 33.23 77.09 -37.11
C TYR E 779 32.92 78.55 -37.35
N LEU E 780 31.97 79.11 -36.60
CA LEU E 780 31.69 80.55 -36.67
C LEU E 780 32.90 81.37 -36.25
N SER E 781 33.55 80.95 -35.17
CA SER E 781 34.75 81.64 -34.72
C SER E 781 35.80 81.63 -35.81
N TYR E 782 36.01 80.47 -36.43
CA TYR E 782 36.93 80.40 -37.55
C TYR E 782 36.41 81.23 -38.72
N THR E 783 35.09 81.39 -38.81
CA THR E 783 34.50 82.19 -39.86
C THR E 783 34.86 83.64 -39.73
N LEU E 784 35.15 84.08 -38.51
CA LEU E 784 35.60 85.46 -38.42
C LEU E 784 37.10 85.58 -38.70
N ASN E 785 37.89 84.58 -38.30
CA ASN E 785 39.34 84.61 -38.46
C ASN E 785 39.73 84.60 -39.93
N PRO E 786 40.24 85.71 -40.46
CA PRO E 786 40.45 85.79 -41.90
C PRO E 786 41.50 84.81 -42.41
N ASP E 787 42.50 84.49 -41.59
CA ASP E 787 43.50 83.51 -41.98
C ASP E 787 42.93 82.10 -42.07
N LEU E 788 41.89 81.81 -41.29
CA LEU E 788 41.30 80.48 -41.35
C LEU E 788 40.40 80.33 -42.56
N ILE E 789 39.46 81.26 -42.73
CA ILE E 789 38.66 81.36 -43.95
C ILE E 789 38.63 82.82 -44.37
N ARG E 790 38.82 83.06 -45.65
CA ARG E 790 39.12 84.40 -46.11
C ARG E 790 37.88 85.28 -46.08
N LYS E 791 38.10 86.60 -45.99
CA LYS E 791 37.00 87.55 -46.02
C LYS E 791 36.12 87.34 -47.24
N GLN E 792 36.71 86.84 -48.32
CA GLN E 792 35.96 86.63 -49.57
C GLN E 792 34.71 85.79 -49.37
N ASP E 793 34.69 84.89 -48.40
CA ASP E 793 33.64 83.89 -48.35
C ASP E 793 33.11 83.63 -46.94
N ALA E 794 33.50 84.41 -45.94
CA ALA E 794 32.92 84.28 -44.61
C ALA E 794 31.39 84.41 -44.66
N THR E 795 30.91 85.42 -45.37
CA THR E 795 29.47 85.68 -45.40
C THR E 795 28.68 84.48 -45.86
N SER E 796 29.07 83.88 -46.98
CA SER E 796 28.31 82.75 -47.49
C SER E 796 28.45 81.53 -46.60
N THR E 797 29.55 81.41 -45.88
CA THR E 797 29.65 80.36 -44.86
C THR E 797 28.64 80.56 -43.75
N ILE E 798 28.48 81.80 -43.28
CA ILE E 798 27.46 82.07 -42.28
C ILE E 798 26.08 81.78 -42.84
N ILE E 799 25.84 82.15 -44.09
CA ILE E 799 24.56 81.81 -44.73
C ILE E 799 24.34 80.31 -44.74
N SER E 800 25.40 79.54 -44.99
CA SER E 800 25.26 78.09 -44.99
C SER E 800 24.97 77.55 -43.59
N ILE E 801 25.59 78.14 -42.57
CA ILE E 801 25.21 77.79 -41.21
C ILE E 801 23.73 78.05 -40.98
N THR E 802 23.26 79.18 -41.49
CA THR E 802 21.85 79.52 -41.30
C THR E 802 20.95 78.52 -42.00
N ASN E 803 21.38 78.02 -43.14
CA ASN E 803 20.58 77.02 -43.83
C ASN E 803 20.36 75.80 -42.94
N ASN E 804 21.40 75.37 -42.23
CA ASN E 804 21.21 74.34 -41.21
C ASN E 804 20.27 74.87 -40.15
N VAL E 805 19.19 74.12 -39.92
CA VAL E 805 18.16 74.58 -38.99
C VAL E 805 18.72 74.81 -37.59
N ILE E 806 19.73 74.04 -37.20
CA ILE E 806 20.35 74.27 -35.91
C ILE E 806 21.13 75.57 -35.92
N GLY E 807 21.75 75.90 -37.05
CA GLY E 807 22.48 77.14 -37.15
C GLY E 807 21.62 78.38 -37.24
N GLN E 808 20.31 78.23 -37.45
CA GLN E 808 19.42 79.38 -37.45
C GLN E 808 19.56 80.19 -36.16
N GLY E 809 19.54 79.50 -35.01
CA GLY E 809 19.65 80.21 -33.75
C GLY E 809 20.99 80.90 -33.60
N LEU E 810 22.07 80.14 -33.80
CA LEU E 810 23.42 80.70 -33.74
C LEU E 810 23.53 81.96 -34.58
N VAL E 811 23.20 81.86 -35.86
CA VAL E 811 23.42 82.99 -36.75
C VAL E 811 22.54 84.16 -36.36
N TRP E 812 21.30 83.90 -35.96
CA TRP E 812 20.44 85.02 -35.60
C TRP E 812 20.97 85.75 -34.37
N ASP E 813 21.28 85.02 -33.31
CA ASP E 813 21.75 85.71 -32.11
C ASP E 813 23.12 86.32 -32.32
N PHE E 814 23.95 85.68 -33.15
CA PHE E 814 25.25 86.23 -33.53
C PHE E 814 25.09 87.58 -34.20
N VAL E 815 24.35 87.62 -35.30
CA VAL E 815 24.25 88.85 -36.06
C VAL E 815 23.53 89.90 -35.23
N GLN E 816 22.40 89.56 -34.63
CA GLN E 816 21.65 90.56 -33.89
C GLN E 816 22.39 91.07 -32.67
N SER E 817 23.38 90.33 -32.16
CA SER E 817 24.13 90.79 -31.01
C SER E 817 25.49 91.40 -31.35
N ASN E 818 25.94 91.33 -32.60
CA ASN E 818 27.25 91.90 -32.90
C ASN E 818 27.34 92.57 -34.27
N TRP E 819 26.22 92.80 -34.94
CA TRP E 819 26.20 93.32 -36.30
C TRP E 819 27.02 94.58 -36.46
N LYS E 820 27.15 95.40 -35.42
CA LYS E 820 27.98 96.60 -35.50
C LYS E 820 29.41 96.27 -35.91
N LYS E 821 29.94 95.14 -35.43
CA LYS E 821 31.26 94.71 -35.86
C LYS E 821 31.28 94.45 -37.36
N LEU E 822 30.37 93.59 -37.82
CA LEU E 822 30.31 93.24 -39.23
C LEU E 822 30.10 94.47 -40.10
N PHE E 823 29.41 95.49 -39.60
CA PHE E 823 29.09 96.64 -40.43
C PHE E 823 30.33 97.35 -40.94
N ASN E 824 31.40 97.38 -40.15
CA ASN E 824 32.63 97.98 -40.65
C ASN E 824 33.25 97.13 -41.76
N ASP E 825 33.30 95.82 -41.57
CA ASP E 825 33.64 94.92 -42.66
C ASP E 825 33.15 93.53 -42.32
N TYR E 826 32.72 92.80 -43.34
CA TYR E 826 32.20 91.44 -43.15
C TYR E 826 33.20 90.38 -43.60
N SER E 832 28.40 90.53 -47.56
CA SER E 832 27.40 91.43 -48.11
C SER E 832 26.11 91.36 -47.31
N PHE E 833 25.80 92.45 -46.59
CA PHE E 833 24.78 92.38 -45.56
C PHE E 833 23.41 92.07 -46.13
N SER E 834 23.14 92.46 -47.37
CA SER E 834 21.78 92.30 -47.91
C SER E 834 21.35 90.84 -47.89
N ASN E 835 22.07 89.99 -48.61
CA ASN E 835 21.66 88.59 -48.69
C ASN E 835 21.88 87.87 -47.37
N LEU E 836 22.83 88.30 -46.57
CA LEU E 836 22.99 87.70 -45.25
C LEU E 836 21.75 87.93 -44.39
N ILE E 837 21.27 89.17 -44.35
CA ILE E 837 20.08 89.46 -43.56
C ILE E 837 18.86 88.75 -44.12
N GLN E 838 18.77 88.66 -45.45
CA GLN E 838 17.71 87.88 -46.04
C GLN E 838 17.77 86.44 -45.55
N ALA E 839 18.93 85.81 -45.66
CA ALA E 839 19.06 84.40 -45.31
C ALA E 839 18.75 84.16 -43.84
N VAL E 840 19.22 85.05 -42.96
CA VAL E 840 18.97 84.85 -41.54
C VAL E 840 17.49 85.02 -41.21
N THR E 841 16.79 85.94 -41.88
CA THR E 841 15.42 86.20 -41.46
C THR E 841 14.40 85.25 -42.07
N ARG E 842 14.69 84.66 -43.24
CA ARG E 842 13.64 84.04 -44.04
C ARG E 842 12.92 82.91 -43.33
N ARG E 843 13.50 82.33 -42.27
CA ARG E 843 12.72 81.38 -41.50
C ARG E 843 11.66 82.04 -40.63
N PHE E 844 11.71 83.35 -40.43
CA PHE E 844 10.81 83.98 -39.47
C PHE E 844 9.36 83.79 -39.89
N SER E 845 8.56 83.32 -38.94
CA SER E 845 7.20 82.91 -39.23
C SER E 845 6.25 83.30 -38.12
N THR E 846 6.69 84.12 -37.16
CA THR E 846 5.89 84.46 -36.00
C THR E 846 5.99 85.95 -35.73
N GLU E 847 4.94 86.49 -35.11
CA GLU E 847 4.92 87.91 -34.77
C GLU E 847 6.04 88.27 -33.81
N TYR E 848 6.47 87.31 -32.99
CA TYR E 848 7.64 87.54 -32.14
C TYR E 848 8.89 87.74 -32.97
N GLU E 849 9.08 86.93 -34.00
CA GLU E 849 10.25 87.15 -34.84
C GLU E 849 10.15 88.47 -35.58
N LEU E 850 8.93 88.90 -35.92
CA LEU E 850 8.73 90.25 -36.44
C LEU E 850 9.18 91.29 -35.44
N GLN E 851 8.78 91.12 -34.18
CA GLN E 851 9.24 92.02 -33.13
C GLN E 851 10.75 92.04 -33.04
N GLN E 852 11.37 90.86 -33.12
CA GLN E 852 12.82 90.79 -33.07
C GLN E 852 13.45 91.54 -34.22
N LEU E 853 12.86 91.44 -35.40
CA LEU E 853 13.43 92.12 -36.55
C LEU E 853 13.32 93.62 -36.41
N GLU E 854 12.13 94.08 -36.02
CA GLU E 854 11.92 95.52 -35.90
C GLU E 854 12.74 96.11 -34.77
N GLN E 855 12.94 95.37 -33.67
CA GLN E 855 13.81 95.88 -32.62
C GLN E 855 15.26 95.88 -33.07
N PHE E 856 15.70 94.89 -33.85
CA PHE E 856 17.06 94.94 -34.38
C PHE E 856 17.25 96.17 -35.26
N LYS E 857 16.21 96.51 -36.02
CA LYS E 857 16.22 97.76 -36.76
C LYS E 857 16.38 98.95 -35.83
N LYS E 858 15.46 99.11 -34.88
CA LYS E 858 15.56 100.25 -33.98
C LYS E 858 16.86 100.27 -33.20
N ASP E 859 17.48 99.12 -33.00
CA ASP E 859 18.75 99.04 -32.29
C ASP E 859 19.94 99.43 -33.13
N ASN E 860 19.82 99.41 -34.45
CA ASN E 860 21.03 99.52 -35.27
C ASN E 860 20.93 100.51 -36.41
N GLU E 861 19.72 100.90 -36.83
CA GLU E 861 19.55 101.83 -37.95
C GLU E 861 20.19 103.18 -37.66
N GLU E 862 20.48 103.48 -36.40
CA GLU E 862 21.26 104.65 -36.04
C GLU E 862 22.68 104.61 -36.60
N THR E 863 23.03 103.51 -37.24
CA THR E 863 24.21 103.44 -38.10
C THR E 863 23.86 103.02 -39.52
N GLY E 864 22.58 102.90 -39.83
CA GLY E 864 22.13 102.36 -41.09
C GLY E 864 22.52 100.90 -41.21
N PHE E 865 22.47 100.41 -42.46
CA PHE E 865 22.87 99.02 -42.70
C PHE E 865 23.54 98.82 -44.06
N GLY E 866 24.10 99.86 -44.65
CA GLY E 866 24.78 99.73 -45.93
C GLY E 866 23.88 99.14 -47.00
N SER E 867 24.43 98.18 -47.75
CA SER E 867 23.66 97.49 -48.79
C SER E 867 22.43 96.80 -48.26
N GLY E 868 22.42 96.43 -46.98
CA GLY E 868 21.25 95.81 -46.40
C GLY E 868 20.12 96.76 -46.10
N THR E 869 20.38 98.06 -46.25
CA THR E 869 19.45 99.06 -45.75
C THR E 869 18.06 98.89 -46.35
N ARG E 870 17.98 98.56 -47.64
CA ARG E 870 16.67 98.26 -48.20
C ARG E 870 16.22 96.84 -47.90
N ALA E 871 17.15 95.87 -47.95
CA ALA E 871 16.77 94.47 -47.81
C ALA E 871 16.06 94.22 -46.50
N LEU E 872 16.51 94.86 -45.42
CA LEU E 872 15.85 94.69 -44.13
C LEU E 872 14.39 95.10 -44.22
N GLU E 873 14.11 96.19 -44.92
CA GLU E 873 12.72 96.63 -45.05
C GLU E 873 11.94 95.57 -45.80
N GLN E 874 12.52 95.02 -46.85
CA GLN E 874 11.85 93.96 -47.58
C GLN E 874 11.54 92.80 -46.66
N ALA E 875 12.52 92.41 -45.83
CA ALA E 875 12.27 91.30 -44.92
C ALA E 875 11.14 91.63 -43.96
N LEU E 876 11.13 92.87 -43.45
CA LEU E 876 10.06 93.27 -42.56
C LEU E 876 8.71 93.06 -43.22
N GLU E 877 8.63 93.33 -44.52
CA GLU E 877 7.39 93.05 -45.22
C GLU E 877 7.12 91.55 -45.30
N LYS E 878 8.07 90.80 -45.87
CA LYS E 878 7.75 89.42 -46.20
C LYS E 878 7.47 88.57 -44.99
N THR E 879 8.15 88.84 -43.88
CA THR E 879 7.87 88.08 -42.67
C THR E 879 6.41 88.22 -42.26
N LYS E 880 5.87 89.42 -42.39
CA LYS E 880 4.47 89.61 -42.03
C LYS E 880 3.59 88.73 -42.89
N ALA E 881 3.87 88.70 -44.20
CA ALA E 881 3.12 87.83 -45.07
C ALA E 881 3.21 86.39 -44.60
N ASN E 882 4.43 85.94 -44.28
CA ASN E 882 4.57 84.56 -43.84
C ASN E 882 3.74 84.30 -42.60
N ILE E 883 3.73 85.26 -41.67
CA ILE E 883 2.95 85.06 -40.46
C ILE E 883 1.53 84.69 -40.82
N LYS E 884 0.88 85.51 -41.64
CA LYS E 884 -0.52 85.22 -41.94
C LYS E 884 -0.64 83.92 -42.69
N TRP E 885 0.30 83.64 -43.60
CA TRP E 885 0.20 82.41 -44.37
C TRP E 885 0.21 81.21 -43.45
N VAL E 886 1.04 81.24 -42.41
CA VAL E 886 1.06 80.10 -41.50
C VAL E 886 -0.29 79.97 -40.82
N LYS E 887 -0.81 81.09 -40.35
CA LYS E 887 -2.12 81.07 -39.71
C LYS E 887 -3.17 80.54 -40.66
N GLU E 888 -2.99 80.76 -41.96
CA GLU E 888 -3.99 80.29 -42.91
C GLU E 888 -3.94 78.79 -43.14
N ASN E 889 -2.86 78.11 -42.80
CA ASN E 889 -2.73 76.77 -43.34
C ASN E 889 -2.22 75.69 -42.40
N LYS E 890 -1.66 76.03 -41.24
CA LYS E 890 -0.95 75.02 -40.47
C LYS E 890 -1.80 73.78 -40.19
N GLU E 891 -3.08 73.97 -39.90
CA GLU E 891 -3.90 72.79 -39.60
C GLU E 891 -4.15 71.96 -40.86
N VAL E 892 -4.56 72.62 -41.95
CA VAL E 892 -4.98 71.88 -43.13
C VAL E 892 -3.82 71.11 -43.71
N VAL E 893 -2.67 71.77 -43.81
CA VAL E 893 -1.52 71.11 -44.40
C VAL E 893 -1.14 69.93 -43.52
N LEU E 894 -1.15 70.13 -42.21
CA LEU E 894 -0.85 69.03 -41.31
C LEU E 894 -1.81 67.88 -41.53
N GLN E 895 -3.10 68.20 -41.65
CA GLN E 895 -4.08 67.17 -41.87
C GLN E 895 -3.72 66.36 -43.09
N TRP E 896 -3.38 67.04 -44.18
CA TRP E 896 -3.09 66.34 -45.41
C TRP E 896 -1.92 65.40 -45.20
N PHE E 897 -0.82 65.91 -44.64
CA PHE E 897 0.34 65.07 -44.45
C PHE E 897 0.03 63.93 -43.51
N THR E 898 -0.73 64.21 -42.45
CA THR E 898 -1.03 63.14 -41.52
C THR E 898 -1.86 62.05 -42.17
N GLU E 899 -2.67 62.40 -43.17
CA GLU E 899 -3.39 61.36 -43.90
C GLU E 899 -2.51 60.61 -44.89
N ASN E 900 -1.99 61.32 -45.89
CA ASN E 900 -1.36 60.68 -47.04
C ASN E 900 -0.04 60.00 -46.70
N SER E 901 0.58 60.35 -45.58
CA SER E 901 1.84 59.75 -45.18
C SER E 901 1.71 58.36 -44.60
N LYS E 902 0.48 57.84 -44.43
CA LYS E 902 0.30 56.53 -43.84
C LYS E 902 0.98 55.43 -44.65
C1 NAG F . 10.43 -30.92 35.31
C2 NAG F . 10.38 -29.42 35.11
C3 NAG F . 11.12 -29.04 33.82
C4 NAG F . 12.45 -29.78 33.66
C5 NAG F . 12.37 -31.23 34.11
C6 NAG F . 13.73 -31.88 34.26
C7 NAG F . 8.70 -27.64 35.03
C8 NAG F . 7.24 -27.32 34.98
N2 NAG F . 9.02 -28.94 35.06
O3 NAG F . 11.35 -27.64 33.82
O4 NAG F . 12.71 -29.84 32.26
O5 NAG F . 11.73 -31.34 35.39
O6 NAG F . 13.60 -33.27 34.53
O7 NAG F . 9.55 -26.76 35.05
C1 NAG F . 13.42 -28.71 31.72
C2 NAG F . 13.96 -29.21 30.38
C3 NAG F . 14.64 -28.08 29.61
C4 NAG F . 13.77 -26.84 29.57
C5 NAG F . 13.29 -26.47 30.96
C6 NAG F . 12.33 -25.32 30.98
C7 NAG F . 14.46 -31.55 30.87
C8 NAG F . 15.52 -32.58 31.06
N2 NAG F . 14.88 -30.32 30.59
O3 NAG F . 14.93 -28.54 28.29
O4 NAG F . 14.49 -25.73 29.03
O5 NAG F . 12.59 -27.60 31.52
O6 NAG F . 12.35 -24.65 32.23
O7 NAG F . 13.26 -31.83 30.97
C1 BMA F . 14.26 -25.69 27.61
C2 BMA F . 14.47 -24.26 27.11
C3 BMA F . 14.37 -24.23 25.58
C4 BMA F . 15.25 -25.34 24.93
C5 BMA F . 14.96 -26.70 25.58
C6 BMA F . 15.83 -27.83 25.08
O2 BMA F . 15.77 -23.80 27.44
O3 BMA F . 14.74 -22.96 25.06
O4 BMA F . 14.95 -25.43 23.56
O5 BMA F . 15.16 -26.59 26.98
O6 BMA F . 17.18 -27.57 25.46
C1 NAG G . 17.98 -54.06 34.44
C2 NAG G . 18.80 -55.13 33.75
C3 NAG G . 18.60 -56.47 34.46
C4 NAG G . 18.94 -56.33 35.94
C5 NAG G . 18.11 -55.21 36.54
C6 NAG G . 18.45 -54.94 37.98
C7 NAG G . 19.33 -55.06 31.37
C8 NAG G . 18.80 -55.23 29.97
N2 NAG G . 18.45 -55.24 32.35
O3 NAG G . 19.46 -57.43 33.87
O4 NAG G . 18.62 -57.52 36.62
O5 NAG G . 18.34 -53.99 35.81
O6 NAG G . 19.81 -55.27 38.25
O7 NAG G . 20.51 -54.76 31.58
C1 NAG G . 19.82 -58.16 37.10
C2 NAG G . 19.44 -59.37 37.95
C3 NAG G . 20.68 -60.13 38.38
C4 NAG G . 21.51 -60.52 37.17
C5 NAG G . 21.87 -59.25 36.40
C6 NAG G . 22.62 -59.54 35.13
C7 NAG G . 17.36 -58.66 39.02
C8 NAG G . 16.70 -58.28 40.31
N2 NAG G . 18.66 -58.97 39.11
O3 NAG G . 20.29 -61.30 39.09
O4 NAG G . 22.70 -61.18 37.58
O5 NAG G . 20.67 -58.57 36.01
O6 NAG G . 22.02 -58.90 34.02
O7 NAG G . 16.75 -58.69 37.97
C1 NAG H . -21.06 -26.22 -2.77
C2 NAG H . -21.78 -24.95 -2.40
C3 NAG H . -23.27 -25.24 -2.21
C4 NAG H . -23.83 -26.12 -3.32
C5 NAG H . -22.85 -27.22 -3.75
C6 NAG H . -23.23 -27.88 -5.05
C7 NAG H . -21.61 -23.16 -0.73
C8 NAG H . -20.92 -22.69 0.51
N2 NAG H . -21.22 -24.35 -1.20
O3 NAG H . -23.98 -24.02 -2.14
O4 NAG H . -25.01 -26.76 -2.83
O5 NAG H . -21.54 -26.70 -3.94
O6 NAG H . -22.12 -28.59 -5.59
O7 NAG H . -22.46 -22.48 -1.30
C1 NAG H . -26.21 -25.93 -2.87
C2 NAG H . -27.40 -26.85 -2.70
C3 NAG H . -28.68 -26.02 -2.78
C4 NAG H . -28.64 -24.89 -1.75
C5 NAG H . -27.34 -24.10 -1.88
C6 NAG H . -27.16 -23.08 -0.79
C7 NAG H . -28.26 -28.91 -3.71
C8 NAG H . -28.13 -29.88 -4.84
N2 NAG H . -27.41 -27.87 -3.72
O3 NAG H . -29.80 -26.86 -2.54
O4 NAG H . -29.73 -24.00 -1.96
O5 NAG H . -26.20 -24.97 -1.82
O6 NAG H . -27.51 -23.62 0.47
O7 NAG H . -29.10 -29.05 -2.83
C1 BMA H . -31.00 -24.38 -1.37
C2 BMA H . -32.06 -24.27 -2.49
C3 BMA H . -33.42 -24.68 -1.97
C4 BMA H . -33.38 -26.06 -1.33
C5 BMA H . -32.25 -26.19 -0.28
C6 BMA H . -32.02 -27.62 0.13
O2 BMA H . -31.76 -25.18 -3.54
O3 BMA H . -34.38 -24.67 -3.01
O4 BMA H . -34.62 -26.32 -0.70
O5 BMA H . -30.99 -25.69 -0.79
O6 BMA H . -31.46 -28.30 -0.99
C1 NAG I . -12.52 -46.59 -14.16
C2 NAG I . -12.78 -48.03 -14.54
C3 NAG I . -11.50 -48.70 -15.02
C4 NAG I . -10.82 -47.87 -16.10
C5 NAG I . -10.67 -46.43 -15.66
C6 NAG I . -10.20 -45.51 -16.76
C7 NAG I . -14.31 -49.65 -13.50
C8 NAG I . -14.74 -50.30 -12.21
N2 NAG I . -13.32 -48.75 -13.40
O3 NAG I . -11.81 -49.99 -15.53
O4 NAG I . -9.53 -48.41 -16.34
O5 NAG I . -11.95 -45.92 -15.24
O6 NAG I . -11.10 -45.52 -17.85
O7 NAG I . -14.83 -49.92 -14.57
C1 NAG I . -9.26 -48.69 -17.73
C2 NAG I . -7.75 -48.50 -17.88
C3 NAG I . -7.26 -48.95 -19.25
C4 NAG I . -7.74 -50.35 -19.57
C5 NAG I . -9.26 -50.40 -19.45
C6 NAG I . -9.81 -51.79 -19.68
C7 NAG I . -6.17 -46.80 -17.11
C8 NAG I . -5.93 -45.34 -16.91
N2 NAG I . -7.36 -47.13 -17.62
O3 NAG I . -5.84 -48.93 -19.26
O4 NAG I . -7.37 -50.71 -20.89
O5 NAG I . -9.64 -50.01 -18.13
O6 NAG I . -9.08 -52.48 -20.67
O7 NAG I . -5.34 -47.65 -16.82
C1 NAG J . -37.39 -40.74 40.61
C2 NAG J . -36.78 -41.95 41.25
C3 NAG J . -36.67 -41.74 42.74
C4 NAG J . -35.81 -40.51 43.01
C5 NAG J . -36.32 -39.30 42.22
C6 NAG J . -35.36 -38.15 42.21
C7 NAG J . -37.14 -44.13 40.18
C8 NAG J . -38.08 -45.28 40.01
N2 NAG J . -37.58 -43.14 40.96
O3 NAG J . -36.09 -42.88 43.34
O4 NAG J . -35.90 -40.20 44.40
O5 NAG J . -36.56 -39.63 40.84
O6 NAG J . -35.19 -37.65 40.88
O7 NAG J . -36.05 -44.08 39.63
C1 NAG J . -34.62 -40.41 45.03
C2 NAG J . -34.57 -39.55 46.28
C3 NAG J . -33.25 -39.73 47.00
C4 NAG J . -33.04 -41.20 47.32
C5 NAG J . -33.15 -42.02 46.04
C6 NAG J . -33.08 -43.52 46.28
C7 NAG J . -34.00 -37.41 45.19
C8 NAG J . -34.43 -35.98 44.99
N2 NAG J . -34.81 -38.15 45.97
O3 NAG J . -33.24 -38.97 48.19
O4 NAG J . -31.74 -41.38 47.87
O5 NAG J . -34.41 -41.78 45.38
O6 NAG J . -34.11 -44.21 45.58
O7 NAG J . -32.99 -37.86 44.67
C1 BMA J . -31.80 -41.63 49.30
C2 BMA J . -30.61 -42.53 49.66
C3 BMA J . -30.60 -42.80 51.13
C4 BMA J . -30.57 -41.49 51.91
C5 BMA J . -31.72 -40.56 51.48
C6 BMA J . -31.57 -39.17 52.07
O2 BMA J . -29.40 -41.87 49.38
O3 BMA J . -29.49 -43.60 51.51
O4 BMA J . -30.71 -41.76 53.29
O5 BMA J . -31.75 -40.41 50.04
O6 BMA J . -31.65 -39.27 53.48
C1 NAG K . -39.45 -64.97 33.78
C2 NAG K . -38.94 -66.38 33.71
C3 NAG K . -39.54 -67.07 32.51
C4 NAG K . -41.06 -67.06 32.62
C5 NAG K . -41.55 -65.63 32.79
C6 NAG K . -43.03 -65.55 33.10
C7 NAG K . -36.77 -67.20 34.46
C8 NAG K . -35.29 -67.13 34.28
N2 NAG K . -37.49 -66.41 33.66
O3 NAG K . -39.07 -68.42 32.45
O4 NAG K . -41.64 -67.61 31.45
O5 NAG K . -40.87 -64.97 33.87
O6 NAG K . -43.46 -64.20 33.22
O7 NAG K . -37.30 -67.93 35.28
C1 NAG K . -42.37 -68.79 31.82
C2 NAG K . -42.78 -69.49 30.51
C3 NAG K . -43.36 -70.88 30.78
C4 NAG K . -42.45 -71.68 31.70
C5 NAG K . -42.23 -70.89 32.96
C6 NAG K . -41.33 -71.58 33.97
C7 NAG K . -43.43 -67.51 29.20
C8 NAG K . -44.54 -66.82 28.50
N2 NAG K . -43.74 -68.69 29.78
O3 NAG K . -43.52 -71.58 29.55
O4 NAG K . -43.05 -72.94 32.00
O5 NAG K . -41.57 -69.66 32.61
O6 NAG K . -41.45 -71.01 35.26
O7 NAG K . -42.30 -67.05 29.25
C1 NAG L . 51.61 71.38 -12.69
C2 NAG L . 51.98 71.63 -14.12
C3 NAG L . 53.38 71.09 -14.39
C4 NAG L . 54.37 71.59 -13.35
C5 NAG L . 53.81 71.50 -11.93
C6 NAG L . 54.65 72.24 -10.92
C7 NAG L . 50.83 69.68 -15.10
C8 NAG L . 49.81 69.23 -16.09
N2 NAG L . 51.02 71.00 -15.02
O3 NAG L . 53.78 71.52 -15.68
O4 NAG L . 55.53 70.77 -13.40
O5 NAG L . 52.49 72.04 -11.86
O6 NAG L . 55.49 73.20 -11.54
O7 NAG L . 51.44 68.88 -14.40
C1 NAG L . 56.53 71.35 -14.26
C2 NAG L . 57.90 70.89 -13.80
C3 NAG L . 58.95 71.49 -14.70
C4 NAG L . 58.72 71.03 -16.12
C5 NAG L . 57.29 71.36 -16.58
C6 NAG L . 56.93 70.71 -17.88
C7 NAG L . 58.06 70.39 -11.40
C8 NAG L . 58.34 70.94 -10.04
N2 NAG L . 58.14 71.25 -12.41
O3 NAG L . 60.24 71.06 -14.26
O4 NAG L . 59.64 71.69 -16.99
O5 NAG L . 56.32 70.93 -15.61
O6 NAG L . 56.56 69.34 -17.68
O7 NAG L . 57.78 69.21 -11.58
C1 NAG M . 32.36 -17.26 31.68
C2 NAG M . 33.83 -17.05 31.36
C3 NAG M . 34.37 -15.87 32.16
C4 NAG M . 33.53 -14.64 31.94
C5 NAG M . 32.06 -14.94 32.21
C6 NAG M . 31.14 -13.78 31.86
C7 NAG M . 34.85 -19.18 30.69
C8 NAG M . 35.67 -20.35 31.13
N2 NAG M . 34.61 -18.25 31.62
O3 NAG M . 35.72 -15.61 31.79
O4 NAG M . 33.96 -13.59 32.80
O5 NAG M . 31.63 -16.06 31.43
O6 NAG M . 30.12 -14.17 30.94
O7 NAG M . 34.42 -19.08 29.54
C1 NAG N . 7.60 -15.42 1.35
C2 NAG N . 8.91 -15.49 2.14
C3 NAG N . 8.60 -15.64 3.62
C4 NAG N . 7.77 -14.46 4.10
C5 NAG N . 6.50 -14.33 3.25
C6 NAG N . 5.74 -13.06 3.53
C7 NAG N . 11.03 -16.69 1.91
C8 NAG N . 11.72 -17.89 1.32
N2 NAG N . 9.72 -16.59 1.67
O3 NAG N . 9.81 -15.70 4.37
O4 NAG N . 7.42 -14.63 5.47
O5 NAG N . 6.81 -14.32 1.85
O6 NAG N . 5.08 -12.57 2.37
O7 NAG N . 11.63 -15.86 2.57
C1 NAG O . 21.74 -45.36 -9.40
C2 NAG O . 21.66 -45.29 -10.90
C3 NAG O . 22.90 -45.95 -11.48
C4 NAG O . 24.14 -45.22 -10.99
C5 NAG O . 24.14 -45.12 -9.46
C6 NAG O . 25.20 -44.17 -8.94
C7 NAG O . 19.36 -45.22 -11.70
C8 NAG O . 18.20 -46.01 -12.22
N2 NAG O . 20.46 -45.91 -11.40
O3 NAG O . 22.83 -45.88 -12.90
O4 NAG O . 25.31 -45.92 -11.40
O5 NAG O . 22.89 -44.64 -8.95
O6 NAG O . 24.93 -42.83 -9.34
O7 NAG O . 19.30 -44.00 -11.55
C1 NAG P . 30.09 -49.03 5.94
C2 NAG P . 30.50 -48.86 7.40
C3 NAG P . 31.38 -47.61 7.54
C4 NAG P . 32.53 -47.64 6.54
C5 NAG P . 31.98 -47.90 5.14
C6 NAG P . 33.07 -48.06 4.10
C7 NAG P . 28.57 -49.81 8.57
C8 NAG P . 27.40 -49.52 9.45
N2 NAG P . 29.34 -48.76 8.25
O3 NAG P . 31.89 -47.54 8.87
O4 NAG P . 33.21 -46.39 6.56
O5 NAG P . 31.24 -49.12 5.15
O6 NAG P . 32.74 -49.09 3.18
O7 NAG P . 28.82 -50.93 8.16
C1 NAG Q . 30.60 -87.43 30.16
C2 NAG Q . 30.38 -85.94 30.25
C3 NAG Q . 31.03 -85.37 31.51
C4 NAG Q . 30.62 -86.16 32.74
C5 NAG Q . 30.74 -87.66 32.53
C6 NAG Q . 30.13 -88.46 33.66
C7 NAG Q . 30.24 -84.24 28.48
C8 NAG Q . 30.90 -83.68 27.26
N2 NAG Q . 30.88 -85.27 29.06
O3 NAG Q . 30.64 -84.01 31.66
O4 NAG Q . 31.43 -85.77 33.85
O5 NAG Q . 30.09 -88.06 31.32
O6 NAG Q . 29.75 -87.62 34.73
O7 NAG Q . 29.19 -83.81 28.92
C1 NAG R . -40.90 -19.25 -16.95
C2 NAG R . -39.95 -18.04 -17.16
C3 NAG R . -40.69 -16.84 -17.75
C4 NAG R . -41.49 -17.24 -18.98
C5 NAG R . -42.45 -18.35 -18.61
C6 NAG R . -43.26 -18.84 -19.78
C7 NAG R . -38.23 -18.27 -15.42
C8 NAG R . -37.70 -17.73 -14.13
N2 NAG R . -39.31 -17.65 -15.91
O3 NAG R . -39.74 -15.83 -18.10
O4 NAG R . -42.24 -16.12 -19.44
O5 NAG R . -41.68 -19.48 -18.15
O6 NAG R . -42.75 -18.34 -21.01
O7 NAG R . -37.71 -19.21 -15.98
C1 NAG S . -17.26 -1.81 -15.70
C2 NAG S . -17.00 -1.43 -17.16
C3 NAG S . -15.66 -0.72 -17.27
C4 NAG S . -15.63 0.49 -16.34
C5 NAG S . -15.98 0.06 -14.92
C6 NAG S . -16.11 1.22 -13.96
C7 NAG S . -18.16 -3.09 -18.53
C8 NAG S . -18.01 -4.30 -19.42
N2 NAG S . -17.03 -2.61 -18.01
O3 NAG S . -15.46 -0.30 -18.62
O4 NAG S . -14.33 1.08 -16.35
O5 NAG S . -17.23 -0.64 -14.90
O6 NAG S . -16.95 0.88 -12.86
O7 NAG S . -19.26 -2.58 -18.31
C1 NAG T . -52.05 -63.63 3.00
C2 NAG T . -52.86 -63.30 1.74
C3 NAG T . -53.73 -64.48 1.38
C4 NAG T . -52.88 -65.72 1.20
C5 NAG T . -51.97 -65.96 2.40
C6 NAG T . -50.92 -67.02 2.13
C7 NAG T . -54.31 -61.48 0.94
C8 NAG T . -55.09 -60.27 1.33
N2 NAG T . -53.66 -62.10 1.94
O3 NAG T . -54.43 -64.22 0.18
O4 NAG T . -53.72 -66.85 1.03
O5 NAG T . -51.24 -64.77 2.75
O6 NAG T . -49.93 -66.53 1.23
O7 NAG T . -54.27 -61.90 -0.22
C1 NAG U . -40.73 -59.19 -12.28
C2 NAG U . -39.71 -58.27 -12.93
C3 NAG U . -40.32 -56.89 -13.07
C4 NAG U . -41.60 -56.98 -13.89
C5 NAG U . -42.54 -57.99 -13.26
C6 NAG U . -43.77 -58.24 -14.10
C7 NAG U . -37.59 -59.21 -12.09
C8 NAG U . -36.38 -58.94 -11.25
N2 NAG U . -38.48 -58.20 -12.17
O3 NAG U . -39.39 -56.01 -13.70
O4 NAG U . -42.23 -55.71 -13.94
O5 NAG U . -41.89 -59.25 -13.09
O6 NAG U . -44.36 -57.02 -14.54
O7 NAG U . -37.77 -60.28 -12.65
C1 NAG V . -4.95 -76.17 -29.81
C2 NAG V . -4.06 -76.46 -31.00
C3 NAG V . -3.31 -75.20 -31.38
C4 NAG V . -4.31 -74.09 -31.67
C5 NAG V . -5.32 -73.93 -30.54
C6 NAG V . -6.46 -73.01 -30.91
C7 NAG V . -2.21 -77.54 -29.79
C8 NAG V . -1.36 -78.78 -29.69
N2 NAG V . -3.15 -77.56 -30.74
O3 NAG V . -2.52 -75.47 -32.53
O4 NAG V . -3.62 -72.86 -31.84
O5 NAG V . -5.90 -75.19 -30.16
O6 NAG V . -6.10 -72.16 -31.98
O7 NAG V . -2.05 -76.59 -29.04
C1 NAG W . -43.75 -41.07 65.32
C2 NAG W . -43.94 -41.73 66.66
C3 NAG W . -45.09 -41.07 67.39
C4 NAG W . -44.76 -39.60 67.59
C5 NAG W . -44.45 -38.93 66.25
C6 NAG W . -43.91 -37.53 66.40
C7 NAG W . -43.41 -44.08 67.09
C8 NAG W . -43.78 -45.52 66.82
N2 NAG W . -44.17 -43.16 66.50
O3 NAG W . -45.29 -41.70 68.65
O4 NAG W . -45.87 -38.93 68.20
O5 NAG W . -43.46 -39.68 65.52
O6 NAG W . -42.50 -37.50 66.28
O7 NAG W . -42.46 -43.79 67.80
C1 NAG X . -60.92 -28.29 48.76
C2 NAG X . -61.14 -26.96 48.03
C3 NAG X . -62.62 -26.76 47.75
C4 NAG X . -63.18 -27.98 47.02
C5 NAG X . -62.85 -29.25 47.80
C6 NAG X . -63.30 -30.51 47.11
C7 NAG X . -60.18 -24.71 48.27
C8 NAG X . -59.69 -23.67 49.23
N2 NAG X . -60.62 -25.85 48.81
O3 NAG X . -62.79 -25.60 46.94
O4 NAG X . -64.60 -27.87 46.90
O5 NAG X . -61.43 -29.35 47.98
O6 NAG X . -62.62 -31.65 47.63
O7 NAG X . -60.19 -24.53 47.06
C1 NAG Y . -1.65 -69.59 57.66
C2 NAG Y . -1.03 -69.29 59.04
C3 NAG Y . -1.02 -70.53 59.92
C4 NAG Y . -2.40 -71.15 60.00
C5 NAG Y . -2.89 -71.45 58.59
C6 NAG Y . -4.28 -72.02 58.57
C7 NAG Y . 0.57 -67.44 58.93
C8 NAG Y . 2.00 -67.05 58.76
N2 NAG Y . 0.31 -68.75 58.89
O3 NAG Y . -0.56 -70.18 61.22
O4 NAG Y . -2.36 -72.35 60.76
O5 NAG Y . -2.92 -70.25 57.82
O6 NAG Y . -5.01 -71.55 57.45
O7 NAG Y . -0.32 -66.62 59.10
C1 NAG Z . -18.93 -73.45 56.61
C2 NAG Z . -20.23 -72.74 56.28
C3 NAG Z . -20.56 -71.75 57.38
C4 NAG Z . -20.69 -72.50 58.71
C5 NAG Z . -19.41 -73.29 58.99
C6 NAG Z . -19.55 -74.22 60.17
C7 NAG Z . -20.34 -72.72 53.84
C8 NAG Z . -20.24 -71.89 52.60
N2 NAG Z . -20.16 -72.07 54.99
O3 NAG Z . -21.79 -71.10 57.08
O4 NAG Z . -20.92 -71.58 59.76
O5 NAG Z . -19.06 -74.13 57.87
O6 NAG Z . -19.69 -75.57 59.75
O7 NAG Z . -20.57 -73.93 53.80
C1 NAG AA . -39.62 -98.91 26.75
C2 NAG AA . -40.72 -99.97 26.63
C3 NAG AA . -42.08 -99.32 26.46
C4 NAG AA . -42.34 -98.33 27.58
C5 NAG AA . -41.20 -97.32 27.64
C6 NAG AA . -41.35 -96.34 28.78
C7 NAG AA . -40.35 -100.54 24.25
C8 NAG AA . -40.05 -101.64 23.29
N2 NAG AA . -40.43 -100.89 25.54
O3 NAG AA . -43.09 -100.32 26.46
O4 NAG AA . -43.56 -97.65 27.37
O5 NAG AA . -39.95 -98.00 27.81
O6 NAG AA . -42.68 -95.84 28.87
O7 NAG AA . -40.50 -99.38 23.88
C1 NAG BA . -47.35 -64.44 13.86
C2 NAG BA . -47.98 -64.63 15.23
C3 NAG BA . -48.81 -65.90 15.22
C4 NAG BA . -49.90 -65.76 14.18
C5 NAG BA . -49.28 -65.47 12.81
C6 NAG BA . -50.32 -65.18 11.76
C7 NAG BA . -47.04 -63.98 17.40
C8 NAG BA . -45.91 -64.15 18.36
N2 NAG BA . -46.96 -64.69 16.26
O3 NAG BA . -49.38 -66.08 16.51
O4 NAG BA . -50.66 -66.96 14.10
O5 NAG BA . -48.40 -64.34 12.87
O6 NAG BA . -51.29 -66.22 11.69
O7 NAG BA . -47.98 -63.23 17.62
C1 NAG CA . -17.38 53.33 13.20
C2 NAG CA . -16.72 52.52 14.37
C3 NAG CA . -17.35 51.14 14.59
C4 NAG CA . -18.88 51.22 14.55
C5 NAG CA . -19.24 51.80 13.20
C6 NAG CA . -20.74 51.82 12.96
C7 NAG CA . -14.69 51.97 13.06
C8 NAG CA . -13.19 51.95 13.08
N2 NAG CA . -15.28 52.42 14.18
O3 NAG CA . -16.94 50.64 15.85
O4 NAG CA . -19.43 49.92 14.67
O5 NAG CA . -18.81 53.15 13.20
O6 NAG CA . -21.05 52.49 11.74
O7 NAG CA . -15.32 51.58 12.10
C1 NAG DA . 14.52 43.19 6.21
C2 NAG DA . 14.03 42.13 5.25
C3 NAG DA . 14.78 40.83 5.48
C4 NAG DA . 16.28 41.07 5.32
C5 NAG DA . 16.72 42.22 6.23
C6 NAG DA . 18.16 42.63 5.99
C7 NAG DA . 12.00 41.50 6.50
C8 NAG DA . 10.51 41.35 6.44
N2 NAG DA . 12.59 41.92 5.38
O3 NAG DA . 14.35 39.85 4.53
O4 NAG DA . 17.00 39.90 5.67
O5 NAG DA . 15.93 43.40 6.00
O6 NAG DA . 19.02 42.10 6.99
O7 NAG DA . 12.63 41.24 7.53
C1 NAG EA . 37.96 58.65 8.58
C2 NAG EA . 38.15 57.85 9.87
C3 NAG EA . 38.15 56.36 9.59
C4 NAG EA . 36.90 55.96 8.84
C5 NAG EA . 36.78 56.77 7.56
C6 NAG EA . 35.49 56.52 6.82
C7 NAG EA . 39.48 59.33 11.30
C8 NAG EA . 40.82 59.58 11.92
N2 NAG EA . 39.37 58.25 10.54
O3 NAG EA . 38.21 55.66 10.83
O4 NAG EA . 36.96 54.57 8.50
O5 NAG EA . 36.80 58.18 7.87
O6 NAG EA . 35.62 56.87 5.44
O7 NAG EA . 38.53 60.09 11.49
C1 NAG FA . 7.61 69.23 -76.10
C2 NAG FA . 7.67 69.25 -77.64
C3 NAG FA . 7.99 67.86 -78.20
C4 NAG FA . 9.24 67.28 -77.56
C5 NAG FA . 9.05 67.26 -76.06
C6 NAG FA . 10.29 66.78 -75.32
C7 NAG FA . 6.24 70.96 -78.64
C8 NAG FA . 4.87 71.29 -79.16
N2 NAG FA . 6.41 69.72 -78.18
O3 NAG FA . 8.19 67.98 -79.61
O4 NAG FA . 9.46 65.96 -78.04
O5 NAG FA . 8.78 68.57 -75.58
O6 NAG FA . 10.54 67.60 -74.19
O7 NAG FA . 7.15 71.79 -78.62
#